data_7OAN
#
_entry.id   7OAN
#
_cell.length_a   1.00
_cell.length_b   1.00
_cell.length_c   1.00
_cell.angle_alpha   90.00
_cell.angle_beta   90.00
_cell.angle_gamma   90.00
#
_symmetry.space_group_name_H-M   'P 1'
#
loop_
_entity.id
_entity.type
_entity.pdbx_description
1 polymer 'Spike glycoprotein'
2 polymer 'immunoglobulin mu heavy chain'
3 branched 2-acetamido-2-deoxy-beta-D-glucopyranose-(1-4)-2-acetamido-2-deoxy-beta-D-glucopyranose
4 non-polymer 2-acetamido-2-deoxy-beta-D-glucopyranose
#
loop_
_entity_poly.entity_id
_entity_poly.type
_entity_poly.pdbx_seq_one_letter_code
_entity_poly.pdbx_strand_id
1 'polypeptide(L)'
;MFVFLVLLPLVSSQCVNLTTRTQLPPAYTNSFTRGVYYPDKVFRSSVLHSTQDLFLPFFSNVTWFHAIHVSGTNGTKRFD
NPVLPFNDGVYFASTEKSNIIRGWIFGTTLDSKTQSLLIVNNATNVVIKVCEFQFCNDPFLGVYYHKNNKSWMESEFRVY
SSANNCTFEYVSQPFLMDLEGKQGNFKNLREFVFKNIDGYFKIYSKHTPINLVRDLPQGFSALEPLVDLPIGINITRFQT
LLALHRSYLTPGDSSSGWTAGAAAYYVGYLQPRTFLLKYNENGTITDAVDCALDPLSETKCTLKSFTVEKGIYQTSNFRV
QPTESIVRFPNITNLCPFGEVFNATRFASVYAWNRKRISNCVADYSVLYNSASFSTFKCYGVSPTKLNDLCFTNVYADSF
VIRGDEVRQIAPGQTGKIADYNYKLPDDFTGCVIAWNSNNLDSKVGGNYNYLYRLFRKSNLKPFERDISTEIYQAGSTPC
NGVEGFNCYFPLQSYGFQPTNGVGYQPYRVVVLSFELLHAPATVCGPKKSTNLVKNKCVNFNFNGLTGTGVLTESNKKFL
PFQQFGRDIADTTDAVRDPQTLEILDITPCSFGGVSVITPGTNTSNQVAVLYQDVNCTEVPVAIHADQLTPTWRVYSTGS
NVFQTRAGCLIGAEHVNNSYECDIPIGAGICASYQTQTNSPGSASSVASQSIIAYTMSLGAENSVAYSNNSIAIPTNFTI
SVTTEILPVSMTKTSVDCTMYICGDSTECSNLLLQYGSFCTQLNRALTGIAVEQDKNTQEVFAQVKQIYKTPPIKDFGGF
NFSQILPDPSKPSKRSFIEDLLFNKVTLADAGFIKQYGDCLGDIAARDLICAQKFNGLTVLPPLLTDEMIAQYTSALLAG
TITSGWTFGAGAALQIPFAMQMAYRFNGIGVTQNVLYENQKLIANQFNSAIGKIQDSLSSTASALGKLQDVVNQNAQALN
TLVKQLSSNFGAISSVLNDILSRLDPPEAEVQIDRLITGRLQSLQTYVTQQLIRAAEIRASANLAATKMSECVLGQSKRV
DFCGKGYHLMSFPQSAPHGVVFLHVTYVPAQEKNFTTAPAICHDGKAHFPREGVFVSNGTHWFVTQRNFYEPQIITTDNT
FVSGNCDVVIGIVNNTVYDPLQPELDSFKEELDKYFKNHTSPDVDLGDISGINASVVNIQKEIDRLNEVAKNLNESLIDL
QELGKYEQGSGYIPEAPRDGQAYVRKDGEWVLLSTFLSLLNDIFEAQKIEWHEKHHHHHH
;
A,B,C
2 'polypeptide(L)'
;MAQVQLVESGGGSVQAGGSLTLSCVASGVTLGRHAIGWFRQAPGKERERVSCIRTFDGITSYVESTKGRFTISSNNAMNT
VYLQMNSLKPEDTAVYFCALGVTAACSDNPYFWGQGTQVTVSSHHHHHH
;
F,G,H
#
# COMPACT_ATOMS: atom_id res chain seq x y z
N GLN A 14 -70.23 -11.80 0.42
CA GLN A 14 -70.97 -12.02 1.70
C GLN A 14 -70.04 -12.41 2.83
N CYS A 15 -69.44 -11.41 3.48
CA CYS A 15 -68.46 -11.62 4.56
C CYS A 15 -69.11 -12.36 5.74
N VAL A 16 -68.54 -13.48 6.14
CA VAL A 16 -69.12 -14.32 7.22
C VAL A 16 -68.07 -14.62 8.27
N ASN A 17 -68.51 -14.86 9.49
CA ASN A 17 -67.63 -15.30 10.60
C ASN A 17 -67.74 -16.81 10.75
N LEU A 18 -66.62 -17.50 10.78
CA LEU A 18 -66.58 -18.97 11.01
C LEU A 18 -65.59 -19.26 12.12
N THR A 19 -66.00 -20.04 13.11
CA THR A 19 -65.21 -20.19 14.38
C THR A 19 -65.02 -21.63 14.82
N THR A 20 -65.81 -22.59 14.37
CA THR A 20 -65.72 -23.98 14.88
C THR A 20 -64.40 -24.61 14.45
N ARG A 21 -63.44 -24.66 15.35
CA ARG A 21 -62.07 -25.15 15.01
C ARG A 21 -61.56 -26.14 16.06
N THR A 22 -62.01 -26.04 17.31
CA THR A 22 -61.47 -26.84 18.44
C THR A 22 -59.95 -26.65 18.49
N GLN A 23 -59.52 -25.43 18.76
CA GLN A 23 -58.10 -25.04 18.65
C GLN A 23 -57.24 -25.90 19.58
N LEU A 24 -55.95 -25.95 19.25
CA LEU A 24 -54.94 -26.75 20.00
C LEU A 24 -53.64 -25.96 20.03
N PRO A 25 -52.79 -26.18 21.06
CA PRO A 25 -51.51 -25.49 21.13
C PRO A 25 -50.66 -25.80 19.90
N PRO A 26 -49.88 -24.81 19.40
CA PRO A 26 -49.25 -24.95 18.08
C PRO A 26 -48.39 -26.21 17.96
N ALA A 27 -48.61 -26.94 16.87
CA ALA A 27 -47.76 -28.10 16.52
C ALA A 27 -46.49 -27.60 15.84
N TYR A 28 -45.44 -28.40 15.88
CA TYR A 28 -44.15 -28.04 15.28
C TYR A 28 -43.54 -29.26 14.60
N THR A 29 -42.70 -29.00 13.62
CA THR A 29 -42.10 -30.05 12.77
C THR A 29 -40.67 -29.63 12.44
N ASN A 30 -39.86 -30.60 12.05
CA ASN A 30 -38.44 -30.38 11.69
C ASN A 30 -38.34 -30.17 10.18
N SER A 31 -37.57 -29.18 9.77
CA SER A 31 -37.30 -28.88 8.35
C SER A 31 -35.95 -29.49 7.98
N PHE A 32 -35.96 -30.72 7.51
CA PHE A 32 -34.73 -31.49 7.21
C PHE A 32 -34.11 -30.94 5.92
N THR A 33 -33.28 -29.93 6.05
CA THR A 33 -32.51 -29.33 4.92
C THR A 33 -33.45 -28.97 3.78
N ARG A 34 -34.50 -28.24 4.09
CA ARG A 34 -35.52 -27.82 3.11
C ARG A 34 -35.70 -26.31 3.19
N GLY A 35 -35.95 -25.70 2.05
CA GLY A 35 -36.23 -24.25 1.92
C GLY A 35 -35.05 -23.48 1.36
N VAL A 36 -34.33 -24.08 0.42
CA VAL A 36 -33.21 -23.41 -0.27
C VAL A 36 -33.67 -23.04 -1.67
N TYR A 37 -33.26 -21.89 -2.15
CA TYR A 37 -33.65 -21.36 -3.47
C TYR A 37 -32.41 -20.86 -4.19
N TYR A 38 -32.52 -20.77 -5.51
CA TYR A 38 -31.45 -20.19 -6.34
C TYR A 38 -31.36 -18.71 -6.01
N PRO A 39 -30.31 -18.26 -5.29
CA PRO A 39 -30.28 -16.89 -4.80
C PRO A 39 -30.25 -15.83 -5.91
N ASP A 40 -29.73 -16.17 -7.08
CA ASP A 40 -29.57 -15.20 -8.19
C ASP A 40 -29.88 -15.90 -9.52
N LYS A 41 -29.87 -15.13 -10.60
CA LYS A 41 -30.22 -15.64 -11.95
C LYS A 41 -28.96 -16.09 -12.69
N VAL A 42 -27.90 -16.44 -11.96
CA VAL A 42 -26.60 -16.79 -12.59
C VAL A 42 -26.48 -18.31 -12.64
N PHE A 43 -26.23 -18.83 -13.82
CA PHE A 43 -25.97 -20.27 -14.03
C PHE A 43 -24.58 -20.61 -13.50
N ARG A 44 -24.48 -21.73 -12.80
CA ARG A 44 -23.19 -22.24 -12.28
C ARG A 44 -23.17 -23.76 -12.37
N SER A 45 -22.01 -24.33 -12.71
CA SER A 45 -21.86 -25.79 -12.92
C SER A 45 -20.67 -26.30 -12.12
N SER A 46 -20.88 -27.38 -11.36
CA SER A 46 -19.81 -28.08 -10.61
C SER A 46 -19.01 -27.08 -9.76
N VAL A 47 -19.71 -26.31 -8.93
CA VAL A 47 -19.04 -25.30 -8.08
C VAL A 47 -19.70 -25.28 -6.71
N LEU A 48 -18.90 -25.09 -5.68
CA LEU A 48 -19.39 -24.84 -4.31
C LEU A 48 -19.39 -23.34 -4.09
N HIS A 49 -20.57 -22.74 -4.13
CA HIS A 49 -20.71 -21.26 -4.05
C HIS A 49 -21.25 -20.85 -2.69
N SER A 50 -20.62 -19.87 -2.07
CA SER A 50 -21.01 -19.37 -0.73
C SER A 50 -21.88 -18.13 -0.91
N THR A 51 -23.08 -18.16 -0.35
CA THR A 51 -24.06 -17.06 -0.48
C THR A 51 -24.51 -16.61 0.90
N GLN A 52 -24.44 -15.31 1.15
CA GLN A 52 -25.03 -14.68 2.35
C GLN A 52 -26.41 -14.15 1.96
N ASP A 53 -27.46 -14.83 2.39
CA ASP A 53 -28.81 -14.43 1.98
C ASP A 53 -29.82 -14.93 3.00
N LEU A 54 -31.08 -14.60 2.78
CA LEU A 54 -32.17 -14.98 3.71
C LEU A 54 -32.62 -16.40 3.36
N PHE A 55 -32.21 -17.36 4.19
CA PHE A 55 -32.55 -18.79 4.00
C PHE A 55 -33.30 -19.28 5.22
N LEU A 56 -34.04 -20.35 5.04
CA LEU A 56 -34.64 -21.06 6.19
C LEU A 56 -33.54 -21.90 6.83
N PRO A 57 -33.16 -21.63 8.10
CA PRO A 57 -32.09 -22.38 8.74
C PRO A 57 -32.37 -23.89 8.78
N PHE A 58 -31.33 -24.69 8.59
CA PHE A 58 -31.45 -26.16 8.60
C PHE A 58 -31.91 -26.64 9.98
N PHE A 59 -32.79 -27.63 9.96
CA PHE A 59 -33.26 -28.35 11.16
C PHE A 59 -33.88 -27.35 12.15
N SER A 60 -34.76 -26.50 11.64
CA SER A 60 -35.43 -25.46 12.45
C SER A 60 -36.91 -25.79 12.64
N ASN A 61 -37.49 -25.26 13.69
CA ASN A 61 -38.93 -25.42 13.97
C ASN A 61 -39.75 -24.74 12.87
N VAL A 62 -40.63 -25.50 12.23
CA VAL A 62 -41.61 -24.95 11.26
C VAL A 62 -43.00 -25.24 11.81
N THR A 63 -43.80 -24.20 11.99
CA THR A 63 -45.14 -24.34 12.61
C THR A 63 -46.06 -25.11 11.67
N TRP A 64 -46.85 -26.00 12.24
CA TRP A 64 -47.72 -26.93 11.48
C TRP A 64 -49.18 -26.50 11.65
N PHE A 65 -49.77 -25.98 10.60
CA PHE A 65 -51.21 -25.64 10.61
C PHE A 65 -52.00 -26.71 9.88
N HIS A 66 -53.13 -27.08 10.47
CA HIS A 66 -53.99 -28.20 10.02
C HIS A 66 -55.27 -27.64 9.43
N ALA A 67 -55.72 -28.23 8.34
CA ALA A 67 -57.09 -28.09 7.82
C ALA A 67 -57.64 -29.51 7.66
N ILE A 68 -58.32 -30.00 8.69
CA ILE A 68 -58.84 -31.39 8.69
C ILE A 68 -60.22 -31.38 9.33
N HIS A 69 -61.13 -32.19 8.81
CA HIS A 69 -62.48 -32.37 9.40
C HIS A 69 -62.38 -33.35 10.58
N LYS A 77 -64.53 -30.66 12.23
CA LYS A 77 -64.46 -29.24 11.80
C LYS A 77 -63.26 -28.54 12.46
N ARG A 78 -62.06 -28.82 11.97
CA ARG A 78 -60.83 -28.11 12.42
C ARG A 78 -60.29 -27.31 11.25
N PHE A 79 -60.17 -26.01 11.44
CA PHE A 79 -59.58 -25.10 10.43
C PHE A 79 -58.60 -24.17 11.13
N ASP A 80 -57.37 -24.14 10.64
CA ASP A 80 -56.32 -23.22 11.14
C ASP A 80 -55.95 -22.28 10.02
N ASN A 81 -56.28 -21.01 10.19
CA ASN A 81 -55.86 -19.95 9.22
C ASN A 81 -55.65 -18.65 9.98
N PRO A 82 -54.75 -18.62 10.99
CA PRO A 82 -54.52 -17.40 11.74
C PRO A 82 -53.69 -16.43 10.90
N VAL A 83 -53.77 -15.16 11.27
CA VAL A 83 -53.03 -14.08 10.56
C VAL A 83 -51.62 -14.04 11.16
N LEU A 84 -50.70 -14.71 10.49
CA LEU A 84 -49.30 -14.90 10.95
C LEU A 84 -48.48 -13.65 10.72
N PRO A 85 -47.42 -13.44 11.53
CA PRO A 85 -46.45 -12.39 11.22
C PRO A 85 -45.61 -12.77 9.99
N PHE A 86 -45.28 -11.75 9.21
CA PHE A 86 -44.39 -11.88 8.03
C PHE A 86 -43.06 -11.20 8.37
N ASN A 87 -42.14 -11.96 8.93
CA ASN A 87 -40.78 -11.45 9.24
C ASN A 87 -39.96 -11.40 7.94
N ASP A 88 -38.66 -11.18 8.09
CA ASP A 88 -37.68 -11.03 6.99
C ASP A 88 -38.05 -11.88 5.77
N GLY A 89 -38.49 -13.12 5.97
CA GLY A 89 -39.01 -13.95 4.88
C GLY A 89 -39.94 -15.01 5.40
N VAL A 90 -40.59 -15.72 4.49
CA VAL A 90 -41.50 -16.83 4.86
C VAL A 90 -41.27 -18.00 3.93
N TYR A 91 -41.21 -19.20 4.49
CA TYR A 91 -41.22 -20.47 3.72
C TYR A 91 -42.55 -21.16 4.01
N PHE A 92 -43.39 -21.27 2.99
CA PHE A 92 -44.73 -21.88 3.10
C PHE A 92 -44.70 -23.20 2.34
N ALA A 93 -44.81 -24.31 3.04
CA ALA A 93 -44.79 -25.65 2.41
C ALA A 93 -46.10 -26.37 2.72
N SER A 94 -46.92 -26.57 1.70
CA SER A 94 -48.24 -27.23 1.86
C SER A 94 -48.17 -28.63 1.24
N THR A 95 -48.39 -29.65 2.06
CA THR A 95 -48.58 -31.03 1.56
C THR A 95 -50.08 -31.25 1.45
N GLU A 96 -50.53 -31.71 0.30
CA GLU A 96 -51.98 -31.72 0.01
C GLU A 96 -52.29 -32.70 -1.13
N LYS A 97 -53.56 -33.08 -1.21
CA LYS A 97 -54.07 -33.92 -2.31
C LYS A 97 -55.37 -33.35 -2.89
N SER A 98 -56.16 -32.61 -2.12
CA SER A 98 -57.50 -32.12 -2.54
C SER A 98 -57.43 -30.68 -3.04
N ASN A 99 -56.24 -30.09 -3.17
CA ASN A 99 -56.07 -28.70 -3.71
C ASN A 99 -56.86 -27.71 -2.85
N ILE A 100 -56.65 -27.72 -1.54
CA ILE A 100 -57.38 -26.79 -0.63
C ILE A 100 -56.66 -25.44 -0.60
N ILE A 101 -55.36 -25.45 -0.36
CA ILE A 101 -54.59 -24.18 -0.19
C ILE A 101 -54.63 -23.44 -1.53
N ARG A 102 -55.42 -22.38 -1.59
CA ARG A 102 -55.55 -21.54 -2.82
C ARG A 102 -55.46 -20.07 -2.41
N GLY A 103 -54.25 -19.54 -2.30
CA GLY A 103 -54.04 -18.10 -2.15
C GLY A 103 -53.25 -17.71 -0.93
N TRP A 104 -52.84 -16.46 -0.92
CA TRP A 104 -52.14 -15.82 0.22
C TRP A 104 -52.47 -14.32 0.26
N ILE A 105 -52.34 -13.76 1.46
CA ILE A 105 -52.65 -12.34 1.75
C ILE A 105 -51.48 -11.73 2.50
N PHE A 106 -51.04 -10.57 2.05
CA PHE A 106 -49.91 -9.83 2.68
C PHE A 106 -50.37 -8.42 2.96
N GLY A 107 -49.85 -7.84 4.03
CA GLY A 107 -50.13 -6.43 4.35
C GLY A 107 -49.56 -6.04 5.68
N THR A 108 -49.79 -4.79 6.06
CA THR A 108 -49.43 -4.30 7.42
C THR A 108 -50.64 -4.40 8.34
N THR A 109 -51.82 -4.05 7.84
CA THR A 109 -53.04 -3.94 8.68
C THR A 109 -54.16 -4.85 8.17
N LEU A 110 -54.29 -5.02 6.86
CA LEU A 110 -55.35 -5.84 6.21
C LEU A 110 -56.75 -5.26 6.47
N ASP A 111 -56.87 -3.96 6.77
CA ASP A 111 -58.20 -3.35 7.01
C ASP A 111 -58.50 -2.24 5.99
N SER A 112 -57.81 -2.26 4.85
CA SER A 112 -57.92 -1.25 3.76
C SER A 112 -57.36 0.12 4.20
N LYS A 113 -56.87 0.25 5.43
CA LYS A 113 -56.21 1.50 5.85
C LYS A 113 -54.82 1.57 5.20
N THR A 114 -54.22 0.42 4.94
CA THR A 114 -52.86 0.34 4.35
C THR A 114 -52.91 -0.59 3.14
N GLN A 115 -52.00 -0.34 2.21
CA GLN A 115 -51.93 -1.11 0.94
C GLN A 115 -51.71 -2.60 1.24
N SER A 116 -52.43 -3.46 0.53
CA SER A 116 -52.39 -4.92 0.78
C SER A 116 -52.24 -5.67 -0.55
N LEU A 117 -51.69 -6.88 -0.45
CA LEU A 117 -51.37 -7.72 -1.63
C LEU A 117 -52.14 -9.03 -1.53
N LEU A 118 -52.64 -9.51 -2.66
CA LEU A 118 -53.54 -10.69 -2.75
C LEU A 118 -53.07 -11.57 -3.89
N ILE A 119 -52.94 -12.87 -3.63
CA ILE A 119 -52.53 -13.84 -4.68
C ILE A 119 -53.50 -15.02 -4.66
N VAL A 120 -54.38 -15.11 -5.64
CA VAL A 120 -55.36 -16.24 -5.70
C VAL A 120 -55.17 -17.01 -7.01
N ASN A 121 -55.26 -18.33 -6.91
CA ASN A 121 -55.10 -19.25 -8.06
C ASN A 121 -56.47 -19.68 -8.56
N ASN A 122 -56.80 -19.32 -9.79
CA ASN A 122 -57.97 -19.89 -10.51
C ASN A 122 -57.48 -21.02 -11.41
N ALA A 123 -58.41 -21.87 -11.83
CA ALA A 123 -58.13 -22.93 -12.82
C ALA A 123 -57.44 -22.34 -14.04
N THR A 124 -56.15 -22.64 -14.20
CA THR A 124 -55.31 -22.16 -15.33
C THR A 124 -55.24 -20.62 -15.33
N ASN A 125 -55.13 -20.01 -14.15
CA ASN A 125 -54.97 -18.54 -14.04
C ASN A 125 -54.45 -18.17 -12.66
N VAL A 126 -53.75 -17.05 -12.58
CA VAL A 126 -53.38 -16.45 -11.27
C VAL A 126 -53.80 -15.00 -11.27
N VAL A 127 -54.17 -14.51 -10.09
CA VAL A 127 -54.55 -13.09 -9.88
C VAL A 127 -53.70 -12.57 -8.73
N ILE A 128 -52.86 -11.58 -9.01
CA ILE A 128 -52.02 -10.94 -7.98
C ILE A 128 -52.37 -9.46 -7.97
N LYS A 129 -53.22 -9.04 -7.05
CA LYS A 129 -53.72 -7.65 -7.02
C LYS A 129 -53.19 -6.94 -5.77
N VAL A 130 -52.72 -5.71 -5.97
CA VAL A 130 -52.26 -4.87 -4.84
C VAL A 130 -53.31 -3.79 -4.64
N CYS A 131 -54.27 -4.05 -3.76
CA CYS A 131 -55.35 -3.09 -3.48
C CYS A 131 -55.44 -2.83 -1.98
N GLU A 132 -56.24 -1.83 -1.62
CA GLU A 132 -56.69 -1.65 -0.23
C GLU A 132 -57.98 -2.43 -0.07
N PHE A 133 -57.89 -3.57 0.60
CA PHE A 133 -59.02 -4.52 0.76
C PHE A 133 -59.62 -4.34 2.16
N GLN A 134 -60.93 -4.24 2.24
CA GLN A 134 -61.65 -4.36 3.53
C GLN A 134 -61.77 -5.85 3.82
N PHE A 135 -60.67 -6.45 4.24
CA PHE A 135 -60.59 -7.92 4.44
C PHE A 135 -61.55 -8.34 5.54
N CYS A 136 -62.00 -9.59 5.45
CA CYS A 136 -62.79 -10.23 6.52
C CYS A 136 -61.87 -10.65 7.67
N ASN A 137 -62.45 -10.90 8.82
CA ASN A 137 -61.71 -11.53 9.95
C ASN A 137 -61.25 -12.92 9.54
N ASP A 138 -62.07 -13.63 8.76
CA ASP A 138 -61.75 -15.00 8.28
C ASP A 138 -61.97 -15.05 6.78
N PRO A 139 -61.03 -14.51 5.97
CA PRO A 139 -61.15 -14.60 4.52
C PRO A 139 -60.93 -16.04 4.05
N PHE A 140 -61.65 -16.44 3.00
CA PHE A 140 -61.55 -17.79 2.44
C PHE A 140 -62.19 -17.81 1.06
N LEU A 141 -62.20 -19.00 0.47
CA LEU A 141 -62.96 -19.29 -0.77
C LEU A 141 -63.85 -20.51 -0.55
N GLY A 142 -64.92 -20.61 -1.32
CA GLY A 142 -65.90 -21.69 -1.15
C GLY A 142 -66.01 -22.57 -2.38
N VAL A 143 -66.07 -23.88 -2.16
CA VAL A 143 -66.27 -24.88 -3.24
C VAL A 143 -67.43 -25.76 -2.82
N TYR A 144 -68.41 -25.92 -3.70
CA TYR A 144 -69.58 -26.78 -3.43
C TYR A 144 -69.35 -28.19 -4.01
N MET A 153 -69.03 -26.23 -7.44
CA MET A 153 -67.57 -26.10 -7.66
C MET A 153 -67.17 -24.62 -7.73
N GLU A 154 -66.17 -24.22 -6.95
CA GLU A 154 -65.62 -22.84 -6.96
C GLU A 154 -66.74 -21.84 -6.65
N SER A 155 -67.56 -22.14 -5.65
CA SER A 155 -68.84 -21.43 -5.43
C SER A 155 -68.58 -20.00 -4.93
N GLU A 156 -67.74 -19.82 -3.93
CA GLU A 156 -67.65 -18.53 -3.21
C GLU A 156 -66.27 -17.89 -3.38
N PHE A 157 -66.25 -16.58 -3.35
CA PHE A 157 -65.01 -15.75 -3.39
C PHE A 157 -65.06 -14.75 -2.22
N ARG A 158 -65.36 -15.27 -1.04
CA ARG A 158 -65.62 -14.42 0.15
C ARG A 158 -64.30 -14.11 0.85
N VAL A 159 -63.57 -13.14 0.31
CA VAL A 159 -62.30 -12.68 0.92
C VAL A 159 -62.47 -11.26 1.43
N TYR A 160 -62.81 -10.32 0.55
CA TYR A 160 -62.85 -8.88 0.88
C TYR A 160 -64.23 -8.33 0.53
N SER A 161 -64.77 -7.48 1.38
CA SER A 161 -66.05 -6.78 1.10
C SER A 161 -65.80 -5.75 0.00
N SER A 162 -64.75 -4.95 0.12
CA SER A 162 -64.40 -3.91 -0.86
C SER A 162 -62.93 -4.06 -1.24
N ALA A 163 -62.62 -3.72 -2.49
CA ALA A 163 -61.26 -3.82 -3.07
C ALA A 163 -60.89 -2.45 -3.60
N ASN A 164 -60.99 -1.43 -2.76
CA ASN A 164 -61.08 -0.04 -3.26
C ASN A 164 -59.75 0.42 -3.87
N ASN A 165 -59.84 1.50 -4.65
CA ASN A 165 -58.71 2.37 -5.05
C ASN A 165 -57.44 1.55 -5.29
N CYS A 166 -57.54 0.55 -6.16
CA CYS A 166 -56.45 -0.44 -6.42
C CYS A 166 -55.23 0.21 -7.07
N THR A 167 -54.19 -0.60 -7.22
CA THR A 167 -52.85 -0.20 -7.70
C THR A 167 -52.29 -1.39 -8.50
N PHE A 168 -50.98 -1.54 -8.58
CA PHE A 168 -50.28 -2.54 -9.43
C PHE A 168 -50.98 -3.89 -9.42
N GLU A 169 -51.15 -4.47 -10.61
CA GLU A 169 -51.90 -5.73 -10.80
C GLU A 169 -51.07 -6.66 -11.69
N TYR A 170 -51.29 -7.97 -11.56
CA TYR A 170 -50.57 -8.99 -12.37
C TYR A 170 -51.47 -10.21 -12.60
N VAL A 171 -51.36 -10.77 -13.80
CA VAL A 171 -52.00 -12.05 -14.16
C VAL A 171 -50.98 -12.91 -14.91
N SER A 172 -51.01 -14.21 -14.67
CA SER A 172 -50.11 -15.17 -15.32
C SER A 172 -50.66 -16.58 -15.16
N GLN A 173 -49.84 -17.57 -15.51
CA GLN A 173 -50.20 -18.99 -15.34
C GLN A 173 -50.35 -19.29 -13.84
N PRO A 174 -51.15 -20.31 -13.47
CA PRO A 174 -51.33 -20.62 -12.07
C PRO A 174 -50.03 -21.04 -11.39
N PHE A 175 -49.86 -20.64 -10.13
CA PHE A 175 -48.65 -20.97 -9.34
C PHE A 175 -48.59 -22.45 -9.03
N LEU A 176 -49.69 -23.01 -8.56
CA LEU A 176 -49.74 -24.44 -8.15
C LEU A 176 -50.71 -25.18 -9.05
N MET A 177 -50.29 -26.37 -9.50
CA MET A 177 -51.12 -27.21 -10.39
C MET A 177 -50.83 -28.68 -10.09
N ASP A 178 -51.70 -29.55 -10.56
CA ASP A 178 -51.56 -31.01 -10.32
C ASP A 178 -50.31 -31.52 -11.03
N LEU A 179 -50.04 -31.03 -12.23
CA LEU A 179 -48.88 -31.46 -13.04
C LEU A 179 -47.91 -30.33 -13.31
N ASN A 185 -53.28 -40.62 0.75
CA ASN A 185 -51.98 -39.94 0.99
C ASN A 185 -51.91 -38.62 0.23
N PHE A 186 -50.94 -37.79 0.60
CA PHE A 186 -50.66 -36.52 -0.10
C PHE A 186 -49.78 -36.81 -1.29
N LYS A 187 -50.31 -36.62 -2.49
CA LYS A 187 -49.54 -36.90 -3.73
C LYS A 187 -48.52 -35.78 -3.96
N ASN A 188 -48.82 -34.55 -3.55
CA ASN A 188 -47.99 -33.38 -3.94
C ASN A 188 -47.67 -32.52 -2.73
N LEU A 189 -46.40 -32.11 -2.65
CA LEU A 189 -45.93 -31.08 -1.71
C LEU A 189 -45.52 -29.85 -2.51
N ARG A 190 -45.96 -28.69 -2.05
CA ARG A 190 -45.70 -27.41 -2.75
C ARG A 190 -44.92 -26.50 -1.80
N GLU A 191 -43.69 -26.18 -2.18
CA GLU A 191 -42.83 -25.27 -1.40
C GLU A 191 -42.87 -23.88 -2.05
N PHE A 192 -42.96 -22.85 -1.23
CA PHE A 192 -42.88 -21.44 -1.67
C PHE A 192 -41.99 -20.67 -0.70
N VAL A 193 -41.25 -19.71 -1.24
CA VAL A 193 -40.49 -18.76 -0.42
C VAL A 193 -40.88 -17.35 -0.84
N PHE A 194 -41.30 -16.56 0.12
CA PHE A 194 -41.69 -15.15 -0.11
C PHE A 194 -40.68 -14.26 0.61
N LYS A 195 -40.05 -13.37 -0.13
CA LYS A 195 -39.12 -12.37 0.44
C LYS A 195 -39.55 -10.99 -0.03
N ASN A 196 -39.80 -10.08 0.92
CA ASN A 196 -40.14 -8.69 0.60
C ASN A 196 -38.88 -7.85 0.79
N ILE A 197 -38.16 -7.61 -0.29
CA ILE A 197 -36.83 -6.94 -0.26
C ILE A 197 -36.97 -5.61 -0.97
N ASP A 198 -35.90 -4.81 -0.92
CA ASP A 198 -35.84 -3.34 -1.14
C ASP A 198 -37.03 -2.86 -1.98
N GLY A 199 -37.22 -3.39 -3.18
CA GLY A 199 -38.33 -2.98 -4.05
C GLY A 199 -39.17 -4.13 -4.58
N TYR A 200 -38.77 -5.38 -4.33
CA TYR A 200 -39.42 -6.54 -4.99
C TYR A 200 -39.96 -7.50 -3.95
N PHE A 201 -41.19 -7.95 -4.17
CA PHE A 201 -41.75 -9.14 -3.51
C PHE A 201 -41.39 -10.34 -4.39
N LYS A 202 -40.47 -11.17 -3.91
CA LYS A 202 -39.92 -12.28 -4.71
C LYS A 202 -40.53 -13.59 -4.22
N ILE A 203 -41.10 -14.35 -5.14
CA ILE A 203 -41.68 -15.68 -4.86
C ILE A 203 -40.85 -16.72 -5.61
N TYR A 204 -40.35 -17.69 -4.86
CA TYR A 204 -39.71 -18.91 -5.40
C TYR A 204 -40.63 -20.07 -5.10
N SER A 205 -40.67 -21.06 -5.99
CA SER A 205 -41.63 -22.17 -5.85
C SER A 205 -41.00 -23.48 -6.30
N LYS A 206 -41.56 -24.57 -5.80
CA LYS A 206 -41.17 -25.93 -6.22
C LYS A 206 -42.33 -26.88 -5.95
N HIS A 207 -42.50 -27.85 -6.83
CA HIS A 207 -43.56 -28.89 -6.70
C HIS A 207 -42.88 -30.24 -6.69
N THR A 208 -43.20 -31.07 -5.71
CA THR A 208 -42.52 -32.37 -5.54
C THR A 208 -43.54 -33.46 -5.30
N PRO A 209 -43.44 -34.59 -6.03
CA PRO A 209 -44.23 -35.77 -5.70
C PRO A 209 -43.71 -36.40 -4.40
N ILE A 210 -44.63 -36.67 -3.48
CA ILE A 210 -44.30 -37.27 -2.16
C ILE A 210 -45.18 -38.50 -1.96
N ASN A 211 -44.57 -39.59 -1.49
CA ASN A 211 -45.34 -40.78 -1.06
C ASN A 211 -45.73 -40.61 0.40
N LEU A 212 -44.88 -39.94 1.18
CA LEU A 212 -45.16 -39.70 2.62
C LEU A 212 -46.38 -38.80 2.78
N VAL A 213 -47.13 -39.01 3.84
CA VAL A 213 -48.35 -38.23 4.13
C VAL A 213 -48.22 -37.44 5.44
N ARG A 214 -47.29 -37.81 6.33
CA ARG A 214 -47.29 -37.28 7.71
C ARG A 214 -46.67 -35.88 7.75
N ASP A 215 -45.41 -35.75 7.37
CA ASP A 215 -44.68 -34.46 7.52
C ASP A 215 -43.67 -34.30 6.39
N LEU A 216 -42.77 -33.33 6.54
CA LEU A 216 -41.85 -32.94 5.45
C LEU A 216 -40.88 -34.08 5.16
N PRO A 217 -40.41 -34.20 3.90
CA PRO A 217 -39.40 -35.21 3.58
C PRO A 217 -38.04 -34.89 4.19
N GLN A 218 -37.23 -35.93 4.34
CA GLN A 218 -35.79 -35.79 4.71
C GLN A 218 -34.97 -35.75 3.42
N GLY A 219 -35.36 -34.86 2.51
CA GLY A 219 -34.78 -34.75 1.17
C GLY A 219 -34.21 -33.37 0.93
N PHE A 220 -33.75 -33.16 -0.29
CA PHE A 220 -33.21 -31.85 -0.73
C PHE A 220 -33.93 -31.42 -2.00
N SER A 221 -34.40 -30.18 -2.02
CA SER A 221 -35.07 -29.59 -3.19
C SER A 221 -34.70 -28.10 -3.26
N ALA A 222 -34.33 -27.64 -4.45
CA ALA A 222 -33.99 -26.22 -4.69
C ALA A 222 -35.20 -25.52 -5.30
N LEU A 223 -35.56 -24.37 -4.74
CA LEU A 223 -36.78 -23.63 -5.15
C LEU A 223 -36.41 -22.65 -6.25
N GLU A 224 -36.79 -22.97 -7.48
CA GLU A 224 -36.51 -22.09 -8.64
C GLU A 224 -37.35 -20.83 -8.51
N PRO A 225 -36.80 -19.64 -8.87
CA PRO A 225 -37.55 -18.40 -8.79
C PRO A 225 -38.81 -18.43 -9.66
N LEU A 226 -39.89 -17.85 -9.14
CA LEU A 226 -41.19 -17.83 -9.87
C LEU A 226 -41.51 -16.41 -10.33
N VAL A 227 -41.57 -15.44 -9.42
CA VAL A 227 -41.88 -14.03 -9.80
C VAL A 227 -41.04 -13.09 -8.96
N ASP A 228 -40.81 -11.89 -9.50
CA ASP A 228 -40.16 -10.77 -8.78
C ASP A 228 -41.02 -9.53 -8.99
N LEU A 229 -42.03 -9.36 -8.15
CA LEU A 229 -43.05 -8.30 -8.36
C LEU A 229 -42.54 -6.99 -7.77
N PRO A 230 -42.38 -5.94 -8.59
CA PRO A 230 -41.99 -4.63 -8.07
C PRO A 230 -43.14 -3.94 -7.33
N ILE A 231 -43.38 -4.36 -6.09
CA ILE A 231 -44.60 -3.96 -5.34
C ILE A 231 -44.22 -2.86 -4.34
N GLY A 232 -43.23 -3.12 -3.49
CA GLY A 232 -42.74 -2.14 -2.50
C GLY A 232 -43.79 -1.84 -1.44
N ILE A 233 -44.12 -2.83 -0.61
CA ILE A 233 -45.07 -2.65 0.52
C ILE A 233 -44.39 -2.98 1.83
N ASN A 234 -44.82 -2.27 2.87
CA ASN A 234 -44.44 -2.54 4.28
C ASN A 234 -45.15 -3.82 4.72
N ILE A 235 -44.61 -4.96 4.33
CA ILE A 235 -45.27 -6.27 4.62
C ILE A 235 -44.74 -6.79 5.95
N THR A 236 -45.63 -6.91 6.93
CA THR A 236 -45.31 -7.48 8.26
C THR A 236 -46.45 -8.35 8.78
N ARG A 237 -47.39 -8.74 7.92
CA ARG A 237 -48.74 -9.15 8.37
C ARG A 237 -49.27 -10.14 7.35
N PHE A 238 -49.30 -11.42 7.71
CA PHE A 238 -49.48 -12.51 6.72
C PHE A 238 -50.72 -13.34 7.05
N GLN A 239 -51.39 -13.81 6.00
CA GLN A 239 -52.60 -14.64 6.11
C GLN A 239 -52.66 -15.62 4.96
N THR A 240 -53.30 -16.76 5.18
CA THR A 240 -53.49 -17.80 4.16
C THR A 240 -54.97 -17.88 3.75
N LEU A 241 -55.21 -18.23 2.49
CA LEU A 241 -56.57 -18.40 1.94
C LEU A 241 -56.81 -19.88 1.65
N LEU A 242 -57.94 -20.39 2.10
CA LEU A 242 -58.32 -21.81 1.89
C LEU A 242 -59.70 -21.88 1.23
N ALA A 243 -60.08 -23.08 0.81
CA ALA A 243 -61.41 -23.36 0.23
C ALA A 243 -62.16 -24.33 1.14
N LEU A 244 -63.41 -24.01 1.43
CA LEU A 244 -64.28 -24.84 2.29
C LEU A 244 -65.26 -25.63 1.41
N HIS A 245 -65.41 -26.91 1.70
CA HIS A 245 -66.33 -27.82 0.99
C HIS A 245 -67.70 -27.77 1.65
N ARG A 246 -68.74 -27.52 0.87
CA ARG A 246 -70.13 -27.48 1.40
C ARG A 246 -71.08 -28.24 0.47
N SER A 256 -71.86 -21.86 9.33
CA SER A 256 -71.45 -23.27 9.56
C SER A 256 -71.81 -24.13 8.35
N GLY A 257 -72.03 -25.43 8.59
CA GLY A 257 -72.36 -26.40 7.53
C GLY A 257 -71.23 -26.51 6.53
N TRP A 258 -70.01 -26.66 7.04
CA TRP A 258 -68.78 -26.63 6.21
C TRP A 258 -67.89 -27.82 6.56
N THR A 259 -66.96 -28.11 5.66
CA THR A 259 -65.87 -29.07 5.92
C THR A 259 -64.67 -28.69 5.06
N ALA A 260 -63.48 -28.97 5.55
CA ALA A 260 -62.22 -28.51 4.91
C ALA A 260 -61.67 -29.61 3.99
N GLY A 261 -61.32 -30.76 4.57
CA GLY A 261 -60.61 -31.84 3.86
C GLY A 261 -59.10 -31.71 4.04
N ALA A 262 -58.40 -32.80 3.80
CA ALA A 262 -56.97 -32.96 4.16
C ALA A 262 -56.14 -31.87 3.49
N ALA A 263 -55.48 -31.05 4.30
CA ALA A 263 -54.54 -30.00 3.84
C ALA A 263 -53.59 -29.60 4.98
N ALA A 264 -52.32 -29.98 4.90
CA ALA A 264 -51.37 -29.69 6.00
C ALA A 264 -50.31 -28.71 5.51
N TYR A 265 -50.27 -27.50 6.06
CA TYR A 265 -49.32 -26.48 5.59
C TYR A 265 -48.42 -26.00 6.72
N TYR A 266 -47.14 -25.86 6.39
CA TYR A 266 -46.06 -25.48 7.33
C TYR A 266 -45.61 -24.07 7.02
N VAL A 267 -45.31 -23.31 8.07
CA VAL A 267 -44.76 -21.94 7.93
C VAL A 267 -43.44 -21.88 8.70
N GLY A 268 -42.39 -21.43 8.04
CA GLY A 268 -41.06 -21.29 8.66
C GLY A 268 -40.41 -19.96 8.29
N TYR A 269 -40.02 -19.16 9.26
CA TYR A 269 -39.48 -17.82 8.96
C TYR A 269 -38.01 -17.92 8.56
N LEU A 270 -37.59 -17.00 7.69
CA LEU A 270 -36.21 -16.96 7.16
C LEU A 270 -35.29 -16.22 8.14
N GLN A 271 -34.01 -16.51 8.01
CA GLN A 271 -32.92 -15.83 8.75
C GLN A 271 -31.83 -15.44 7.76
N PRO A 272 -31.09 -14.35 8.03
CA PRO A 272 -29.88 -14.08 7.26
C PRO A 272 -28.78 -15.11 7.59
N ARG A 273 -28.57 -16.05 6.67
CA ARG A 273 -27.60 -17.15 6.87
C ARG A 273 -26.64 -17.22 5.69
N THR A 274 -25.48 -17.79 5.95
CA THR A 274 -24.48 -18.10 4.91
C THR A 274 -24.64 -19.57 4.55
N PHE A 275 -24.87 -19.85 3.27
CA PHE A 275 -25.01 -21.23 2.77
C PHE A 275 -23.90 -21.54 1.79
N LEU A 276 -23.52 -22.80 1.74
CA LEU A 276 -22.60 -23.33 0.72
C LEU A 276 -23.41 -24.23 -0.20
N LEU A 277 -23.66 -23.77 -1.41
CA LEU A 277 -24.56 -24.45 -2.38
C LEU A 277 -23.70 -25.23 -3.37
N LYS A 278 -24.07 -26.48 -3.62
CA LYS A 278 -23.32 -27.38 -4.52
C LYS A 278 -24.02 -27.39 -5.88
N TYR A 279 -23.60 -26.53 -6.78
CA TYR A 279 -24.11 -26.56 -8.17
C TYR A 279 -23.47 -27.73 -8.90
N ASN A 280 -24.28 -28.69 -9.32
CA ASN A 280 -23.79 -29.87 -10.07
C ASN A 280 -23.38 -29.41 -11.48
N GLU A 281 -22.93 -30.34 -12.30
CA GLU A 281 -22.41 -29.96 -13.65
C GLU A 281 -23.55 -29.55 -14.58
N ASN A 282 -24.81 -29.79 -14.22
CA ASN A 282 -25.96 -29.44 -15.09
C ASN A 282 -26.84 -28.38 -14.44
N GLY A 283 -26.27 -27.54 -13.57
CA GLY A 283 -26.88 -26.27 -13.14
C GLY A 283 -27.77 -26.36 -11.92
N THR A 284 -27.97 -27.54 -11.35
CA THR A 284 -28.95 -27.73 -10.25
C THR A 284 -28.23 -27.73 -8.91
N ILE A 285 -28.81 -27.07 -7.92
CA ILE A 285 -28.31 -27.12 -6.52
C ILE A 285 -28.68 -28.48 -5.95
N THR A 286 -27.75 -29.40 -5.91
CA THR A 286 -28.03 -30.78 -5.47
C THR A 286 -27.84 -30.90 -3.95
N ASP A 287 -27.13 -29.97 -3.33
CA ASP A 287 -26.89 -30.04 -1.89
C ASP A 287 -26.53 -28.66 -1.36
N ALA A 288 -26.61 -28.52 -0.04
CA ALA A 288 -26.27 -27.24 0.63
C ALA A 288 -25.78 -27.51 2.03
N VAL A 289 -24.99 -26.57 2.53
CA VAL A 289 -24.45 -26.61 3.92
C VAL A 289 -24.83 -25.31 4.61
N ASP A 290 -25.47 -25.42 5.77
CA ASP A 290 -25.83 -24.25 6.60
C ASP A 290 -24.64 -23.96 7.51
N CYS A 291 -23.90 -22.91 7.20
CA CYS A 291 -22.58 -22.64 7.82
C CYS A 291 -22.71 -22.42 9.34
N ALA A 292 -23.88 -22.04 9.84
CA ALA A 292 -24.06 -21.68 11.26
C ALA A 292 -24.78 -22.78 12.03
N LEU A 293 -24.95 -23.97 11.44
CA LEU A 293 -25.72 -25.06 12.11
C LEU A 293 -24.89 -25.69 13.21
N ASP A 294 -23.76 -26.30 12.87
CA ASP A 294 -22.92 -27.04 13.84
C ASP A 294 -21.47 -26.80 13.48
N PRO A 295 -20.50 -27.16 14.35
CA PRO A 295 -19.09 -26.93 14.04
C PRO A 295 -18.60 -27.62 12.77
N LEU A 296 -19.14 -28.80 12.44
CA LEU A 296 -18.78 -29.51 11.20
C LEU A 296 -19.17 -28.68 9.97
N SER A 297 -20.33 -28.03 10.00
CA SER A 297 -20.75 -27.12 8.91
C SER A 297 -19.83 -25.90 8.83
N GLU A 298 -19.41 -25.36 9.97
CA GLU A 298 -18.44 -24.24 9.97
C GLU A 298 -17.14 -24.70 9.30
N THR A 299 -16.70 -25.92 9.60
CA THR A 299 -15.49 -26.48 8.97
C THR A 299 -15.70 -26.64 7.47
N LYS A 300 -16.85 -27.15 7.06
CA LYS A 300 -17.14 -27.37 5.63
C LYS A 300 -17.17 -26.03 4.89
N CYS A 301 -17.75 -25.00 5.47
CA CYS A 301 -17.83 -23.66 4.82
C CYS A 301 -16.46 -23.00 4.81
N THR A 302 -15.67 -23.18 5.87
CA THR A 302 -14.30 -22.62 5.91
C THR A 302 -13.45 -23.25 4.79
N LEU A 303 -13.56 -24.56 4.60
CA LEU A 303 -12.77 -25.29 3.58
C LEU A 303 -13.42 -25.15 2.20
N LYS A 304 -14.67 -24.73 2.12
CA LYS A 304 -15.45 -24.73 0.85
C LYS A 304 -15.43 -26.14 0.25
N SER A 305 -15.75 -27.12 1.07
CA SER A 305 -15.75 -28.54 0.64
C SER A 305 -16.84 -29.29 1.41
N PHE A 306 -17.57 -30.14 0.73
CA PHE A 306 -18.64 -30.95 1.37
C PHE A 306 -18.02 -32.14 2.12
N THR A 307 -16.83 -32.56 1.71
CA THR A 307 -16.08 -33.64 2.39
C THR A 307 -14.90 -33.02 3.11
N VAL A 308 -14.72 -33.39 4.36
CA VAL A 308 -13.65 -32.82 5.22
C VAL A 308 -12.70 -33.95 5.59
N GLU A 309 -11.42 -33.74 5.34
CA GLU A 309 -10.37 -34.73 5.68
C GLU A 309 -10.13 -34.70 7.18
N LYS A 310 -9.54 -35.77 7.69
CA LYS A 310 -9.17 -35.85 9.12
C LYS A 310 -8.17 -34.74 9.44
N GLY A 311 -8.34 -34.11 10.59
CA GLY A 311 -7.40 -33.10 11.08
C GLY A 311 -8.09 -32.09 11.97
N ILE A 312 -7.39 -31.00 12.24
CA ILE A 312 -7.89 -29.88 13.08
C ILE A 312 -7.89 -28.63 12.21
N TYR A 313 -9.00 -27.91 12.23
CA TYR A 313 -9.19 -26.73 11.37
C TYR A 313 -9.69 -25.57 12.22
N GLN A 314 -9.07 -24.41 12.06
CA GLN A 314 -9.55 -23.18 12.73
C GLN A 314 -10.65 -22.57 11.87
N THR A 315 -11.84 -22.37 12.45
CA THR A 315 -13.04 -21.99 11.67
C THR A 315 -13.57 -20.61 12.06
N SER A 316 -13.36 -20.15 13.29
CA SER A 316 -13.89 -18.85 13.76
C SER A 316 -13.08 -18.38 14.95
N ASN A 317 -13.54 -17.32 15.60
CA ASN A 317 -12.85 -16.75 16.78
C ASN A 317 -13.87 -16.54 17.87
N PHE A 318 -13.78 -17.34 18.93
CA PHE A 318 -14.59 -17.14 20.15
C PHE A 318 -14.20 -15.81 20.80
N ARG A 319 -15.21 -15.07 21.21
CA ARG A 319 -15.03 -13.77 21.90
C ARG A 319 -16.08 -13.67 23.00
N VAL A 320 -15.67 -13.27 24.19
CA VAL A 320 -16.62 -13.06 25.29
C VAL A 320 -17.30 -11.72 25.09
N GLN A 321 -18.62 -11.70 25.18
CA GLN A 321 -19.34 -10.45 24.86
C GLN A 321 -19.65 -9.69 26.15
N PRO A 322 -19.66 -8.35 26.10
CA PRO A 322 -19.99 -7.56 27.28
C PRO A 322 -21.43 -7.78 27.76
N THR A 323 -21.59 -8.04 29.06
CA THR A 323 -22.92 -8.22 29.68
C THR A 323 -23.67 -6.88 29.69
N GLU A 324 -22.97 -5.79 30.00
CA GLU A 324 -23.63 -4.48 30.10
C GLU A 324 -22.61 -3.36 29.90
N SER A 325 -23.12 -2.16 29.69
CA SER A 325 -22.28 -0.94 29.62
C SER A 325 -22.37 -0.20 30.95
N ILE A 326 -21.23 0.10 31.55
CA ILE A 326 -21.16 0.88 32.81
C ILE A 326 -20.52 2.23 32.52
N VAL A 327 -21.00 3.27 33.19
CA VAL A 327 -20.51 4.65 32.97
C VAL A 327 -20.02 5.19 34.31
N ARG A 328 -18.83 5.76 34.31
CA ARG A 328 -18.27 6.47 35.48
C ARG A 328 -17.81 7.86 35.01
N PHE A 329 -18.73 8.81 35.01
CA PHE A 329 -18.45 10.24 34.80
C PHE A 329 -18.34 10.93 36.15
N PRO A 330 -17.74 12.14 36.22
CA PRO A 330 -17.65 12.85 37.49
C PRO A 330 -18.98 13.56 37.79
N ASN A 331 -19.46 13.37 39.01
CA ASN A 331 -20.72 13.94 39.55
C ASN A 331 -20.58 15.46 39.74
N ILE A 332 -20.72 16.19 38.65
CA ILE A 332 -20.70 17.68 38.70
C ILE A 332 -22.06 18.17 38.19
N THR A 333 -22.91 18.60 39.11
CA THR A 333 -24.30 19.02 38.78
C THR A 333 -24.30 20.41 38.14
N ASN A 334 -23.26 21.20 38.37
CA ASN A 334 -23.19 22.60 37.86
C ASN A 334 -23.32 22.61 36.33
N LEU A 335 -24.37 23.26 35.83
CA LEU A 335 -24.60 23.38 34.37
C LEU A 335 -23.56 24.34 33.78
N CYS A 336 -23.13 24.06 32.56
CA CYS A 336 -22.25 24.98 31.82
C CYS A 336 -23.03 26.25 31.46
N PRO A 337 -22.38 27.43 31.48
CA PRO A 337 -23.06 28.69 31.18
C PRO A 337 -23.29 28.93 29.68
N PHE A 338 -23.84 27.94 28.99
CA PHE A 338 -24.24 28.11 27.57
C PHE A 338 -25.35 29.15 27.47
N GLY A 339 -26.22 29.21 28.47
CA GLY A 339 -27.26 30.24 28.58
C GLY A 339 -26.68 31.64 28.51
N GLU A 340 -25.60 31.87 29.27
CA GLU A 340 -24.97 33.20 29.33
C GLU A 340 -24.41 33.56 27.94
N VAL A 341 -23.79 32.60 27.27
CA VAL A 341 -23.00 32.92 26.05
C VAL A 341 -23.93 33.02 24.83
N PHE A 342 -25.02 32.26 24.80
CA PHE A 342 -25.85 32.22 23.57
C PHE A 342 -26.82 33.40 23.49
N ASN A 343 -27.36 33.87 24.61
CA ASN A 343 -28.26 35.05 24.58
C ASN A 343 -27.84 36.03 25.67
N ALA A 344 -26.56 36.36 25.71
CA ALA A 344 -26.05 37.53 26.46
C ALA A 344 -26.70 38.81 25.90
N THR A 345 -26.65 39.88 26.67
CA THR A 345 -27.26 41.17 26.28
C THR A 345 -26.57 41.70 25.02
N ARG A 346 -25.26 41.81 25.04
CA ARG A 346 -24.49 42.39 23.91
C ARG A 346 -23.37 41.42 23.53
N PHE A 347 -23.29 41.07 22.26
CA PHE A 347 -22.12 40.32 21.74
C PHE A 347 -21.04 41.30 21.32
N ALA A 348 -19.82 40.81 21.21
CA ALA A 348 -18.65 41.63 20.88
C ALA A 348 -18.52 41.78 19.37
N SER A 349 -17.66 42.70 18.95
CA SER A 349 -17.28 42.86 17.52
C SER A 349 -16.43 41.66 17.09
N VAL A 350 -16.37 41.43 15.79
CA VAL A 350 -15.57 40.29 15.25
C VAL A 350 -14.09 40.58 15.47
N TYR A 351 -13.67 41.83 15.30
CA TYR A 351 -12.24 42.19 15.43
C TYR A 351 -11.78 41.93 16.87
N ALA A 352 -12.66 42.15 17.84
CA ALA A 352 -12.41 41.85 19.27
C ALA A 352 -13.44 40.82 19.70
N TRP A 353 -13.18 39.56 19.37
CA TRP A 353 -14.12 38.45 19.70
C TRP A 353 -13.96 38.03 21.15
N ASN A 354 -15.10 37.87 21.83
CA ASN A 354 -15.16 37.54 23.26
C ASN A 354 -15.02 36.02 23.42
N ARG A 355 -14.05 35.60 24.22
CA ARG A 355 -13.79 34.17 24.49
C ARG A 355 -14.18 33.86 25.93
N LYS A 356 -15.04 32.87 26.11
CA LYS A 356 -15.40 32.35 27.45
C LYS A 356 -14.86 30.94 27.57
N ARG A 357 -14.15 30.67 28.66
CA ARG A 357 -13.61 29.32 28.92
C ARG A 357 -14.65 28.52 29.69
N ILE A 358 -14.97 27.34 29.17
CA ILE A 358 -15.98 26.43 29.77
C ILE A 358 -15.23 25.21 30.29
N SER A 359 -15.34 24.97 31.58
CA SER A 359 -14.69 23.82 32.27
C SER A 359 -15.43 23.55 33.58
N ASN A 360 -15.25 22.34 34.10
CA ASN A 360 -15.79 21.92 35.41
C ASN A 360 -17.29 22.14 35.45
N CYS A 361 -17.98 21.71 34.40
CA CYS A 361 -19.46 21.81 34.36
C CYS A 361 -20.02 20.73 33.45
N VAL A 362 -21.21 20.25 33.78
CA VAL A 362 -21.96 19.35 32.88
C VAL A 362 -22.49 20.17 31.70
N ALA A 363 -22.29 19.68 30.49
CA ALA A 363 -22.65 20.40 29.25
C ALA A 363 -23.76 19.65 28.54
N ASP A 364 -24.82 20.36 28.16
CA ASP A 364 -25.92 19.79 27.36
C ASP A 364 -25.94 20.50 26.01
N TYR A 365 -25.48 19.82 24.98
CA TYR A 365 -25.54 20.34 23.59
C TYR A 365 -26.84 19.93 22.92
N SER A 366 -27.61 19.03 23.52
CA SER A 366 -28.90 18.56 22.93
C SER A 366 -29.91 19.70 22.90
N VAL A 367 -29.94 20.51 23.95
CA VAL A 367 -30.90 21.65 24.05
C VAL A 367 -30.59 22.65 22.94
N LEU A 368 -29.31 22.84 22.63
CA LEU A 368 -28.90 23.77 21.55
C LEU A 368 -29.34 23.20 20.20
N TYR A 369 -29.07 21.93 19.95
CA TYR A 369 -29.38 21.30 18.65
C TYR A 369 -30.88 21.25 18.43
N ASN A 370 -31.66 21.07 19.50
CA ASN A 370 -33.13 20.97 19.39
C ASN A 370 -33.73 22.34 19.05
N SER A 371 -33.15 23.42 19.57
CA SER A 371 -33.65 24.79 19.33
C SER A 371 -33.55 25.11 17.84
N ALA A 372 -34.66 25.57 17.27
CA ALA A 372 -34.78 25.88 15.82
C ALA A 372 -34.27 27.29 15.52
N SER A 373 -33.87 28.07 16.53
CA SER A 373 -33.43 29.47 16.32
C SER A 373 -32.16 29.50 15.45
N PHE A 374 -31.26 28.57 15.66
CA PHE A 374 -29.93 28.58 14.99
C PHE A 374 -30.10 28.18 13.53
N SER A 375 -29.49 28.96 12.63
CA SER A 375 -29.52 28.72 11.17
C SER A 375 -28.31 27.86 10.74
N THR A 376 -27.17 28.02 11.39
CA THR A 376 -25.93 27.28 11.06
C THR A 376 -25.45 26.57 12.32
N PHE A 377 -25.21 25.27 12.21
CA PHE A 377 -24.68 24.47 13.35
C PHE A 377 -23.57 23.57 12.81
N LYS A 378 -22.61 24.13 12.09
CA LYS A 378 -21.60 23.32 11.38
C LYS A 378 -20.54 22.80 12.36
N CYS A 379 -20.49 21.49 12.55
CA CYS A 379 -19.55 20.85 13.48
C CYS A 379 -18.44 20.19 12.67
N TYR A 380 -17.18 20.50 13.00
CA TYR A 380 -15.99 20.02 12.28
C TYR A 380 -15.16 19.17 13.24
N GLY A 381 -14.82 17.96 12.80
CA GLY A 381 -14.07 16.99 13.62
C GLY A 381 -14.92 16.33 14.68
N VAL A 382 -16.17 16.76 14.84
CA VAL A 382 -17.12 16.13 15.79
C VAL A 382 -18.45 15.96 15.06
N SER A 383 -19.28 15.07 15.59
CA SER A 383 -20.63 14.84 15.03
C SER A 383 -21.62 15.66 15.84
N PRO A 384 -22.53 16.41 15.18
CA PRO A 384 -23.50 17.22 15.92
C PRO A 384 -24.39 16.39 16.87
N THR A 385 -24.73 15.16 16.48
CA THR A 385 -25.56 14.28 17.32
C THR A 385 -24.72 13.70 18.47
N LYS A 386 -23.45 13.41 18.20
CA LYS A 386 -22.58 12.68 19.16
C LYS A 386 -22.03 13.63 20.23
N LEU A 387 -22.27 14.94 20.13
CA LEU A 387 -21.62 15.92 21.04
C LEU A 387 -21.94 15.62 22.50
N ASN A 388 -23.11 15.07 22.78
CA ASN A 388 -23.54 14.85 24.18
C ASN A 388 -22.69 13.76 24.84
N ASP A 389 -22.29 12.73 24.10
CA ASP A 389 -21.56 11.58 24.69
C ASP A 389 -20.11 11.98 24.99
N LEU A 390 -19.56 12.93 24.23
CA LEU A 390 -18.12 13.26 24.33
C LEU A 390 -17.82 13.96 25.66
N CYS A 391 -16.58 13.81 26.11
CA CYS A 391 -16.03 14.56 27.27
C CYS A 391 -14.83 15.37 26.78
N PHE A 392 -14.85 16.68 27.01
CA PHE A 392 -13.82 17.61 26.52
C PHE A 392 -12.97 18.11 27.69
N THR A 393 -11.67 18.25 27.47
CA THR A 393 -10.77 18.76 28.51
C THR A 393 -11.02 20.25 28.71
N ASN A 394 -11.38 20.96 27.64
CA ASN A 394 -11.75 22.39 27.75
C ASN A 394 -12.73 22.75 26.64
N VAL A 395 -13.45 23.84 26.83
CA VAL A 395 -14.30 24.43 25.77
C VAL A 395 -14.00 25.92 25.70
N TYR A 396 -13.99 26.45 24.48
CA TYR A 396 -13.79 27.90 24.25
C TYR A 396 -14.93 28.41 23.40
N ALA A 397 -15.80 29.24 23.98
CA ALA A 397 -16.93 29.84 23.25
C ALA A 397 -16.54 31.25 22.80
N ASP A 398 -16.55 31.48 21.49
CA ASP A 398 -16.18 32.79 20.90
C ASP A 398 -17.44 33.41 20.31
N SER A 399 -17.90 34.50 20.89
CA SER A 399 -19.21 35.11 20.54
C SER A 399 -18.96 36.45 19.85
N PHE A 400 -19.55 36.64 18.67
CA PHE A 400 -19.46 37.94 17.96
C PHE A 400 -20.63 38.11 17.00
N VAL A 401 -20.60 39.22 16.27
CA VAL A 401 -21.65 39.58 15.28
C VAL A 401 -20.98 39.88 13.95
N ILE A 402 -21.50 39.29 12.88
CA ILE A 402 -20.93 39.44 11.51
C ILE A 402 -22.06 39.62 10.50
N ARG A 403 -21.71 39.62 9.23
CA ARG A 403 -22.69 39.64 8.13
C ARG A 403 -22.87 38.23 7.57
N GLY A 404 -23.86 38.07 6.68
CA GLY A 404 -24.21 36.77 6.09
C GLY A 404 -23.18 36.30 5.10
N ASP A 405 -22.70 37.20 4.24
CA ASP A 405 -21.80 36.82 3.13
C ASP A 405 -20.46 36.32 3.69
N GLU A 406 -20.19 36.56 4.97
CA GLU A 406 -18.95 36.05 5.61
C GLU A 406 -19.25 35.00 6.67
N VAL A 407 -20.46 34.47 6.74
CA VAL A 407 -20.76 33.38 7.71
C VAL A 407 -19.90 32.16 7.36
N ARG A 408 -19.76 31.86 6.08
CA ARG A 408 -18.94 30.71 5.65
C ARG A 408 -17.46 31.07 5.69
N GLN A 409 -17.12 32.33 5.93
CA GLN A 409 -15.70 32.70 6.17
C GLN A 409 -15.19 32.07 7.46
N ILE A 410 -16.06 31.89 8.46
CA ILE A 410 -15.63 31.29 9.75
C ILE A 410 -15.80 29.78 9.64
N ALA A 411 -14.75 29.14 9.15
CA ALA A 411 -14.59 27.69 8.99
C ALA A 411 -13.16 27.46 8.58
N PRO A 412 -12.51 26.36 9.00
CA PRO A 412 -11.07 26.20 8.77
C PRO A 412 -10.74 26.16 7.28
N GLY A 413 -9.61 26.77 6.93
CA GLY A 413 -9.11 26.85 5.54
C GLY A 413 -9.89 27.84 4.67
N GLN A 414 -10.60 28.79 5.27
CA GLN A 414 -11.36 29.79 4.48
C GLN A 414 -10.57 31.09 4.35
N THR A 415 -10.98 31.91 3.40
CA THR A 415 -10.38 33.24 3.15
C THR A 415 -11.48 34.29 3.06
N GLY A 416 -11.08 35.55 3.17
CA GLY A 416 -12.00 36.70 3.11
C GLY A 416 -11.72 37.70 4.20
N LYS A 417 -12.33 38.88 4.10
CA LYS A 417 -11.97 40.04 4.94
C LYS A 417 -12.12 39.68 6.43
N ILE A 418 -13.27 39.18 6.82
CA ILE A 418 -13.50 38.80 8.24
C ILE A 418 -12.65 37.57 8.56
N ALA A 419 -12.54 36.64 7.62
CA ALA A 419 -11.73 35.41 7.83
C ALA A 419 -10.25 35.79 7.98
N ASP A 420 -9.79 36.75 7.19
CA ASP A 420 -8.33 36.99 7.05
C ASP A 420 -7.85 38.00 8.12
N TYR A 421 -8.64 39.03 8.40
CA TYR A 421 -8.19 40.12 9.30
C TYR A 421 -9.04 40.25 10.56
N ASN A 422 -10.09 39.44 10.75
CA ASN A 422 -10.95 39.59 11.96
C ASN A 422 -10.93 38.30 12.80
N TYR A 423 -11.22 37.15 12.20
CA TYR A 423 -11.28 35.88 12.95
C TYR A 423 -10.75 34.75 12.08
N LYS A 424 -9.81 33.99 12.62
CA LYS A 424 -9.15 32.88 11.89
C LYS A 424 -9.39 31.56 12.62
N LEU A 425 -9.64 30.51 11.86
CA LEU A 425 -9.79 29.14 12.42
C LEU A 425 -8.68 28.27 11.90
N PRO A 426 -7.94 27.57 12.78
CA PRO A 426 -6.86 26.69 12.32
C PRO A 426 -7.41 25.54 11.46
N ASP A 427 -6.57 25.04 10.56
CA ASP A 427 -6.97 23.98 9.60
C ASP A 427 -7.44 22.74 10.36
N ASP A 428 -6.80 22.44 11.48
CA ASP A 428 -7.15 21.24 12.30
C ASP A 428 -8.16 21.62 13.39
N PHE A 429 -8.95 22.67 13.21
CA PHE A 429 -9.90 23.13 14.25
C PHE A 429 -10.97 22.07 14.48
N THR A 430 -11.23 21.78 15.75
CA THR A 430 -12.28 20.83 16.16
C THR A 430 -13.33 21.57 16.97
N GLY A 431 -14.55 21.61 16.49
CA GLY A 431 -15.64 22.30 17.20
C GLY A 431 -16.76 22.70 16.28
N CYS A 432 -17.70 23.45 16.83
CA CYS A 432 -18.97 23.75 16.16
C CYS A 432 -19.14 25.27 16.02
N VAL A 433 -19.43 25.71 14.80
CA VAL A 433 -19.78 27.13 14.54
C VAL A 433 -21.31 27.22 14.51
N ILE A 434 -21.85 28.04 15.38
CA ILE A 434 -23.32 28.16 15.56
C ILE A 434 -23.69 29.60 15.26
N ALA A 435 -24.39 29.83 14.16
CA ALA A 435 -24.79 31.18 13.71
C ALA A 435 -26.30 31.25 13.62
N TRP A 436 -26.87 32.37 14.05
CA TRP A 436 -28.32 32.62 13.89
C TRP A 436 -28.57 34.08 13.57
N ASN A 437 -29.64 34.32 12.84
CA ASN A 437 -30.08 35.68 12.47
C ASN A 437 -30.79 36.30 13.66
N SER A 438 -30.35 37.48 14.08
CA SER A 438 -30.94 38.14 15.26
C SER A 438 -31.21 39.61 14.98
N ASN A 439 -31.51 39.98 13.74
CA ASN A 439 -31.85 41.39 13.40
C ASN A 439 -33.12 41.83 14.14
N ASN A 440 -33.80 40.91 14.82
CA ASN A 440 -34.92 41.27 15.71
C ASN A 440 -34.42 42.20 16.81
N LEU A 441 -33.18 42.02 17.26
CA LEU A 441 -32.59 42.86 18.33
C LEU A 441 -31.15 43.22 17.98
N ASP A 442 -30.78 43.20 16.70
CA ASP A 442 -29.39 43.54 16.30
C ASP A 442 -29.30 44.99 15.86
N SER A 443 -30.00 45.36 14.79
CA SER A 443 -29.83 46.67 14.13
C SER A 443 -30.90 47.63 14.61
N LYS A 444 -30.51 48.62 15.41
CA LYS A 444 -31.39 49.77 15.73
C LYS A 444 -31.70 50.53 14.44
N VAL A 445 -32.87 51.14 14.40
CA VAL A 445 -33.32 51.89 13.19
C VAL A 445 -32.36 53.05 12.94
N GLY A 446 -32.08 53.31 11.67
CA GLY A 446 -31.15 54.36 11.23
C GLY A 446 -29.70 53.89 11.19
N GLY A 447 -29.43 52.60 11.40
CA GLY A 447 -28.05 52.09 11.29
C GLY A 447 -27.39 51.92 12.64
N ASN A 448 -26.99 50.70 12.96
CA ASN A 448 -26.27 50.38 14.22
C ASN A 448 -24.78 50.27 13.90
N TYR A 449 -24.00 51.21 14.38
CA TYR A 449 -22.54 51.27 14.08
C TYR A 449 -21.72 50.77 15.28
N ASN A 450 -22.35 50.12 16.25
CA ASN A 450 -21.65 49.70 17.49
C ASN A 450 -20.56 48.68 17.17
N TYR A 451 -20.88 47.67 16.38
CA TYR A 451 -19.94 46.55 16.14
C TYR A 451 -18.99 46.92 15.01
N LEU A 452 -17.71 46.64 15.20
CA LEU A 452 -16.65 47.03 14.24
C LEU A 452 -15.98 45.79 13.62
N TYR A 453 -15.09 46.06 12.68
CA TYR A 453 -14.28 45.03 11.97
C TYR A 453 -13.02 45.69 11.45
N ARG A 454 -11.95 44.92 11.35
CA ARG A 454 -10.65 45.40 10.86
C ARG A 454 -10.47 44.96 9.41
N LEU A 455 -10.73 45.86 8.47
CA LEU A 455 -10.66 45.50 7.04
C LEU A 455 -9.22 45.58 6.54
N PHE A 456 -8.38 46.40 7.17
CA PHE A 456 -6.96 46.53 6.79
C PHE A 456 -6.08 46.04 7.92
N ARG A 457 -5.06 45.26 7.57
CA ARG A 457 -4.07 44.77 8.55
C ARG A 457 -2.76 44.47 7.85
N LYS A 458 -1.68 44.49 8.61
CA LYS A 458 -0.31 44.26 8.06
C LYS A 458 -0.21 42.84 7.51
N SER A 459 -0.74 41.84 8.23
CA SER A 459 -0.55 40.43 7.86
C SER A 459 -1.82 39.64 8.14
N ASN A 460 -1.89 38.44 7.60
CA ASN A 460 -3.02 37.51 7.84
C ASN A 460 -3.03 37.14 9.32
N LEU A 461 -4.21 37.15 9.93
CA LEU A 461 -4.33 36.76 11.36
C LEU A 461 -3.87 35.32 11.56
N LYS A 462 -3.13 35.10 12.63
CA LYS A 462 -2.75 33.73 13.04
C LYS A 462 -3.99 33.01 13.54
N PRO A 463 -4.04 31.68 13.45
CA PRO A 463 -5.19 30.93 13.94
C PRO A 463 -5.43 31.16 15.44
N PHE A 464 -6.70 31.36 15.80
CA PHE A 464 -7.13 31.64 17.19
C PHE A 464 -6.32 32.79 17.79
N GLU A 465 -6.13 33.84 17.00
CA GLU A 465 -5.38 35.04 17.45
C GLU A 465 -6.27 36.26 17.30
N ARG A 466 -6.17 37.17 18.27
CA ARG A 466 -6.97 38.41 18.29
C ARG A 466 -6.02 39.60 18.21
N ASP A 467 -6.30 40.51 17.29
CA ASP A 467 -5.50 41.73 17.10
C ASP A 467 -6.42 42.93 17.17
N ILE A 468 -6.37 43.67 18.27
CA ILE A 468 -7.25 44.85 18.49
C ILE A 468 -6.43 46.13 18.30
N SER A 469 -5.22 46.03 17.79
CA SER A 469 -4.33 47.22 17.59
C SER A 469 -4.97 48.17 16.58
N THR A 470 -4.97 49.46 16.89
CA THR A 470 -5.47 50.52 15.99
C THR A 470 -4.31 51.41 15.53
N GLU A 471 -3.15 50.83 15.27
CA GLU A 471 -2.00 51.58 14.71
C GLU A 471 -2.28 51.86 13.24
N ILE A 472 -2.02 53.08 12.81
CA ILE A 472 -2.33 53.49 11.41
C ILE A 472 -1.45 52.68 10.45
N TYR A 473 -2.08 52.11 9.43
CA TYR A 473 -1.42 51.17 8.49
C TYR A 473 -0.87 51.96 7.31
N GLN A 474 0.41 51.77 7.02
CA GLN A 474 1.06 52.36 5.83
C GLN A 474 0.92 51.39 4.67
N ALA A 475 0.22 51.80 3.62
CA ALA A 475 -0.11 50.89 2.49
C ALA A 475 1.05 50.82 1.51
N GLY A 476 2.02 51.75 1.58
CA GLY A 476 3.09 51.78 0.57
C GLY A 476 3.94 53.04 0.58
N SER A 477 4.02 53.74 -0.56
CA SER A 477 5.05 54.77 -0.83
C SER A 477 5.14 55.79 0.30
N THR A 478 4.01 56.35 0.71
CA THR A 478 3.99 57.44 1.71
C THR A 478 4.07 56.83 3.11
N PRO A 479 5.13 57.08 3.88
CA PRO A 479 5.16 56.63 5.27
C PRO A 479 4.14 57.39 6.14
N CYS A 480 3.40 56.65 6.94
CA CYS A 480 2.42 57.26 7.87
C CYS A 480 3.16 58.07 8.94
N ASN A 481 4.30 57.59 9.42
CA ASN A 481 5.07 58.23 10.52
C ASN A 481 4.16 58.38 11.75
N GLY A 482 3.27 57.41 11.95
CA GLY A 482 2.34 57.37 13.10
C GLY A 482 1.21 58.38 13.00
N VAL A 483 0.98 58.98 11.85
CA VAL A 483 -0.15 59.92 11.67
C VAL A 483 -0.95 59.50 10.43
N GLU A 484 -2.16 60.05 10.35
CA GLU A 484 -3.16 59.67 9.32
C GLU A 484 -2.91 60.47 8.04
N GLY A 485 -3.51 60.03 6.94
CA GLY A 485 -3.43 60.75 5.67
C GLY A 485 -3.82 59.88 4.49
N PHE A 486 -3.41 60.28 3.30
CA PHE A 486 -3.74 59.57 2.05
C PHE A 486 -2.93 58.27 2.00
N ASN A 487 -3.62 57.17 1.68
CA ASN A 487 -3.07 55.79 1.65
C ASN A 487 -2.68 55.33 3.06
N CYS A 488 -2.90 56.14 4.09
CA CYS A 488 -2.71 55.70 5.49
C CYS A 488 -4.03 55.14 6.01
N TYR A 489 -4.47 54.04 5.41
CA TYR A 489 -5.77 53.42 5.72
C TYR A 489 -5.77 52.97 7.17
N PHE A 490 -6.78 53.39 7.92
CA PHE A 490 -6.93 52.96 9.32
C PHE A 490 -7.49 51.55 9.33
N PRO A 491 -6.98 50.64 10.19
CA PRO A 491 -7.53 49.28 10.22
C PRO A 491 -9.03 49.22 10.56
N LEU A 492 -9.49 50.09 11.45
CA LEU A 492 -10.84 49.97 12.03
C LEU A 492 -11.90 50.43 11.04
N GLN A 493 -13.01 49.69 11.01
CA GLN A 493 -14.16 49.98 10.12
C GLN A 493 -15.44 49.71 10.90
N SER A 494 -16.55 50.26 10.43
CA SER A 494 -17.85 50.15 11.12
C SER A 494 -18.88 49.46 10.22
N TYR A 495 -19.70 48.62 10.82
CA TYR A 495 -20.80 47.92 10.13
C TYR A 495 -21.88 48.89 9.66
N GLY A 496 -22.57 49.53 10.61
CA GLY A 496 -23.77 50.32 10.30
C GLY A 496 -24.89 49.47 9.72
N PHE A 497 -25.22 48.35 10.37
CA PHE A 497 -26.37 47.53 9.93
C PHE A 497 -27.64 48.37 9.91
N GLN A 498 -28.37 48.30 8.82
CA GLN A 498 -29.73 48.87 8.78
C GLN A 498 -30.73 47.76 9.03
N PRO A 499 -31.85 48.04 9.72
CA PRO A 499 -32.84 47.00 9.98
C PRO A 499 -33.49 46.40 8.72
N THR A 500 -33.30 47.02 7.56
CA THR A 500 -33.99 46.61 6.31
C THR A 500 -32.99 46.19 5.23
N ASN A 501 -31.75 45.86 5.59
CA ASN A 501 -30.76 45.41 4.57
C ASN A 501 -31.15 44.04 4.00
N GLY A 502 -30.43 43.60 2.98
CA GLY A 502 -30.48 42.23 2.45
C GLY A 502 -30.13 41.21 3.52
N VAL A 503 -30.61 39.98 3.37
CA VAL A 503 -30.37 38.90 4.37
C VAL A 503 -28.87 38.65 4.50
N GLY A 504 -28.13 38.72 3.40
CA GLY A 504 -26.66 38.63 3.43
C GLY A 504 -26.03 39.78 4.19
N TYR A 505 -26.62 40.97 4.06
CA TYR A 505 -26.08 42.20 4.69
C TYR A 505 -26.58 42.32 6.11
N GLN A 506 -27.50 41.45 6.53
CA GLN A 506 -28.12 41.55 7.87
C GLN A 506 -27.13 41.08 8.93
N PRO A 507 -27.27 41.55 10.18
CA PRO A 507 -26.49 41.03 11.29
C PRO A 507 -26.67 39.53 11.54
N TYR A 508 -25.68 38.93 12.19
CA TYR A 508 -25.68 37.50 12.55
C TYR A 508 -24.88 37.28 13.83
N ARG A 509 -25.51 36.64 14.80
CA ARG A 509 -24.84 36.29 16.08
C ARG A 509 -24.20 34.91 15.93
N VAL A 510 -22.91 34.83 16.18
CA VAL A 510 -22.14 33.57 15.96
C VAL A 510 -21.39 33.23 17.24
N VAL A 511 -21.54 31.98 17.65
CA VAL A 511 -20.76 31.38 18.77
C VAL A 511 -19.96 30.23 18.20
N VAL A 512 -18.64 30.29 18.34
CA VAL A 512 -17.74 29.21 17.89
C VAL A 512 -17.30 28.45 19.14
N LEU A 513 -17.73 27.20 19.26
CA LEU A 513 -17.32 26.32 20.37
C LEU A 513 -16.11 25.52 19.90
N SER A 514 -14.98 25.71 20.57
CA SER A 514 -13.72 25.00 20.26
C SER A 514 -13.49 23.97 21.37
N PHE A 515 -13.36 22.71 20.99
CA PHE A 515 -13.23 21.60 21.97
C PHE A 515 -11.75 21.24 22.10
N GLU A 516 -11.24 21.38 23.32
CA GLU A 516 -9.83 21.09 23.64
C GLU A 516 -9.76 19.67 24.20
N LEU A 517 -9.12 18.77 23.46
CA LEU A 517 -9.13 17.31 23.78
C LEU A 517 -7.70 16.79 23.97
N LEU A 518 -6.88 17.48 24.75
CA LEU A 518 -5.49 17.04 25.04
C LEU A 518 -5.51 15.83 25.98
N HIS A 519 -4.33 15.37 26.39
CA HIS A 519 -4.19 14.31 27.42
C HIS A 519 -4.54 14.85 28.81
N ALA A 520 -4.97 16.10 28.92
CA ALA A 520 -5.49 16.69 30.17
C ALA A 520 -6.72 15.90 30.60
N PRO A 521 -7.11 15.96 31.88
CA PRO A 521 -8.33 15.29 32.31
C PRO A 521 -9.56 15.94 31.67
N ALA A 522 -10.55 15.12 31.34
CA ALA A 522 -11.79 15.58 30.70
C ALA A 522 -12.71 16.15 31.77
N THR A 523 -13.01 17.44 31.68
CA THR A 523 -13.81 18.14 32.71
C THR A 523 -15.18 18.59 32.16
N VAL A 524 -15.28 18.87 30.87
CA VAL A 524 -16.59 19.26 30.26
C VAL A 524 -17.27 17.99 29.76
N CYS A 525 -17.98 17.30 30.64
CA CYS A 525 -18.63 16.03 30.30
C CYS A 525 -20.12 16.24 30.05
N GLY A 526 -20.74 15.24 29.44
CA GLY A 526 -22.18 15.25 29.13
C GLY A 526 -23.03 14.98 30.36
N PRO A 527 -24.36 14.98 30.21
CA PRO A 527 -25.26 14.70 31.32
C PRO A 527 -25.60 13.22 31.55
N LYS A 528 -24.86 12.30 30.93
CA LYS A 528 -25.14 10.85 31.07
C LYS A 528 -25.03 10.44 32.54
N LYS A 529 -26.01 9.67 33.02
CA LYS A 529 -26.00 9.15 34.40
C LYS A 529 -24.86 8.15 34.56
N SER A 530 -24.00 8.38 35.55
CA SER A 530 -22.99 7.39 35.97
C SER A 530 -23.72 6.18 36.57
N THR A 531 -23.27 4.99 36.21
CA THR A 531 -23.87 3.73 36.70
C THR A 531 -22.99 3.13 37.78
N ASN A 532 -23.54 2.15 38.48
CA ASN A 532 -22.79 1.44 39.54
C ASN A 532 -21.66 0.64 38.90
N LEU A 533 -20.52 0.61 39.58
CA LEU A 533 -19.30 -0.03 39.03
C LEU A 533 -19.41 -1.56 39.18
N VAL A 534 -19.01 -2.28 38.15
CA VAL A 534 -19.09 -3.77 38.14
C VAL A 534 -17.69 -4.31 37.90
N LYS A 535 -17.27 -5.23 38.77
CA LYS A 535 -15.92 -5.84 38.68
C LYS A 535 -16.04 -7.30 38.25
N ASN A 536 -14.92 -7.86 37.80
CA ASN A 536 -14.73 -9.30 37.51
C ASN A 536 -15.69 -9.76 36.41
N LYS A 537 -16.24 -8.84 35.62
CA LYS A 537 -17.16 -9.19 34.53
C LYS A 537 -16.80 -8.39 33.29
N CYS A 538 -16.78 -9.06 32.15
CA CYS A 538 -16.49 -8.41 30.86
C CYS A 538 -17.60 -7.39 30.57
N VAL A 539 -17.28 -6.12 30.71
CA VAL A 539 -18.27 -5.03 30.52
C VAL A 539 -17.69 -3.97 29.60
N ASN A 540 -18.57 -3.17 29.04
CA ASN A 540 -18.21 -1.93 28.32
C ASN A 540 -18.19 -0.81 29.35
N PHE A 541 -17.08 -0.09 29.45
CA PHE A 541 -16.91 0.95 30.49
C PHE A 541 -16.58 2.28 29.82
N ASN A 542 -16.97 3.36 30.50
CA ASN A 542 -16.67 4.74 30.11
C ASN A 542 -16.17 5.47 31.36
N PHE A 543 -14.89 5.81 31.37
CA PHE A 543 -14.25 6.53 32.50
C PHE A 543 -13.78 7.89 31.98
N ASN A 544 -14.55 8.94 32.25
CA ASN A 544 -14.20 10.33 31.88
C ASN A 544 -13.83 10.41 30.40
N GLY A 545 -14.63 9.74 29.55
CA GLY A 545 -14.45 9.78 28.09
C GLY A 545 -13.52 8.71 27.56
N LEU A 546 -12.91 7.89 28.43
CA LEU A 546 -12.15 6.71 27.96
C LEU A 546 -13.11 5.53 27.89
N THR A 547 -13.41 5.08 26.68
CA THR A 547 -14.36 3.97 26.47
C THR A 547 -13.58 2.72 26.10
N GLY A 548 -13.93 1.60 26.71
CA GLY A 548 -13.26 0.33 26.40
C GLY A 548 -14.04 -0.87 26.89
N THR A 549 -13.76 -2.01 26.29
CA THR A 549 -14.39 -3.28 26.67
C THR A 549 -13.37 -4.13 27.42
N GLY A 550 -13.71 -4.56 28.63
CA GLY A 550 -12.77 -5.36 29.42
C GLY A 550 -13.35 -5.81 30.74
N VAL A 551 -12.54 -6.55 31.47
CA VAL A 551 -12.86 -7.01 32.83
C VAL A 551 -12.15 -6.07 33.79
N LEU A 552 -12.90 -5.43 34.66
CA LEU A 552 -12.33 -4.46 35.64
C LEU A 552 -12.07 -5.20 36.94
N THR A 553 -10.81 -5.27 37.35
CA THR A 553 -10.42 -5.96 38.60
C THR A 553 -9.81 -4.95 39.55
N GLU A 554 -9.82 -5.31 40.83
CA GLU A 554 -9.20 -4.45 41.88
C GLU A 554 -7.70 -4.42 41.63
N SER A 555 -7.14 -3.22 41.48
CA SER A 555 -5.74 -3.03 41.06
C SER A 555 -4.86 -2.82 42.30
N ASN A 556 -3.78 -3.58 42.39
CA ASN A 556 -2.73 -3.33 43.40
C ASN A 556 -1.83 -2.17 42.96
N LYS A 557 -1.92 -1.73 41.71
CA LYS A 557 -1.14 -0.56 41.26
C LYS A 557 -1.48 0.64 42.14
N LYS A 558 -0.47 1.30 42.68
CA LYS A 558 -0.69 2.51 43.50
C LYS A 558 -0.24 3.73 42.71
N PHE A 559 -1.18 4.29 41.96
CA PHE A 559 -0.97 5.51 41.15
C PHE A 559 -0.51 6.65 42.06
N LEU A 560 0.34 7.50 41.53
CA LEU A 560 0.61 8.80 42.19
C LEU A 560 -0.67 9.64 42.11
N PRO A 561 -0.92 10.48 43.12
CA PRO A 561 -2.21 11.18 43.21
C PRO A 561 -2.63 11.97 41.96
N PHE A 562 -1.67 12.47 41.19
CA PHE A 562 -1.99 13.23 39.95
C PHE A 562 -2.30 12.26 38.81
N GLN A 563 -1.93 11.00 38.93
CA GLN A 563 -2.07 10.05 37.79
C GLN A 563 -3.52 9.60 37.66
N GLN A 564 -3.97 9.44 36.41
CA GLN A 564 -5.36 9.05 36.10
C GLN A 564 -5.44 7.72 35.35
N PHE A 565 -4.48 7.41 34.50
CA PHE A 565 -4.49 6.16 33.68
C PHE A 565 -3.18 5.43 33.87
N GLY A 566 -3.13 4.21 33.34
CA GLY A 566 -1.91 3.40 33.30
C GLY A 566 -1.73 2.77 31.94
N ARG A 567 -0.50 2.53 31.54
CA ARG A 567 -0.22 1.97 30.19
C ARG A 567 0.84 0.89 30.30
N ASP A 568 0.81 -0.01 29.33
CA ASP A 568 1.75 -1.16 29.21
C ASP A 568 3.01 -0.74 28.45
N ILE A 569 3.86 -1.71 28.16
CA ILE A 569 5.07 -1.48 27.33
C ILE A 569 4.61 -1.10 25.91
N ALA A 570 3.42 -1.54 25.51
CA ALA A 570 2.89 -1.28 24.15
C ALA A 570 1.99 -0.05 24.14
N ASP A 571 1.88 0.69 25.26
CA ASP A 571 1.03 1.90 25.39
C ASP A 571 -0.45 1.57 25.21
N THR A 572 -0.88 0.38 25.62
CA THR A 572 -2.32 0.06 25.73
C THR A 572 -2.79 0.36 27.15
N THR A 573 -4.03 0.78 27.29
CA THR A 573 -4.59 1.13 28.62
C THR A 573 -4.62 -0.10 29.51
N ASP A 574 -3.86 -0.05 30.60
CA ASP A 574 -3.70 -1.18 31.55
C ASP A 574 -4.51 -0.96 32.82
N ALA A 575 -4.50 0.25 33.36
CA ALA A 575 -5.26 0.57 34.59
C ALA A 575 -5.95 1.92 34.43
N VAL A 576 -7.03 2.10 35.18
CA VAL A 576 -7.83 3.35 35.15
C VAL A 576 -8.13 3.73 36.60
N ARG A 577 -8.51 4.99 36.80
CA ARG A 577 -8.92 5.48 38.13
C ARG A 577 -10.40 5.82 38.09
N ASP A 578 -11.14 5.28 39.04
CA ASP A 578 -12.60 5.55 39.15
C ASP A 578 -12.79 7.03 39.47
N PRO A 579 -13.58 7.78 38.68
CA PRO A 579 -13.87 9.17 39.03
C PRO A 579 -14.59 9.34 40.38
N GLN A 580 -15.63 8.55 40.62
CA GLN A 580 -16.46 8.65 41.86
C GLN A 580 -15.56 8.41 43.08
N THR A 581 -14.99 7.23 43.21
CA THR A 581 -14.08 6.92 44.34
C THR A 581 -12.67 6.72 43.80
N LEU A 582 -11.67 7.21 44.53
CA LEU A 582 -10.26 7.14 44.08
C LEU A 582 -9.80 5.68 44.15
N GLU A 583 -10.28 4.89 43.22
CA GLU A 583 -9.97 3.44 43.15
C GLU A 583 -9.20 3.17 41.85
N ILE A 584 -8.14 2.39 41.97
CA ILE A 584 -7.37 1.95 40.78
C ILE A 584 -7.93 0.61 40.33
N LEU A 585 -8.19 0.48 39.03
CA LEU A 585 -8.81 -0.74 38.46
C LEU A 585 -7.96 -1.22 37.29
N ASP A 586 -7.54 -2.48 37.35
CA ASP A 586 -6.88 -3.13 36.20
C ASP A 586 -7.94 -3.44 35.14
N ILE A 587 -7.59 -3.24 33.89
CA ILE A 587 -8.47 -3.55 32.73
C ILE A 587 -7.86 -4.73 31.99
N THR A 588 -8.48 -5.88 32.08
CA THR A 588 -8.02 -7.09 31.37
C THR A 588 -8.89 -7.30 30.15
N PRO A 589 -8.33 -7.42 28.93
CA PRO A 589 -9.15 -7.60 27.75
C PRO A 589 -10.03 -8.85 27.86
N CYS A 590 -11.26 -8.73 27.39
CA CYS A 590 -12.26 -9.82 27.46
C CYS A 590 -11.71 -11.05 26.72
N SER A 591 -11.92 -12.22 27.30
CA SER A 591 -11.32 -13.48 26.84
C SER A 591 -11.68 -13.73 25.38
N PHE A 592 -10.68 -13.98 24.55
CA PHE A 592 -10.87 -14.25 23.11
C PHE A 592 -9.89 -15.33 22.68
N GLY A 593 -10.16 -15.93 21.53
CA GLY A 593 -9.23 -16.90 20.93
C GLY A 593 -9.85 -17.70 19.81
N GLY A 594 -9.00 -18.33 19.01
CA GLY A 594 -9.46 -19.12 17.85
C GLY A 594 -10.33 -20.29 18.28
N VAL A 595 -11.17 -20.74 17.36
CA VAL A 595 -11.98 -21.97 17.55
C VAL A 595 -11.56 -22.96 16.48
N SER A 596 -11.06 -24.11 16.92
CA SER A 596 -10.60 -25.18 16.01
C SER A 596 -11.58 -26.35 16.11
N VAL A 597 -11.76 -27.05 15.01
CA VAL A 597 -12.67 -28.23 14.98
C VAL A 597 -11.83 -29.47 14.75
N ILE A 598 -11.71 -30.29 15.78
CA ILE A 598 -11.05 -31.62 15.68
C ILE A 598 -12.05 -32.57 15.03
N THR A 599 -11.77 -33.03 13.83
CA THR A 599 -12.69 -33.94 13.12
C THR A 599 -11.89 -35.08 12.53
N PRO A 600 -12.38 -36.33 12.66
CA PRO A 600 -12.01 -37.37 11.72
C PRO A 600 -12.67 -37.07 10.37
N GLY A 601 -12.21 -37.75 9.33
CA GLY A 601 -12.75 -37.55 7.97
C GLY A 601 -14.25 -37.74 7.97
N THR A 602 -14.97 -36.99 7.13
CA THR A 602 -16.42 -37.20 6.95
C THR A 602 -16.69 -38.61 6.44
N ASN A 603 -15.71 -39.23 5.79
CA ASN A 603 -15.67 -40.69 5.54
C ASN A 603 -15.89 -41.48 6.83
N THR A 604 -15.31 -41.05 7.95
CA THR A 604 -15.32 -41.85 9.20
C THR A 604 -16.58 -41.50 10.01
N SER A 605 -16.77 -40.24 10.36
CA SER A 605 -17.92 -39.83 11.20
C SER A 605 -18.20 -38.34 11.04
N ASN A 606 -19.37 -37.93 11.48
CA ASN A 606 -19.76 -36.52 11.57
C ASN A 606 -19.51 -35.98 12.98
N GLN A 607 -19.03 -36.81 13.90
CA GLN A 607 -18.67 -36.36 15.26
C GLN A 607 -17.47 -35.40 15.17
N VAL A 608 -17.53 -34.31 15.93
CA VAL A 608 -16.42 -33.34 16.00
C VAL A 608 -16.22 -32.93 17.45
N ALA A 609 -14.98 -32.65 17.80
CA ALA A 609 -14.64 -31.93 19.04
C ALA A 609 -14.31 -30.48 18.67
N VAL A 610 -14.41 -29.60 19.66
CA VAL A 610 -14.15 -28.16 19.45
C VAL A 610 -13.14 -27.69 20.48
N LEU A 611 -12.09 -27.03 20.01
CA LEU A 611 -11.04 -26.47 20.89
C LEU A 611 -11.15 -24.95 20.86
N TYR A 612 -11.46 -24.37 22.01
CA TYR A 612 -11.41 -22.90 22.21
C TYR A 612 -10.02 -22.58 22.70
N GLN A 613 -9.19 -21.99 21.85
CA GLN A 613 -7.74 -21.85 22.13
C GLN A 613 -7.52 -20.82 23.23
N ASP A 614 -6.73 -21.20 24.25
CA ASP A 614 -6.33 -20.31 25.37
C ASP A 614 -7.57 -19.70 26.04
N VAL A 615 -8.58 -20.54 26.28
CA VAL A 615 -9.82 -20.10 26.98
C VAL A 615 -10.10 -21.07 28.10
N ASN A 616 -10.27 -20.55 29.30
CA ASN A 616 -10.68 -21.36 30.47
C ASN A 616 -12.08 -21.91 30.22
N CYS A 617 -12.36 -23.10 30.74
CA CYS A 617 -13.64 -23.78 30.52
C CYS A 617 -14.72 -23.18 31.42
N THR A 618 -14.75 -21.86 31.54
CA THR A 618 -15.79 -21.14 32.30
C THR A 618 -16.34 -20.07 31.38
N GLU A 619 -15.45 -19.42 30.63
CA GLU A 619 -15.83 -18.38 29.64
C GLU A 619 -16.66 -19.02 28.51
N VAL A 620 -16.34 -20.24 28.10
CA VAL A 620 -17.06 -20.89 26.97
C VAL A 620 -18.51 -21.02 27.40
N PRO A 621 -19.51 -20.64 26.57
CA PRO A 621 -20.92 -20.72 26.96
C PRO A 621 -21.37 -22.14 27.35
N SER A 640 -21.25 -35.45 26.83
CA SER A 640 -20.92 -34.03 27.13
C SER A 640 -19.65 -33.95 27.97
N ASN A 641 -18.49 -33.99 27.32
CA ASN A 641 -17.18 -33.94 28.01
C ASN A 641 -16.55 -32.57 27.77
N VAL A 642 -16.16 -31.90 28.83
CA VAL A 642 -15.42 -30.61 28.75
C VAL A 642 -14.10 -30.79 29.50
N PHE A 643 -13.00 -30.67 28.78
CA PHE A 643 -11.65 -31.01 29.29
C PHE A 643 -10.74 -29.81 29.11
N GLN A 644 -10.09 -29.39 30.18
CA GLN A 644 -9.21 -28.21 30.16
C GLN A 644 -7.79 -28.66 29.83
N THR A 645 -7.29 -28.22 28.69
CA THR A 645 -5.89 -28.49 28.25
C THR A 645 -5.08 -27.21 28.35
N ARG A 646 -3.78 -27.32 28.12
CA ARG A 646 -2.91 -26.13 28.04
C ARG A 646 -3.16 -25.40 26.72
N ALA A 647 -3.74 -26.07 25.72
CA ALA A 647 -4.04 -25.46 24.41
C ALA A 647 -5.41 -24.76 24.46
N GLY A 648 -6.21 -24.99 25.50
CA GLY A 648 -7.51 -24.32 25.64
C GLY A 648 -8.54 -25.28 26.18
N CYS A 649 -9.80 -24.99 25.87
CA CYS A 649 -10.96 -25.78 26.35
C CYS A 649 -11.42 -26.72 25.24
N LEU A 650 -11.44 -28.03 25.52
CA LEU A 650 -11.79 -29.04 24.51
C LEU A 650 -13.15 -29.63 24.85
N ILE A 651 -14.09 -29.54 23.93
CA ILE A 651 -15.50 -29.94 24.17
C ILE A 651 -15.87 -31.01 23.14
N GLY A 652 -16.40 -32.13 23.63
CA GLY A 652 -16.86 -33.25 22.80
C GLY A 652 -15.81 -34.33 22.64
N ALA A 653 -14.66 -34.21 23.32
CA ALA A 653 -13.61 -35.25 23.29
C ALA A 653 -13.49 -35.85 24.69
N GLU A 654 -13.50 -37.17 24.77
CA GLU A 654 -13.37 -37.88 26.07
C GLU A 654 -11.90 -37.99 26.42
N HIS A 655 -11.53 -37.53 27.61
CA HIS A 655 -10.14 -37.68 28.11
C HIS A 655 -9.88 -39.15 28.41
N VAL A 656 -8.80 -39.68 27.86
CA VAL A 656 -8.41 -41.10 28.07
C VAL A 656 -7.03 -41.13 28.69
N ASN A 657 -6.86 -41.90 29.75
CA ASN A 657 -5.57 -41.99 30.48
C ASN A 657 -4.49 -42.63 29.61
N ASN A 658 -4.88 -43.56 28.74
CA ASN A 658 -3.92 -44.29 27.89
C ASN A 658 -3.21 -43.32 26.93
N SER A 659 -1.95 -43.59 26.64
CA SER A 659 -1.14 -42.81 25.69
C SER A 659 -1.02 -43.57 24.37
N TYR A 660 -1.29 -42.89 23.26
CA TYR A 660 -1.16 -43.50 21.92
C TYR A 660 -0.29 -42.60 21.05
N GLU A 661 0.08 -43.10 19.88
CA GLU A 661 0.76 -42.29 18.86
C GLU A 661 -0.15 -41.12 18.47
N CYS A 662 0.43 -39.96 18.25
CA CYS A 662 -0.34 -38.75 17.92
C CYS A 662 -1.09 -38.96 16.59
N ASP A 663 -2.37 -38.63 16.58
CA ASP A 663 -3.21 -38.77 15.36
C ASP A 663 -3.60 -37.37 14.88
N ILE A 664 -4.25 -36.60 15.74
CA ILE A 664 -4.63 -35.20 15.43
C ILE A 664 -3.96 -34.31 16.48
N PRO A 665 -2.94 -33.52 16.11
CA PRO A 665 -2.22 -32.73 17.10
C PRO A 665 -3.07 -31.56 17.60
N ILE A 666 -3.39 -31.58 18.90
CA ILE A 666 -4.20 -30.51 19.54
C ILE A 666 -3.28 -29.46 20.13
N GLY A 667 -2.35 -29.86 20.99
CA GLY A 667 -1.51 -28.87 21.66
C GLY A 667 -0.46 -29.51 22.54
N ALA A 668 -0.18 -28.89 23.68
CA ALA A 668 1.05 -29.09 24.48
C ALA A 668 1.10 -30.53 24.97
N GLY A 669 1.45 -31.45 24.07
CA GLY A 669 1.51 -32.89 24.32
C GLY A 669 0.17 -33.59 24.17
N ILE A 670 -0.88 -32.89 23.76
CA ILE A 670 -2.25 -33.47 23.70
C ILE A 670 -2.62 -33.69 22.24
N CYS A 671 -3.07 -34.91 21.95
CA CYS A 671 -3.53 -35.30 20.60
C CYS A 671 -4.91 -35.94 20.72
N ALA A 672 -5.65 -35.92 19.61
CA ALA A 672 -7.02 -36.50 19.56
C ALA A 672 -7.09 -37.57 18.48
N SER A 673 -8.02 -38.50 18.65
CA SER A 673 -8.23 -39.59 17.68
C SER A 673 -9.62 -40.19 17.84
N TYR A 674 -10.10 -40.81 16.78
CA TYR A 674 -11.41 -41.50 16.74
C TYR A 674 -11.17 -42.98 17.02
N GLN A 675 -11.80 -43.51 18.05
CA GLN A 675 -11.44 -44.87 18.55
C GLN A 675 -12.67 -45.59 19.09
N THR A 676 -12.40 -46.77 19.68
CA THR A 676 -13.39 -47.75 20.17
C THR A 676 -14.23 -48.24 18.98
N SER A 689 -20.41 -46.64 20.03
CA SER A 689 -19.11 -47.11 20.58
C SER A 689 -17.99 -46.15 20.18
N GLN A 690 -17.89 -45.86 18.87
CA GLN A 690 -16.86 -44.96 18.33
C GLN A 690 -16.98 -43.59 19.01
N SER A 691 -15.84 -42.98 19.35
CA SER A 691 -15.84 -41.64 19.94
C SER A 691 -14.50 -40.95 19.71
N ILE A 692 -14.50 -39.63 19.84
CA ILE A 692 -13.27 -38.82 19.77
C ILE A 692 -12.67 -38.73 21.17
N ILE A 693 -11.39 -39.06 21.28
CA ILE A 693 -10.69 -39.02 22.60
C ILE A 693 -9.49 -38.10 22.49
N ALA A 694 -9.13 -37.55 23.63
CA ALA A 694 -7.92 -36.70 23.79
C ALA A 694 -6.99 -37.38 24.79
N TYR A 695 -5.71 -37.35 24.51
CA TYR A 695 -4.72 -38.08 25.33
C TYR A 695 -3.37 -37.41 25.20
N THR A 696 -2.53 -37.62 26.19
CA THR A 696 -1.11 -37.26 26.11
C THR A 696 -0.45 -38.20 25.09
N MET A 697 0.12 -37.63 24.04
CA MET A 697 0.71 -38.45 22.95
C MET A 697 1.88 -39.29 23.50
N SER A 698 1.98 -40.51 23.00
CA SER A 698 3.06 -41.45 23.39
C SER A 698 4.25 -41.22 22.46
N LEU A 699 5.44 -41.11 23.03
CA LEU A 699 6.65 -40.81 22.23
C LEU A 699 7.15 -42.09 21.53
N GLY A 700 6.75 -43.26 22.02
CA GLY A 700 7.08 -44.54 21.39
C GLY A 700 7.27 -45.62 22.43
N ALA A 701 7.56 -46.83 21.96
CA ALA A 701 7.74 -48.02 22.81
C ALA A 701 8.91 -47.78 23.77
N GLU A 702 8.69 -48.05 25.04
CA GLU A 702 9.70 -47.79 26.09
C GLU A 702 10.55 -49.04 26.27
N ASN A 703 11.84 -48.93 25.96
CA ASN A 703 12.72 -50.12 25.82
C ASN A 703 14.04 -49.86 26.54
N SER A 704 14.38 -50.70 27.50
CA SER A 704 15.72 -50.69 28.12
C SER A 704 16.65 -51.62 27.33
N VAL A 705 17.81 -51.10 26.96
CA VAL A 705 18.82 -51.88 26.19
C VAL A 705 19.60 -52.72 27.20
N ALA A 706 19.82 -53.98 26.87
CA ALA A 706 20.46 -54.96 27.79
C ALA A 706 21.96 -54.68 27.85
N TYR A 707 22.34 -53.49 28.28
CA TYR A 707 23.77 -53.08 28.31
C TYR A 707 24.49 -53.83 29.42
N SER A 708 25.74 -54.19 29.13
CA SER A 708 26.68 -54.79 30.11
C SER A 708 28.09 -54.55 29.61
N ASN A 709 29.07 -54.69 30.49
CA ASN A 709 30.47 -54.38 30.13
C ASN A 709 31.07 -55.51 29.29
N ASN A 710 30.39 -56.65 29.16
CA ASN A 710 30.93 -57.78 28.35
C ASN A 710 29.82 -58.44 27.53
N SER A 711 28.78 -57.71 27.17
CA SER A 711 27.65 -58.26 26.39
C SER A 711 27.58 -57.53 25.04
N ILE A 712 27.57 -58.28 23.95
CA ILE A 712 27.42 -57.70 22.60
C ILE A 712 26.32 -58.46 21.87
N ALA A 713 25.46 -57.72 21.16
CA ALA A 713 24.39 -58.32 20.35
C ALA A 713 24.81 -58.21 18.88
N ILE A 714 24.95 -59.35 18.23
CA ILE A 714 25.41 -59.42 16.82
C ILE A 714 24.23 -59.88 15.97
N PRO A 715 23.97 -59.24 14.82
CA PRO A 715 22.95 -59.75 13.90
C PRO A 715 23.35 -61.10 13.30
N THR A 716 22.37 -61.98 13.14
CA THR A 716 22.56 -63.31 12.52
C THR A 716 21.83 -63.38 11.18
N ASN A 717 21.12 -62.32 10.79
CA ASN A 717 20.40 -62.29 9.50
C ASN A 717 20.29 -60.83 9.08
N PHE A 718 19.50 -60.58 8.05
CA PHE A 718 19.27 -59.21 7.55
C PHE A 718 17.98 -59.18 6.75
N THR A 719 17.56 -57.96 6.45
CA THR A 719 16.45 -57.70 5.51
C THR A 719 16.89 -56.59 4.55
N ILE A 720 16.39 -56.67 3.33
CA ILE A 720 16.64 -55.63 2.31
C ILE A 720 15.38 -54.77 2.24
N SER A 721 15.49 -53.52 2.66
CA SER A 721 14.34 -52.61 2.74
C SER A 721 14.43 -51.56 1.64
N VAL A 722 13.37 -51.44 0.86
CA VAL A 722 13.25 -50.38 -0.17
C VAL A 722 12.24 -49.38 0.36
N THR A 723 12.70 -48.17 0.65
CA THR A 723 11.85 -47.10 1.20
C THR A 723 11.72 -45.99 0.18
N THR A 724 10.59 -45.31 0.19
CA THR A 724 10.29 -44.24 -0.78
C THR A 724 10.56 -42.89 -0.13
N GLU A 725 11.30 -42.05 -0.83
CA GLU A 725 11.47 -40.62 -0.47
C GLU A 725 10.94 -39.78 -1.61
N ILE A 726 10.12 -38.79 -1.29
CA ILE A 726 9.46 -37.96 -2.32
C ILE A 726 9.89 -36.52 -2.11
N LEU A 727 10.41 -35.90 -3.15
CA LEU A 727 10.97 -34.53 -3.04
C LEU A 727 10.39 -33.68 -4.16
N PRO A 728 9.76 -32.53 -3.82
CA PRO A 728 9.41 -31.54 -4.83
C PRO A 728 10.67 -31.00 -5.51
N VAL A 729 10.60 -30.84 -6.82
CA VAL A 729 11.75 -30.35 -7.62
C VAL A 729 11.40 -29.01 -8.26
N SER A 730 10.23 -28.89 -8.85
CA SER A 730 9.81 -27.64 -9.53
C SER A 730 8.33 -27.40 -9.27
N MET A 731 7.87 -26.22 -9.61
CA MET A 731 6.43 -25.90 -9.57
C MET A 731 6.03 -25.29 -10.92
N THR A 732 4.74 -25.03 -11.06
CA THR A 732 4.20 -24.51 -12.34
C THR A 732 4.79 -23.13 -12.62
N LYS A 733 5.24 -22.93 -13.85
CA LYS A 733 5.83 -21.64 -14.29
C LYS A 733 4.68 -20.72 -14.66
N THR A 734 4.10 -20.08 -13.67
CA THR A 734 3.02 -19.11 -13.94
C THR A 734 3.63 -17.74 -14.20
N SER A 735 3.10 -17.06 -15.21
CA SER A 735 3.44 -15.66 -15.51
C SER A 735 2.16 -14.84 -15.45
N VAL A 736 2.24 -13.67 -14.85
CA VAL A 736 1.08 -12.76 -14.74
C VAL A 736 1.47 -11.44 -15.37
N ASP A 737 0.76 -11.06 -16.43
CA ASP A 737 0.92 -9.73 -17.05
C ASP A 737 0.35 -8.72 -16.07
N CYS A 738 1.20 -7.87 -15.52
CA CYS A 738 0.78 -6.87 -14.51
C CYS A 738 -0.26 -5.93 -15.12
N THR A 739 -0.04 -5.47 -16.34
CA THR A 739 -0.88 -4.41 -16.95
C THR A 739 -2.30 -4.94 -17.17
N MET A 740 -2.45 -6.11 -17.75
CA MET A 740 -3.81 -6.59 -18.09
C MET A 740 -4.51 -7.15 -16.85
N TYR A 741 -3.76 -7.69 -15.89
CA TYR A 741 -4.37 -8.09 -14.61
C TYR A 741 -4.95 -6.87 -13.91
N ILE A 742 -4.16 -5.81 -13.81
CA ILE A 742 -4.63 -4.58 -13.10
C ILE A 742 -5.63 -3.86 -14.00
N CYS A 743 -5.32 -3.71 -15.28
CA CYS A 743 -6.04 -2.76 -16.16
C CYS A 743 -6.43 -3.42 -17.49
N GLY A 744 -7.10 -4.58 -17.42
CA GLY A 744 -7.52 -5.35 -18.61
C GLY A 744 -8.15 -4.48 -19.69
N ASP A 745 -7.56 -4.51 -20.90
CA ASP A 745 -8.08 -3.88 -22.15
C ASP A 745 -8.52 -2.41 -21.94
N SER A 746 -8.01 -1.73 -20.92
CA SER A 746 -8.39 -0.33 -20.62
C SER A 746 -7.17 0.56 -20.83
N THR A 747 -7.27 1.54 -21.72
CA THR A 747 -6.18 2.50 -21.96
C THR A 747 -6.11 3.54 -20.85
N GLU A 748 -7.25 3.98 -20.34
CA GLU A 748 -7.27 5.00 -19.25
C GLU A 748 -6.61 4.39 -18.01
N CYS A 749 -6.96 3.15 -17.68
CA CYS A 749 -6.40 2.46 -16.49
C CYS A 749 -4.90 2.26 -16.69
N SER A 750 -4.47 1.90 -17.88
CA SER A 750 -3.03 1.69 -18.18
C SER A 750 -2.28 3.02 -18.03
N ASN A 751 -2.86 4.10 -18.53
CA ASN A 751 -2.23 5.44 -18.41
C ASN A 751 -2.11 5.83 -16.94
N LEU A 752 -3.15 5.57 -16.14
CA LEU A 752 -3.08 5.87 -14.69
C LEU A 752 -2.05 4.97 -14.01
N LEU A 753 -1.95 3.71 -14.41
CA LEU A 753 -0.96 2.77 -13.81
C LEU A 753 0.46 3.20 -14.17
N LEU A 754 0.63 3.89 -15.30
CA LEU A 754 1.97 4.41 -15.68
C LEU A 754 2.50 5.39 -14.62
N GLN A 755 1.62 5.97 -13.80
CA GLN A 755 2.06 6.93 -12.75
C GLN A 755 2.91 6.24 -11.67
N TYR A 756 2.91 4.91 -11.60
CA TYR A 756 3.62 4.19 -10.51
C TYR A 756 5.05 3.85 -10.93
N GLY A 757 5.31 3.75 -12.24
CA GLY A 757 6.66 3.49 -12.76
C GLY A 757 6.90 2.01 -12.97
N SER A 758 8.00 1.48 -12.46
CA SER A 758 8.45 0.12 -12.82
C SER A 758 7.83 -0.94 -11.90
N PHE A 759 6.73 -0.62 -11.21
CA PHE A 759 6.01 -1.61 -10.37
C PHE A 759 5.74 -2.87 -11.19
N CYS A 760 5.20 -2.69 -12.39
CA CYS A 760 4.74 -3.82 -13.23
C CYS A 760 5.94 -4.58 -13.80
N THR A 761 6.93 -3.85 -14.30
CA THR A 761 8.11 -4.47 -14.95
C THR A 761 8.88 -5.30 -13.93
N GLN A 762 9.01 -4.82 -12.69
CA GLN A 762 9.78 -5.59 -11.70
C GLN A 762 8.99 -6.82 -11.24
N LEU A 763 7.66 -6.75 -11.17
CA LEU A 763 6.85 -7.96 -10.84
C LEU A 763 7.01 -9.00 -11.96
N ASN A 764 6.95 -8.55 -13.21
CA ASN A 764 7.16 -9.46 -14.37
C ASN A 764 8.57 -10.07 -14.29
N ARG A 765 9.56 -9.26 -13.94
CA ARG A 765 10.96 -9.75 -13.85
C ARG A 765 11.05 -10.82 -12.77
N ALA A 766 10.42 -10.61 -11.62
CA ALA A 766 10.45 -11.58 -10.51
C ALA A 766 9.83 -12.91 -10.96
N LEU A 767 8.67 -12.84 -11.61
CA LEU A 767 7.99 -14.09 -12.03
C LEU A 767 8.81 -14.80 -13.12
N THR A 768 9.43 -14.05 -14.02
CA THR A 768 10.29 -14.65 -15.06
C THR A 768 11.48 -15.36 -14.40
N GLY A 769 12.09 -14.72 -13.40
CA GLY A 769 13.19 -15.33 -12.64
C GLY A 769 12.74 -16.63 -12.01
N ILE A 770 11.52 -16.64 -11.46
CA ILE A 770 10.97 -17.86 -10.80
C ILE A 770 10.86 -18.98 -11.86
N ALA A 771 10.33 -18.67 -13.04
CA ALA A 771 10.12 -19.70 -14.08
C ALA A 771 11.47 -20.26 -14.55
N VAL A 772 12.44 -19.39 -14.81
CA VAL A 772 13.78 -19.84 -15.24
C VAL A 772 14.39 -20.69 -14.12
N GLU A 773 14.15 -20.31 -12.87
CA GLU A 773 14.65 -21.07 -11.70
C GLU A 773 14.02 -22.47 -11.68
N GLN A 774 12.75 -22.60 -12.02
CA GLN A 774 12.09 -23.92 -12.06
C GLN A 774 12.76 -24.80 -13.11
N ASP A 775 13.03 -24.25 -14.30
CA ASP A 775 13.74 -25.01 -15.35
C ASP A 775 15.12 -25.44 -14.84
N LYS A 776 15.83 -24.54 -14.17
CA LYS A 776 17.17 -24.84 -13.63
C LYS A 776 17.07 -25.95 -12.57
N ASN A 777 16.04 -25.92 -11.74
CA ASN A 777 15.82 -26.96 -10.71
C ASN A 777 15.70 -28.33 -11.37
N THR A 778 14.85 -28.43 -12.38
CA THR A 778 14.64 -29.73 -13.07
C THR A 778 15.95 -30.17 -13.72
N GLN A 779 16.66 -29.24 -14.36
CA GLN A 779 17.93 -29.59 -15.04
C GLN A 779 18.94 -30.11 -14.02
N GLU A 780 19.06 -29.44 -12.87
CA GLU A 780 20.07 -29.84 -11.85
C GLU A 780 19.71 -31.20 -11.28
N VAL A 781 18.44 -31.48 -11.03
CA VAL A 781 18.06 -32.77 -10.42
C VAL A 781 18.26 -33.90 -11.43
N PHE A 782 17.78 -33.75 -12.65
CA PHE A 782 17.67 -34.91 -13.57
C PHE A 782 18.81 -34.97 -14.58
N ALA A 783 19.24 -33.85 -15.15
CA ALA A 783 20.32 -33.86 -16.16
C ALA A 783 21.66 -34.07 -15.46
N GLN A 784 21.80 -35.18 -14.75
CA GLN A 784 23.03 -35.51 -14.00
C GLN A 784 23.85 -36.54 -14.79
N VAL A 785 23.43 -36.89 -15.99
CA VAL A 785 24.09 -37.97 -16.77
C VAL A 785 24.40 -37.42 -18.16
N LYS A 786 25.58 -37.72 -18.67
CA LYS A 786 26.07 -37.17 -19.94
C LYS A 786 25.54 -38.02 -21.10
N GLN A 787 25.29 -39.30 -20.87
CA GLN A 787 24.83 -40.21 -21.95
C GLN A 787 23.54 -40.90 -21.54
N ILE A 788 22.75 -41.28 -22.51
CA ILE A 788 21.48 -42.00 -22.26
C ILE A 788 21.78 -43.49 -22.31
N TYR A 789 21.94 -44.09 -21.15
CA TYR A 789 22.36 -45.51 -21.07
C TYR A 789 21.16 -46.42 -21.30
N LYS A 790 21.46 -47.63 -21.75
CA LYS A 790 20.46 -48.70 -21.99
C LYS A 790 20.72 -49.85 -21.04
N THR A 791 19.65 -50.43 -20.54
CA THR A 791 19.70 -51.81 -20.02
C THR A 791 19.75 -52.76 -21.20
N PRO A 792 20.54 -53.84 -21.10
CA PRO A 792 20.65 -54.80 -22.20
C PRO A 792 19.32 -55.50 -22.41
N PRO A 793 19.04 -56.02 -23.63
CA PRO A 793 17.81 -56.76 -23.88
C PRO A 793 17.66 -58.01 -22.98
N ILE A 794 18.77 -58.64 -22.62
CA ILE A 794 18.76 -59.80 -21.69
C ILE A 794 18.93 -59.25 -20.28
N LYS A 795 17.89 -59.34 -19.47
CA LYS A 795 17.91 -58.79 -18.09
C LYS A 795 18.42 -59.85 -17.11
N ASP A 796 19.71 -60.16 -17.17
CA ASP A 796 20.32 -61.15 -16.26
C ASP A 796 21.02 -60.39 -15.14
N PHE A 797 20.27 -60.03 -14.11
CA PHE A 797 20.82 -59.21 -12.99
C PHE A 797 20.95 -60.04 -11.72
N GLY A 798 21.29 -61.33 -11.84
CA GLY A 798 21.53 -62.23 -10.71
C GLY A 798 20.29 -62.50 -9.88
N GLY A 799 19.11 -62.37 -10.49
CA GLY A 799 17.82 -62.65 -9.83
C GLY A 799 17.12 -61.39 -9.35
N PHE A 800 17.79 -60.24 -9.41
CA PHE A 800 17.13 -58.96 -9.06
C PHE A 800 16.23 -58.53 -10.20
N ASN A 801 14.98 -58.21 -9.88
CA ASN A 801 13.94 -57.92 -10.88
C ASN A 801 13.69 -56.42 -10.91
N PHE A 802 14.08 -55.76 -11.98
CA PHE A 802 13.90 -54.30 -12.13
C PHE A 802 12.80 -53.98 -13.15
N SER A 803 11.97 -54.97 -13.50
CA SER A 803 10.96 -54.80 -14.57
C SER A 803 9.97 -53.67 -14.22
N GLN A 804 9.73 -53.45 -12.94
CA GLN A 804 8.68 -52.50 -12.49
C GLN A 804 9.24 -51.09 -12.30
N ILE A 805 10.54 -50.91 -12.39
CA ILE A 805 11.16 -49.56 -12.35
C ILE A 805 11.80 -49.22 -13.69
N LEU A 806 12.11 -50.21 -14.53
CA LEU A 806 12.64 -49.95 -15.88
C LEU A 806 11.50 -49.50 -16.79
N PRO A 807 11.80 -48.77 -17.87
CA PRO A 807 10.74 -48.29 -18.77
C PRO A 807 9.96 -49.45 -19.39
N ASP A 808 8.66 -49.22 -19.56
CA ASP A 808 7.75 -50.19 -20.21
C ASP A 808 7.40 -49.65 -21.60
N PRO A 809 7.96 -50.23 -22.69
CA PRO A 809 7.70 -49.71 -24.02
C PRO A 809 6.22 -49.77 -24.45
N SER A 810 5.44 -50.65 -23.85
CA SER A 810 4.00 -50.82 -24.22
C SER A 810 3.25 -49.52 -23.95
N LYS A 811 3.52 -48.87 -22.82
CA LYS A 811 2.86 -47.60 -22.49
C LYS A 811 3.29 -46.55 -23.52
N PRO A 812 2.36 -45.70 -24.00
CA PRO A 812 2.73 -44.67 -24.98
C PRO A 812 3.85 -43.74 -24.48
N SER A 813 3.79 -43.35 -23.22
CA SER A 813 4.91 -42.66 -22.55
C SER A 813 5.85 -43.73 -21.98
N LYS A 814 7.14 -43.63 -22.26
CA LYS A 814 8.08 -44.72 -21.94
C LYS A 814 8.48 -44.65 -20.46
N ARG A 815 7.46 -44.70 -19.60
CA ARG A 815 7.61 -44.63 -18.14
C ARG A 815 7.51 -46.02 -17.53
N SER A 816 8.05 -46.17 -16.33
CA SER A 816 7.97 -47.44 -15.60
C SER A 816 6.56 -47.65 -15.05
N PHE A 817 6.30 -48.84 -14.55
CA PHE A 817 5.03 -49.15 -13.85
C PHE A 817 4.88 -48.22 -12.64
N ILE A 818 5.94 -48.07 -11.86
CA ILE A 818 5.90 -47.24 -10.62
C ILE A 818 5.76 -45.78 -11.02
N GLU A 819 6.44 -45.34 -12.07
CA GLU A 819 6.32 -43.93 -12.52
C GLU A 819 4.88 -43.65 -12.94
N ASP A 820 4.24 -44.59 -13.63
CA ASP A 820 2.84 -44.39 -14.06
C ASP A 820 1.91 -44.40 -12.84
N LEU A 821 2.20 -45.22 -11.84
CA LEU A 821 1.44 -45.17 -10.58
C LEU A 821 1.60 -43.78 -9.96
N LEU A 822 2.80 -43.20 -10.03
CA LEU A 822 3.07 -41.89 -9.40
C LEU A 822 2.34 -40.78 -10.15
N PHE A 823 2.29 -40.86 -11.48
CA PHE A 823 1.66 -39.78 -12.30
C PHE A 823 0.14 -39.78 -12.19
N ASN A 824 -0.47 -40.90 -11.76
CA ASN A 824 -1.94 -41.00 -11.65
C ASN A 824 -2.40 -40.69 -10.24
N LYS A 825 -1.49 -40.37 -9.32
CA LYS A 825 -1.86 -40.03 -7.91
C LYS A 825 -1.79 -38.54 -7.65
N VAL A 826 -1.05 -37.76 -8.44
CA VAL A 826 -0.96 -36.30 -8.25
C VAL A 826 -1.92 -35.63 -9.23
N THR A 827 -2.95 -34.98 -8.69
CA THR A 827 -4.02 -34.35 -9.51
C THR A 827 -3.86 -32.82 -9.47
N LYS A 854 -6.58 -17.48 -14.90
CA LYS A 854 -6.96 -18.32 -16.06
C LYS A 854 -6.80 -17.54 -17.37
N PHE A 855 -7.51 -16.42 -17.48
CA PHE A 855 -7.50 -15.58 -18.71
C PHE A 855 -7.49 -14.10 -18.34
N ASN A 856 -6.84 -13.75 -17.23
CA ASN A 856 -6.76 -12.35 -16.74
C ASN A 856 -5.30 -11.89 -16.76
N GLY A 857 -4.57 -12.18 -17.84
CA GLY A 857 -3.12 -11.96 -17.92
C GLY A 857 -2.34 -13.07 -17.24
N LEU A 858 -2.99 -14.19 -16.97
CA LEU A 858 -2.36 -15.34 -16.26
C LEU A 858 -2.09 -16.41 -17.30
N THR A 859 -0.82 -16.66 -17.58
CA THR A 859 -0.40 -17.74 -18.50
C THR A 859 0.43 -18.77 -17.75
N VAL A 860 0.41 -19.99 -18.24
CA VAL A 860 1.24 -21.08 -17.69
C VAL A 860 2.21 -21.49 -18.77
N LEU A 861 3.50 -21.31 -18.50
CA LEU A 861 4.57 -21.66 -19.45
C LEU A 861 4.88 -23.13 -19.32
N PRO A 862 4.99 -23.86 -20.44
CA PRO A 862 5.32 -25.28 -20.37
C PRO A 862 6.76 -25.45 -19.89
N PRO A 863 7.05 -26.46 -19.05
CA PRO A 863 8.43 -26.71 -18.64
C PRO A 863 9.34 -27.04 -19.82
N LEU A 864 10.61 -26.67 -19.71
CA LEU A 864 11.59 -26.88 -20.80
C LEU A 864 11.71 -28.39 -21.11
N LEU A 865 11.77 -29.22 -20.07
CA LEU A 865 11.87 -30.69 -20.28
C LEU A 865 10.49 -31.30 -20.13
N THR A 866 10.01 -31.94 -21.18
CA THR A 866 8.73 -32.69 -21.13
C THR A 866 8.86 -33.87 -20.19
N ASP A 867 7.74 -34.40 -19.76
CA ASP A 867 7.71 -35.59 -18.87
C ASP A 867 8.44 -36.76 -19.54
N GLU A 868 8.38 -36.83 -20.87
CA GLU A 868 9.09 -37.90 -21.61
C GLU A 868 10.60 -37.74 -21.44
N MET A 869 11.12 -36.52 -21.47
CA MET A 869 12.58 -36.31 -21.35
C MET A 869 13.03 -36.56 -19.91
N ILE A 870 12.21 -36.21 -18.93
CA ILE A 870 12.55 -36.50 -17.52
C ILE A 870 12.52 -38.01 -17.33
N ALA A 871 11.59 -38.70 -17.97
CA ALA A 871 11.53 -40.18 -17.91
C ALA A 871 12.78 -40.76 -18.57
N GLN A 872 13.27 -40.18 -19.66
CA GLN A 872 14.49 -40.69 -20.32
C GLN A 872 15.70 -40.45 -19.42
N TYR A 873 15.78 -39.31 -18.74
CA TYR A 873 16.85 -39.08 -17.73
C TYR A 873 16.78 -40.14 -16.64
N THR A 874 15.61 -40.40 -16.08
CA THR A 874 15.50 -41.38 -14.97
C THR A 874 15.86 -42.76 -15.50
N SER A 875 15.46 -43.08 -16.73
CA SER A 875 15.79 -44.38 -17.36
C SER A 875 17.31 -44.50 -17.53
N ALA A 876 17.95 -43.44 -17.99
CA ALA A 876 19.42 -43.45 -18.21
C ALA A 876 20.13 -43.63 -16.87
N LEU A 877 19.70 -42.90 -15.84
CA LEU A 877 20.33 -43.00 -14.50
C LEU A 877 20.14 -44.41 -13.96
N LEU A 878 18.94 -44.96 -14.08
CA LEU A 878 18.62 -46.30 -13.56
C LEU A 878 19.44 -47.36 -14.33
N ALA A 879 19.53 -47.24 -15.65
CA ALA A 879 20.29 -48.20 -16.48
C ALA A 879 21.77 -48.12 -16.12
N GLY A 880 22.30 -46.91 -15.94
CA GLY A 880 23.71 -46.76 -15.54
C GLY A 880 23.96 -47.39 -14.17
N THR A 881 23.07 -47.17 -13.22
CA THR A 881 23.20 -47.76 -11.88
C THR A 881 23.17 -49.28 -11.98
N ILE A 882 22.25 -49.82 -12.77
CA ILE A 882 22.05 -51.30 -12.84
C ILE A 882 23.23 -51.94 -13.56
N THR A 883 23.74 -51.33 -14.62
CA THR A 883 24.72 -51.99 -15.50
C THR A 883 26.17 -51.65 -15.10
N SER A 884 26.40 -50.54 -14.42
CA SER A 884 27.79 -50.06 -14.17
C SER A 884 28.03 -49.65 -12.72
N GLY A 885 27.03 -49.69 -11.85
CA GLY A 885 27.23 -49.27 -10.45
C GLY A 885 27.46 -47.79 -10.34
N TRP A 886 28.43 -47.38 -9.54
CA TRP A 886 28.74 -45.95 -9.35
C TRP A 886 29.78 -45.46 -10.36
N THR A 887 30.28 -46.32 -11.23
CA THR A 887 31.40 -45.94 -12.12
C THR A 887 30.95 -44.89 -13.12
N PHE A 888 29.71 -44.95 -13.58
CA PHE A 888 29.20 -43.99 -14.60
C PHE A 888 29.08 -42.59 -14.00
N GLY A 889 29.01 -42.46 -12.67
CA GLY A 889 28.92 -41.15 -12.01
C GLY A 889 30.27 -40.48 -11.94
N ALA A 890 31.35 -41.24 -11.97
CA ALA A 890 32.71 -40.70 -11.79
C ALA A 890 33.41 -40.55 -13.14
N GLY A 891 32.97 -41.29 -14.15
CA GLY A 891 33.59 -41.23 -15.49
C GLY A 891 32.84 -42.06 -16.50
N ALA A 892 33.56 -42.82 -17.32
CA ALA A 892 32.94 -43.75 -18.30
C ALA A 892 32.21 -44.86 -17.53
N ALA A 893 31.10 -45.32 -18.09
CA ALA A 893 30.30 -46.41 -17.48
C ALA A 893 31.08 -47.71 -17.63
N LEU A 894 31.34 -48.38 -16.51
CA LEU A 894 32.08 -49.66 -16.50
C LEU A 894 31.13 -50.78 -16.16
N GLN A 895 30.85 -51.64 -17.14
CA GLN A 895 29.92 -52.76 -16.92
C GLN A 895 30.50 -53.67 -15.83
N ILE A 896 29.63 -54.18 -14.99
CA ILE A 896 30.02 -55.11 -13.90
C ILE A 896 28.78 -55.95 -13.60
N PRO A 897 28.92 -57.27 -13.38
CA PRO A 897 27.75 -58.08 -13.03
C PRO A 897 27.06 -57.53 -11.78
N PHE A 898 25.74 -57.52 -11.79
CA PHE A 898 24.96 -56.85 -10.72
C PHE A 898 25.22 -57.55 -9.38
N ALA A 899 25.45 -58.85 -9.39
CA ALA A 899 25.84 -59.58 -8.17
C ALA A 899 27.15 -58.99 -7.62
N MET A 900 28.12 -58.74 -8.49
CA MET A 900 29.42 -58.23 -8.01
C MET A 900 29.28 -56.77 -7.56
N GLN A 901 28.40 -56.01 -8.18
CA GLN A 901 28.11 -54.64 -7.70
C GLN A 901 27.49 -54.71 -6.31
N MET A 902 26.57 -55.65 -6.11
CA MET A 902 25.93 -55.83 -4.80
C MET A 902 26.98 -56.25 -3.77
N ALA A 903 27.98 -57.01 -4.18
CA ALA A 903 29.09 -57.41 -3.29
C ALA A 903 29.95 -56.19 -2.95
N TYR A 904 30.23 -55.35 -3.95
CA TYR A 904 30.90 -54.05 -3.73
C TYR A 904 30.16 -53.27 -2.64
N ARG A 905 28.84 -53.18 -2.75
CA ARG A 905 28.04 -52.34 -1.84
C ARG A 905 27.98 -52.97 -0.45
N PHE A 906 27.93 -54.30 -0.38
CA PHE A 906 28.00 -55.01 0.91
C PHE A 906 29.34 -54.70 1.58
N ASN A 907 30.43 -54.75 0.83
CA ASN A 907 31.75 -54.34 1.34
C ASN A 907 31.68 -52.89 1.82
N GLY A 908 30.96 -52.05 1.09
CA GLY A 908 30.80 -50.63 1.46
C GLY A 908 30.14 -50.46 2.81
N ILE A 909 29.17 -51.29 3.13
CA ILE A 909 28.43 -51.16 4.43
C ILE A 909 29.08 -52.04 5.50
N GLY A 910 30.28 -52.56 5.26
CA GLY A 910 31.05 -53.27 6.30
C GLY A 910 30.67 -54.74 6.43
N VAL A 911 30.05 -55.33 5.40
CA VAL A 911 29.74 -56.79 5.40
C VAL A 911 30.55 -57.43 4.29
N THR A 912 31.17 -58.56 4.59
CA THR A 912 31.99 -59.29 3.59
C THR A 912 31.12 -59.76 2.43
N GLN A 913 31.71 -59.83 1.25
CA GLN A 913 30.97 -60.14 0.01
C GLN A 913 30.53 -61.60 -0.01
N ASN A 914 31.17 -62.45 0.76
CA ASN A 914 30.74 -63.87 0.90
C ASN A 914 29.32 -63.90 1.45
N VAL A 915 28.94 -62.93 2.26
CA VAL A 915 27.57 -62.88 2.83
C VAL A 915 26.59 -62.67 1.69
N LEU A 916 26.91 -61.78 0.75
CA LEU A 916 26.06 -61.65 -0.45
C LEU A 916 26.04 -62.96 -1.23
N TYR A 917 27.21 -63.47 -1.60
CA TYR A 917 27.27 -64.58 -2.59
C TYR A 917 26.64 -65.85 -2.03
N GLU A 918 26.75 -66.07 -0.73
CA GLU A 918 26.19 -67.28 -0.08
C GLU A 918 24.69 -67.08 0.15
N ASN A 919 24.22 -65.84 0.21
CA ASN A 919 22.79 -65.52 0.44
C ASN A 919 22.21 -64.75 -0.74
N GLN A 920 22.72 -64.98 -1.96
CA GLN A 920 22.39 -64.12 -3.12
C GLN A 920 20.89 -64.13 -3.40
N LYS A 921 20.30 -65.30 -3.53
CA LYS A 921 18.91 -65.44 -4.02
C LYS A 921 17.92 -65.04 -2.94
N LEU A 922 18.25 -65.28 -1.67
CA LEU A 922 17.45 -64.71 -0.55
C LEU A 922 17.42 -63.20 -0.69
N ILE A 923 18.56 -62.58 -0.98
CA ILE A 923 18.64 -61.10 -1.06
C ILE A 923 17.86 -60.62 -2.29
N ALA A 924 17.95 -61.36 -3.40
CA ALA A 924 17.20 -61.01 -4.62
C ALA A 924 15.69 -61.08 -4.32
N ASN A 925 15.26 -62.12 -3.62
CA ASN A 925 13.82 -62.28 -3.27
C ASN A 925 13.38 -61.15 -2.35
N GLN A 926 14.20 -60.79 -1.38
CA GLN A 926 13.85 -59.69 -0.44
C GLN A 926 13.70 -58.39 -1.23
N PHE A 927 14.62 -58.11 -2.14
CA PHE A 927 14.56 -56.89 -2.97
C PHE A 927 13.28 -56.89 -3.81
N ASN A 928 12.97 -58.03 -4.43
CA ASN A 928 11.78 -58.13 -5.31
C ASN A 928 10.51 -57.90 -4.48
N SER A 929 10.44 -58.52 -3.30
CA SER A 929 9.27 -58.38 -2.41
C SER A 929 9.14 -56.92 -1.96
N ALA A 930 10.26 -56.25 -1.67
CA ALA A 930 10.23 -54.83 -1.24
C ALA A 930 9.72 -53.96 -2.39
N ILE A 931 10.12 -54.25 -3.63
CA ILE A 931 9.61 -53.47 -4.79
C ILE A 931 8.11 -53.72 -4.93
N GLY A 932 7.66 -54.96 -4.76
CA GLY A 932 6.22 -55.28 -4.81
C GLY A 932 5.45 -54.51 -3.75
N LYS A 933 6.00 -54.43 -2.54
CA LYS A 933 5.37 -53.67 -1.44
C LYS A 933 5.35 -52.19 -1.78
N ILE A 934 6.37 -51.68 -2.47
CA ILE A 934 6.36 -50.27 -2.92
C ILE A 934 5.19 -50.06 -3.86
N GLN A 935 5.00 -50.98 -4.80
CA GLN A 935 3.85 -50.90 -5.74
C GLN A 935 2.55 -50.89 -4.94
N ASP A 936 2.39 -51.81 -4.00
CA ASP A 936 1.13 -51.95 -3.22
C ASP A 936 0.88 -50.68 -2.42
N SER A 937 1.91 -50.09 -1.84
CA SER A 937 1.79 -48.83 -1.06
C SER A 937 1.36 -47.69 -1.99
N LEU A 938 1.94 -47.61 -3.18
CA LEU A 938 1.62 -46.48 -4.10
C LEU A 938 0.25 -46.68 -4.73
N SER A 939 -0.21 -47.92 -4.90
CA SER A 939 -1.48 -48.21 -5.60
C SER A 939 -2.68 -48.00 -4.69
N SER A 940 -2.50 -47.88 -3.38
CA SER A 940 -3.65 -47.83 -2.43
C SER A 940 -3.60 -46.63 -1.48
N THR A 941 -2.51 -45.86 -1.43
CA THR A 941 -2.38 -44.71 -0.51
C THR A 941 -2.02 -43.47 -1.32
N ALA A 942 -2.97 -42.55 -1.46
CA ALA A 942 -2.74 -41.26 -2.17
C ALA A 942 -1.81 -40.38 -1.34
N SER A 943 -2.02 -40.32 -0.03
CA SER A 943 -1.32 -39.37 0.88
C SER A 943 0.19 -39.61 0.82
N ALA A 944 0.63 -40.75 0.28
CA ALA A 944 2.06 -41.04 0.09
C ALA A 944 2.74 -39.91 -0.69
N LEU A 945 2.10 -39.45 -1.76
CA LEU A 945 2.68 -38.37 -2.62
C LEU A 945 2.17 -37.02 -2.15
N GLY A 946 1.66 -36.97 -0.91
CA GLY A 946 1.08 -35.74 -0.35
C GLY A 946 1.97 -34.53 -0.57
N LYS A 947 3.27 -34.67 -0.31
CA LYS A 947 4.22 -33.54 -0.43
C LYS A 947 4.06 -32.88 -1.80
N LEU A 948 4.17 -33.66 -2.87
CA LEU A 948 4.05 -33.07 -4.23
C LEU A 948 2.69 -32.41 -4.35
N GLN A 949 1.64 -33.10 -3.91
CA GLN A 949 0.28 -32.55 -4.01
C GLN A 949 0.23 -31.20 -3.27
N ASP A 950 0.88 -31.10 -2.12
CA ASP A 950 0.88 -29.82 -1.36
C ASP A 950 1.33 -28.70 -2.29
N VAL A 951 2.45 -28.89 -2.98
CA VAL A 951 2.96 -27.85 -3.89
C VAL A 951 1.87 -27.52 -4.90
N VAL A 952 1.30 -28.53 -5.54
CA VAL A 952 0.27 -28.31 -6.60
C VAL A 952 -0.90 -27.56 -5.98
N ASN A 953 -1.22 -27.85 -4.72
CA ASN A 953 -2.31 -27.11 -4.04
C ASN A 953 -1.87 -25.67 -3.77
N GLN A 954 -0.70 -25.50 -3.18
CA GLN A 954 -0.29 -24.18 -2.62
C GLN A 954 -0.19 -23.15 -3.74
N ASN A 955 0.28 -23.56 -4.91
CA ASN A 955 0.27 -22.67 -6.09
C ASN A 955 -1.17 -22.35 -6.47
N ALA A 956 -1.99 -23.36 -6.70
CA ALA A 956 -3.34 -23.18 -7.27
C ALA A 956 -4.16 -22.27 -6.36
N GLN A 957 -4.15 -22.56 -5.06
CA GLN A 957 -4.84 -21.71 -4.06
C GLN A 957 -4.41 -20.26 -4.28
N ALA A 958 -3.11 -20.01 -4.30
CA ALA A 958 -2.59 -18.63 -4.50
C ALA A 958 -3.21 -18.04 -5.76
N LEU A 959 -3.12 -18.77 -6.88
CA LEU A 959 -3.69 -18.27 -8.15
C LEU A 959 -5.17 -17.95 -7.95
N ASN A 960 -5.93 -18.85 -7.35
CA ASN A 960 -7.35 -18.60 -7.08
C ASN A 960 -7.49 -17.28 -6.34
N THR A 961 -6.77 -17.13 -5.23
CA THR A 961 -6.84 -15.90 -4.43
C THR A 961 -6.60 -14.69 -5.34
N LEU A 962 -5.55 -14.75 -6.15
CA LEU A 962 -5.21 -13.61 -7.04
C LEU A 962 -6.42 -13.27 -7.90
N VAL A 963 -7.01 -14.26 -8.56
CA VAL A 963 -8.14 -13.99 -9.48
C VAL A 963 -9.33 -13.48 -8.67
N LYS A 964 -9.51 -13.99 -7.46
CA LYS A 964 -10.64 -13.54 -6.62
C LYS A 964 -10.50 -12.06 -6.30
N GLN A 965 -9.27 -11.56 -6.21
CA GLN A 965 -9.05 -10.13 -5.90
C GLN A 965 -9.51 -9.25 -7.05
N LEU A 966 -9.73 -9.80 -8.24
CA LEU A 966 -10.30 -8.99 -9.34
C LEU A 966 -11.77 -8.68 -9.08
N SER A 967 -12.42 -9.43 -8.18
CA SER A 967 -13.86 -9.24 -7.88
C SER A 967 -14.07 -8.30 -6.70
N SER A 968 -13.01 -7.71 -6.15
CA SER A 968 -13.10 -6.83 -4.96
C SER A 968 -13.21 -5.37 -5.40
N ASN A 969 -13.91 -4.58 -4.61
CA ASN A 969 -14.12 -3.14 -4.92
C ASN A 969 -12.90 -2.33 -4.47
N PHE A 970 -12.30 -2.69 -3.33
CA PHE A 970 -11.19 -1.93 -2.71
C PHE A 970 -11.62 -0.49 -2.40
N GLY A 971 -12.92 -0.27 -2.22
CA GLY A 971 -13.49 1.06 -1.94
C GLY A 971 -14.08 1.73 -3.17
N ALA A 972 -13.90 1.20 -4.37
CA ALA A 972 -14.52 1.77 -5.59
C ALA A 972 -16.02 1.49 -5.60
N ILE A 973 -16.71 2.13 -6.52
CA ILE A 973 -18.18 1.94 -6.70
C ILE A 973 -18.44 0.54 -7.26
N SER A 974 -17.53 0.02 -8.07
CA SER A 974 -17.73 -1.31 -8.70
C SER A 974 -16.38 -1.99 -8.87
N SER A 975 -16.37 -3.30 -8.73
CA SER A 975 -15.15 -4.11 -8.97
C SER A 975 -14.88 -4.19 -10.47
N VAL A 976 -15.92 -4.13 -11.29
CA VAL A 976 -15.76 -4.21 -12.76
C VAL A 976 -15.21 -2.88 -13.26
N LEU A 977 -14.05 -2.91 -13.88
CA LEU A 977 -13.43 -1.69 -14.45
C LEU A 977 -14.28 -1.14 -15.59
N ASN A 978 -14.76 -2.01 -16.48
CA ASN A 978 -15.54 -1.60 -17.66
C ASN A 978 -16.89 -1.00 -17.24
N ASP A 979 -17.40 -1.37 -16.08
CA ASP A 979 -18.68 -0.79 -15.59
C ASP A 979 -18.42 0.59 -14.95
N ILE A 980 -17.18 0.96 -14.73
CA ILE A 980 -16.89 2.34 -14.23
C ILE A 980 -16.78 3.29 -15.42
N LEU A 981 -15.95 2.96 -16.39
CA LEU A 981 -15.74 3.82 -17.58
C LEU A 981 -17.07 4.05 -18.29
N SER A 982 -17.93 3.04 -18.35
CA SER A 982 -19.23 3.16 -19.05
C SER A 982 -20.17 4.10 -18.26
N ARG A 983 -19.98 4.24 -16.96
CA ARG A 983 -20.96 4.99 -16.13
C ARG A 983 -20.40 6.34 -15.68
N LEU A 984 -19.11 6.63 -15.87
CA LEU A 984 -18.52 7.86 -15.29
C LEU A 984 -17.70 8.61 -16.33
N ASP A 985 -17.61 9.92 -16.11
CA ASP A 985 -16.73 10.84 -16.87
C ASP A 985 -15.30 10.70 -16.36
N PRO A 986 -14.29 10.90 -17.23
CA PRO A 986 -12.90 10.67 -16.84
C PRO A 986 -12.49 11.34 -15.54
N PRO A 987 -12.83 12.62 -15.26
CA PRO A 987 -12.47 13.20 -13.96
C PRO A 987 -13.00 12.44 -12.75
N GLU A 988 -14.21 11.88 -12.83
CA GLU A 988 -14.81 11.11 -11.72
C GLU A 988 -14.42 9.64 -11.79
N ALA A 989 -14.29 9.07 -12.99
CA ALA A 989 -13.86 7.67 -13.15
C ALA A 989 -12.41 7.52 -12.67
N GLU A 990 -11.64 8.59 -12.68
CA GLU A 990 -10.20 8.51 -12.34
C GLU A 990 -10.02 8.05 -10.89
N VAL A 991 -10.84 8.56 -9.98
CA VAL A 991 -10.68 8.23 -8.53
C VAL A 991 -11.00 6.74 -8.31
N GLN A 992 -12.09 6.26 -8.90
CA GLN A 992 -12.48 4.85 -8.73
C GLN A 992 -11.43 3.94 -9.38
N ILE A 993 -10.91 4.33 -10.53
CA ILE A 993 -9.87 3.51 -11.21
C ILE A 993 -8.59 3.53 -10.37
N ASP A 994 -8.29 4.64 -9.73
CA ASP A 994 -7.11 4.72 -8.83
C ASP A 994 -7.29 3.75 -7.65
N ARG A 995 -8.49 3.71 -7.08
CA ARG A 995 -8.77 2.76 -5.97
C ARG A 995 -8.57 1.33 -6.46
N LEU A 996 -9.13 1.00 -7.60
CA LEU A 996 -9.00 -0.37 -8.17
C LEU A 996 -7.53 -0.69 -8.44
N ILE A 997 -6.80 0.28 -9.00
CA ILE A 997 -5.36 0.08 -9.33
C ILE A 997 -4.58 -0.20 -8.05
N THR A 998 -4.81 0.59 -7.02
CA THR A 998 -4.08 0.40 -5.73
C THR A 998 -4.38 -1.00 -5.20
N GLY A 999 -5.65 -1.39 -5.16
CA GLY A 999 -6.03 -2.70 -4.62
C GLY A 999 -5.42 -3.84 -5.41
N ARG A 1000 -5.52 -3.78 -6.73
CA ARG A 1000 -5.05 -4.89 -7.60
C ARG A 1000 -3.52 -4.93 -7.61
N LEU A 1001 -2.87 -3.78 -7.54
CA LEU A 1001 -1.39 -3.73 -7.45
C LEU A 1001 -0.94 -4.37 -6.14
N GLN A 1002 -1.62 -4.07 -5.04
CA GLN A 1002 -1.26 -4.67 -3.72
C GLN A 1002 -1.48 -6.19 -3.79
N SER A 1003 -2.57 -6.62 -4.39
CA SER A 1003 -2.88 -8.07 -4.53
C SER A 1003 -1.77 -8.76 -5.34
N LEU A 1004 -1.37 -8.15 -6.45
CA LEU A 1004 -0.34 -8.75 -7.33
C LEU A 1004 1.01 -8.78 -6.61
N GLN A 1005 1.32 -7.72 -5.87
CA GLN A 1005 2.60 -7.68 -5.10
C GLN A 1005 2.60 -8.79 -4.05
N THR A 1006 1.48 -8.98 -3.36
CA THR A 1006 1.35 -10.06 -2.35
C THR A 1006 1.60 -11.40 -3.04
N TYR A 1007 0.95 -11.63 -4.17
CA TYR A 1007 1.11 -12.90 -4.91
C TYR A 1007 2.59 -13.11 -5.27
N VAL A 1008 3.24 -12.09 -5.79
CA VAL A 1008 4.63 -12.23 -6.28
C VAL A 1008 5.57 -12.49 -5.09
N THR A 1009 5.34 -11.83 -3.97
CA THR A 1009 6.21 -12.03 -2.78
C THR A 1009 6.05 -13.45 -2.24
N GLN A 1010 4.82 -13.92 -2.10
CA GLN A 1010 4.58 -15.30 -1.61
C GLN A 1010 5.18 -16.29 -2.61
N GLN A 1011 5.09 -16.01 -3.90
CA GLN A 1011 5.67 -16.93 -4.92
C GLN A 1011 7.20 -16.92 -4.84
N LEU A 1012 7.82 -15.78 -4.55
CA LEU A 1012 9.29 -15.73 -4.39
C LEU A 1012 9.70 -16.59 -3.19
N ILE A 1013 8.98 -16.49 -2.09
CA ILE A 1013 9.31 -17.29 -0.87
C ILE A 1013 9.09 -18.77 -1.17
N ARG A 1014 8.00 -19.10 -1.84
CA ARG A 1014 7.69 -20.52 -2.17
C ARG A 1014 8.74 -21.04 -3.16
N ALA A 1015 9.23 -20.19 -4.06
CA ALA A 1015 10.27 -20.57 -5.02
C ALA A 1015 11.57 -20.84 -4.27
N ALA A 1016 11.88 -20.06 -3.24
CA ALA A 1016 13.06 -20.33 -2.40
C ALA A 1016 12.92 -21.70 -1.75
N GLU A 1017 11.75 -22.01 -1.22
CA GLU A 1017 11.50 -23.33 -0.59
C GLU A 1017 11.69 -24.44 -1.63
N ILE A 1018 11.14 -24.28 -2.82
CA ILE A 1018 11.22 -25.33 -3.87
C ILE A 1018 12.67 -25.45 -4.35
N ARG A 1019 13.41 -24.36 -4.40
CA ARG A 1019 14.83 -24.41 -4.81
C ARG A 1019 15.63 -25.19 -3.76
N ALA A 1020 15.35 -24.96 -2.47
CA ALA A 1020 16.03 -25.73 -1.40
C ALA A 1020 15.71 -27.22 -1.58
N SER A 1021 14.45 -27.55 -1.83
CA SER A 1021 14.02 -28.95 -2.01
C SER A 1021 14.72 -29.56 -3.23
N ALA A 1022 14.83 -28.79 -4.32
CA ALA A 1022 15.44 -29.28 -5.58
C ALA A 1022 16.94 -29.46 -5.39
N ASN A 1023 17.58 -28.59 -4.62
CA ASN A 1023 19.02 -28.74 -4.30
C ASN A 1023 19.21 -30.01 -3.50
N LEU A 1024 18.34 -30.28 -2.53
CA LEU A 1024 18.42 -31.53 -1.74
C LEU A 1024 18.23 -32.72 -2.68
N ALA A 1025 17.28 -32.64 -3.61
CA ALA A 1025 17.01 -33.74 -4.56
C ALA A 1025 18.23 -33.97 -5.46
N ALA A 1026 18.87 -32.90 -5.92
CA ALA A 1026 20.08 -33.02 -6.77
C ALA A 1026 21.21 -33.66 -5.96
N THR A 1027 21.37 -33.26 -4.72
CA THR A 1027 22.42 -33.84 -3.84
C THR A 1027 22.12 -35.32 -3.62
N LYS A 1028 20.86 -35.68 -3.42
CA LYS A 1028 20.49 -37.10 -3.23
C LYS A 1028 20.72 -37.89 -4.52
N MET A 1029 20.45 -37.29 -5.67
CA MET A 1029 20.73 -37.96 -6.96
C MET A 1029 22.25 -38.20 -7.09
N SER A 1030 23.06 -37.20 -6.74
CA SER A 1030 24.54 -37.31 -6.88
C SER A 1030 25.07 -38.35 -5.89
N GLU A 1031 24.73 -38.23 -4.62
CA GLU A 1031 25.39 -38.99 -3.54
C GLU A 1031 24.68 -40.32 -3.28
N CYS A 1032 23.53 -40.57 -3.88
CA CYS A 1032 22.66 -41.68 -3.43
C CYS A 1032 22.35 -42.60 -4.60
N VAL A 1033 22.16 -42.04 -5.78
CA VAL A 1033 21.94 -42.85 -7.01
C VAL A 1033 23.27 -43.08 -7.72
N LEU A 1034 24.11 -42.05 -7.82
CA LEU A 1034 25.39 -42.15 -8.55
C LEU A 1034 26.50 -42.68 -7.62
N GLY A 1035 26.17 -42.99 -6.38
CA GLY A 1035 27.16 -43.56 -5.44
C GLY A 1035 26.50 -44.24 -4.26
N GLN A 1036 27.32 -44.68 -3.32
CA GLN A 1036 26.84 -45.26 -2.06
C GLN A 1036 27.19 -44.30 -0.93
N SER A 1037 26.19 -43.90 -0.16
CA SER A 1037 26.33 -42.84 0.85
C SER A 1037 26.62 -43.46 2.22
N LYS A 1038 27.66 -42.98 2.89
CA LYS A 1038 27.94 -43.34 4.30
C LYS A 1038 27.16 -42.44 5.26
N ARG A 1039 26.57 -41.36 4.77
CA ARG A 1039 25.83 -40.41 5.63
C ARG A 1039 24.59 -41.12 6.19
N VAL A 1040 24.40 -41.04 7.49
CA VAL A 1040 23.33 -41.81 8.17
C VAL A 1040 21.98 -41.14 7.87
N ASP A 1041 21.01 -41.95 7.47
CA ASP A 1041 19.61 -41.52 7.21
C ASP A 1041 19.52 -40.52 6.07
N PHE A 1042 20.61 -40.21 5.38
CA PHE A 1042 20.54 -39.38 4.17
C PHE A 1042 19.81 -40.15 3.06
N CYS A 1043 19.95 -41.46 3.06
CA CYS A 1043 19.35 -42.33 2.03
C CYS A 1043 18.48 -43.39 2.68
N GLY A 1044 17.74 -42.99 3.71
CA GLY A 1044 16.67 -43.81 4.30
C GLY A 1044 17.15 -44.70 5.43
N LYS A 1045 16.19 -45.42 6.02
CA LYS A 1045 16.44 -46.34 7.14
C LYS A 1045 17.50 -47.39 6.77
N GLY A 1046 18.50 -47.52 7.61
CA GLY A 1046 19.49 -48.63 7.56
C GLY A 1046 20.78 -48.21 6.89
N TYR A 1047 21.56 -49.20 6.47
CA TYR A 1047 22.84 -48.97 5.77
C TYR A 1047 22.57 -48.91 4.28
N HIS A 1048 22.82 -47.76 3.68
CA HIS A 1048 22.48 -47.53 2.26
C HIS A 1048 23.25 -48.52 1.37
N LEU A 1049 22.52 -49.23 0.52
CA LEU A 1049 23.12 -50.07 -0.54
C LEU A 1049 23.06 -49.32 -1.87
N MET A 1050 21.88 -48.90 -2.28
CA MET A 1050 21.75 -48.16 -3.55
C MET A 1050 20.43 -47.42 -3.56
N SER A 1051 20.22 -46.61 -4.59
CA SER A 1051 18.96 -45.84 -4.76
C SER A 1051 18.59 -45.85 -6.23
N PHE A 1052 17.29 -45.79 -6.49
CA PHE A 1052 16.76 -45.75 -7.87
C PHE A 1052 15.86 -44.53 -7.98
N PRO A 1053 16.09 -43.64 -8.97
CA PRO A 1053 15.21 -42.50 -9.17
C PRO A 1053 14.00 -42.85 -10.05
N GLN A 1054 12.89 -42.17 -9.76
CA GLN A 1054 11.67 -42.23 -10.57
C GLN A 1054 11.12 -40.83 -10.69
N SER A 1055 10.71 -40.45 -11.90
CA SER A 1055 10.09 -39.13 -12.13
C SER A 1055 8.69 -39.12 -11.52
N ALA A 1056 8.29 -37.98 -11.00
CA ALA A 1056 6.93 -37.76 -10.48
C ALA A 1056 6.50 -36.36 -10.90
N PRO A 1057 5.19 -36.08 -10.96
CA PRO A 1057 4.73 -34.75 -11.35
C PRO A 1057 5.37 -33.66 -10.49
N HIS A 1058 6.25 -32.87 -11.12
CA HIS A 1058 7.00 -31.77 -10.48
C HIS A 1058 7.82 -32.30 -9.30
N GLY A 1059 8.45 -33.45 -9.45
CA GLY A 1059 9.29 -33.96 -8.35
C GLY A 1059 9.96 -35.26 -8.67
N VAL A 1060 10.68 -35.77 -7.68
CA VAL A 1060 11.46 -37.01 -7.83
C VAL A 1060 11.10 -37.95 -6.68
N VAL A 1061 11.20 -39.24 -6.96
CA VAL A 1061 10.93 -40.31 -5.96
C VAL A 1061 12.14 -41.22 -5.94
N PHE A 1062 12.78 -41.32 -4.79
CA PHE A 1062 13.96 -42.18 -4.60
C PHE A 1062 13.53 -43.46 -3.91
N LEU A 1063 13.76 -44.59 -4.55
CA LEU A 1063 13.62 -45.92 -3.91
C LEU A 1063 14.99 -46.26 -3.32
N HIS A 1064 15.11 -46.11 -2.01
CA HIS A 1064 16.37 -46.39 -1.28
C HIS A 1064 16.37 -47.87 -0.89
N VAL A 1065 17.29 -48.62 -1.46
CA VAL A 1065 17.56 -50.02 -1.07
C VAL A 1065 18.62 -49.99 0.00
N THR A 1066 18.28 -50.43 1.20
CA THR A 1066 19.17 -50.40 2.37
C THR A 1066 19.18 -51.76 3.05
N TYR A 1067 20.23 -51.98 3.83
CA TYR A 1067 20.48 -53.23 4.57
C TYR A 1067 20.14 -53.00 6.02
N VAL A 1068 19.19 -53.76 6.55
CA VAL A 1068 18.77 -53.64 7.96
C VAL A 1068 19.08 -54.96 8.65
N PRO A 1069 19.99 -54.98 9.65
CA PRO A 1069 20.21 -56.20 10.41
C PRO A 1069 18.93 -56.68 11.10
N ALA A 1070 18.67 -57.98 11.07
CA ALA A 1070 17.33 -58.51 11.40
C ALA A 1070 17.32 -59.35 12.68
N GLN A 1071 18.07 -60.45 12.72
CA GLN A 1071 17.95 -61.43 13.83
C GLN A 1071 19.18 -61.33 14.72
N GLU A 1072 18.99 -60.70 15.87
CA GLU A 1072 20.09 -60.37 16.79
C GLU A 1072 20.29 -61.52 17.77
N LYS A 1073 21.51 -61.64 18.28
CA LYS A 1073 21.82 -62.69 19.28
C LYS A 1073 22.84 -62.15 20.27
N ASN A 1074 22.64 -62.47 21.54
CA ASN A 1074 23.57 -62.09 22.62
C ASN A 1074 24.82 -62.96 22.56
N PHE A 1075 25.96 -62.35 22.87
CA PHE A 1075 27.25 -63.06 23.04
C PHE A 1075 28.04 -62.37 24.14
N THR A 1076 28.93 -63.11 24.76
CA THR A 1076 29.94 -62.51 25.67
C THR A 1076 31.02 -61.88 24.79
N THR A 1077 31.58 -60.78 25.21
CA THR A 1077 32.59 -60.10 24.37
C THR A 1077 33.79 -59.69 25.22
N ALA A 1078 34.91 -59.51 24.56
CA ALA A 1078 36.17 -59.09 25.19
C ALA A 1078 36.89 -58.12 24.26
N PRO A 1079 37.49 -57.05 24.78
CA PRO A 1079 38.26 -56.13 23.92
C PRO A 1079 39.51 -56.77 23.31
N ALA A 1080 40.15 -57.70 24.02
CA ALA A 1080 41.38 -58.35 23.54
C ALA A 1080 41.49 -59.74 24.14
N ILE A 1081 42.55 -60.45 23.78
CA ILE A 1081 42.79 -61.85 24.20
C ILE A 1081 44.26 -62.04 24.53
N CYS A 1082 44.53 -62.75 25.60
CA CYS A 1082 45.90 -63.13 25.99
C CYS A 1082 46.25 -64.50 25.42
N HIS A 1083 47.42 -64.62 24.81
CA HIS A 1083 47.90 -65.95 24.35
C HIS A 1083 49.16 -66.37 25.11
N ASP A 1084 50.21 -65.57 25.02
CA ASP A 1084 51.52 -65.87 25.68
C ASP A 1084 52.04 -64.60 26.32
N GLY A 1085 51.18 -63.92 27.07
CA GLY A 1085 51.46 -62.57 27.59
C GLY A 1085 51.24 -61.50 26.54
N LYS A 1086 50.95 -61.86 25.30
CA LYS A 1086 50.65 -60.87 24.24
C LYS A 1086 49.17 -60.59 24.20
N ALA A 1087 48.81 -59.35 23.90
CA ALA A 1087 47.41 -58.92 23.76
C ALA A 1087 47.04 -58.95 22.28
N HIS A 1088 46.06 -59.76 21.92
CA HIS A 1088 45.58 -59.88 20.54
C HIS A 1088 44.30 -59.08 20.36
N PHE A 1089 44.27 -58.24 19.34
CA PHE A 1089 43.09 -57.43 18.99
C PHE A 1089 42.59 -57.87 17.62
N PRO A 1090 41.27 -57.83 17.38
CA PRO A 1090 40.72 -58.26 16.10
C PRO A 1090 41.18 -57.32 14.98
N ARG A 1091 41.66 -57.89 13.88
CA ARG A 1091 42.09 -57.09 12.71
C ARG A 1091 40.87 -56.31 12.18
N GLU A 1092 39.77 -57.02 11.97
CA GLU A 1092 38.42 -56.40 11.87
C GLU A 1092 37.41 -57.39 12.43
N GLY A 1093 36.38 -56.85 13.08
CA GLY A 1093 35.40 -57.65 13.82
C GLY A 1093 35.65 -57.60 15.32
N VAL A 1094 34.96 -58.48 16.03
CA VAL A 1094 34.99 -58.50 17.52
C VAL A 1094 35.13 -59.93 17.99
N PHE A 1095 35.67 -60.10 19.18
CA PHE A 1095 35.73 -61.41 19.85
C PHE A 1095 34.39 -61.67 20.51
N VAL A 1096 33.78 -62.80 20.17
CA VAL A 1096 32.47 -63.20 20.72
C VAL A 1096 32.58 -64.61 21.27
N SER A 1097 31.95 -64.83 22.41
CA SER A 1097 31.87 -66.15 23.07
C SER A 1097 30.41 -66.57 23.11
N ASN A 1098 30.13 -67.77 22.60
CA ASN A 1098 28.78 -68.36 22.66
C ASN A 1098 28.53 -68.92 24.06
N GLY A 1099 29.56 -68.96 24.91
CA GLY A 1099 29.43 -69.40 26.31
C GLY A 1099 30.59 -70.28 26.72
N THR A 1100 31.24 -70.96 25.79
CA THR A 1100 32.36 -71.86 26.12
C THR A 1100 33.57 -71.58 25.24
N HIS A 1101 33.36 -71.12 24.01
CA HIS A 1101 34.43 -70.97 23.02
C HIS A 1101 34.47 -69.55 22.50
N TRP A 1102 35.67 -69.10 22.12
CA TRP A 1102 35.88 -67.72 21.63
C TRP A 1102 36.10 -67.75 20.13
N PHE A 1103 35.41 -66.87 19.43
CA PHE A 1103 35.58 -66.67 17.97
C PHE A 1103 35.79 -65.20 17.70
N VAL A 1104 36.14 -64.89 16.47
CA VAL A 1104 36.17 -63.49 15.98
C VAL A 1104 35.21 -63.42 14.80
N THR A 1105 34.32 -62.45 14.82
CA THR A 1105 33.27 -62.31 13.80
C THR A 1105 33.29 -60.90 13.24
N GLN A 1106 32.73 -60.73 12.05
CA GLN A 1106 32.47 -59.38 11.52
C GLN A 1106 31.34 -58.76 12.33
N ARG A 1107 31.35 -57.44 12.42
CA ARG A 1107 30.52 -56.71 13.40
C ARG A 1107 29.05 -56.69 12.96
N ASN A 1108 28.77 -56.69 11.67
CA ASN A 1108 27.40 -56.47 11.15
C ASN A 1108 26.73 -57.80 10.80
N PHE A 1109 27.38 -58.93 11.00
CA PHE A 1109 26.82 -60.25 10.63
C PHE A 1109 27.55 -61.32 11.40
N TYR A 1110 26.80 -62.21 12.04
CA TYR A 1110 27.41 -63.26 12.89
C TYR A 1110 27.98 -64.34 11.97
N GLU A 1111 29.29 -64.30 11.77
CA GLU A 1111 30.03 -65.35 11.03
C GLU A 1111 31.24 -65.70 11.88
N PRO A 1112 31.07 -66.56 12.91
CA PRO A 1112 32.17 -66.84 13.82
C PRO A 1112 33.30 -67.58 13.11
N GLN A 1113 34.53 -67.24 13.47
CA GLN A 1113 35.74 -67.87 12.90
C GLN A 1113 36.73 -68.17 14.02
N ILE A 1114 37.55 -69.18 13.80
CA ILE A 1114 38.62 -69.53 14.77
C ILE A 1114 39.59 -68.36 14.88
N ILE A 1115 39.92 -67.99 16.10
CA ILE A 1115 40.83 -66.86 16.36
C ILE A 1115 42.25 -67.31 16.01
N THR A 1116 42.80 -66.76 14.95
CA THR A 1116 44.17 -67.10 14.49
C THR A 1116 45.01 -65.84 14.47
N THR A 1117 46.31 -66.01 14.25
CA THR A 1117 47.24 -64.86 14.14
C THR A 1117 46.97 -64.11 12.84
N ASP A 1118 46.27 -64.71 11.88
CA ASP A 1118 45.84 -64.00 10.64
C ASP A 1118 44.56 -63.21 10.89
N ASN A 1119 43.82 -63.54 11.94
CA ASN A 1119 42.56 -62.82 12.28
C ASN A 1119 42.83 -61.65 13.21
N THR A 1120 43.98 -61.63 13.88
CA THR A 1120 44.26 -60.67 14.97
C THR A 1120 45.64 -60.04 14.77
N PHE A 1121 45.91 -59.00 15.55
CA PHE A 1121 47.25 -58.37 15.61
C PHE A 1121 47.64 -58.18 17.07
N VAL A 1122 48.93 -58.21 17.32
CA VAL A 1122 49.51 -58.15 18.69
C VAL A 1122 49.89 -56.70 18.99
N SER A 1123 49.60 -56.25 20.20
CA SER A 1123 49.99 -54.90 20.68
C SER A 1123 50.19 -54.93 22.18
N GLY A 1124 51.45 -54.85 22.62
CA GLY A 1124 51.82 -54.79 24.05
C GLY A 1124 51.50 -56.10 24.76
N ASN A 1125 51.12 -56.01 26.04
CA ASN A 1125 50.94 -57.21 26.89
C ASN A 1125 49.58 -57.14 27.59
N CYS A 1126 49.36 -58.08 28.48
CA CYS A 1126 48.02 -58.33 29.08
C CYS A 1126 47.68 -57.28 30.14
N ASP A 1127 48.64 -56.55 30.68
CA ASP A 1127 48.42 -55.76 31.90
C ASP A 1127 47.56 -54.52 31.59
N VAL A 1128 47.77 -53.93 30.43
CA VAL A 1128 47.20 -52.59 30.10
C VAL A 1128 45.70 -52.69 29.85
N VAL A 1129 45.26 -53.72 29.13
CA VAL A 1129 43.87 -53.74 28.58
C VAL A 1129 42.88 -54.07 29.70
N ILE A 1130 41.83 -53.28 29.81
CA ILE A 1130 40.73 -53.56 30.77
C ILE A 1130 39.75 -54.53 30.11
N GLY A 1131 39.49 -55.65 30.77
CA GLY A 1131 38.51 -56.65 30.29
C GLY A 1131 39.13 -57.70 29.38
N ILE A 1132 40.46 -57.77 29.29
CA ILE A 1132 41.12 -58.81 28.46
C ILE A 1132 40.79 -60.19 29.04
N VAL A 1133 40.68 -61.18 28.16
CA VAL A 1133 40.37 -62.57 28.58
C VAL A 1133 41.45 -63.50 28.09
N ASN A 1134 41.54 -64.66 28.72
CA ASN A 1134 42.52 -65.70 28.33
C ASN A 1134 41.91 -66.60 27.27
N ASN A 1135 42.69 -66.91 26.24
CA ASN A 1135 42.27 -67.87 25.20
C ASN A 1135 43.51 -68.31 24.42
N THR A 1136 43.32 -69.22 23.48
CA THR A 1136 44.40 -69.65 22.56
C THR A 1136 44.20 -68.99 21.22
N VAL A 1137 45.30 -68.57 20.62
CA VAL A 1137 45.30 -67.96 19.26
C VAL A 1137 45.98 -68.94 18.33
N TYR A 1138 45.20 -69.55 17.45
CA TYR A 1138 45.72 -70.54 16.49
C TYR A 1138 46.81 -69.91 15.62
N ASP A 1139 47.89 -70.64 15.43
CA ASP A 1139 48.95 -70.24 14.47
C ASP A 1139 48.83 -71.12 13.24
N PRO A 1140 48.37 -70.60 12.09
CA PRO A 1140 48.17 -71.45 10.92
C PRO A 1140 49.45 -72.17 10.45
N LEU A 1141 50.61 -71.59 10.70
CA LEU A 1141 51.89 -72.19 10.27
C LEU A 1141 52.21 -73.41 11.11
N GLN A 1142 51.94 -73.37 12.41
CA GLN A 1142 52.52 -74.34 13.38
C GLN A 1142 52.26 -75.78 12.97
N PRO A 1143 51.03 -76.21 12.60
CA PRO A 1143 50.85 -77.60 12.15
C PRO A 1143 51.71 -77.98 10.94
N GLU A 1144 51.88 -77.08 9.98
CA GLU A 1144 52.69 -77.36 8.78
C GLU A 1144 54.17 -77.43 9.18
N LEU A 1145 54.65 -76.45 9.93
CA LEU A 1145 56.08 -76.37 10.34
C LEU A 1145 56.42 -77.57 11.22
N ASP A 1146 55.49 -78.02 12.05
CA ASP A 1146 55.74 -79.13 12.98
C ASP A 1146 56.06 -80.41 12.20
N SER A 1147 55.41 -80.59 11.04
CA SER A 1147 55.65 -81.76 10.17
C SER A 1147 57.03 -81.62 9.51
N GLN B 14 4.18 41.02 -58.07
CA GLN B 14 3.53 40.61 -59.36
C GLN B 14 3.22 39.13 -59.38
N CYS B 15 2.07 38.76 -58.82
CA CYS B 15 1.65 37.34 -58.71
C CYS B 15 1.47 36.73 -60.10
N VAL B 16 2.15 35.62 -60.37
CA VAL B 16 2.13 34.99 -61.71
C VAL B 16 1.80 33.51 -61.56
N ASN B 17 1.22 32.93 -62.60
CA ASN B 17 0.94 31.48 -62.69
C ASN B 17 2.05 30.83 -63.51
N LEU B 18 2.65 29.77 -62.99
CA LEU B 18 3.67 28.99 -63.73
C LEU B 18 3.30 27.51 -63.66
N THR B 19 3.28 26.84 -64.81
CA THR B 19 2.69 25.48 -64.90
C THR B 19 3.57 24.46 -65.61
N THR B 20 4.56 24.86 -66.41
CA THR B 20 5.34 23.91 -67.21
C THR B 20 6.20 23.04 -66.29
N ARG B 21 5.75 21.82 -66.03
CA ARG B 21 6.45 20.93 -65.07
C ARG B 21 6.62 19.52 -65.63
N THR B 22 5.75 19.08 -66.54
CA THR B 22 5.75 17.67 -67.04
C THR B 22 5.67 16.72 -65.84
N GLN B 23 4.56 16.79 -65.11
CA GLN B 23 4.42 16.09 -63.82
C GLN B 23 4.61 14.58 -64.00
N LEU B 24 4.93 13.91 -62.92
CA LEU B 24 5.17 12.45 -62.88
C LEU B 24 4.62 11.90 -61.57
N PRO B 25 4.24 10.60 -61.53
CA PRO B 25 3.73 10.00 -60.30
C PRO B 25 4.78 10.08 -59.20
N PRO B 26 4.37 10.30 -57.93
CA PRO B 26 5.31 10.65 -56.87
C PRO B 26 6.45 9.64 -56.72
N ALA B 27 7.67 10.13 -56.68
CA ALA B 27 8.88 9.32 -56.39
C ALA B 27 8.98 9.12 -54.87
N TYR B 28 9.65 8.07 -54.47
CA TYR B 28 9.82 7.73 -53.04
C TYR B 28 11.24 7.24 -52.79
N THR B 29 11.69 7.43 -51.57
CA THR B 29 13.07 7.11 -51.16
C THR B 29 13.04 6.55 -49.75
N ASN B 30 14.11 5.86 -49.38
CA ASN B 30 14.25 5.24 -48.04
C ASN B 30 15.01 6.20 -47.13
N SER B 31 14.52 6.37 -45.90
CA SER B 31 15.17 7.20 -44.87
C SER B 31 15.98 6.29 -43.95
N PHE B 32 17.24 6.07 -44.29
CA PHE B 32 18.11 5.12 -43.55
C PHE B 32 18.51 5.74 -42.21
N THR B 33 17.68 5.54 -41.20
CA THR B 33 17.95 5.99 -39.80
C THR B 33 18.29 7.48 -39.78
N ARG B 34 17.44 8.28 -40.40
CA ARG B 34 17.64 9.74 -40.50
C ARG B 34 16.38 10.45 -40.00
N GLY B 35 16.58 11.59 -39.35
CA GLY B 35 15.49 12.45 -38.86
C GLY B 35 15.32 12.34 -37.36
N VAL B 36 16.41 12.20 -36.63
CA VAL B 36 16.37 12.18 -35.15
C VAL B 36 16.91 13.52 -34.65
N TYR B 37 16.31 14.02 -33.58
CA TYR B 37 16.66 15.33 -33.00
C TYR B 37 16.79 15.18 -31.49
N TYR B 38 17.51 16.11 -30.88
CA TYR B 38 17.64 16.17 -29.41
C TYR B 38 16.26 16.52 -28.85
N PRO B 39 15.54 15.57 -28.23
CA PRO B 39 14.16 15.82 -27.83
C PRO B 39 13.99 16.95 -26.79
N ASP B 40 15.02 17.19 -25.98
CA ASP B 40 14.94 18.19 -24.88
C ASP B 40 16.27 18.92 -24.77
N LYS B 41 16.32 19.92 -23.89
CA LYS B 41 17.52 20.78 -23.72
C LYS B 41 18.41 20.22 -22.61
N VAL B 42 18.32 18.92 -22.33
CA VAL B 42 19.07 18.30 -21.20
C VAL B 42 20.31 17.62 -21.76
N PHE B 43 21.47 17.97 -21.22
CA PHE B 43 22.76 17.33 -21.57
C PHE B 43 22.79 15.94 -20.95
N ARG B 44 23.27 14.96 -21.70
CA ARG B 44 23.43 13.57 -21.21
C ARG B 44 24.70 12.98 -21.83
N SER B 45 25.43 12.19 -21.05
CA SER B 45 26.72 11.61 -21.49
C SER B 45 26.74 10.11 -21.21
N SER B 46 27.10 9.32 -22.21
CA SER B 46 27.28 7.85 -22.09
C SER B 46 26.03 7.22 -21.48
N VAL B 47 24.87 7.48 -22.05
CA VAL B 47 23.60 6.93 -21.52
C VAL B 47 22.70 6.52 -22.69
N LEU B 48 21.98 5.43 -22.50
CA LEU B 48 20.92 5.01 -23.44
C LEU B 48 19.60 5.50 -22.88
N HIS B 49 19.06 6.55 -23.48
CA HIS B 49 17.84 7.22 -22.96
C HIS B 49 16.65 6.90 -23.86
N SER B 50 15.54 6.51 -23.25
CA SER B 50 14.30 6.14 -23.98
C SER B 50 13.36 7.34 -23.99
N THR B 51 12.98 7.78 -25.18
CA THR B 51 12.10 8.96 -25.36
C THR B 51 10.89 8.59 -26.18
N GLN B 52 9.71 8.93 -25.67
CA GLN B 52 8.43 8.84 -26.43
C GLN B 52 8.16 10.21 -27.03
N ASP B 53 8.37 10.35 -28.33
CA ASP B 53 8.20 11.67 -28.97
C ASP B 53 7.92 11.49 -30.45
N LEU B 54 7.69 12.59 -31.14
CA LEU B 54 7.36 12.57 -32.58
C LEU B 54 8.66 12.48 -33.38
N PHE B 55 8.94 11.29 -33.91
CA PHE B 55 10.16 11.03 -34.70
C PHE B 55 9.76 10.56 -36.08
N LEU B 56 10.67 10.70 -37.03
CA LEU B 56 10.48 10.08 -38.35
C LEU B 56 10.84 8.61 -38.21
N PRO B 57 9.89 7.69 -38.43
CA PRO B 57 10.16 6.26 -38.27
C PRO B 57 11.31 5.79 -39.17
N PHE B 58 12.13 4.88 -38.66
CA PHE B 58 13.28 4.34 -39.41
C PHE B 58 12.79 3.58 -40.65
N PHE B 59 13.53 3.76 -41.74
CA PHE B 59 13.33 3.01 -43.00
C PHE B 59 11.90 3.21 -43.50
N SER B 60 11.46 4.47 -43.53
CA SER B 60 10.10 4.85 -43.98
C SER B 60 10.16 5.57 -45.32
N ASN B 61 9.05 5.52 -46.04
CA ASN B 61 8.91 6.22 -47.33
C ASN B 61 8.98 7.74 -47.10
N VAL B 62 9.91 8.40 -47.78
CA VAL B 62 10.01 9.88 -47.79
C VAL B 62 9.79 10.32 -49.23
N THR B 63 8.81 11.18 -49.45
CA THR B 63 8.45 11.61 -50.82
C THR B 63 9.55 12.49 -51.40
N TRP B 64 9.87 12.27 -52.67
CA TRP B 64 11.00 12.93 -53.36
C TRP B 64 10.46 13.96 -54.34
N PHE B 65 10.64 15.23 -54.04
CA PHE B 65 10.27 16.31 -54.97
C PHE B 65 11.51 16.84 -55.67
N HIS B 66 11.35 17.06 -56.97
CA HIS B 66 12.46 17.43 -57.90
C HIS B 66 12.28 18.88 -58.32
N ALA B 67 13.39 19.61 -58.38
CA ALA B 67 13.50 20.90 -59.10
C ALA B 67 14.67 20.76 -60.05
N ILE B 68 14.39 20.35 -61.29
CA ILE B 68 15.46 20.11 -62.31
C ILE B 68 14.96 20.63 -63.64
N HIS B 69 15.85 21.22 -64.42
CA HIS B 69 15.55 21.65 -65.80
C HIS B 69 15.61 20.45 -66.75
N LYS B 77 12.32 21.95 -67.98
CA LYS B 77 11.47 22.77 -67.07
C LYS B 77 10.59 21.87 -66.20
N ARG B 78 11.20 21.27 -65.18
CA ARG B 78 10.46 20.47 -64.17
C ARG B 78 10.57 21.19 -62.83
N PHE B 79 9.42 21.54 -62.25
CA PHE B 79 9.37 22.16 -60.91
C PHE B 79 8.28 21.47 -60.12
N ASP B 80 8.63 20.98 -58.94
CA ASP B 80 7.68 20.36 -58.00
C ASP B 80 7.63 21.21 -56.74
N ASN B 81 6.51 21.87 -56.50
CA ASN B 81 6.29 22.63 -55.25
C ASN B 81 4.80 22.57 -54.89
N PRO B 82 4.24 21.36 -54.70
CA PRO B 82 2.83 21.26 -54.35
C PRO B 82 2.63 21.64 -52.88
N VAL B 83 1.39 22.00 -52.57
CA VAL B 83 1.02 22.41 -51.19
C VAL B 83 0.73 21.13 -50.40
N LEU B 84 1.74 20.66 -49.68
CA LEU B 84 1.70 19.37 -48.95
C LEU B 84 0.90 19.50 -47.66
N PRO B 85 0.32 18.39 -47.18
CA PRO B 85 -0.25 18.37 -45.83
C PRO B 85 0.84 18.43 -44.76
N PHE B 86 0.54 19.13 -43.67
CA PHE B 86 1.43 19.22 -42.49
C PHE B 86 0.78 18.43 -41.36
N ASN B 87 1.09 17.14 -41.29
CA ASN B 87 0.60 16.28 -40.19
C ASN B 87 1.41 16.56 -38.92
N ASP B 88 1.24 15.71 -37.92
CA ASP B 88 1.84 15.81 -36.57
C ASP B 88 3.24 16.47 -36.62
N GLY B 89 4.06 16.10 -37.60
CA GLY B 89 5.35 16.77 -37.83
C GLY B 89 5.81 16.61 -39.24
N VAL B 90 6.88 17.32 -39.61
CA VAL B 90 7.46 17.21 -40.96
C VAL B 90 8.98 17.15 -40.85
N TYR B 91 9.59 16.26 -41.62
CA TYR B 91 11.05 16.21 -41.81
C TYR B 91 11.33 16.61 -43.26
N PHE B 92 11.99 17.75 -43.42
CA PHE B 92 12.31 18.32 -44.75
C PHE B 92 13.82 18.22 -44.95
N ALA B 93 14.26 17.37 -45.86
CA ALA B 93 15.71 17.19 -46.13
C ALA B 93 15.99 17.56 -47.58
N SER B 94 16.71 18.66 -47.79
CA SER B 94 17.05 19.15 -49.15
C SER B 94 18.53 18.90 -49.42
N THR B 95 18.83 18.09 -50.42
CA THR B 95 20.21 17.96 -50.94
C THR B 95 20.35 18.92 -52.11
N GLU B 96 21.39 19.74 -52.08
CA GLU B 96 21.47 20.87 -53.04
C GLU B 96 22.90 21.38 -53.15
N LYS B 97 23.17 22.10 -54.22
CA LYS B 97 24.47 22.78 -54.44
C LYS B 97 24.29 24.24 -54.88
N SER B 98 23.17 24.57 -55.51
CA SER B 98 22.95 25.93 -56.09
C SER B 98 22.11 26.81 -55.16
N ASN B 99 21.81 26.36 -53.93
CA ASN B 99 21.05 27.16 -52.93
C ASN B 99 19.68 27.56 -53.51
N ILE B 100 18.92 26.59 -54.00
CA ILE B 100 17.58 26.90 -54.58
C ILE B 100 16.54 26.97 -53.46
N ILE B 101 16.49 25.97 -52.60
CA ILE B 101 15.44 25.89 -51.56
C ILE B 101 15.66 27.06 -50.58
N ARG B 102 14.81 28.08 -50.68
CA ARG B 102 14.88 29.26 -49.80
C ARG B 102 13.47 29.58 -49.29
N GLY B 103 13.08 28.94 -48.19
CA GLY B 103 11.85 29.32 -47.48
C GLY B 103 10.86 28.19 -47.32
N TRP B 104 9.88 28.44 -46.45
CA TRP B 104 8.75 27.54 -46.20
C TRP B 104 7.51 28.35 -45.80
N ILE B 105 6.36 27.76 -46.04
CA ILE B 105 5.03 28.39 -45.80
C ILE B 105 4.17 27.40 -45.01
N PHE B 106 3.56 27.88 -43.95
CA PHE B 106 2.67 27.06 -43.09
C PHE B 106 1.34 27.78 -42.95
N GLY B 107 0.27 27.02 -42.82
CA GLY B 107 -1.06 27.59 -42.57
C GLY B 107 -2.14 26.55 -42.63
N THR B 108 -3.37 26.99 -42.43
CA THR B 108 -4.54 26.11 -42.60
C THR B 108 -5.12 26.30 -44.01
N THR B 109 -5.18 27.53 -44.49
CA THR B 109 -5.86 27.85 -45.77
C THR B 109 -4.91 28.53 -46.76
N LEU B 110 -3.98 29.36 -46.29
CA LEU B 110 -3.01 30.13 -47.13
C LEU B 110 -3.73 31.13 -48.05
N ASP B 111 -4.94 31.56 -47.70
CA ASP B 111 -5.68 32.55 -48.56
C ASP B 111 -5.95 33.84 -47.79
N SER B 112 -5.20 34.10 -46.71
CA SER B 112 -5.34 35.28 -45.81
C SER B 112 -6.64 35.20 -45.00
N LYS B 113 -7.46 34.18 -45.19
CA LYS B 113 -8.67 34.00 -44.34
C LYS B 113 -8.24 33.52 -42.95
N THR B 114 -7.12 32.81 -42.88
CA THR B 114 -6.60 32.24 -41.61
C THR B 114 -5.14 32.63 -41.46
N GLN B 115 -4.70 32.73 -40.22
CA GLN B 115 -3.31 33.15 -39.87
C GLN B 115 -2.31 32.19 -40.52
N SER B 116 -1.24 32.74 -41.09
CA SER B 116 -0.24 31.95 -41.82
C SER B 116 1.18 32.35 -41.40
N LEU B 117 2.12 31.42 -41.57
CA LEU B 117 3.52 31.59 -41.12
C LEU B 117 4.44 31.48 -42.33
N LEU B 118 5.46 32.33 -42.37
CA LEU B 118 6.38 32.47 -43.52
C LEU B 118 7.82 32.50 -42.99
N ILE B 119 8.69 31.71 -43.60
CA ILE B 119 10.12 31.69 -43.21
C ILE B 119 10.98 31.82 -44.48
N VAL B 120 11.59 32.98 -44.69
CA VAL B 120 12.45 33.17 -45.89
C VAL B 120 13.86 33.55 -45.45
N ASN B 121 14.85 32.99 -46.15
CA ASN B 121 16.28 33.21 -45.86
C ASN B 121 16.83 34.24 -46.84
N ASN B 122 17.28 35.38 -46.32
CA ASN B 122 18.08 36.36 -47.10
C ASN B 122 19.55 36.13 -46.80
N ALA B 123 20.42 36.64 -47.66
CA ALA B 123 21.88 36.62 -47.45
C ALA B 123 22.20 37.18 -46.05
N THR B 124 22.62 36.31 -45.14
CA THR B 124 22.98 36.66 -43.74
C THR B 124 21.77 37.26 -43.01
N ASN B 125 20.58 36.71 -43.24
CA ASN B 125 19.36 37.16 -42.52
C ASN B 125 18.27 36.11 -42.64
N VAL B 126 17.38 36.08 -41.66
CA VAL B 126 16.14 35.26 -41.76
C VAL B 126 14.95 36.15 -41.43
N VAL B 127 13.83 35.87 -42.08
CA VAL B 127 12.56 36.58 -41.83
C VAL B 127 11.51 35.52 -41.53
N ILE B 128 10.96 35.56 -40.32
CA ILE B 128 9.87 34.63 -39.92
C ILE B 128 8.67 35.48 -39.53
N LYS B 129 7.72 35.63 -40.43
CA LYS B 129 6.56 36.52 -40.20
C LYS B 129 5.29 35.71 -40.10
N VAL B 130 4.48 36.03 -39.12
CA VAL B 130 3.15 35.39 -38.95
C VAL B 130 2.10 36.41 -39.36
N CYS B 131 1.70 36.38 -40.62
CA CYS B 131 0.69 37.32 -41.15
C CYS B 131 -0.43 36.55 -41.83
N GLU B 132 -1.49 37.27 -42.17
CA GLU B 132 -2.52 36.78 -43.11
C GLU B 132 -2.08 37.21 -44.50
N PHE B 133 -1.59 36.25 -45.27
CA PHE B 133 -1.01 36.50 -46.62
C PHE B 133 -2.04 36.08 -47.67
N GLN B 134 -2.26 36.95 -48.66
CA GLN B 134 -3.00 36.57 -49.88
C GLN B 134 -2.00 35.83 -50.78
N PHE B 135 -1.70 34.59 -50.41
CA PHE B 135 -0.66 33.81 -51.11
C PHE B 135 -1.06 33.56 -52.56
N CYS B 136 -0.06 33.39 -53.40
CA CYS B 136 -0.25 32.97 -54.81
C CYS B 136 -0.54 31.48 -54.86
N ASN B 137 -1.08 31.03 -55.98
CA ASN B 137 -1.24 29.58 -56.26
C ASN B 137 0.16 28.95 -56.33
N ASP B 138 1.14 29.66 -56.88
CA ASP B 138 2.53 29.19 -57.01
C ASP B 138 3.46 30.25 -56.45
N PRO B 139 3.59 30.35 -55.12
CA PRO B 139 4.54 31.31 -54.53
C PRO B 139 5.99 30.85 -54.77
N PHE B 140 6.87 31.81 -54.98
CA PHE B 140 8.30 31.52 -55.22
C PHE B 140 9.12 32.79 -55.03
N LEU B 141 10.41 32.67 -55.29
CA LEU B 141 11.34 33.82 -55.37
C LEU B 141 12.11 33.75 -56.68
N GLY B 142 12.58 34.90 -57.15
CA GLY B 142 13.26 34.98 -58.45
C GLY B 142 14.70 35.45 -58.33
N VAL B 143 15.60 34.80 -59.05
CA VAL B 143 17.02 35.20 -59.11
C VAL B 143 17.40 35.32 -60.58
N TYR B 144 17.98 36.46 -60.95
CA TYR B 144 18.42 36.68 -62.35
C TYR B 144 19.89 36.30 -62.51
N MET B 153 20.46 39.07 -59.71
CA MET B 153 20.59 38.28 -58.45
C MET B 153 19.49 38.70 -57.47
N GLU B 154 18.77 37.72 -56.92
CA GLU B 154 17.72 37.93 -55.89
C GLU B 154 16.67 38.91 -56.43
N SER B 155 16.23 38.70 -57.68
CA SER B 155 15.45 39.70 -58.44
C SER B 155 14.03 39.83 -57.85
N GLU B 156 13.35 38.71 -57.63
CA GLU B 156 11.90 38.75 -57.34
C GLU B 156 11.59 38.21 -55.95
N PHE B 157 10.53 38.74 -55.35
CA PHE B 157 9.99 38.30 -54.05
C PHE B 157 8.49 38.02 -54.21
N ARG B 158 8.15 37.26 -55.25
CA ARG B 158 6.74 37.05 -55.65
C ARG B 158 6.16 35.87 -54.87
N VAL B 159 5.77 36.14 -53.63
CA VAL B 159 5.12 35.12 -52.76
C VAL B 159 3.67 35.50 -52.52
N TYR B 160 3.44 36.67 -51.93
CA TYR B 160 2.10 37.10 -51.48
C TYR B 160 1.79 38.46 -52.09
N SER B 161 0.56 38.64 -52.55
CA SER B 161 0.08 39.96 -53.05
C SER B 161 -0.04 40.92 -51.87
N SER B 162 -0.68 40.48 -50.79
CA SER B 162 -0.88 41.30 -49.58
C SER B 162 -0.42 40.51 -48.35
N ALA B 163 0.09 41.22 -47.36
CA ALA B 163 0.61 40.64 -46.11
C ALA B 163 -0.13 41.31 -44.95
N ASN B 164 -1.45 41.28 -44.99
CA ASN B 164 -2.25 42.24 -44.20
C ASN B 164 -2.15 41.94 -42.70
N ASN B 165 -2.54 42.93 -41.90
CA ASN B 165 -2.90 42.82 -40.46
C ASN B 165 -2.02 41.78 -39.77
N CYS B 166 -0.71 41.96 -39.85
CA CYS B 166 0.31 41.00 -39.35
C CYS B 166 0.27 40.86 -37.83
N THR B 167 1.09 39.94 -37.33
CA THR B 167 1.15 39.52 -35.91
C THR B 167 2.61 39.16 -35.63
N PHE B 168 2.87 38.28 -34.67
CA PHE B 168 4.23 37.93 -34.17
C PHE B 168 5.24 37.81 -35.31
N GLU B 169 6.40 38.41 -35.11
CA GLU B 169 7.49 38.50 -36.13
C GLU B 169 8.82 38.12 -35.49
N TYR B 170 9.75 37.64 -36.30
CA TYR B 170 11.10 37.24 -35.81
C TYR B 170 12.14 37.47 -36.90
N VAL B 171 13.32 37.90 -36.49
CA VAL B 171 14.51 38.00 -37.35
C VAL B 171 15.72 37.45 -36.60
N SER B 172 16.59 36.77 -37.33
CA SER B 172 17.81 36.16 -36.75
C SER B 172 18.80 35.84 -37.87
N GLN B 173 19.84 35.10 -37.52
CA GLN B 173 20.84 34.63 -38.51
C GLN B 173 20.16 33.67 -39.48
N PRO B 174 20.68 33.54 -40.71
CA PRO B 174 20.06 32.65 -41.70
C PRO B 174 20.07 31.19 -41.23
N PHE B 175 19.01 30.47 -41.55
CA PHE B 175 18.86 29.04 -41.17
C PHE B 175 19.86 28.18 -41.93
N LEU B 176 19.94 28.37 -43.25
CA LEU B 176 20.81 27.55 -44.11
C LEU B 176 21.89 28.44 -44.72
N MET B 177 23.12 27.95 -44.71
CA MET B 177 24.28 28.69 -45.27
C MET B 177 25.26 27.70 -45.86
N ASP B 178 26.19 28.20 -46.67
CA ASP B 178 27.21 27.35 -47.33
C ASP B 178 28.13 26.74 -46.27
N LEU B 179 28.49 27.53 -45.25
CA LEU B 179 29.40 27.09 -44.17
C LEU B 179 28.75 27.09 -42.82
N ASN B 185 27.96 17.52 -58.32
CA ASN B 185 27.37 16.80 -57.17
C ASN B 185 26.80 17.78 -56.14
N PHE B 186 25.98 17.27 -55.23
CA PHE B 186 25.42 18.05 -54.12
C PHE B 186 26.44 18.10 -53.00
N LYS B 187 26.98 19.27 -52.73
CA LYS B 187 28.00 19.42 -51.66
C LYS B 187 27.34 19.37 -50.29
N ASN B 188 26.09 19.82 -50.17
CA ASN B 188 25.46 20.01 -48.84
C ASN B 188 24.06 19.41 -48.80
N LEU B 189 23.78 18.70 -47.72
CA LEU B 189 22.43 18.23 -47.36
C LEU B 189 21.96 18.98 -46.13
N ARG B 190 20.74 19.46 -46.16
CA ARG B 190 20.16 20.28 -45.07
C ARG B 190 18.92 19.56 -44.53
N GLU B 191 18.98 19.12 -43.29
CA GLU B 191 17.85 18.45 -42.61
C GLU B 191 17.15 19.46 -41.72
N PHE B 192 15.82 19.44 -41.73
CA PHE B 192 15.00 20.25 -40.82
C PHE B 192 13.86 19.40 -40.30
N VAL B 193 13.48 19.65 -39.06
CA VAL B 193 12.27 19.03 -38.46
C VAL B 193 11.39 20.15 -37.93
N PHE B 194 10.14 20.16 -38.37
CA PHE B 194 9.13 21.14 -37.92
C PHE B 194 8.07 20.40 -37.12
N LYS B 195 7.86 20.83 -35.88
CA LYS B 195 6.79 20.28 -35.03
C LYS B 195 5.95 21.44 -34.50
N ASN B 196 4.65 21.39 -34.76
CA ASN B 196 3.71 22.40 -34.23
C ASN B 196 3.02 21.82 -33.02
N ILE B 197 3.54 22.11 -31.83
CA ILE B 197 3.07 21.48 -30.57
C ILE B 197 2.44 22.59 -29.72
N ASP B 198 1.86 22.19 -28.59
CA ASP B 198 0.84 22.91 -27.78
C ASP B 198 0.88 24.42 -28.06
N GLY B 199 2.02 25.07 -27.85
CA GLY B 199 2.15 26.52 -28.06
C GLY B 199 3.32 26.90 -28.94
N TYR B 200 4.18 25.97 -29.32
CA TYR B 200 5.45 26.32 -29.99
C TYR B 200 5.54 25.62 -31.34
N PHE B 201 5.95 26.38 -32.35
CA PHE B 201 6.45 25.84 -33.62
C PHE B 201 7.96 25.65 -33.45
N LYS B 202 8.38 24.39 -33.37
CA LYS B 202 9.79 24.07 -33.05
C LYS B 202 10.49 23.61 -34.33
N ILE B 203 11.61 24.24 -34.64
CA ILE B 203 12.45 23.89 -35.81
C ILE B 203 13.78 23.36 -35.28
N TYR B 204 14.12 22.16 -35.71
CA TYR B 204 15.47 21.57 -35.49
C TYR B 204 16.15 21.50 -36.85
N SER B 205 17.46 21.66 -36.88
CA SER B 205 18.19 21.74 -38.16
C SER B 205 19.55 21.05 -38.05
N LYS B 206 20.06 20.64 -39.20
CA LYS B 206 21.42 20.08 -39.31
C LYS B 206 21.93 20.28 -40.73
N HIS B 207 23.22 20.53 -40.85
CA HIS B 207 23.88 20.71 -42.16
C HIS B 207 24.99 19.68 -42.26
N THR B 208 25.04 18.93 -43.36
CA THR B 208 26.01 17.83 -43.50
C THR B 208 26.66 17.90 -44.88
N PRO B 209 28.00 17.82 -44.94
CA PRO B 209 28.68 17.63 -46.21
C PRO B 209 28.44 16.21 -46.75
N ILE B 210 28.02 16.13 -48.00
CA ILE B 210 27.71 14.83 -48.67
C ILE B 210 28.50 14.76 -49.97
N ASN B 211 29.12 13.63 -50.23
CA ASN B 211 29.75 13.36 -51.55
C ASN B 211 28.70 12.77 -52.49
N LEU B 212 27.75 12.01 -51.94
CA LEU B 212 26.67 11.39 -52.75
C LEU B 212 25.78 12.48 -53.34
N VAL B 213 25.24 12.22 -54.52
CA VAL B 213 24.36 13.18 -55.23
C VAL B 213 22.96 12.60 -55.42
N ARG B 214 22.78 11.29 -55.34
CA ARG B 214 21.51 10.65 -55.77
C ARG B 214 20.44 10.80 -54.70
N ASP B 215 20.64 10.26 -53.51
CA ASP B 215 19.58 10.22 -52.48
C ASP B 215 20.20 10.33 -51.09
N LEU B 216 19.42 10.07 -50.06
CA LEU B 216 19.83 10.30 -48.65
C LEU B 216 20.98 9.36 -48.30
N PRO B 217 21.87 9.79 -47.38
CA PRO B 217 22.94 8.91 -46.91
C PRO B 217 22.41 7.75 -46.05
N GLN B 218 23.19 6.69 -45.98
CA GLN B 218 22.96 5.57 -45.02
C GLN B 218 23.77 5.85 -43.76
N GLY B 219 23.60 7.04 -43.21
CA GLY B 219 24.36 7.54 -42.06
C GLY B 219 23.46 7.90 -40.90
N PHE B 220 24.05 8.44 -39.86
CA PHE B 220 23.33 8.92 -38.67
C PHE B 220 23.71 10.37 -38.39
N SER B 221 22.70 11.21 -38.18
CA SER B 221 22.90 12.64 -37.84
C SER B 221 21.79 13.06 -36.87
N ALA B 222 22.17 13.75 -35.81
CA ALA B 222 21.22 14.28 -34.81
C ALA B 222 20.95 15.75 -35.10
N LEU B 223 19.67 16.12 -35.13
CA LEU B 223 19.26 17.48 -35.52
C LEU B 223 19.17 18.35 -34.27
N GLU B 224 20.15 19.23 -34.10
CA GLU B 224 20.18 20.14 -32.92
C GLU B 224 19.04 21.15 -33.05
N PRO B 225 18.36 21.50 -31.94
CA PRO B 225 17.28 22.47 -31.99
C PRO B 225 17.74 23.83 -32.51
N LEU B 226 16.90 24.46 -33.33
CA LEU B 226 17.23 25.77 -33.93
C LEU B 226 16.36 26.87 -33.32
N VAL B 227 15.04 26.76 -33.38
CA VAL B 227 14.14 27.79 -32.80
C VAL B 227 12.93 27.11 -32.16
N ASP B 228 12.33 27.80 -31.20
CA ASP B 228 11.05 27.40 -30.55
C ASP B 228 10.14 28.62 -30.56
N LEU B 229 9.42 28.82 -31.65
CA LEU B 229 8.65 30.06 -31.83
C LEU B 229 7.28 29.92 -31.17
N PRO B 230 6.96 30.77 -30.18
CA PRO B 230 5.63 30.73 -29.56
C PRO B 230 4.56 31.33 -30.48
N ILE B 231 4.13 30.53 -31.45
CA ILE B 231 3.26 31.04 -32.55
C ILE B 231 1.82 30.62 -32.28
N GLY B 232 1.58 29.33 -32.07
CA GLY B 232 0.23 28.80 -31.76
C GLY B 232 -0.73 28.96 -32.93
N ILE B 233 -0.47 28.25 -34.02
CA ILE B 233 -1.36 28.25 -35.22
C ILE B 233 -1.85 26.84 -35.49
N ASN B 234 -3.08 26.77 -36.01
CA ASN B 234 -3.69 25.53 -36.54
C ASN B 234 -2.99 25.19 -37.87
N ILE B 235 -1.82 24.59 -37.77
CA ILE B 235 -1.01 24.29 -38.98
C ILE B 235 -1.37 22.90 -39.47
N THR B 236 -1.93 22.82 -40.68
CA THR B 236 -2.27 21.54 -41.35
C THR B 236 -1.96 21.59 -42.84
N ARG B 237 -1.21 22.59 -43.29
CA ARG B 237 -1.24 23.02 -44.71
C ARG B 237 0.12 23.59 -45.05
N PHE B 238 0.91 22.85 -45.81
CA PHE B 238 2.36 23.13 -45.95
C PHE B 238 2.74 23.38 -47.39
N GLN B 239 3.69 24.29 -47.59
CA GLN B 239 4.20 24.66 -48.93
C GLN B 239 5.68 25.02 -48.83
N THR B 240 6.39 24.82 -49.93
CA THR B 240 7.83 25.15 -50.03
C THR B 240 8.04 26.33 -50.97
N LEU B 241 9.06 27.14 -50.68
CA LEU B 241 9.43 28.30 -51.51
C LEU B 241 10.76 28.01 -52.21
N LEU B 242 10.82 28.26 -53.51
CA LEU B 242 12.03 28.05 -54.32
C LEU B 242 12.40 29.34 -55.06
N ALA B 243 13.58 29.35 -55.67
CA ALA B 243 14.06 30.46 -56.50
C ALA B 243 14.22 29.98 -57.94
N LEU B 244 13.71 30.77 -58.88
CA LEU B 244 13.78 30.45 -60.33
C LEU B 244 14.86 31.31 -60.97
N HIS B 245 15.69 30.68 -61.79
CA HIS B 245 16.79 31.36 -62.54
C HIS B 245 16.24 31.87 -63.87
N ARG B 246 16.44 33.15 -64.15
CA ARG B 246 16.00 33.74 -65.44
C ARG B 246 17.10 34.63 -66.03
N SER B 256 6.62 32.30 -68.14
CA SER B 256 7.61 31.29 -68.58
C SER B 256 9.01 31.91 -68.63
N GLY B 257 9.88 31.38 -69.48
CA GLY B 257 11.27 31.86 -69.64
C GLY B 257 12.05 31.68 -68.35
N TRP B 258 11.93 30.50 -67.75
CA TRP B 258 12.50 30.20 -66.42
C TRP B 258 13.29 28.91 -66.45
N THR B 259 14.13 28.72 -65.44
CA THR B 259 14.82 27.44 -65.17
C THR B 259 15.11 27.36 -63.68
N ALA B 260 15.12 26.15 -63.15
CA ALA B 260 15.24 25.91 -61.69
C ALA B 260 16.70 25.67 -61.32
N GLY B 261 17.28 24.59 -61.85
CA GLY B 261 18.61 24.10 -61.44
C GLY B 261 18.51 23.06 -60.36
N ALA B 262 19.57 22.28 -60.19
CA ALA B 262 19.58 21.05 -59.36
C ALA B 262 19.18 21.37 -57.92
N ALA B 263 18.08 20.77 -57.47
CA ALA B 263 17.59 20.89 -56.07
C ALA B 263 16.66 19.73 -55.74
N ALA B 264 17.09 18.77 -54.92
CA ALA B 264 16.27 17.59 -54.62
C ALA B 264 15.86 17.61 -53.15
N TYR B 265 14.57 17.76 -52.86
CA TYR B 265 14.12 17.85 -51.45
C TYR B 265 13.12 16.75 -51.12
N TYR B 266 13.29 16.18 -49.94
CA TYR B 266 12.50 15.04 -49.44
C TYR B 266 11.59 15.53 -48.32
N VAL B 267 10.39 14.99 -48.27
CA VAL B 267 9.42 15.29 -47.18
C VAL B 267 8.99 13.97 -46.55
N GLY B 268 9.10 13.88 -45.23
CA GLY B 268 8.71 12.68 -44.48
C GLY B 268 7.94 13.04 -43.22
N TYR B 269 6.74 12.52 -43.05
CA TYR B 269 5.90 12.91 -41.89
C TYR B 269 6.33 12.14 -40.65
N LEU B 270 6.15 12.80 -39.50
CA LEU B 270 6.54 12.24 -38.18
C LEU B 270 5.42 11.34 -37.65
N GLN B 271 5.83 10.45 -36.75
CA GLN B 271 4.91 9.56 -36.00
C GLN B 271 5.28 9.63 -34.53
N PRO B 272 4.31 9.42 -33.62
CA PRO B 272 4.64 9.22 -32.21
C PRO B 272 5.34 7.87 -32.01
N ARG B 273 6.65 7.90 -31.82
CA ARG B 273 7.47 6.67 -31.67
C ARG B 273 8.31 6.74 -30.41
N THR B 274 8.68 5.58 -29.91
CA THR B 274 9.63 5.44 -28.79
C THR B 274 11.01 5.14 -29.38
N PHE B 275 11.98 5.98 -29.06
CA PHE B 275 13.37 5.81 -29.54
C PHE B 275 14.29 5.56 -28.35
N LEU B 276 15.34 4.81 -28.61
CA LEU B 276 16.45 4.62 -27.65
C LEU B 276 17.66 5.35 -28.20
N LEU B 277 18.02 6.47 -27.59
CA LEU B 277 19.08 7.37 -28.09
C LEU B 277 20.36 7.10 -27.30
N LYS B 278 21.47 6.96 -28.01
CA LYS B 278 22.79 6.66 -27.40
C LYS B 278 23.57 7.96 -27.28
N TYR B 279 23.46 8.61 -26.13
CA TYR B 279 24.29 9.80 -25.84
C TYR B 279 25.71 9.34 -25.52
N ASN B 280 26.67 9.73 -26.34
CA ASN B 280 28.09 9.38 -26.12
C ASN B 280 28.62 10.18 -24.94
N GLU B 281 29.88 10.01 -24.60
CA GLU B 281 30.43 10.66 -23.38
C GLU B 281 30.58 12.17 -23.59
N ASN B 282 30.48 12.68 -24.82
CA ASN B 282 30.65 14.13 -25.10
C ASN B 282 29.35 14.74 -25.61
N GLY B 283 28.20 14.17 -25.24
CA GLY B 283 26.89 14.85 -25.34
C GLY B 283 26.16 14.64 -26.65
N THR B 284 26.73 13.91 -27.60
CA THR B 284 26.15 13.79 -28.96
C THR B 284 25.38 12.47 -29.08
N ILE B 285 24.21 12.53 -29.71
CA ILE B 285 23.44 11.30 -30.04
C ILE B 285 24.15 10.62 -31.21
N THR B 286 24.92 9.59 -30.94
CA THR B 286 25.72 8.92 -31.98
C THR B 286 24.91 7.80 -32.64
N ASP B 287 23.84 7.34 -31.99
CA ASP B 287 23.03 6.24 -32.55
C ASP B 287 21.66 6.25 -31.93
N ALA B 288 20.73 5.55 -32.58
CA ALA B 288 19.34 5.45 -32.09
C ALA B 288 18.73 4.12 -32.52
N VAL B 289 17.74 3.69 -31.77
CA VAL B 289 16.97 2.46 -32.07
C VAL B 289 15.50 2.83 -32.11
N ASP B 290 14.83 2.48 -33.20
CA ASP B 290 13.38 2.68 -33.37
C ASP B 290 12.68 1.46 -32.78
N CYS B 291 12.08 1.61 -31.62
CA CYS B 291 11.59 0.46 -30.81
C CYS B 291 10.48 -0.30 -31.56
N ALA B 292 9.79 0.32 -32.51
CA ALA B 292 8.63 -0.31 -33.18
C ALA B 292 8.99 -0.79 -34.60
N LEU B 293 10.27 -0.80 -34.96
CA LEU B 293 10.68 -1.16 -36.34
C LEU B 293 10.56 -2.68 -36.55
N ASP B 294 11.34 -3.45 -35.81
CA ASP B 294 11.39 -4.92 -35.98
C ASP B 294 11.52 -5.56 -34.60
N PRO B 295 11.33 -6.88 -34.47
CA PRO B 295 11.45 -7.52 -33.16
C PRO B 295 12.80 -7.34 -32.47
N LEU B 296 13.89 -7.27 -33.24
CA LEU B 296 15.24 -7.04 -32.68
C LEU B 296 15.30 -5.67 -31.99
N SER B 297 14.69 -4.64 -32.59
CA SER B 297 14.60 -3.30 -31.96
C SER B 297 13.75 -3.35 -30.69
N GLU B 298 12.65 -4.11 -30.70
CA GLU B 298 11.83 -4.27 -29.47
C GLU B 298 12.70 -4.90 -28.38
N THR B 299 13.51 -5.90 -28.74
CA THR B 299 14.42 -6.54 -27.77
C THR B 299 15.44 -5.53 -27.26
N LYS B 300 16.01 -4.74 -28.15
CA LYS B 300 17.04 -3.74 -27.76
C LYS B 300 16.43 -2.69 -26.81
N CYS B 301 15.22 -2.25 -27.08
CA CYS B 301 14.56 -1.22 -26.24
C CYS B 301 14.12 -1.84 -24.91
N THR B 302 13.69 -3.10 -24.91
CA THR B 302 13.32 -3.79 -23.66
C THR B 302 14.55 -3.92 -22.75
N LEU B 303 15.68 -4.28 -23.32
CA LEU B 303 16.95 -4.46 -22.56
C LEU B 303 17.63 -3.12 -22.29
N LYS B 304 17.26 -2.06 -23.02
CA LYS B 304 17.98 -0.76 -22.97
C LYS B 304 19.45 -0.99 -23.29
N SER B 305 19.72 -1.70 -24.37
CA SER B 305 21.09 -2.05 -24.79
C SER B 305 21.14 -2.12 -26.31
N PHE B 306 22.18 -1.57 -26.90
CA PHE B 306 22.36 -1.60 -28.38
C PHE B 306 22.89 -2.98 -28.81
N THR B 307 23.55 -3.68 -27.90
CA THR B 307 24.05 -5.05 -28.15
C THR B 307 23.20 -6.02 -27.35
N VAL B 308 22.75 -7.09 -27.99
CA VAL B 308 21.84 -8.09 -27.36
C VAL B 308 22.59 -9.41 -27.33
N GLU B 309 22.66 -10.00 -26.15
CA GLU B 309 23.32 -11.32 -25.98
C GLU B 309 22.38 -12.42 -26.51
N LYS B 310 22.96 -13.57 -26.80
CA LYS B 310 22.18 -14.74 -27.26
C LYS B 310 21.18 -15.13 -26.18
N GLY B 311 19.97 -15.47 -26.59
CA GLY B 311 18.94 -15.97 -25.69
C GLY B 311 17.56 -15.64 -26.19
N ILE B 312 16.58 -15.82 -25.31
CA ILE B 312 15.15 -15.54 -25.60
C ILE B 312 14.69 -14.47 -24.62
N TYR B 313 14.03 -13.44 -25.14
CA TYR B 313 13.61 -12.28 -24.33
C TYR B 313 12.14 -12.00 -24.61
N GLN B 314 11.36 -11.82 -23.56
CA GLN B 314 9.94 -11.40 -23.71
C GLN B 314 9.90 -9.88 -23.83
N THR B 315 9.32 -9.38 -24.92
CA THR B 315 9.39 -7.95 -25.28
C THR B 315 8.03 -7.26 -25.24
N SER B 316 6.94 -7.98 -25.49
CA SER B 316 5.59 -7.37 -25.54
C SER B 316 4.55 -8.45 -25.32
N ASN B 317 3.28 -8.10 -25.50
CA ASN B 317 2.17 -9.04 -25.31
C ASN B 317 1.26 -8.98 -26.52
N PHE B 318 1.26 -10.02 -27.33
CA PHE B 318 0.30 -10.17 -28.45
C PHE B 318 -1.12 -10.28 -27.88
N ARG B 319 -2.02 -9.56 -28.51
CA ARG B 319 -3.45 -9.56 -28.15
C ARG B 319 -4.28 -9.50 -29.42
N VAL B 320 -5.28 -10.36 -29.53
CA VAL B 320 -6.19 -10.33 -30.69
C VAL B 320 -7.18 -9.19 -30.50
N GLN B 321 -7.34 -8.37 -31.52
CA GLN B 321 -8.19 -7.17 -31.35
C GLN B 321 -9.59 -7.45 -31.88
N PRO B 322 -10.62 -6.84 -31.28
CA PRO B 322 -11.99 -7.03 -31.75
C PRO B 322 -12.20 -6.48 -33.16
N THR B 323 -12.79 -7.30 -34.04
CA THR B 323 -13.12 -6.88 -35.42
C THR B 323 -14.24 -5.84 -35.39
N GLU B 324 -15.24 -6.02 -34.53
CA GLU B 324 -16.39 -5.10 -34.50
C GLU B 324 -17.07 -5.17 -33.15
N SER B 325 -17.95 -4.21 -32.88
CA SER B 325 -18.80 -4.20 -31.69
C SER B 325 -20.20 -4.66 -32.08
N ILE B 326 -20.73 -5.66 -31.38
CA ILE B 326 -22.11 -6.16 -31.61
C ILE B 326 -22.94 -5.83 -30.38
N VAL B 327 -24.20 -5.51 -30.61
CA VAL B 327 -25.14 -5.11 -29.52
C VAL B 327 -26.35 -6.03 -29.57
N ARG B 328 -26.71 -6.57 -28.42
CA ARG B 328 -27.94 -7.38 -28.26
C ARG B 328 -28.72 -6.80 -27.08
N PHE B 329 -29.55 -5.81 -27.35
CA PHE B 329 -30.53 -5.25 -26.40
C PHE B 329 -31.89 -5.87 -26.68
N PRO B 330 -32.85 -5.81 -25.72
CA PRO B 330 -34.16 -6.36 -25.97
C PRO B 330 -35.01 -5.37 -26.80
N ASN B 331 -35.64 -5.90 -27.83
CA ASN B 331 -36.50 -5.16 -28.79
C ASN B 331 -37.80 -4.73 -28.11
N ILE B 332 -37.74 -3.65 -27.36
CA ILE B 332 -38.95 -3.07 -26.70
C ILE B 332 -39.12 -1.65 -27.25
N THR B 333 -40.08 -1.48 -28.15
CA THR B 333 -40.30 -0.19 -28.84
C THR B 333 -41.01 0.80 -27.92
N ASN B 334 -41.70 0.31 -26.90
CA ASN B 334 -42.50 1.16 -25.97
C ASN B 334 -41.59 2.21 -25.31
N LEU B 335 -41.87 3.49 -25.57
CA LEU B 335 -41.09 4.60 -24.97
C LEU B 335 -41.43 4.70 -23.48
N CYS B 336 -40.44 5.05 -22.68
CA CYS B 336 -40.65 5.31 -21.24
C CYS B 336 -41.48 6.59 -21.09
N PRO B 337 -42.38 6.64 -20.09
CA PRO B 337 -43.25 7.80 -19.89
C PRO B 337 -42.55 9.00 -19.21
N PHE B 338 -41.40 9.38 -19.73
CA PHE B 338 -40.68 10.59 -19.26
C PHE B 338 -41.52 11.83 -19.58
N GLY B 339 -42.24 11.80 -20.69
CA GLY B 339 -43.19 12.86 -21.07
C GLY B 339 -44.21 13.10 -19.98
N GLU B 340 -44.79 12.02 -19.45
CA GLU B 340 -45.83 12.12 -18.41
C GLU B 340 -45.23 12.77 -17.16
N VAL B 341 -44.02 12.38 -16.78
CA VAL B 341 -43.48 12.75 -15.45
C VAL B 341 -42.88 14.16 -15.50
N PHE B 342 -42.33 14.58 -16.64
CA PHE B 342 -41.61 15.88 -16.68
C PHE B 342 -42.56 17.06 -16.84
N ASN B 343 -43.66 16.92 -17.58
CA ASN B 343 -44.64 18.03 -17.72
C ASN B 343 -46.05 17.49 -17.52
N ALA B 344 -46.25 16.76 -16.41
CA ALA B 344 -47.59 16.45 -15.89
C ALA B 344 -48.30 17.75 -15.54
N THR B 345 -49.61 17.69 -15.40
CA THR B 345 -50.44 18.88 -15.10
C THR B 345 -50.05 19.44 -13.73
N ARG B 346 -50.05 18.61 -12.69
CA ARG B 346 -49.78 19.05 -11.31
C ARG B 346 -48.71 18.15 -10.72
N PHE B 347 -47.64 18.73 -10.19
CA PHE B 347 -46.66 17.98 -9.39
C PHE B 347 -47.11 17.94 -7.94
N ALA B 348 -46.55 17.00 -7.19
CA ALA B 348 -46.93 16.78 -5.78
C ALA B 348 -46.11 17.71 -4.88
N SER B 349 -46.53 17.78 -3.62
CA SER B 349 -45.76 18.48 -2.56
C SER B 349 -44.49 17.70 -2.25
N VAL B 350 -43.51 18.37 -1.67
CA VAL B 350 -42.23 17.69 -1.31
C VAL B 350 -42.49 16.71 -0.17
N TYR B 351 -43.36 17.06 0.78
CA TYR B 351 -43.61 16.19 1.95
C TYR B 351 -44.24 14.88 1.47
N ALA B 352 -45.07 14.95 0.43
CA ALA B 352 -45.68 13.77 -0.22
C ALA B 352 -45.20 13.74 -1.66
N TRP B 353 -44.00 13.25 -1.87
CA TRP B 353 -43.38 13.20 -3.22
C TRP B 353 -43.91 12.01 -4.00
N ASN B 354 -44.28 12.27 -5.26
CA ASN B 354 -44.89 11.27 -6.16
C ASN B 354 -43.78 10.44 -6.80
N ARG B 355 -43.86 9.13 -6.66
CA ARG B 355 -42.88 8.19 -7.23
C ARG B 355 -43.54 7.40 -8.36
N LYS B 356 -42.91 7.45 -9.54
CA LYS B 356 -43.34 6.64 -10.69
C LYS B 356 -42.27 5.61 -10.98
N ARG B 357 -42.66 4.35 -11.10
CA ARG B 357 -41.71 3.27 -11.42
C ARG B 357 -41.62 3.13 -12.93
N ILE B 358 -40.40 3.17 -13.44
CA ILE B 358 -40.12 3.07 -14.89
C ILE B 358 -39.41 1.74 -15.13
N SER B 359 -40.01 0.91 -15.96
CA SER B 359 -39.48 -0.42 -16.32
C SER B 359 -40.10 -0.87 -17.63
N ASN B 360 -39.45 -1.83 -18.29
CA ASN B 360 -39.96 -2.47 -19.53
C ASN B 360 -40.26 -1.40 -20.57
N CYS B 361 -39.34 -0.47 -20.77
CA CYS B 361 -39.49 0.55 -21.82
C CYS B 361 -38.11 1.04 -22.25
N VAL B 362 -38.02 1.41 -23.52
CA VAL B 362 -36.82 2.09 -24.04
C VAL B 362 -36.79 3.52 -23.49
N ALA B 363 -35.64 3.94 -22.97
CA ALA B 363 -35.49 5.25 -22.31
C ALA B 363 -34.53 6.11 -23.12
N ASP B 364 -34.94 7.34 -23.42
CA ASP B 364 -34.09 8.33 -24.11
C ASP B 364 -33.83 9.48 -23.15
N TYR B 365 -32.63 9.54 -22.60
CA TYR B 365 -32.21 10.66 -21.72
C TYR B 365 -31.55 11.77 -22.54
N SER B 366 -31.27 11.52 -23.82
CA SER B 366 -30.63 12.54 -24.70
C SER B 366 -31.59 13.70 -24.93
N VAL B 367 -32.87 13.40 -25.12
CA VAL B 367 -33.90 14.46 -25.39
C VAL B 367 -33.99 15.37 -24.16
N LEU B 368 -33.86 14.80 -22.97
CA LEU B 368 -33.91 15.60 -21.71
C LEU B 368 -32.67 16.49 -21.64
N TYR B 369 -31.50 15.92 -21.88
CA TYR B 369 -30.23 16.68 -21.75
C TYR B 369 -30.16 17.79 -22.79
N ASN B 370 -30.73 17.55 -23.98
CA ASN B 370 -30.69 18.54 -25.07
C ASN B 370 -31.61 19.73 -24.74
N SER B 371 -32.73 19.47 -24.09
CA SER B 371 -33.71 20.52 -23.73
C SER B 371 -33.04 21.54 -22.79
N ALA B 372 -33.14 22.82 -23.13
CA ALA B 372 -32.52 23.93 -22.37
C ALA B 372 -33.41 24.37 -21.21
N SER B 373 -34.62 23.82 -21.07
CA SER B 373 -35.57 24.24 -20.01
C SER B 373 -34.97 23.96 -18.62
N PHE B 374 -34.30 22.83 -18.46
CA PHE B 374 -33.82 22.40 -17.13
C PHE B 374 -32.62 23.25 -16.71
N SER B 375 -32.65 23.73 -15.47
CA SER B 375 -31.57 24.55 -14.88
C SER B 375 -30.54 23.67 -14.15
N THR B 376 -30.99 22.57 -13.53
CA THR B 376 -30.12 21.66 -12.78
C THR B 376 -30.28 20.26 -13.35
N PHE B 377 -29.17 19.62 -13.69
CA PHE B 377 -29.18 18.23 -14.20
C PHE B 377 -28.08 17.44 -13.52
N LYS B 378 -28.02 17.50 -12.19
CA LYS B 378 -26.87 16.94 -11.44
C LYS B 378 -26.99 15.42 -11.37
N CYS B 379 -26.06 14.71 -12.01
CA CYS B 379 -26.05 13.24 -12.03
C CYS B 379 -24.96 12.73 -11.09
N TYR B 380 -25.32 11.84 -10.18
CA TYR B 380 -24.41 11.30 -9.14
C TYR B 380 -24.27 9.80 -9.37
N GLY B 381 -23.03 9.33 -9.44
CA GLY B 381 -22.70 7.92 -9.70
C GLY B 381 -22.88 7.55 -11.16
N VAL B 382 -23.42 8.45 -11.99
CA VAL B 382 -23.55 8.22 -13.44
C VAL B 382 -23.07 9.46 -14.16
N SER B 383 -22.74 9.32 -15.43
CA SER B 383 -22.31 10.45 -16.27
C SER B 383 -23.51 10.95 -17.05
N PRO B 384 -23.78 12.27 -17.08
CA PRO B 384 -24.93 12.79 -17.81
C PRO B 384 -24.92 12.43 -19.30
N THR B 385 -23.73 12.39 -19.92
CA THR B 385 -23.61 12.04 -21.35
C THR B 385 -23.79 10.53 -21.53
N LYS B 386 -23.30 9.74 -20.58
CA LYS B 386 -23.25 8.26 -20.73
C LYS B 386 -24.61 7.63 -20.42
N LEU B 387 -25.60 8.40 -19.97
CA LEU B 387 -26.88 7.82 -19.48
C LEU B 387 -27.55 6.99 -20.58
N ASN B 388 -27.38 7.35 -21.84
CA ASN B 388 -28.08 6.66 -22.95
C ASN B 388 -27.56 5.23 -23.11
N ASP B 389 -26.27 5.01 -22.92
CA ASP B 389 -25.66 3.67 -23.16
C ASP B 389 -26.06 2.70 -22.04
N LEU B 390 -26.32 3.20 -20.84
CA LEU B 390 -26.53 2.33 -19.67
C LEU B 390 -27.87 1.60 -19.78
N CYS B 391 -27.95 0.44 -19.14
CA CYS B 391 -29.20 -0.32 -18.96
C CYS B 391 -29.47 -0.46 -17.47
N PHE B 392 -30.64 -0.06 -17.02
CA PHE B 392 -31.00 -0.03 -15.59
C PHE B 392 -32.05 -1.10 -15.30
N THR B 393 -31.93 -1.76 -14.16
CA THR B 393 -32.92 -2.79 -13.77
C THR B 393 -34.24 -2.12 -13.39
N ASN B 394 -34.17 -0.92 -12.83
CA ASN B 394 -35.39 -0.15 -12.53
C ASN B 394 -35.07 1.34 -12.54
N VAL B 395 -36.10 2.15 -12.70
CA VAL B 395 -35.98 3.62 -12.55
C VAL B 395 -37.09 4.10 -11.63
N TYR B 396 -36.78 5.06 -10.79
CA TYR B 396 -37.78 5.70 -9.89
C TYR B 396 -37.74 7.20 -10.10
N ALA B 397 -38.80 7.76 -10.66
CA ALA B 397 -38.92 9.21 -10.89
C ALA B 397 -39.73 9.83 -9.74
N ASP B 398 -39.12 10.75 -9.01
CA ASP B 398 -39.76 11.42 -7.86
C ASP B 398 -39.99 12.88 -8.24
N SER B 399 -41.24 13.28 -8.39
CA SER B 399 -41.60 14.61 -8.92
C SER B 399 -42.23 15.46 -7.81
N PHE B 400 -41.70 16.66 -7.59
CA PHE B 400 -42.29 17.58 -6.60
C PHE B 400 -41.92 19.02 -6.92
N VAL B 401 -42.36 19.93 -6.06
CA VAL B 401 -42.12 21.39 -6.20
C VAL B 401 -41.48 21.90 -4.90
N ILE B 402 -40.41 22.67 -5.03
CA ILE B 402 -39.65 23.21 -3.86
C ILE B 402 -39.27 24.65 -4.14
N ARG B 403 -38.48 25.22 -3.23
CA ARG B 403 -37.87 26.56 -3.43
C ARG B 403 -36.43 26.43 -3.91
N GLY B 404 -35.85 27.56 -4.29
CA GLY B 404 -34.49 27.63 -4.84
C GLY B 404 -33.45 27.37 -3.78
N ASP B 405 -33.60 27.97 -2.61
CA ASP B 405 -32.57 27.91 -1.55
C ASP B 405 -32.41 26.47 -1.05
N GLU B 406 -33.36 25.59 -1.37
CA GLU B 406 -33.25 24.16 -0.97
C GLU B 406 -33.10 23.25 -2.19
N VAL B 407 -32.78 23.78 -3.37
CA VAL B 407 -32.55 22.91 -4.55
C VAL B 407 -31.31 22.05 -4.29
N ARG B 408 -30.29 22.63 -3.67
CA ARG B 408 -29.05 21.86 -3.36
C ARG B 408 -29.26 21.02 -2.10
N GLN B 409 -30.38 21.18 -1.41
CA GLN B 409 -30.71 20.26 -0.30
C GLN B 409 -30.98 18.85 -0.83
N ILE B 410 -31.49 18.72 -2.05
CA ILE B 410 -31.77 17.39 -2.63
C ILE B 410 -30.52 16.93 -3.37
N ALA B 411 -29.64 16.27 -2.63
CA ALA B 411 -28.39 15.65 -3.09
C ALA B 411 -27.86 14.87 -1.89
N PRO B 412 -27.20 13.72 -2.12
CA PRO B 412 -26.84 12.85 -1.00
C PRO B 412 -25.87 13.55 -0.03
N GLY B 413 -26.06 13.28 1.26
CA GLY B 413 -25.26 13.85 2.36
C GLY B 413 -25.56 15.31 2.63
N GLN B 414 -26.72 15.81 2.23
CA GLN B 414 -27.09 17.22 2.49
C GLN B 414 -27.97 17.33 3.73
N THR B 415 -28.08 18.55 4.25
CA THR B 415 -28.94 18.87 5.41
C THR B 415 -29.79 20.08 5.09
N GLY B 416 -30.83 20.28 5.90
CA GLY B 416 -31.76 21.41 5.75
C GLY B 416 -33.20 20.97 5.86
N LYS B 417 -34.10 21.93 5.98
CA LYS B 417 -35.52 21.65 6.35
C LYS B 417 -36.15 20.68 5.35
N ILE B 418 -36.07 20.99 4.07
CA ILE B 418 -36.65 20.09 3.03
C ILE B 418 -35.81 18.81 2.97
N ALA B 419 -34.50 18.93 3.10
CA ALA B 419 -33.60 17.74 3.06
C ALA B 419 -33.89 16.84 4.27
N ASP B 420 -34.13 17.43 5.43
CA ASP B 420 -34.14 16.65 6.69
C ASP B 420 -35.55 16.11 6.97
N TYR B 421 -36.58 16.88 6.69
CA TYR B 421 -37.96 16.49 7.07
C TYR B 421 -38.90 16.31 5.87
N ASN B 422 -38.45 16.53 4.65
CA ASN B 422 -39.34 16.42 3.47
C ASN B 422 -38.85 15.34 2.50
N TYR B 423 -37.60 15.42 2.07
CA TYR B 423 -37.05 14.45 1.09
C TYR B 423 -35.58 14.17 1.41
N LYS B 424 -35.24 12.89 1.51
CA LYS B 424 -33.88 12.45 1.87
C LYS B 424 -33.30 11.60 0.75
N LEU B 425 -32.02 11.79 0.47
CA LEU B 425 -31.30 10.97 -0.53
C LEU B 425 -30.20 10.19 0.18
N PRO B 426 -30.13 8.87 -0.01
CA PRO B 426 -29.09 8.07 0.63
C PRO B 426 -27.69 8.49 0.14
N ASP B 427 -26.70 8.28 0.99
CA ASP B 427 -25.30 8.70 0.69
C ASP B 427 -24.80 8.01 -0.58
N ASP B 428 -25.20 6.76 -0.80
CA ASP B 428 -24.78 5.99 -1.98
C ASP B 428 -25.80 6.12 -3.12
N PHE B 429 -26.58 7.20 -3.16
CA PHE B 429 -27.66 7.37 -4.17
C PHE B 429 -27.02 7.48 -5.56
N THR B 430 -27.59 6.75 -6.51
CA THR B 430 -27.15 6.77 -7.92
C THR B 430 -28.32 7.27 -8.77
N GLY B 431 -28.13 8.40 -9.43
CA GLY B 431 -29.18 8.95 -10.29
C GLY B 431 -29.02 10.44 -10.49
N CYS B 432 -30.02 11.03 -11.14
CA CYS B 432 -29.93 12.42 -11.63
C CYS B 432 -31.05 13.25 -11.02
N VAL B 433 -30.69 14.38 -10.44
CA VAL B 433 -31.67 15.38 -9.95
C VAL B 433 -31.83 16.44 -11.02
N ILE B 434 -33.05 16.59 -11.51
CA ILE B 434 -33.36 17.50 -12.64
C ILE B 434 -34.35 18.54 -12.14
N ALA B 435 -33.90 19.78 -12.02
CA ALA B 435 -34.73 20.89 -11.50
C ALA B 435 -34.85 21.98 -12.55
N TRP B 436 -36.03 22.55 -12.68
CA TRP B 436 -36.22 23.71 -13.59
C TRP B 436 -37.21 24.69 -12.98
N ASN B 437 -37.02 25.96 -13.32
CA ASN B 437 -37.90 27.05 -12.85
C ASN B 437 -39.17 27.04 -13.69
N SER B 438 -40.33 26.98 -13.05
CA SER B 438 -41.61 26.90 -13.78
C SER B 438 -42.63 27.89 -13.19
N ASN B 439 -42.18 29.00 -12.64
CA ASN B 439 -43.11 30.04 -12.11
C ASN B 439 -44.00 30.59 -13.22
N ASN B 440 -43.73 30.24 -14.48
CA ASN B 440 -44.63 30.57 -15.60
C ASN B 440 -46.01 29.94 -15.35
N LEU B 441 -46.05 28.77 -14.72
CA LEU B 441 -47.33 28.06 -14.43
C LEU B 441 -47.29 27.49 -13.02
N ASP B 442 -46.48 28.04 -12.13
CA ASP B 442 -46.42 27.51 -10.74
C ASP B 442 -47.28 28.34 -9.80
N SER B 443 -46.97 29.62 -9.64
CA SER B 443 -47.59 30.48 -8.60
C SER B 443 -48.73 31.28 -9.22
N LYS B 444 -49.96 30.95 -8.88
CA LYS B 444 -51.13 31.80 -9.19
C LYS B 444 -50.98 33.14 -8.45
N VAL B 445 -51.51 34.19 -9.04
CA VAL B 445 -51.40 35.55 -8.45
C VAL B 445 -52.10 35.56 -7.09
N GLY B 446 -51.50 36.28 -6.15
CA GLY B 446 -52.01 36.39 -4.76
C GLY B 446 -51.51 35.27 -3.87
N GLY B 447 -50.60 34.41 -4.34
CA GLY B 447 -50.03 33.34 -3.48
C GLY B 447 -50.67 32.00 -3.72
N ASN B 448 -49.87 31.02 -4.12
CA ASN B 448 -50.34 29.64 -4.34
C ASN B 448 -49.95 28.80 -3.12
N TYR B 449 -50.93 28.39 -2.34
CA TYR B 449 -50.70 27.64 -1.09
C TYR B 449 -50.97 26.15 -1.29
N ASN B 450 -51.09 25.68 -2.52
CA ASN B 450 -51.46 24.26 -2.79
C ASN B 450 -50.39 23.31 -2.26
N TYR B 451 -49.13 23.59 -2.57
CA TYR B 451 -48.03 22.66 -2.24
C TYR B 451 -47.58 22.89 -0.81
N LEU B 452 -47.38 21.81 -0.06
CA LEU B 452 -47.02 21.88 1.37
C LEU B 452 -45.63 21.30 1.63
N TYR B 453 -45.20 21.43 2.87
CA TYR B 453 -43.90 20.90 3.37
C TYR B 453 -44.01 20.66 4.87
N ARG B 454 -43.26 19.69 5.37
CA ARG B 454 -43.27 19.35 6.81
C ARG B 454 -42.03 19.95 7.46
N LEU B 455 -42.18 21.09 8.13
CA LEU B 455 -41.02 21.78 8.73
C LEU B 455 -40.68 21.18 10.09
N PHE B 456 -41.65 20.58 10.76
CA PHE B 456 -41.43 19.94 12.08
C PHE B 456 -41.66 18.44 11.97
N ARG B 457 -40.77 17.66 12.55
CA ARG B 457 -40.90 16.19 12.58
C ARG B 457 -40.14 15.64 13.79
N LYS B 458 -40.55 14.46 14.23
CA LYS B 458 -39.94 13.81 15.43
C LYS B 458 -38.48 13.48 15.15
N SER B 459 -38.16 12.97 13.96
CA SER B 459 -36.81 12.48 13.65
C SER B 459 -36.44 12.82 12.21
N ASN B 460 -35.15 12.69 11.89
CA ASN B 460 -34.66 12.89 10.51
C ASN B 460 -35.26 11.82 9.61
N LEU B 461 -35.72 12.21 8.43
CA LEU B 461 -36.30 11.24 7.47
C LEU B 461 -35.24 10.21 7.07
N LYS B 462 -35.66 8.96 7.01
CA LYS B 462 -34.80 7.88 6.48
C LYS B 462 -34.63 8.09 4.99
N PRO B 463 -33.51 7.61 4.40
CA PRO B 463 -33.31 7.74 2.97
C PRO B 463 -34.42 7.07 2.15
N PHE B 464 -34.88 7.75 1.12
CA PHE B 464 -35.98 7.29 0.23
C PHE B 464 -37.20 6.87 1.05
N GLU B 465 -37.53 7.67 2.05
CA GLU B 465 -38.70 7.40 2.91
C GLU B 465 -39.65 8.60 2.87
N ARG B 466 -40.93 8.32 2.87
CA ARG B 466 -41.99 9.34 2.81
C ARG B 466 -42.82 9.28 4.09
N ASP B 467 -43.00 10.42 4.73
CA ASP B 467 -43.79 10.52 5.97
C ASP B 467 -44.86 11.59 5.78
N ILE B 468 -46.10 11.18 5.61
CA ILE B 468 -47.24 12.11 5.36
C ILE B 468 -48.07 12.24 6.64
N SER B 469 -47.59 11.71 7.76
CA SER B 469 -48.34 11.75 9.04
C SER B 469 -48.54 13.21 9.48
N THR B 470 -49.74 13.55 9.91
CA THR B 470 -50.08 14.89 10.44
C THR B 470 -50.42 14.79 11.92
N GLU B 471 -49.71 13.94 12.66
CA GLU B 471 -49.89 13.85 14.13
C GLU B 471 -49.23 15.07 14.77
N ILE B 472 -49.92 15.68 15.73
CA ILE B 472 -49.42 16.93 16.36
C ILE B 472 -48.13 16.62 17.12
N TYR B 473 -47.11 17.42 16.90
CA TYR B 473 -45.76 17.18 17.45
C TYR B 473 -45.61 17.88 18.80
N GLN B 474 -45.20 17.15 19.81
CA GLN B 474 -44.90 17.70 21.14
C GLN B 474 -43.44 18.12 21.18
N ALA B 475 -43.17 19.40 21.35
CA ALA B 475 -41.80 19.94 21.26
C ALA B 475 -41.06 19.77 22.59
N GLY B 476 -41.76 19.48 23.68
CA GLY B 476 -41.10 19.41 24.99
C GLY B 476 -42.05 19.38 26.18
N SER B 477 -41.90 20.33 27.10
CA SER B 477 -42.48 20.26 28.48
C SER B 477 -43.97 19.91 28.44
N THR B 478 -44.74 20.64 27.64
CA THR B 478 -46.21 20.48 27.62
C THR B 478 -46.57 19.31 26.73
N PRO B 479 -47.17 18.23 27.25
CA PRO B 479 -47.65 17.15 26.38
C PRO B 479 -48.84 17.59 25.54
N CYS B 480 -48.81 17.28 24.25
CA CYS B 480 -49.93 17.59 23.33
C CYS B 480 -51.16 16.79 23.73
N ASN B 481 -50.99 15.53 24.13
CA ASN B 481 -52.12 14.60 24.44
C ASN B 481 -53.04 14.50 23.23
N GLY B 482 -52.47 14.55 22.03
CA GLY B 482 -53.19 14.42 20.75
C GLY B 482 -54.01 15.66 20.40
N VAL B 483 -53.80 16.79 21.07
CA VAL B 483 -54.52 18.04 20.71
C VAL B 483 -53.49 19.16 20.54
N GLU B 484 -53.96 20.24 19.93
CA GLU B 484 -53.10 21.37 19.51
C GLU B 484 -52.93 22.35 20.67
N GLY B 485 -51.97 23.25 20.56
CA GLY B 485 -51.76 24.29 21.58
C GLY B 485 -50.38 24.92 21.47
N PHE B 486 -49.95 25.56 22.55
CA PHE B 486 -48.65 26.26 22.60
C PHE B 486 -47.53 25.21 22.65
N ASN B 487 -46.51 25.41 21.81
CA ASN B 487 -45.38 24.48 21.62
C ASN B 487 -45.83 23.15 21.02
N CYS B 488 -47.11 22.99 20.70
CA CYS B 488 -47.61 21.80 19.97
C CYS B 488 -47.56 22.12 18.48
N TYR B 489 -46.36 22.32 17.96
CA TYR B 489 -46.15 22.72 16.55
C TYR B 489 -46.67 21.61 15.63
N PHE B 490 -47.53 21.99 14.70
CA PHE B 490 -48.05 21.04 13.70
C PHE B 490 -46.97 20.81 12.65
N PRO B 491 -46.75 19.56 12.21
CA PRO B 491 -45.72 19.32 11.18
C PRO B 491 -45.98 20.07 9.87
N LEU B 492 -47.25 20.18 9.47
CA LEU B 492 -47.61 20.66 8.12
C LEU B 492 -47.43 22.19 8.01
N GLN B 493 -46.90 22.62 6.87
CA GLN B 493 -46.69 24.05 6.57
C GLN B 493 -47.03 24.29 5.12
N SER B 494 -47.25 25.54 4.75
CA SER B 494 -47.68 25.93 3.39
C SER B 494 -46.67 26.88 2.77
N TYR B 495 -46.43 26.69 1.47
CA TYR B 495 -45.52 27.54 0.68
C TYR B 495 -46.09 28.96 0.53
N GLY B 496 -47.21 29.09 -0.16
CA GLY B 496 -47.73 30.41 -0.56
C GLY B 496 -46.79 31.15 -1.49
N PHE B 497 -46.32 30.50 -2.56
CA PHE B 497 -45.48 31.18 -3.57
C PHE B 497 -46.23 32.38 -4.14
N GLN B 498 -45.55 33.51 -4.18
CA GLN B 498 -46.09 34.68 -4.93
C GLN B 498 -45.42 34.70 -6.29
N PRO B 499 -46.14 35.14 -7.35
CA PRO B 499 -45.55 35.18 -8.68
C PRO B 499 -44.35 36.15 -8.81
N THR B 500 -44.13 37.01 -7.82
CA THR B 500 -43.09 38.06 -7.90
C THR B 500 -42.03 37.90 -6.82
N ASN B 501 -41.89 36.73 -6.21
CA ASN B 501 -40.86 36.52 -5.17
C ASN B 501 -39.45 36.55 -5.78
N GLY B 502 -38.44 36.53 -4.93
CA GLY B 502 -37.04 36.31 -5.33
C GLY B 502 -36.85 34.98 -6.04
N VAL B 503 -35.82 34.88 -6.86
CA VAL B 503 -35.56 33.66 -7.67
C VAL B 503 -35.34 32.47 -6.72
N GLY B 504 -34.67 32.70 -5.59
CA GLY B 504 -34.51 31.67 -4.54
C GLY B 504 -35.84 31.27 -3.93
N TYR B 505 -36.75 32.23 -3.78
CA TYR B 505 -38.06 32.01 -3.13
C TYR B 505 -39.06 31.50 -4.16
N GLN B 506 -38.69 31.49 -5.44
CA GLN B 506 -39.62 31.10 -6.52
C GLN B 506 -39.82 29.59 -6.51
N PRO B 507 -40.96 29.10 -7.03
CA PRO B 507 -41.17 27.67 -7.20
C PRO B 507 -40.15 27.00 -8.13
N TYR B 508 -40.01 25.69 -7.98
CA TYR B 508 -39.09 24.87 -8.80
C TYR B 508 -39.64 23.46 -8.92
N ARG B 509 -39.76 22.98 -10.16
CA ARG B 509 -40.21 21.59 -10.43
C ARG B 509 -38.99 20.70 -10.49
N VAL B 510 -38.99 19.65 -9.68
CA VAL B 510 -37.81 18.76 -9.56
C VAL B 510 -38.25 17.32 -9.77
N VAL B 511 -37.53 16.63 -10.65
CA VAL B 511 -37.68 15.17 -10.87
C VAL B 511 -36.37 14.52 -10.51
N VAL B 512 -36.41 13.59 -9.56
CA VAL B 512 -35.22 12.81 -9.15
C VAL B 512 -35.34 11.43 -9.76
N LEU B 513 -34.46 11.11 -10.69
CA LEU B 513 -34.41 9.78 -11.33
C LEU B 513 -33.41 8.93 -10.54
N SER B 514 -33.88 7.85 -9.94
CA SER B 514 -33.05 6.91 -9.17
C SER B 514 -32.89 5.64 -9.99
N PHE B 515 -31.65 5.26 -10.27
CA PHE B 515 -31.35 4.10 -11.14
C PHE B 515 -31.05 2.89 -10.27
N GLU B 516 -31.86 1.85 -10.42
CA GLU B 516 -31.73 0.60 -9.64
C GLU B 516 -30.94 -0.38 -10.50
N LEU B 517 -29.74 -0.73 -10.06
CA LEU B 517 -28.77 -1.53 -10.87
C LEU B 517 -28.38 -2.81 -10.12
N LEU B 518 -29.35 -3.55 -9.58
CA LEU B 518 -29.07 -4.84 -8.87
C LEU B 518 -28.69 -5.92 -9.89
N HIS B 519 -28.49 -7.14 -9.41
CA HIS B 519 -28.27 -8.33 -10.28
C HIS B 519 -29.56 -8.73 -10.99
N ALA B 520 -30.65 -7.99 -10.80
CA ALA B 520 -31.91 -8.17 -11.55
C ALA B 520 -31.63 -7.97 -13.03
N PRO B 521 -32.49 -8.48 -13.94
CA PRO B 521 -32.30 -8.24 -15.36
C PRO B 521 -32.52 -6.76 -15.67
N ALA B 522 -31.73 -6.24 -16.62
CA ALA B 522 -31.80 -4.83 -17.03
C ALA B 522 -32.97 -4.65 -17.98
N THR B 523 -33.95 -3.85 -17.59
CA THR B 523 -35.19 -3.67 -18.40
C THR B 523 -35.30 -2.24 -18.94
N VAL B 524 -34.76 -1.24 -18.27
CA VAL B 524 -34.78 0.15 -18.77
C VAL B 524 -33.52 0.38 -19.61
N CYS B 525 -33.57 0.01 -20.87
CA CYS B 525 -32.38 0.11 -21.76
C CYS B 525 -32.51 1.34 -22.66
N GLY B 526 -31.38 1.71 -23.26
CA GLY B 526 -31.31 2.85 -24.19
C GLY B 526 -31.90 2.52 -25.55
N PRO B 527 -31.90 3.50 -26.47
CA PRO B 527 -32.42 3.28 -27.82
C PRO B 527 -31.41 2.74 -28.84
N LYS B 528 -30.26 2.25 -28.39
CA LYS B 528 -29.21 1.75 -29.31
C LYS B 528 -29.77 0.57 -30.12
N LYS B 529 -29.53 0.60 -31.43
CA LYS B 529 -29.96 -0.49 -32.34
C LYS B 529 -29.18 -1.76 -32.00
N SER B 530 -29.91 -2.85 -31.75
CA SER B 530 -29.30 -4.19 -31.64
C SER B 530 -28.76 -4.59 -33.02
N THR B 531 -27.57 -5.16 -33.04
CA THR B 531 -26.91 -5.61 -34.28
C THR B 531 -27.03 -7.11 -34.42
N ASN B 532 -26.72 -7.60 -35.61
CA ASN B 532 -26.74 -9.06 -35.89
C ASN B 532 -25.64 -9.75 -35.08
N LEU B 533 -25.95 -10.92 -34.57
CA LEU B 533 -25.03 -11.65 -33.68
C LEU B 533 -23.93 -12.32 -34.51
N VAL B 534 -22.70 -12.24 -34.02
CA VAL B 534 -21.52 -12.81 -34.73
C VAL B 534 -20.84 -13.82 -33.82
N LYS B 535 -20.61 -15.02 -34.33
CA LYS B 535 -19.99 -16.11 -33.55
C LYS B 535 -18.58 -16.38 -34.06
N ASN B 536 -17.79 -17.07 -33.25
CA ASN B 536 -16.46 -17.61 -33.61
C ASN B 536 -15.49 -16.49 -33.99
N LYS B 537 -15.78 -15.25 -33.61
CA LYS B 537 -14.90 -14.10 -33.92
C LYS B 537 -14.76 -13.23 -32.68
N CYS B 538 -13.53 -12.82 -32.41
CA CYS B 538 -13.24 -11.93 -31.26
C CYS B 538 -13.94 -10.59 -31.50
N VAL B 539 -15.02 -10.36 -30.77
CA VAL B 539 -15.84 -9.13 -30.93
C VAL B 539 -16.07 -8.49 -29.57
N ASN B 540 -16.43 -7.21 -29.60
CA ASN B 540 -16.95 -6.49 -28.43
C ASN B 540 -18.46 -6.67 -28.43
N PHE B 541 -19.01 -7.16 -27.33
CA PHE B 541 -20.45 -7.48 -27.23
C PHE B 541 -21.07 -6.72 -26.07
N ASN B 542 -22.37 -6.44 -26.23
CA ASN B 542 -23.21 -5.82 -25.20
C ASN B 542 -24.50 -6.61 -25.11
N PHE B 543 -24.69 -7.33 -24.01
CA PHE B 543 -25.90 -8.14 -23.76
C PHE B 543 -26.63 -7.56 -22.56
N ASN B 544 -27.67 -6.77 -22.80
CA ASN B 544 -28.52 -6.19 -21.74
C ASN B 544 -27.66 -5.47 -20.70
N GLY B 545 -26.68 -4.71 -21.17
CA GLY B 545 -25.81 -3.89 -20.31
C GLY B 545 -24.58 -4.64 -19.83
N LEU B 546 -24.41 -5.91 -20.16
CA LEU B 546 -23.14 -6.62 -19.88
C LEU B 546 -22.24 -6.44 -21.10
N THR B 547 -21.16 -5.67 -20.92
CA THR B 547 -20.22 -5.38 -22.02
C THR B 547 -18.95 -6.19 -21.80
N GLY B 548 -18.46 -6.82 -22.87
CA GLY B 548 -17.22 -7.59 -22.77
C GLY B 548 -16.63 -7.90 -24.13
N THR B 549 -15.34 -8.19 -24.14
CA THR B 549 -14.61 -8.55 -25.36
C THR B 549 -14.33 -10.04 -25.33
N GLY B 550 -14.73 -10.75 -26.38
CA GLY B 550 -14.53 -12.20 -26.42
C GLY B 550 -15.00 -12.82 -27.70
N VAL B 551 -14.81 -14.13 -27.78
CA VAL B 551 -15.30 -14.96 -28.90
C VAL B 551 -16.57 -15.64 -28.41
N LEU B 552 -17.67 -15.42 -29.12
CA LEU B 552 -18.98 -15.99 -28.75
C LEU B 552 -19.16 -17.28 -29.52
N THR B 553 -19.28 -18.40 -28.81
CA THR B 553 -19.45 -19.72 -29.43
C THR B 553 -20.79 -20.30 -29.00
N GLU B 554 -21.29 -21.24 -29.79
CA GLU B 554 -22.56 -21.94 -29.46
C GLU B 554 -22.33 -22.76 -28.20
N SER B 555 -23.15 -22.53 -27.18
CA SER B 555 -22.95 -23.12 -25.84
C SER B 555 -23.80 -24.37 -25.70
N ASN B 556 -23.18 -25.47 -25.26
CA ASN B 556 -23.92 -26.68 -24.86
C ASN B 556 -24.50 -26.51 -23.46
N LYS B 557 -24.10 -25.48 -22.72
CA LYS B 557 -24.70 -25.22 -21.38
C LYS B 557 -26.20 -25.04 -21.54
N LYS B 558 -26.98 -25.77 -20.75
CA LYS B 558 -28.45 -25.63 -20.79
C LYS B 558 -28.92 -24.91 -19.53
N PHE B 559 -28.96 -23.59 -19.61
CA PHE B 559 -29.42 -22.71 -18.52
C PHE B 559 -30.84 -23.09 -18.12
N LEU B 560 -31.14 -22.98 -16.83
CA LEU B 560 -32.55 -23.02 -16.39
C LEU B 560 -33.25 -21.77 -16.92
N PRO B 561 -34.55 -21.87 -17.25
CA PRO B 561 -35.25 -20.80 -17.94
C PRO B 561 -35.14 -19.41 -17.29
N PHE B 562 -34.99 -19.34 -15.97
CA PHE B 562 -34.87 -18.04 -15.28
C PHE B 562 -33.44 -17.52 -15.37
N GLN B 563 -32.47 -18.38 -15.71
CA GLN B 563 -31.05 -17.99 -15.68
C GLN B 563 -30.71 -17.13 -16.90
N GLN B 564 -29.87 -16.13 -16.69
CA GLN B 564 -29.46 -15.18 -17.76
C GLN B 564 -27.96 -15.22 -18.03
N PHE B 565 -27.13 -15.45 -17.02
CA PHE B 565 -25.65 -15.46 -17.20
C PHE B 565 -25.08 -16.75 -16.63
N GLY B 566 -23.80 -16.97 -16.87
CA GLY B 566 -23.05 -18.09 -16.30
C GLY B 566 -21.71 -17.61 -15.78
N ARG B 567 -21.20 -18.27 -14.75
CA ARG B 567 -19.92 -17.87 -14.14
C ARG B 567 -19.04 -19.08 -13.88
N ASP B 568 -17.74 -18.83 -13.83
CA ASP B 568 -16.71 -19.87 -13.58
C ASP B 568 -16.49 -20.05 -12.07
N ILE B 569 -15.48 -20.83 -11.72
CA ILE B 569 -15.07 -21.00 -10.29
C ILE B 569 -14.55 -19.66 -9.77
N ALA B 570 -14.03 -18.82 -10.66
CA ALA B 570 -13.45 -17.51 -10.28
C ALA B 570 -14.49 -16.38 -10.41
N ASP B 571 -15.75 -16.70 -10.71
CA ASP B 571 -16.85 -15.72 -10.88
C ASP B 571 -16.58 -14.77 -12.04
N THR B 572 -15.93 -15.24 -13.08
CA THR B 572 -15.83 -14.50 -14.36
C THR B 572 -16.97 -14.95 -15.27
N THR B 573 -17.47 -14.04 -16.10
CA THR B 573 -18.59 -14.35 -17.01
C THR B 573 -18.17 -15.41 -18.02
N ASP B 574 -18.82 -16.57 -17.96
CA ASP B 574 -18.48 -17.74 -18.80
C ASP B 574 -19.49 -17.90 -19.94
N ALA B 575 -20.78 -17.74 -19.67
CA ALA B 575 -21.84 -17.87 -20.70
C ALA B 575 -22.85 -16.75 -20.54
N VAL B 576 -23.52 -16.43 -21.63
CA VAL B 576 -24.55 -15.37 -21.67
C VAL B 576 -25.76 -15.91 -22.43
N ARG B 577 -26.89 -15.26 -22.26
CA ARG B 577 -28.13 -15.61 -23.00
C ARG B 577 -28.48 -14.46 -23.94
N ASP B 578 -28.67 -14.80 -25.21
CA ASP B 578 -29.04 -13.79 -26.23
C ASP B 578 -30.43 -13.25 -25.88
N PRO B 579 -30.60 -11.91 -25.76
CA PRO B 579 -31.93 -11.36 -25.53
C PRO B 579 -32.94 -11.65 -26.65
N GLN B 580 -32.53 -11.45 -27.90
CA GLN B 580 -33.41 -11.63 -29.08
C GLN B 580 -33.91 -13.09 -29.12
N THR B 581 -33.02 -14.05 -29.28
CA THR B 581 -33.38 -15.47 -29.28
C THR B 581 -32.80 -16.15 -28.05
N LEU B 582 -33.57 -17.06 -27.44
CA LEU B 582 -33.14 -17.74 -26.20
C LEU B 582 -32.00 -18.70 -26.54
N GLU B 583 -30.84 -18.14 -26.79
CA GLU B 583 -29.63 -18.90 -27.16
C GLU B 583 -28.57 -18.72 -26.07
N ILE B 584 -27.95 -19.81 -25.68
CA ILE B 584 -26.82 -19.77 -24.71
C ILE B 584 -25.53 -19.68 -25.51
N LEU B 585 -24.66 -18.76 -25.11
CA LEU B 585 -23.39 -18.50 -25.83
C LEU B 585 -22.24 -18.53 -24.84
N ASP B 586 -21.26 -19.37 -25.11
CA ASP B 586 -19.98 -19.37 -24.35
C ASP B 586 -19.17 -18.14 -24.76
N ILE B 587 -18.55 -17.50 -23.78
CA ILE B 587 -17.67 -16.34 -24.02
C ILE B 587 -16.24 -16.78 -23.71
N THR B 588 -15.42 -16.90 -24.74
CA THR B 588 -14.01 -17.27 -24.57
C THR B 588 -13.17 -16.02 -24.72
N PRO B 589 -12.29 -15.69 -23.75
CA PRO B 589 -11.49 -14.48 -23.87
C PRO B 589 -10.62 -14.50 -25.14
N CYS B 590 -10.52 -13.34 -25.78
CA CYS B 590 -9.76 -13.19 -27.04
C CYS B 590 -8.30 -13.61 -26.82
N SER B 591 -7.75 -14.32 -27.79
CA SER B 591 -6.42 -14.97 -27.67
C SER B 591 -5.36 -13.91 -27.32
N PHE B 592 -4.59 -14.17 -26.27
CA PHE B 592 -3.52 -13.26 -25.83
C PHE B 592 -2.33 -14.09 -25.36
N GLY B 593 -1.18 -13.44 -25.27
CA GLY B 593 0.02 -14.09 -24.72
C GLY B 593 1.28 -13.32 -24.97
N GLY B 594 2.34 -13.64 -24.23
CA GLY B 594 3.63 -12.95 -24.36
C GLY B 594 4.23 -13.13 -25.73
N VAL B 595 5.09 -12.20 -26.11
CA VAL B 595 5.89 -12.31 -27.35
C VAL B 595 7.35 -12.33 -26.96
N SER B 596 8.02 -13.42 -27.30
CA SER B 596 9.46 -13.61 -26.99
C SER B 596 10.25 -13.52 -28.29
N VAL B 597 11.47 -13.00 -28.20
CA VAL B 597 12.35 -12.89 -29.39
C VAL B 597 13.53 -13.81 -29.20
N ILE B 598 13.57 -14.88 -29.98
CA ILE B 598 14.73 -15.81 -30.01
C ILE B 598 15.80 -15.15 -30.87
N THR B 599 16.91 -14.78 -30.27
CA THR B 599 18.00 -14.11 -31.01
C THR B 599 19.33 -14.74 -30.64
N PRO B 600 20.20 -15.04 -31.62
CA PRO B 600 21.61 -15.13 -31.34
C PRO B 600 22.14 -13.72 -31.04
N GLY B 601 23.34 -13.67 -30.49
CA GLY B 601 23.98 -12.39 -30.14
C GLY B 601 24.03 -11.46 -31.34
N THR B 602 23.89 -10.16 -31.14
CA THR B 602 24.07 -9.18 -32.24
C THR B 602 25.47 -9.27 -32.81
N ASN B 603 26.42 -9.77 -32.02
CA ASN B 603 27.73 -10.26 -32.53
C ASN B 603 27.56 -11.25 -33.68
N THR B 604 26.59 -12.15 -33.60
CA THR B 604 26.46 -13.25 -34.58
C THR B 604 25.60 -12.80 -35.76
N SER B 605 24.38 -12.35 -35.52
CA SER B 605 23.46 -11.96 -36.61
C SER B 605 22.37 -11.04 -36.07
N ASN B 606 21.69 -10.38 -37.00
CA ASN B 606 20.48 -9.57 -36.69
C ASN B 606 19.22 -10.39 -36.97
N GLN B 607 19.36 -11.64 -37.43
CA GLN B 607 18.19 -12.53 -37.62
C GLN B 607 17.58 -12.85 -36.26
N VAL B 608 16.26 -12.84 -36.19
CA VAL B 608 15.52 -13.20 -34.96
C VAL B 608 14.32 -14.06 -35.34
N ALA B 609 13.98 -14.98 -34.47
CA ALA B 609 12.67 -15.68 -34.49
C ALA B 609 11.77 -15.06 -33.43
N VAL B 610 10.47 -15.23 -33.60
CA VAL B 610 9.49 -14.66 -32.65
C VAL B 610 8.55 -15.77 -32.20
N LEU B 611 8.39 -15.89 -30.89
CA LEU B 611 7.49 -16.90 -30.29
C LEU B 611 6.29 -16.17 -29.69
N TYR B 612 5.11 -16.44 -30.23
CA TYR B 612 3.84 -15.98 -29.63
C TYR B 612 3.38 -17.07 -28.69
N GLN B 613 3.48 -16.83 -27.39
CA GLN B 613 3.31 -17.90 -26.37
C GLN B 613 1.83 -18.30 -26.30
N ASP B 614 1.58 -19.61 -26.37
CA ASP B 614 0.21 -20.20 -26.23
C ASP B 614 -0.75 -19.54 -27.22
N VAL B 615 -0.31 -19.37 -28.46
CA VAL B 615 -1.17 -18.82 -29.54
C VAL B 615 -1.10 -19.74 -30.75
N ASN B 616 -2.26 -20.17 -31.22
CA ASN B 616 -2.35 -20.96 -32.46
C ASN B 616 -1.86 -20.12 -33.64
N CYS B 617 -1.27 -20.76 -34.62
CA CYS B 617 -0.67 -20.06 -35.79
C CYS B 617 -1.77 -19.66 -36.76
N THR B 618 -2.90 -19.17 -36.26
CA THR B 618 -4.00 -18.65 -37.09
C THR B 618 -4.32 -17.26 -36.59
N GLU B 619 -4.32 -17.11 -35.26
CA GLU B 619 -4.56 -15.80 -34.60
C GLU B 619 -3.43 -14.82 -34.95
N VAL B 620 -2.19 -15.28 -35.05
CA VAL B 620 -1.04 -14.38 -35.33
C VAL B 620 -1.30 -13.75 -36.70
N PRO B 621 -1.18 -12.41 -36.86
CA PRO B 621 -1.46 -11.78 -38.15
C PRO B 621 -0.59 -12.31 -39.31
N SER B 640 10.27 -17.66 -44.84
CA SER B 640 8.99 -17.46 -44.11
C SER B 640 8.52 -18.80 -43.54
N ASN B 641 9.01 -19.17 -42.37
CA ASN B 641 8.64 -20.44 -41.70
C ASN B 641 7.75 -20.13 -40.50
N VAL B 642 6.59 -20.78 -40.43
CA VAL B 642 5.68 -20.67 -39.27
C VAL B 642 5.46 -22.08 -38.73
N PHE B 643 5.88 -22.30 -37.50
CA PHE B 643 5.94 -23.65 -36.89
C PHE B 643 5.15 -23.63 -35.58
N GLN B 644 4.22 -24.56 -35.44
CA GLN B 644 3.35 -24.62 -34.25
C GLN B 644 4.01 -25.53 -33.21
N THR B 645 4.39 -24.97 -32.08
CA THR B 645 4.97 -25.73 -30.95
C THR B 645 3.95 -25.78 -29.81
N ARG B 646 4.27 -26.55 -28.78
CA ARG B 646 3.44 -26.57 -27.56
C ARG B 646 3.65 -25.28 -26.77
N ALA B 647 4.74 -24.56 -27.02
CA ALA B 647 5.03 -23.27 -26.33
C ALA B 647 4.36 -22.11 -27.07
N GLY B 648 3.85 -22.33 -28.28
CA GLY B 648 3.14 -21.29 -29.04
C GLY B 648 3.50 -21.34 -30.49
N CYS B 649 3.38 -20.20 -31.16
CA CYS B 649 3.63 -20.07 -32.60
C CYS B 649 5.02 -19.48 -32.82
N LEU B 650 5.88 -20.18 -33.54
CA LEU B 650 7.27 -19.74 -33.77
C LEU B 650 7.44 -19.32 -35.22
N ILE B 651 7.85 -18.08 -35.43
CA ILE B 651 7.93 -17.48 -36.78
C ILE B 651 9.36 -17.04 -37.04
N GLY B 652 9.92 -17.46 -38.17
CA GLY B 652 11.28 -17.11 -38.60
C GLY B 652 12.32 -18.16 -38.21
N ALA B 653 11.89 -19.29 -37.64
CA ALA B 653 12.79 -20.40 -37.29
C ALA B 653 12.42 -21.61 -38.15
N GLU B 654 13.42 -22.21 -38.79
CA GLU B 654 13.21 -23.40 -39.65
C GLU B 654 13.18 -24.63 -38.76
N HIS B 655 12.13 -25.43 -38.86
CA HIS B 655 12.04 -26.71 -38.14
C HIS B 655 13.03 -27.70 -38.74
N VAL B 656 13.87 -28.30 -37.90
CA VAL B 656 14.89 -29.27 -38.34
C VAL B 656 14.62 -30.59 -37.62
N ASN B 657 14.61 -31.69 -38.36
CA ASN B 657 14.32 -33.02 -37.79
C ASN B 657 15.44 -33.45 -36.84
N ASN B 658 16.67 -33.04 -37.12
CA ASN B 658 17.83 -33.45 -36.28
C ASN B 658 17.69 -32.91 -34.87
N SER B 659 18.18 -33.68 -33.90
CA SER B 659 18.19 -33.29 -32.47
C SER B 659 19.59 -32.87 -32.07
N TYR B 660 19.72 -31.71 -31.42
CA TYR B 660 21.02 -31.21 -30.94
C TYR B 660 20.90 -30.87 -29.46
N GLU B 661 22.03 -30.59 -28.84
CA GLU B 661 22.06 -30.07 -27.46
C GLU B 661 21.32 -28.73 -27.44
N CYS B 662 20.56 -28.48 -26.38
CA CYS B 662 19.76 -27.26 -26.25
C CYS B 662 20.67 -26.03 -26.26
N ASP B 663 20.33 -25.03 -27.06
CA ASP B 663 21.11 -23.79 -27.16
C ASP B 663 20.29 -22.63 -26.60
N ILE B 664 19.10 -22.42 -27.16
CA ILE B 664 18.16 -21.38 -26.67
C ILE B 664 16.87 -22.10 -26.30
N PRO B 665 16.54 -22.22 -25.00
CA PRO B 665 15.36 -22.97 -24.59
C PRO B 665 14.06 -22.24 -24.96
N ILE B 666 13.28 -22.85 -25.85
CA ILE B 666 11.99 -22.26 -26.29
C ILE B 666 10.85 -22.80 -25.42
N GLY B 667 10.72 -24.11 -25.33
CA GLY B 667 9.58 -24.68 -24.60
C GLY B 667 9.63 -26.18 -24.52
N ALA B 668 8.46 -26.80 -24.59
CA ALA B 668 8.23 -28.20 -24.15
C ALA B 668 9.07 -29.15 -24.99
N GLY B 669 10.36 -29.20 -24.70
CA GLY B 669 11.35 -30.01 -25.42
C GLY B 669 11.91 -29.33 -26.66
N ILE B 670 11.53 -28.08 -26.93
CA ILE B 670 11.93 -27.39 -28.18
C ILE B 670 12.96 -26.33 -27.85
N CYS B 671 14.07 -26.37 -28.57
CA CYS B 671 15.17 -25.39 -28.43
C CYS B 671 15.51 -24.82 -29.81
N ALA B 672 16.11 -23.63 -29.82
CA ALA B 672 16.51 -22.95 -31.07
C ALA B 672 18.01 -22.67 -31.07
N SER B 673 18.58 -22.57 -32.26
CA SER B 673 20.02 -22.27 -32.42
C SER B 673 20.30 -21.71 -33.81
N TYR B 674 21.40 -20.99 -33.92
CA TYR B 674 21.87 -20.40 -35.20
C TYR B 674 22.88 -21.35 -35.81
N GLN B 675 22.63 -21.81 -37.02
CA GLN B 675 23.44 -22.92 -37.60
C GLN B 675 23.59 -22.76 -39.11
N THR B 676 24.17 -23.80 -39.72
CA THR B 676 24.60 -23.86 -41.13
C THR B 676 25.65 -22.78 -41.41
N SER B 689 23.31 -18.68 -45.83
CA SER B 689 23.43 -20.08 -45.34
C SER B 689 23.00 -20.16 -43.87
N GLN B 690 23.57 -19.30 -43.04
CA GLN B 690 23.26 -19.26 -41.58
C GLN B 690 21.76 -19.03 -41.41
N SER B 691 21.16 -19.73 -40.46
CA SER B 691 19.72 -19.54 -40.14
C SER B 691 19.42 -19.97 -38.72
N ILE B 692 18.29 -19.51 -38.21
CA ILE B 692 17.78 -19.94 -36.88
C ILE B 692 16.90 -21.17 -37.09
N ILE B 693 17.18 -22.22 -36.34
CA ILE B 693 16.40 -23.48 -36.44
C ILE B 693 15.83 -23.81 -35.08
N ALA B 694 14.72 -24.53 -35.11
CA ALA B 694 14.03 -25.07 -33.92
C ALA B 694 14.02 -26.59 -34.01
N TYR B 695 14.27 -27.25 -32.90
CA TYR B 695 14.41 -28.71 -32.89
C TYR B 695 14.06 -29.24 -31.51
N THR B 696 13.68 -30.50 -31.46
CA THR B 696 13.55 -31.24 -30.20
C THR B 696 14.95 -31.43 -29.62
N MET B 697 15.18 -30.92 -28.42
CA MET B 697 16.53 -30.97 -27.81
C MET B 697 16.95 -32.43 -27.58
N SER B 698 18.21 -32.71 -27.79
CA SER B 698 18.81 -34.04 -27.59
C SER B 698 19.27 -34.17 -26.14
N LEU B 699 18.91 -35.25 -25.48
CA LEU B 699 19.26 -35.42 -24.04
C LEU B 699 20.72 -35.84 -23.90
N GLY B 700 21.32 -36.39 -24.95
CA GLY B 700 22.75 -36.75 -24.97
C GLY B 700 22.98 -37.98 -25.82
N ALA B 701 24.24 -38.38 -25.90
CA ALA B 701 24.68 -39.53 -26.71
C ALA B 701 23.99 -40.80 -26.20
N GLU B 702 23.41 -41.57 -27.11
CA GLU B 702 22.64 -42.78 -26.75
C GLU B 702 23.58 -43.97 -26.75
N ASN B 703 23.78 -44.59 -25.60
CA ASN B 703 24.86 -45.58 -25.39
C ASN B 703 24.31 -46.78 -24.64
N SER B 704 24.42 -47.96 -25.24
CA SER B 704 24.12 -49.23 -24.53
C SER B 704 25.40 -49.73 -23.86
N VAL B 705 25.30 -50.05 -22.58
CA VAL B 705 26.44 -50.57 -21.79
C VAL B 705 26.56 -52.06 -22.07
N ALA B 706 27.78 -52.53 -22.30
CA ALA B 706 28.04 -53.93 -22.71
C ALA B 706 27.89 -54.84 -21.49
N TYR B 707 26.70 -54.87 -20.89
CA TYR B 707 26.47 -55.65 -19.66
C TYR B 707 26.43 -57.14 -19.99
N SER B 708 26.98 -57.93 -19.07
CA SER B 708 26.93 -59.41 -19.12
C SER B 708 27.14 -59.93 -17.70
N ASN B 709 26.78 -61.18 -17.47
CA ASN B 709 26.85 -61.75 -16.10
C ASN B 709 28.30 -62.09 -15.75
N ASN B 710 29.24 -62.05 -16.69
CA ASN B 710 30.65 -62.37 -16.39
C ASN B 710 31.60 -61.41 -17.12
N SER B 711 31.17 -60.19 -17.40
CA SER B 711 32.00 -59.18 -18.10
C SER B 711 32.24 -58.00 -17.17
N ILE B 712 33.49 -57.63 -16.97
CA ILE B 712 33.85 -56.44 -16.16
C ILE B 712 34.80 -55.57 -16.97
N ALA B 713 34.59 -54.26 -16.93
CA ALA B 713 35.48 -53.30 -17.59
C ALA B 713 36.32 -52.61 -16.52
N ILE B 714 37.63 -52.78 -16.59
CA ILE B 714 38.58 -52.22 -15.59
C ILE B 714 39.37 -51.12 -16.26
N PRO B 715 39.55 -49.96 -15.61
CA PRO B 715 40.44 -48.93 -16.13
C PRO B 715 41.90 -49.38 -16.15
N THR B 716 42.62 -49.01 -17.19
CA THR B 716 44.07 -49.31 -17.33
C THR B 716 44.88 -48.02 -17.25
N ASN B 717 44.23 -46.87 -17.13
CA ASN B 717 44.94 -45.58 -17.01
C ASN B 717 44.04 -44.62 -16.24
N PHE B 718 44.41 -43.35 -16.23
CA PHE B 718 43.61 -42.32 -15.54
C PHE B 718 43.98 -40.96 -16.10
N THR B 719 43.17 -39.97 -15.73
CA THR B 719 43.46 -38.55 -15.98
C THR B 719 43.20 -37.77 -14.70
N ILE B 720 43.96 -36.72 -14.50
CA ILE B 720 43.78 -35.81 -13.36
C ILE B 720 43.05 -34.58 -13.89
N SER B 721 41.83 -34.38 -13.44
CA SER B 721 40.96 -33.28 -13.95
C SER B 721 40.82 -32.22 -12.87
N VAL B 722 41.12 -30.98 -13.23
CA VAL B 722 40.90 -29.82 -12.34
C VAL B 722 39.71 -29.07 -12.92
N THR B 723 38.61 -29.04 -12.19
CA THR B 723 37.37 -28.37 -12.62
C THR B 723 37.10 -27.18 -11.70
N THR B 724 36.48 -26.16 -12.26
CA THR B 724 36.20 -24.90 -11.54
C THR B 724 34.76 -24.92 -11.06
N GLU B 725 34.56 -24.61 -9.78
CA GLU B 725 33.23 -24.36 -9.21
C GLU B 725 33.22 -22.94 -8.67
N ILE B 726 32.19 -22.18 -9.01
CA ILE B 726 32.11 -20.75 -8.62
C ILE B 726 30.87 -20.57 -7.76
N LEU B 727 31.05 -19.99 -6.58
CA LEU B 727 29.95 -19.85 -5.61
C LEU B 727 29.90 -18.42 -5.11
N PRO B 728 28.75 -17.73 -5.26
CA PRO B 728 28.55 -16.45 -4.58
C PRO B 728 28.62 -16.63 -3.06
N VAL B 729 29.29 -15.69 -2.39
CA VAL B 729 29.47 -15.75 -0.92
C VAL B 729 28.77 -14.56 -0.27
N SER B 730 28.96 -13.36 -0.80
CA SER B 730 28.35 -12.14 -0.24
C SER B 730 27.90 -11.23 -1.37
N MET B 731 27.14 -10.21 -1.01
CA MET B 731 26.76 -9.15 -1.97
C MET B 731 27.07 -7.79 -1.35
N THR B 732 26.86 -6.74 -2.12
CA THR B 732 27.18 -5.37 -1.67
C THR B 732 26.31 -5.01 -0.47
N LYS B 733 26.93 -4.46 0.56
CA LYS B 733 26.22 -4.02 1.78
C LYS B 733 25.63 -2.65 1.52
N THR B 734 24.48 -2.61 0.88
CA THR B 734 23.80 -1.33 0.63
C THR B 734 22.92 -0.99 1.83
N SER B 735 22.97 0.27 2.22
CA SER B 735 22.07 0.83 3.25
C SER B 735 21.29 1.98 2.62
N VAL B 736 20.00 2.04 2.91
CA VAL B 736 19.14 3.12 2.39
C VAL B 736 18.50 3.82 3.57
N ASP B 737 18.79 5.10 3.73
CA ASP B 737 18.13 5.94 4.75
C ASP B 737 16.69 6.13 4.28
N CYS B 738 15.75 5.59 5.03
CA CYS B 738 14.31 5.66 4.67
C CYS B 738 13.86 7.11 4.60
N THR B 739 14.25 7.92 5.57
CA THR B 739 13.73 9.30 5.70
C THR B 739 14.18 10.16 4.51
N MET B 740 15.46 10.13 4.16
CA MET B 740 15.94 11.03 3.10
C MET B 740 15.58 10.48 1.72
N TYR B 741 15.48 9.16 1.58
CA TYR B 741 14.98 8.59 0.31
C TYR B 741 13.55 9.05 0.07
N ILE B 742 12.70 8.92 1.08
CA ILE B 742 11.27 9.29 0.93
C ILE B 742 11.17 10.83 0.95
N CYS B 743 11.85 11.48 1.88
CA CYS B 743 11.59 12.91 2.18
C CYS B 743 12.89 13.71 2.25
N GLY B 744 13.71 13.62 1.21
CA GLY B 744 15.02 14.32 1.13
C GLY B 744 14.95 15.77 1.58
N ASP B 745 15.73 16.14 2.60
CA ASP B 745 15.96 17.51 3.10
C ASP B 745 14.65 18.28 3.32
N SER B 746 13.52 17.60 3.50
CA SER B 746 12.21 18.26 3.70
C SER B 746 11.71 17.95 5.11
N THR B 747 11.47 18.99 5.90
CA THR B 747 10.94 18.83 7.27
C THR B 747 9.44 18.54 7.23
N GLU B 748 8.70 19.15 6.32
CA GLU B 748 7.24 18.90 6.22
C GLU B 748 7.01 17.44 5.84
N CYS B 749 7.76 16.95 4.87
CA CYS B 749 7.63 15.55 4.40
C CYS B 749 8.01 14.59 5.54
N SER B 750 9.06 14.91 6.28
CA SER B 750 9.51 14.06 7.41
C SER B 750 8.41 14.03 8.49
N ASN B 751 7.82 15.17 8.78
CA ASN B 751 6.73 15.26 9.79
C ASN B 751 5.53 14.42 9.32
N LEU B 752 5.18 14.49 8.05
CA LEU B 752 4.07 13.67 7.50
C LEU B 752 4.44 12.19 7.55
N LEU B 753 5.69 11.84 7.27
CA LEU B 753 6.14 10.43 7.29
C LEU B 753 6.11 9.89 8.72
N LEU B 754 6.25 10.78 9.71
CA LEU B 754 6.18 10.36 11.13
C LEU B 754 4.81 9.76 11.44
N GLN B 755 3.78 10.05 10.65
CA GLN B 755 2.41 9.51 10.88
C GLN B 755 2.36 8.00 10.68
N TYR B 756 3.36 7.39 10.06
CA TYR B 756 3.33 5.94 9.74
C TYR B 756 3.96 5.12 10.86
N GLY B 757 4.85 5.72 11.66
CA GLY B 757 5.46 5.05 12.81
C GLY B 757 6.77 4.40 12.43
N SER B 758 6.97 3.14 12.76
CA SER B 758 8.29 2.49 12.69
C SER B 758 8.52 1.88 11.29
N PHE B 759 7.78 2.30 10.27
CA PHE B 759 8.01 1.84 8.89
C PHE B 759 9.47 2.01 8.53
N CYS B 760 10.03 3.19 8.79
CA CYS B 760 11.41 3.53 8.36
C CYS B 760 12.43 2.77 9.20
N THR B 761 12.22 2.73 10.51
CA THR B 761 13.19 2.11 11.44
C THR B 761 13.28 0.62 11.15
N GLN B 762 12.16 -0.03 10.85
CA GLN B 762 12.22 -1.49 10.60
C GLN B 762 12.86 -1.77 9.23
N LEU B 763 12.67 -0.91 8.23
CA LEU B 763 13.37 -1.09 6.93
C LEU B 763 14.88 -0.94 7.14
N ASN B 764 15.29 0.07 7.91
CA ASN B 764 16.72 0.27 8.23
C ASN B 764 17.26 -0.95 8.97
N ARG B 765 16.48 -1.49 9.90
CA ARG B 765 16.90 -2.67 10.70
C ARG B 765 17.10 -3.86 9.75
N ALA B 766 16.19 -4.07 8.81
CA ALA B 766 16.28 -5.20 7.86
C ALA B 766 17.56 -5.06 7.03
N LEU B 767 17.83 -3.86 6.50
CA LEU B 767 19.02 -3.67 5.64
C LEU B 767 20.30 -3.84 6.48
N THR B 768 20.30 -3.37 7.72
CA THR B 768 21.47 -3.54 8.62
C THR B 768 21.70 -5.03 8.86
N GLY B 769 20.64 -5.78 9.11
CA GLY B 769 20.74 -7.23 9.28
C GLY B 769 21.35 -7.88 8.06
N ILE B 770 20.94 -7.44 6.88
CA ILE B 770 21.47 -8.00 5.60
C ILE B 770 22.98 -7.73 5.53
N ALA B 771 23.42 -6.52 5.86
CA ALA B 771 24.86 -6.16 5.76
C ALA B 771 25.68 -7.00 6.76
N VAL B 772 25.21 -7.11 7.99
CA VAL B 772 25.93 -7.91 9.02
C VAL B 772 25.97 -9.37 8.54
N GLU B 773 24.89 -9.83 7.91
CA GLU B 773 24.81 -11.21 7.38
C GLU B 773 25.86 -11.40 6.28
N GLN B 774 26.08 -10.39 5.44
CA GLN B 774 27.11 -10.50 4.37
C GLN B 774 28.49 -10.65 5.01
N ASP B 775 28.79 -9.86 6.02
CA ASP B 775 30.08 -10.00 6.74
C ASP B 775 30.21 -11.40 7.33
N LYS B 776 29.14 -11.90 7.93
CA LYS B 776 29.15 -13.25 8.54
C LYS B 776 29.37 -14.31 7.45
N ASN B 777 28.77 -14.12 6.28
CA ASN B 777 28.95 -15.08 5.15
C ASN B 777 30.43 -15.16 4.78
N THR B 778 31.07 -14.01 4.59
CA THR B 778 32.49 -13.99 4.21
C THR B 778 33.33 -14.64 5.30
N GLN B 779 33.04 -14.31 6.57
CA GLN B 779 33.82 -14.86 7.70
C GLN B 779 33.67 -16.39 7.73
N GLU B 780 32.46 -16.90 7.55
CA GLU B 780 32.21 -18.37 7.62
C GLU B 780 32.92 -19.07 6.46
N VAL B 781 32.91 -18.50 5.27
CA VAL B 781 33.53 -19.18 4.10
C VAL B 781 35.05 -19.16 4.26
N PHE B 782 35.64 -18.01 4.56
CA PHE B 782 37.11 -17.85 4.42
C PHE B 782 37.85 -17.99 5.74
N ALA B 783 37.34 -17.46 6.84
CA ALA B 783 38.04 -17.54 8.15
C ALA B 783 37.87 -18.95 8.71
N GLN B 784 38.34 -19.95 7.97
CA GLN B 784 38.23 -21.37 8.38
C GLN B 784 39.57 -21.85 8.93
N VAL B 785 40.55 -20.97 9.04
CA VAL B 785 41.93 -21.37 9.44
C VAL B 785 42.35 -20.47 10.60
N LYS B 786 42.98 -21.07 11.60
CA LYS B 786 43.35 -20.35 12.84
C LYS B 786 44.70 -19.64 12.64
N GLN B 787 45.55 -20.16 11.77
CA GLN B 787 46.90 -19.57 11.55
C GLN B 787 47.09 -19.27 10.07
N ILE B 788 47.94 -18.30 9.79
CA ILE B 788 48.26 -17.92 8.39
C ILE B 788 49.49 -18.71 7.99
N TYR B 789 49.28 -19.80 7.27
CA TYR B 789 50.37 -20.73 6.91
C TYR B 789 51.16 -20.17 5.73
N LYS B 790 52.41 -20.60 5.65
CA LYS B 790 53.33 -20.23 4.54
C LYS B 790 53.68 -21.50 3.74
N THR B 791 53.77 -21.34 2.44
CA THR B 791 54.54 -22.28 1.62
C THR B 791 56.01 -21.98 1.81
N PRO B 792 56.86 -23.02 1.88
CA PRO B 792 58.29 -22.80 2.06
C PRO B 792 58.89 -22.09 0.85
N PRO B 793 60.02 -21.37 1.03
CA PRO B 793 60.66 -20.72 -0.11
C PRO B 793 61.09 -21.69 -1.21
N ILE B 794 61.46 -22.92 -0.84
CA ILE B 794 61.81 -23.98 -1.83
C ILE B 794 60.53 -24.75 -2.14
N LYS B 795 60.04 -24.60 -3.36
CA LYS B 795 58.76 -25.24 -3.78
C LYS B 795 59.04 -26.63 -4.35
N ASP B 796 59.42 -27.57 -3.49
CA ASP B 796 59.69 -28.96 -3.91
C ASP B 796 58.45 -29.80 -3.60
N PHE B 797 57.49 -29.80 -4.51
CA PHE B 797 56.21 -30.51 -4.29
C PHE B 797 56.10 -31.75 -5.19
N GLY B 798 57.21 -32.44 -5.44
CA GLY B 798 57.25 -33.69 -6.21
C GLY B 798 56.88 -33.49 -7.68
N GLY B 799 57.06 -32.28 -8.20
CA GLY B 799 56.79 -31.97 -9.61
C GLY B 799 55.46 -31.28 -9.81
N PHE B 800 54.63 -31.19 -8.78
CA PHE B 800 53.35 -30.44 -8.87
C PHE B 800 53.65 -28.95 -8.80
N ASN B 801 53.11 -28.20 -9.75
CA ASN B 801 53.42 -26.76 -9.91
C ASN B 801 52.23 -25.96 -9.42
N PHE B 802 52.38 -25.26 -8.30
CA PHE B 802 51.31 -24.43 -7.71
C PHE B 802 51.60 -22.94 -7.91
N SER B 803 52.53 -22.59 -8.79
CA SER B 803 52.98 -21.18 -8.95
C SER B 803 51.81 -20.28 -9.36
N GLN B 804 50.84 -20.82 -10.07
CA GLN B 804 49.74 -20.01 -10.66
C GLN B 804 48.55 -19.91 -9.70
N ILE B 805 48.55 -20.64 -8.60
CA ILE B 805 47.50 -20.49 -7.56
C ILE B 805 48.10 -19.94 -6.27
N LEU B 806 49.41 -20.04 -6.07
CA LEU B 806 50.05 -19.43 -4.89
C LEU B 806 50.17 -17.93 -5.10
N PRO B 807 50.27 -17.14 -4.02
CA PRO B 807 50.36 -15.69 -4.16
C PRO B 807 51.60 -15.26 -4.95
N ASP B 808 51.44 -14.21 -5.75
CA ASP B 808 52.54 -13.61 -6.53
C ASP B 808 52.93 -12.29 -5.87
N PRO B 809 54.08 -12.22 -5.17
CA PRO B 809 54.47 -11.00 -4.47
C PRO B 809 54.67 -9.78 -5.40
N SER B 810 54.95 -10.01 -6.68
CA SER B 810 55.21 -8.91 -7.65
C SER B 810 53.96 -8.03 -7.76
N LYS B 811 52.78 -8.64 -7.83
CA LYS B 811 51.52 -7.88 -7.92
C LYS B 811 51.36 -7.08 -6.63
N PRO B 812 50.91 -5.81 -6.70
CA PRO B 812 50.71 -5.01 -5.50
C PRO B 812 49.75 -5.66 -4.50
N SER B 813 48.67 -6.25 -4.99
CA SER B 813 47.79 -7.12 -4.16
C SER B 813 48.36 -8.53 -4.23
N LYS B 814 48.54 -9.17 -3.07
CA LYS B 814 49.29 -10.45 -3.00
C LYS B 814 48.35 -11.61 -3.41
N ARG B 815 47.81 -11.49 -4.61
CA ARG B 815 46.85 -12.46 -5.19
C ARG B 815 47.58 -13.38 -6.18
N SER B 816 47.01 -14.54 -6.43
CA SER B 816 47.58 -15.48 -7.41
C SER B 816 47.31 -14.97 -8.83
N PHE B 817 47.93 -15.62 -9.80
CA PHE B 817 47.66 -15.36 -11.23
C PHE B 817 46.18 -15.62 -11.53
N ILE B 818 45.66 -16.74 -11.05
CA ILE B 818 44.25 -17.13 -11.32
C ILE B 818 43.32 -16.17 -10.59
N GLU B 819 43.66 -15.79 -9.36
CA GLU B 819 42.81 -14.83 -8.60
C GLU B 819 42.74 -13.50 -9.36
N ASP B 820 43.86 -13.05 -9.91
CA ASP B 820 43.87 -11.78 -10.67
C ASP B 820 43.08 -11.93 -11.96
N LEU B 821 43.14 -13.09 -12.59
CA LEU B 821 42.27 -13.35 -13.77
C LEU B 821 40.80 -13.26 -13.33
N LEU B 822 40.48 -13.76 -12.15
CA LEU B 822 39.07 -13.78 -11.67
C LEU B 822 38.60 -12.36 -11.36
N PHE B 823 39.47 -11.52 -10.78
CA PHE B 823 39.07 -10.16 -10.36
C PHE B 823 38.90 -9.23 -11.57
N ASN B 824 39.47 -9.56 -12.71
CA ASN B 824 39.39 -8.70 -13.92
C ASN B 824 38.25 -9.15 -14.82
N LYS B 825 37.50 -10.19 -14.45
CA LYS B 825 36.36 -10.68 -15.27
C LYS B 825 35.02 -10.26 -14.68
N VAL B 826 34.94 -9.93 -13.40
CA VAL B 826 33.67 -9.49 -12.77
C VAL B 826 33.67 -7.97 -12.72
N THR B 827 32.76 -7.35 -13.47
CA THR B 827 32.67 -5.88 -13.58
C THR B 827 31.46 -5.36 -12.80
N LYS B 854 22.42 6.28 -5.37
CA LYS B 854 23.77 6.89 -5.46
C LYS B 854 23.94 7.94 -4.35
N PHE B 855 23.08 8.95 -4.33
CA PHE B 855 23.17 10.06 -3.35
C PHE B 855 21.77 10.44 -2.86
N ASN B 856 20.88 9.47 -2.76
CA ASN B 856 19.48 9.71 -2.31
C ASN B 856 19.22 8.95 -1.02
N GLY B 857 20.16 9.02 -0.07
CA GLY B 857 20.14 8.22 1.16
C GLY B 857 20.66 6.81 0.92
N LEU B 858 21.33 6.59 -0.20
CA LEU B 858 21.85 5.26 -0.58
C LEU B 858 23.35 5.27 -0.34
N THR B 859 23.81 4.50 0.63
CA THR B 859 25.26 4.35 0.92
C THR B 859 25.67 2.90 0.71
N VAL B 860 26.93 2.70 0.39
CA VAL B 860 27.52 1.35 0.26
C VAL B 860 28.57 1.22 1.35
N LEU B 861 28.35 0.27 2.25
CA LEU B 861 29.27 0.02 3.38
C LEU B 861 30.38 -0.89 2.88
N PRO B 862 31.65 -0.57 3.19
CA PRO B 862 32.75 -1.43 2.78
C PRO B 862 32.69 -2.74 3.55
N PRO B 863 33.01 -3.88 2.91
CA PRO B 863 33.05 -5.16 3.62
C PRO B 863 34.10 -5.15 4.73
N LEU B 864 33.82 -5.91 5.80
CA LEU B 864 34.72 -5.96 6.97
C LEU B 864 36.10 -6.48 6.54
N LEU B 865 36.15 -7.52 5.72
CA LEU B 865 37.44 -8.08 5.24
C LEU B 865 37.73 -7.51 3.86
N THR B 866 38.85 -6.81 3.73
CA THR B 866 39.32 -6.31 2.43
C THR B 866 39.69 -7.49 1.53
N ASP B 867 39.77 -7.24 0.24
CA ASP B 867 40.17 -8.28 -0.74
C ASP B 867 41.55 -8.83 -0.39
N GLU B 868 42.40 -8.00 0.20
CA GLU B 868 43.75 -8.44 0.61
C GLU B 868 43.63 -9.48 1.73
N MET B 869 42.72 -9.29 2.67
CA MET B 869 42.59 -10.23 3.81
C MET B 869 41.95 -11.54 3.32
N ILE B 870 41.01 -11.46 2.39
CA ILE B 870 40.40 -12.69 1.81
C ILE B 870 41.48 -13.43 1.02
N ALA B 871 42.35 -12.70 0.34
CA ALA B 871 43.48 -13.31 -0.38
C ALA B 871 44.44 -13.98 0.61
N GLN B 872 44.67 -13.38 1.77
CA GLN B 872 45.56 -13.98 2.80
C GLN B 872 44.91 -15.24 3.36
N TYR B 873 43.59 -15.23 3.59
CA TYR B 873 42.87 -16.48 3.99
C TYR B 873 43.05 -17.56 2.93
N THR B 874 42.83 -17.25 1.67
CA THR B 874 42.93 -18.28 0.61
C THR B 874 44.36 -18.76 0.53
N SER B 875 45.33 -17.86 0.68
CA SER B 875 46.77 -18.23 0.67
C SER B 875 47.07 -19.17 1.83
N ALA B 876 46.56 -18.87 3.02
CA ALA B 876 46.81 -19.71 4.21
C ALA B 876 46.18 -21.09 4.01
N LEU B 877 44.95 -21.13 3.51
CA LEU B 877 44.26 -22.43 3.29
C LEU B 877 45.04 -23.24 2.24
N LEU B 878 45.46 -22.59 1.16
CA LEU B 878 46.18 -23.29 0.08
C LEU B 878 47.54 -23.79 0.59
N ALA B 879 48.26 -22.97 1.35
CA ALA B 879 49.58 -23.36 1.91
C ALA B 879 49.40 -24.53 2.88
N GLY B 880 48.37 -24.48 3.72
CA GLY B 880 48.10 -25.59 4.65
C GLY B 880 47.79 -26.87 3.90
N THR B 881 46.98 -26.78 2.86
CA THR B 881 46.64 -27.96 2.03
C THR B 881 47.90 -28.51 1.38
N ILE B 882 48.74 -27.64 0.84
CA ILE B 882 49.94 -28.09 0.07
C ILE B 882 50.97 -28.69 1.03
N THR B 883 51.16 -28.11 2.20
CA THR B 883 52.29 -28.49 3.08
C THR B 883 51.88 -29.54 4.10
N SER B 884 50.60 -29.66 4.44
CA SER B 884 50.17 -30.51 5.57
C SER B 884 48.98 -31.41 5.22
N GLY B 885 48.42 -31.31 4.03
CA GLY B 885 47.25 -32.14 3.68
C GLY B 885 46.02 -31.73 4.45
N TRP B 886 45.29 -32.70 4.97
CA TRP B 886 44.05 -32.43 5.74
C TRP B 886 44.35 -32.27 7.23
N THR B 887 45.59 -32.42 7.65
CA THR B 887 45.92 -32.44 9.10
C THR B 887 45.65 -31.07 9.72
N PHE B 888 45.90 -30.00 8.99
CA PHE B 888 45.72 -28.63 9.54
C PHE B 888 44.24 -28.32 9.77
N GLY B 889 43.34 -29.06 9.13
CA GLY B 889 41.88 -28.86 9.31
C GLY B 889 41.40 -29.51 10.59
N ALA B 890 42.10 -30.53 11.07
CA ALA B 890 41.66 -31.31 12.24
C ALA B 890 42.41 -30.86 13.49
N GLY B 891 43.58 -30.25 13.34
CA GLY B 891 44.39 -29.81 14.48
C GLY B 891 45.61 -29.02 14.06
N ALA B 892 46.76 -29.31 14.66
CA ALA B 892 48.04 -28.68 14.26
C ALA B 892 48.41 -29.14 12.85
N ALA B 893 49.03 -28.26 12.08
CA ALA B 893 49.46 -28.58 10.70
C ALA B 893 50.64 -29.54 10.78
N LEU B 894 50.51 -30.69 10.12
CA LEU B 894 51.56 -31.73 10.11
C LEU B 894 52.19 -31.78 8.74
N GLN B 895 53.43 -31.34 8.63
CA GLN B 895 54.13 -31.35 7.32
C GLN B 895 54.22 -32.79 6.82
N ILE B 896 54.05 -32.96 5.52
CA ILE B 896 54.16 -34.28 4.86
C ILE B 896 54.55 -34.01 3.41
N PRO B 897 55.47 -34.79 2.82
CA PRO B 897 55.81 -34.58 1.42
C PRO B 897 54.57 -34.67 0.53
N PHE B 898 54.48 -33.80 -0.45
CA PHE B 898 53.25 -33.67 -1.25
C PHE B 898 53.00 -34.97 -2.03
N ALA B 899 54.05 -35.66 -2.42
CA ALA B 899 53.92 -36.99 -3.05
C ALA B 899 53.21 -37.94 -2.09
N MET B 900 53.60 -37.94 -0.83
CA MET B 900 53.00 -38.88 0.14
C MET B 900 51.57 -38.45 0.47
N GLN B 901 51.28 -37.16 0.45
CA GLN B 901 49.88 -36.70 0.61
C GLN B 901 49.06 -37.18 -0.58
N MET B 902 49.61 -37.10 -1.78
CA MET B 902 48.91 -37.57 -2.99
C MET B 902 48.68 -39.08 -2.89
N ALA B 903 49.61 -39.81 -2.27
CA ALA B 903 49.46 -41.26 -2.06
C ALA B 903 48.34 -41.51 -1.04
N TYR B 904 48.31 -40.72 0.03
CA TYR B 904 47.20 -40.76 1.01
C TYR B 904 45.87 -40.63 0.26
N ARG B 905 45.77 -39.65 -0.63
CA ARG B 905 44.49 -39.34 -1.31
C ARG B 905 44.15 -40.43 -2.31
N PHE B 906 45.15 -41.00 -2.97
CA PHE B 906 44.92 -42.16 -3.88
C PHE B 906 44.38 -43.33 -3.07
N ASN B 907 44.95 -43.59 -1.90
CA ASN B 907 44.40 -44.61 -0.98
C ASN B 907 42.96 -44.25 -0.62
N GLY B 908 42.69 -42.97 -0.43
CA GLY B 908 41.33 -42.50 -0.09
C GLY B 908 40.33 -42.83 -1.18
N ILE B 909 40.73 -42.74 -2.44
CA ILE B 909 39.79 -43.01 -3.57
C ILE B 909 39.87 -44.48 -4.00
N GLY B 910 40.52 -45.33 -3.22
CA GLY B 910 40.50 -46.79 -3.47
C GLY B 910 41.56 -47.24 -4.46
N VAL B 911 42.60 -46.45 -4.69
CA VAL B 911 43.73 -46.84 -5.56
C VAL B 911 44.98 -46.96 -4.69
N THR B 912 45.73 -48.03 -4.87
CA THR B 912 46.97 -48.25 -4.10
C THR B 912 47.98 -47.14 -4.39
N GLN B 913 48.80 -46.84 -3.41
CA GLN B 913 49.75 -45.70 -3.48
C GLN B 913 50.88 -46.02 -4.45
N ASN B 914 51.13 -47.29 -4.72
CA ASN B 914 52.14 -47.68 -5.74
C ASN B 914 51.74 -47.10 -7.10
N VAL B 915 50.44 -46.95 -7.34
CA VAL B 915 49.96 -46.38 -8.63
C VAL B 915 50.42 -44.92 -8.72
N LEU B 916 50.31 -44.19 -7.62
CA LEU B 916 50.87 -42.82 -7.60
C LEU B 916 52.39 -42.87 -7.81
N TYR B 917 53.10 -43.62 -6.99
CA TYR B 917 54.58 -43.52 -6.94
C TYR B 917 55.20 -43.98 -8.26
N GLU B 918 54.59 -44.96 -8.90
CA GLU B 918 55.12 -45.50 -10.18
C GLU B 918 54.71 -44.58 -11.34
N ASN B 919 53.66 -43.78 -11.17
CA ASN B 919 53.18 -42.85 -12.21
C ASN B 919 53.25 -41.41 -11.71
N GLN B 920 54.20 -41.09 -10.85
CA GLN B 920 54.20 -39.77 -10.14
C GLN B 920 54.27 -38.61 -11.13
N LYS B 921 55.23 -38.65 -12.04
CA LYS B 921 55.54 -37.48 -12.89
C LYS B 921 54.50 -37.34 -13.99
N LEU B 922 53.94 -38.45 -14.48
CA LEU B 922 52.76 -38.38 -15.37
C LEU B 922 51.64 -37.63 -14.65
N ILE B 923 51.41 -37.95 -13.38
CA ILE B 923 50.30 -37.32 -12.62
C ILE B 923 50.61 -35.84 -12.40
N ALA B 924 51.87 -35.52 -12.10
CA ALA B 924 52.28 -34.11 -11.92
C ALA B 924 52.05 -33.34 -13.23
N ASN B 925 52.42 -33.93 -14.35
CA ASN B 925 52.24 -33.27 -15.67
C ASN B 925 50.75 -33.08 -15.96
N GLN B 926 49.93 -34.08 -15.66
CA GLN B 926 48.47 -33.96 -15.90
C GLN B 926 47.91 -32.83 -15.04
N PHE B 927 48.31 -32.75 -13.78
CA PHE B 927 47.83 -31.68 -12.88
C PHE B 927 48.27 -30.31 -13.43
N ASN B 928 49.51 -30.20 -13.85
CA ASN B 928 50.04 -28.91 -14.36
C ASN B 928 49.28 -28.50 -15.62
N SER B 929 49.04 -29.44 -16.52
CA SER B 929 48.30 -29.17 -17.78
C SER B 929 46.86 -28.75 -17.44
N ALA B 930 46.25 -29.38 -16.46
CA ALA B 930 44.86 -29.03 -16.05
C ALA B 930 44.82 -27.61 -15.49
N ILE B 931 45.83 -27.23 -14.71
CA ILE B 931 45.89 -25.84 -14.18
C ILE B 931 46.07 -24.87 -15.35
N GLY B 932 46.92 -25.21 -16.31
CA GLY B 932 47.10 -24.36 -17.50
C GLY B 932 45.79 -24.19 -18.26
N LYS B 933 45.04 -25.27 -18.41
CA LYS B 933 43.72 -25.23 -19.09
C LYS B 933 42.76 -24.37 -18.28
N ILE B 934 42.84 -24.41 -16.95
CA ILE B 934 41.99 -23.52 -16.10
C ILE B 934 42.32 -22.07 -16.43
N GLN B 935 43.60 -21.75 -16.52
CA GLN B 935 44.04 -20.38 -16.88
C GLN B 935 43.45 -20.01 -18.25
N ASP B 936 43.60 -20.88 -19.23
CA ASP B 936 43.14 -20.59 -20.61
C ASP B 936 41.63 -20.39 -20.63
N SER B 937 40.88 -21.19 -19.89
CA SER B 937 39.41 -21.07 -19.81
C SER B 937 39.04 -19.72 -19.17
N LEU B 938 39.74 -19.32 -18.11
CA LEU B 938 39.38 -18.07 -17.39
C LEU B 938 39.83 -16.85 -18.20
N SER B 939 40.89 -16.97 -19.01
CA SER B 939 41.46 -15.81 -19.74
C SER B 939 40.64 -15.50 -21.01
N SER B 940 39.76 -16.40 -21.46
CA SER B 940 39.07 -16.21 -22.77
C SER B 940 37.54 -16.33 -22.66
N THR B 941 36.99 -16.75 -21.53
CA THR B 941 35.53 -16.92 -21.37
C THR B 941 35.06 -16.14 -20.16
N ALA B 942 34.35 -15.04 -20.39
CA ALA B 942 33.77 -14.21 -19.31
C ALA B 942 32.65 -14.96 -18.61
N SER B 943 31.78 -15.62 -19.39
CA SER B 943 30.53 -16.25 -18.90
C SER B 943 30.86 -17.30 -17.84
N ALA B 944 32.12 -17.73 -17.75
CA ALA B 944 32.57 -18.68 -16.71
C ALA B 944 32.19 -18.15 -15.32
N LEU B 945 32.42 -16.87 -15.07
CA LEU B 945 32.14 -16.28 -13.74
C LEU B 945 30.75 -15.66 -13.75
N GLY B 946 29.92 -16.07 -14.71
CA GLY B 946 28.57 -15.54 -14.88
C GLY B 946 27.81 -15.47 -13.57
N LYS B 947 27.85 -16.55 -12.79
CA LYS B 947 27.09 -16.62 -11.51
C LYS B 947 27.40 -15.38 -10.67
N LEU B 948 28.67 -15.11 -10.40
CA LEU B 948 29.02 -13.94 -9.56
C LEU B 948 28.48 -12.69 -10.23
N GLN B 949 28.69 -12.56 -11.54
CA GLN B 949 28.21 -11.38 -12.27
C GLN B 949 26.69 -11.23 -12.06
N ASP B 950 25.96 -12.34 -12.10
CA ASP B 950 24.49 -12.28 -11.91
C ASP B 950 24.19 -11.53 -10.61
N VAL B 951 24.84 -11.91 -9.53
CA VAL B 951 24.61 -11.24 -8.23
C VAL B 951 24.89 -9.74 -8.40
N VAL B 952 26.04 -9.40 -8.96
CA VAL B 952 26.43 -7.98 -9.12
C VAL B 952 25.38 -7.26 -9.97
N ASN B 953 24.82 -7.95 -10.95
CA ASN B 953 23.74 -7.37 -11.78
C ASN B 953 22.47 -7.22 -10.94
N GLN B 954 22.06 -8.29 -10.27
CA GLN B 954 20.70 -8.34 -9.67
C GLN B 954 20.58 -7.28 -8.58
N ASN B 955 21.65 -7.03 -7.83
CA ASN B 955 21.67 -5.92 -6.86
C ASN B 955 21.53 -4.60 -7.61
N ALA B 956 22.42 -4.34 -8.57
CA ALA B 956 22.53 -3.02 -9.22
C ALA B 956 21.19 -2.66 -9.88
N GLN B 957 20.64 -3.60 -10.64
CA GLN B 957 19.31 -3.41 -11.27
C GLN B 957 18.33 -2.95 -10.19
N ALA B 958 18.23 -3.68 -9.09
CA ALA B 958 17.29 -3.33 -8.00
C ALA B 958 17.56 -1.88 -7.58
N LEU B 959 18.82 -1.55 -7.30
CA LEU B 959 19.15 -0.17 -6.87
C LEU B 959 18.67 0.82 -7.93
N ASN B 960 18.97 0.56 -9.19
CA ASN B 960 18.50 1.43 -10.29
C ASN B 960 17.00 1.61 -10.16
N THR B 961 16.26 0.52 -10.11
CA THR B 961 14.79 0.57 -10.00
C THR B 961 14.42 1.50 -8.85
N LEU B 962 15.02 1.28 -7.68
CA LEU B 962 14.69 2.10 -6.49
C LEU B 962 14.85 3.57 -6.83
N VAL B 963 16.00 3.96 -7.38
CA VAL B 963 16.26 5.39 -7.65
C VAL B 963 15.28 5.88 -8.71
N LYS B 964 14.93 5.03 -9.67
CA LYS B 964 13.99 5.43 -10.74
C LYS B 964 12.64 5.77 -10.13
N GLN B 965 12.28 5.12 -9.04
CA GLN B 965 10.97 5.38 -8.38
C GLN B 965 10.94 6.78 -7.77
N LEU B 966 12.09 7.43 -7.60
CA LEU B 966 12.07 8.83 -7.12
C LEU B 966 11.56 9.77 -8.21
N SER B 967 11.55 9.32 -9.47
CA SER B 967 11.13 10.17 -10.61
C SER B 967 9.66 9.95 -10.94
N SER B 968 8.93 9.16 -10.15
CA SER B 968 7.51 8.85 -10.42
C SER B 968 6.60 9.81 -9.63
N ASN B 969 5.45 10.11 -10.19
CA ASN B 969 4.48 11.04 -9.57
C ASN B 969 3.66 10.31 -8.51
N PHE B 970 3.30 9.05 -8.77
CA PHE B 970 2.39 8.25 -7.91
C PHE B 970 1.04 8.95 -7.76
N GLY B 971 0.66 9.79 -8.72
CA GLY B 971 -0.59 10.55 -8.69
C GLY B 971 -0.43 11.98 -8.23
N ALA B 972 0.74 12.39 -7.74
CA ALA B 972 0.98 13.79 -7.36
C ALA B 972 1.11 14.67 -8.60
N ILE B 973 1.11 15.98 -8.38
CA ILE B 973 1.26 16.97 -9.48
C ILE B 973 2.69 16.90 -10.01
N SER B 974 3.67 16.60 -9.16
CA SER B 974 5.08 16.56 -9.59
C SER B 974 5.82 15.49 -8.80
N SER B 975 6.77 14.84 -9.44
CA SER B 975 7.65 13.84 -8.77
C SER B 975 8.65 14.58 -7.87
N VAL B 976 9.02 15.79 -8.22
CA VAL B 976 9.99 16.57 -7.42
C VAL B 976 9.27 17.07 -6.17
N LEU B 977 9.76 16.69 -5.00
CA LEU B 977 9.18 17.15 -3.72
C LEU B 977 9.38 18.65 -3.56
N ASN B 978 10.57 19.15 -3.86
CA ASN B 978 10.91 20.59 -3.68
C ASN B 978 10.09 21.46 -4.62
N ASP B 979 9.64 20.92 -5.76
CA ASP B 979 8.79 21.69 -6.69
C ASP B 979 7.34 21.71 -6.20
N ILE B 980 6.99 20.91 -5.21
CA ILE B 980 5.61 20.98 -4.63
C ILE B 980 5.60 22.06 -3.55
N LEU B 981 6.50 21.97 -2.59
CA LEU B 981 6.56 22.94 -1.47
C LEU B 981 6.71 24.37 -2.01
N SER B 982 7.49 24.55 -3.07
CA SER B 982 7.73 25.88 -3.65
C SER B 982 6.45 26.40 -4.32
N ARG B 983 5.55 25.53 -4.76
CA ARG B 983 4.39 25.96 -5.57
C ARG B 983 3.09 25.88 -4.78
N LEU B 984 3.06 25.28 -3.60
CA LEU B 984 1.78 25.05 -2.89
C LEU B 984 1.87 25.47 -1.43
N ASP B 985 0.71 25.83 -0.88
CA ASP B 985 0.51 26.11 0.56
C ASP B 985 0.41 24.79 1.32
N PRO B 986 0.84 24.76 2.60
CA PRO B 986 0.88 23.50 3.35
C PRO B 986 -0.40 22.69 3.31
N PRO B 987 -1.60 23.28 3.48
CA PRO B 987 -2.83 22.49 3.37
C PRO B 987 -2.99 21.75 2.04
N GLU B 988 -2.59 22.37 0.93
CA GLU B 988 -2.70 21.74 -0.42
C GLU B 988 -1.47 20.90 -0.73
N ALA B 989 -0.28 21.33 -0.30
CA ALA B 989 0.96 20.56 -0.53
C ALA B 989 0.88 19.24 0.25
N GLU B 990 0.10 19.20 1.32
CA GLU B 990 0.04 18.01 2.20
C GLU B 990 -0.46 16.79 1.40
N VAL B 991 -1.47 16.96 0.57
CA VAL B 991 -2.07 15.83 -0.17
C VAL B 991 -1.05 15.27 -1.17
N GLN B 992 -0.39 16.15 -1.91
CA GLN B 992 0.61 15.71 -2.92
C GLN B 992 1.78 15.03 -2.21
N ILE B 993 2.21 15.58 -1.08
CA ILE B 993 3.35 14.98 -0.34
C ILE B 993 2.91 13.63 0.22
N ASP B 994 1.66 13.48 0.62
CA ASP B 994 1.14 12.17 1.10
C ASP B 994 1.18 11.16 -0.05
N ARG B 995 0.78 11.58 -1.25
CA ARG B 995 0.82 10.68 -2.43
C ARG B 995 2.27 10.23 -2.67
N LEU B 996 3.20 11.18 -2.67
CA LEU B 996 4.63 10.87 -2.90
C LEU B 996 5.15 9.94 -1.80
N ILE B 997 4.77 10.21 -0.55
CA ILE B 997 5.24 9.40 0.60
C ILE B 997 4.73 7.97 0.43
N THR B 998 3.47 7.80 0.10
CA THR B 998 2.88 6.44 -0.07
C THR B 998 3.65 5.71 -1.17
N GLY B 999 3.84 6.36 -2.31
CA GLY B 999 4.53 5.72 -3.45
C GLY B 999 5.95 5.33 -3.10
N ARG B 1000 6.71 6.25 -2.50
CA ARG B 1000 8.14 6.01 -2.22
C ARG B 1000 8.27 4.99 -1.10
N LEU B 1001 7.37 5.01 -0.13
CA LEU B 1001 7.38 4.00 0.96
C LEU B 1001 7.12 2.62 0.36
N GLN B 1002 6.17 2.50 -0.55
CA GLN B 1002 5.87 1.19 -1.18
C GLN B 1002 7.08 0.74 -2.00
N SER B 1003 7.74 1.65 -2.71
CA SER B 1003 8.94 1.32 -3.51
C SER B 1003 10.06 0.81 -2.59
N LEU B 1004 10.27 1.50 -1.47
CA LEU B 1004 11.36 1.12 -0.54
C LEU B 1004 11.04 -0.24 0.10
N GLN B 1005 9.77 -0.46 0.45
CA GLN B 1005 9.36 -1.76 1.04
C GLN B 1005 9.60 -2.88 0.03
N THR B 1006 9.25 -2.65 -1.24
CA THR B 1006 9.49 -3.65 -2.29
C THR B 1006 10.99 -3.95 -2.36
N TYR B 1007 11.81 -2.91 -2.40
CA TYR B 1007 13.28 -3.09 -2.48
C TYR B 1007 13.77 -3.93 -1.30
N VAL B 1008 13.32 -3.60 -0.10
CA VAL B 1008 13.82 -4.27 1.13
C VAL B 1008 13.37 -5.74 1.13
N THR B 1009 12.14 -6.02 0.70
CA THR B 1009 11.64 -7.41 0.68
C THR B 1009 12.44 -8.24 -0.33
N GLN B 1010 12.63 -7.71 -1.54
CA GLN B 1010 13.41 -8.44 -2.57
C GLN B 1010 14.84 -8.63 -2.07
N GLN B 1011 15.40 -7.65 -1.36
CA GLN B 1011 16.79 -7.79 -0.84
C GLN B 1011 16.84 -8.84 0.26
N LEU B 1012 15.81 -8.94 1.09
CA LEU B 1012 15.77 -9.99 2.14
C LEU B 1012 15.75 -11.37 1.47
N ILE B 1013 14.95 -11.54 0.43
CA ILE B 1013 14.86 -12.86 -0.26
C ILE B 1013 16.20 -13.14 -0.94
N ARG B 1014 16.80 -12.15 -1.58
CA ARG B 1014 18.10 -12.34 -2.27
C ARG B 1014 19.18 -12.64 -1.24
N ALA B 1015 19.08 -12.04 -0.05
CA ALA B 1015 20.05 -12.28 1.04
C ALA B 1015 19.91 -13.71 1.53
N ALA B 1016 18.68 -14.24 1.59
CA ALA B 1016 18.46 -15.65 1.95
C ALA B 1016 19.14 -16.55 0.92
N GLU B 1017 18.99 -16.23 -0.37
CA GLU B 1017 19.64 -17.01 -1.44
C GLU B 1017 21.15 -16.97 -1.29
N ILE B 1018 21.70 -15.79 -1.05
CA ILE B 1018 23.18 -15.63 -0.93
C ILE B 1018 23.67 -16.33 0.34
N ARG B 1019 22.88 -16.32 1.41
CA ARG B 1019 23.28 -17.04 2.64
C ARG B 1019 23.31 -18.54 2.37
N ALA B 1020 22.34 -19.06 1.63
CA ALA B 1020 22.34 -20.51 1.28
C ALA B 1020 23.60 -20.81 0.47
N SER B 1021 23.92 -19.97 -0.50
CA SER B 1021 25.12 -20.16 -1.35
C SER B 1021 26.39 -20.11 -0.50
N ALA B 1022 26.45 -19.17 0.46
CA ALA B 1022 27.64 -19.00 1.31
C ALA B 1022 27.78 -20.19 2.27
N ASN B 1023 26.65 -20.71 2.76
CA ASN B 1023 26.70 -21.93 3.61
C ASN B 1023 27.22 -23.10 2.80
N LEU B 1024 26.79 -23.23 1.55
CA LEU B 1024 27.30 -24.31 0.67
C LEU B 1024 28.81 -24.10 0.45
N ALA B 1025 29.23 -22.86 0.24
CA ALA B 1025 30.66 -22.55 0.01
C ALA B 1025 31.47 -22.89 1.27
N ALA B 1026 30.96 -22.58 2.46
CA ALA B 1026 31.65 -22.89 3.72
C ALA B 1026 31.75 -24.41 3.90
N THR B 1027 30.68 -25.12 3.58
CA THR B 1027 30.68 -26.61 3.67
C THR B 1027 31.70 -27.17 2.68
N LYS B 1028 31.78 -26.61 1.49
CA LYS B 1028 32.76 -27.08 0.47
C LYS B 1028 34.18 -26.76 0.94
N MET B 1029 34.39 -25.62 1.56
CA MET B 1029 35.72 -25.28 2.11
C MET B 1029 36.08 -26.29 3.20
N SER B 1030 35.15 -26.63 4.09
CA SER B 1030 35.43 -27.56 5.21
C SER B 1030 35.68 -28.97 4.67
N GLU B 1031 34.79 -29.49 3.84
CA GLU B 1031 34.79 -30.91 3.46
C GLU B 1031 35.63 -31.16 2.21
N CYS B 1032 36.11 -30.13 1.54
CA CYS B 1032 36.64 -30.31 0.17
C CYS B 1032 38.06 -29.78 0.11
N VAL B 1033 38.33 -28.68 0.79
CA VAL B 1033 39.70 -28.11 0.87
C VAL B 1033 40.41 -28.63 2.12
N LEU B 1034 39.72 -28.69 3.25
CA LEU B 1034 40.32 -29.12 4.53
C LEU B 1034 40.25 -30.65 4.66
N GLY B 1035 39.73 -31.35 3.66
CA GLY B 1035 39.68 -32.81 3.70
C GLY B 1035 39.45 -33.40 2.33
N GLN B 1036 39.28 -34.71 2.28
CA GLN B 1036 38.94 -35.43 1.04
C GLN B 1036 37.53 -35.96 1.17
N SER B 1037 36.67 -35.61 0.23
CA SER B 1037 35.22 -35.90 0.31
C SER B 1037 34.90 -37.19 -0.43
N LYS B 1038 34.20 -38.10 0.23
CA LYS B 1038 33.65 -39.31 -0.41
C LYS B 1038 32.29 -39.03 -1.06
N ARG B 1039 31.69 -37.87 -0.78
CA ARG B 1039 30.37 -37.52 -1.35
C ARG B 1039 30.50 -37.35 -2.86
N VAL B 1040 29.64 -38.01 -3.61
CA VAL B 1040 29.75 -38.05 -5.09
C VAL B 1040 29.31 -36.70 -5.64
N ASP B 1041 30.13 -36.14 -6.54
CA ASP B 1041 29.85 -34.88 -7.27
C ASP B 1041 29.74 -33.68 -6.34
N PHE B 1042 30.00 -33.84 -5.05
CA PHE B 1042 30.07 -32.69 -4.13
C PHE B 1042 31.29 -31.85 -4.49
N CYS B 1043 32.35 -32.49 -4.95
CA CYS B 1043 33.63 -31.81 -5.28
C CYS B 1043 34.00 -32.10 -6.72
N GLY B 1044 33.01 -32.07 -7.61
CA GLY B 1044 33.22 -32.10 -9.07
C GLY B 1044 33.27 -33.49 -9.66
N LYS B 1045 33.42 -33.53 -10.97
CA LYS B 1045 33.48 -34.78 -11.75
C LYS B 1045 34.61 -35.68 -11.24
N GLY B 1046 34.27 -36.93 -10.97
CA GLY B 1046 35.24 -38.00 -10.69
C GLY B 1046 35.41 -38.26 -9.21
N TYR B 1047 36.50 -38.94 -8.86
CA TYR B 1047 36.84 -39.25 -7.46
C TYR B 1047 37.68 -38.11 -6.90
N HIS B 1048 37.16 -37.42 -5.90
CA HIS B 1048 37.81 -36.21 -5.36
C HIS B 1048 39.18 -36.58 -4.77
N LEU B 1049 40.21 -35.87 -5.23
CA LEU B 1049 41.56 -35.96 -4.62
C LEU B 1049 41.77 -34.77 -3.68
N MET B 1050 41.61 -33.55 -4.19
CA MET B 1050 41.80 -32.37 -3.33
C MET B 1050 41.10 -31.18 -3.99
N SER B 1051 41.07 -30.06 -3.28
CA SER B 1051 40.49 -28.80 -3.79
C SER B 1051 41.36 -27.64 -3.36
N PHE B 1052 41.39 -26.60 -4.17
CA PHE B 1052 42.15 -25.37 -3.87
C PHE B 1052 41.20 -24.19 -3.96
N PRO B 1053 41.11 -23.36 -2.91
CA PRO B 1053 40.27 -22.17 -2.96
C PRO B 1053 40.98 -20.97 -3.58
N GLN B 1054 40.20 -20.15 -4.26
CA GLN B 1054 40.66 -18.86 -4.80
C GLN B 1054 39.58 -17.83 -4.53
N SER B 1055 39.99 -16.65 -4.09
CA SER B 1055 39.04 -15.54 -3.84
C SER B 1055 38.56 -14.99 -5.18
N ALA B 1056 37.31 -14.58 -5.23
CA ALA B 1056 36.73 -13.91 -6.41
C ALA B 1056 35.85 -12.78 -5.91
N PRO B 1057 35.57 -11.75 -6.74
CA PRO B 1057 34.72 -10.66 -6.30
C PRO B 1057 33.38 -11.16 -5.75
N HIS B 1058 33.21 -11.01 -4.45
CA HIS B 1058 32.00 -11.43 -3.70
C HIS B 1058 31.76 -12.93 -3.90
N GLY B 1059 32.80 -13.74 -3.88
CA GLY B 1059 32.60 -15.19 -4.00
C GLY B 1059 33.87 -15.99 -3.92
N VAL B 1060 33.72 -17.28 -4.10
CA VAL B 1060 34.84 -18.24 -3.98
C VAL B 1060 34.87 -19.11 -5.23
N VAL B 1061 36.06 -19.54 -5.60
CA VAL B 1061 36.28 -20.43 -6.76
C VAL B 1061 37.08 -21.63 -6.28
N PHE B 1062 36.50 -22.81 -6.40
CA PHE B 1062 37.15 -24.07 -5.99
C PHE B 1062 37.71 -24.75 -7.23
N LEU B 1063 39.01 -24.98 -7.23
CA LEU B 1063 39.66 -25.85 -8.25
C LEU B 1063 39.67 -27.27 -7.66
N HIS B 1064 38.77 -28.10 -8.15
CA HIS B 1064 38.64 -29.50 -7.69
C HIS B 1064 39.56 -30.37 -8.53
N VAL B 1065 40.57 -30.93 -7.90
CA VAL B 1065 41.46 -31.94 -8.52
C VAL B 1065 40.86 -33.30 -8.22
N THR B 1066 40.46 -34.00 -9.27
CA THR B 1066 39.78 -35.32 -9.16
C THR B 1066 40.45 -36.31 -10.08
N TYR B 1067 40.22 -37.58 -9.78
CA TYR B 1067 40.78 -38.73 -10.52
C TYR B 1067 39.68 -39.31 -11.39
N VAL B 1068 39.91 -39.34 -12.70
CA VAL B 1068 38.92 -39.90 -13.66
C VAL B 1068 39.56 -41.08 -14.34
N PRO B 1069 39.03 -42.31 -14.16
CA PRO B 1069 39.56 -43.46 -14.91
C PRO B 1069 39.43 -43.24 -16.42
N ALA B 1070 40.46 -43.61 -17.17
CA ALA B 1070 40.59 -43.14 -18.58
C ALA B 1070 40.47 -44.29 -19.58
N GLN B 1071 41.36 -45.28 -19.53
CA GLN B 1071 41.47 -46.30 -20.60
C GLN B 1071 40.92 -47.61 -20.08
N GLU B 1072 39.72 -47.95 -20.50
CA GLU B 1072 38.96 -49.11 -19.98
C GLU B 1072 39.29 -50.34 -20.82
N LYS B 1073 39.17 -51.51 -20.22
CA LYS B 1073 39.42 -52.78 -20.94
C LYS B 1073 38.46 -53.84 -20.42
N ASN B 1074 37.93 -54.63 -21.33
CA ASN B 1074 37.04 -55.76 -21.01
C ASN B 1074 37.85 -56.91 -20.42
N PHE B 1075 37.26 -57.60 -19.45
CA PHE B 1075 37.81 -58.85 -18.88
C PHE B 1075 36.65 -59.76 -18.52
N THR B 1076 36.91 -61.06 -18.49
CA THR B 1076 35.97 -62.03 -17.92
C THR B 1076 36.08 -61.93 -16.40
N THR B 1077 34.98 -62.10 -15.69
CA THR B 1077 35.03 -61.96 -14.22
C THR B 1077 34.27 -63.10 -13.56
N ALA B 1078 34.61 -63.34 -12.30
CA ALA B 1078 33.98 -64.40 -11.48
C ALA B 1078 33.83 -63.88 -10.07
N PRO B 1079 32.70 -64.16 -9.39
CA PRO B 1079 32.56 -63.74 -7.99
C PRO B 1079 33.53 -64.45 -7.03
N ALA B 1080 33.87 -65.70 -7.32
CA ALA B 1080 34.76 -66.49 -6.45
C ALA B 1080 35.51 -67.52 -7.28
N ILE B 1081 36.36 -68.30 -6.61
CA ILE B 1081 37.23 -69.30 -7.27
C ILE B 1081 37.28 -70.55 -6.41
N CYS B 1082 37.21 -71.70 -7.05
CA CYS B 1082 37.37 -73.01 -6.37
C CYS B 1082 38.83 -73.46 -6.44
N HIS B 1083 39.38 -73.90 -5.33
CA HIS B 1083 40.74 -74.49 -5.33
C HIS B 1083 40.69 -75.97 -4.95
N ASP B 1084 40.19 -76.27 -3.76
CA ASP B 1084 40.13 -77.66 -3.24
C ASP B 1084 38.76 -77.88 -2.60
N GLY B 1085 37.71 -77.48 -3.31
CA GLY B 1085 36.35 -77.42 -2.76
C GLY B 1085 36.12 -76.18 -1.93
N LYS B 1086 37.15 -75.37 -1.71
CA LYS B 1086 36.98 -74.10 -0.96
C LYS B 1086 36.68 -72.96 -1.94
N ALA B 1087 35.85 -72.03 -1.50
CA ALA B 1087 35.50 -70.84 -2.30
C ALA B 1087 36.40 -69.69 -1.85
N HIS B 1088 37.19 -69.16 -2.78
CA HIS B 1088 38.09 -68.02 -2.50
C HIS B 1088 37.48 -66.73 -3.02
N PHE B 1089 37.44 -65.72 -2.16
CA PHE B 1089 36.92 -64.39 -2.52
C PHE B 1089 38.06 -63.40 -2.43
N PRO B 1090 38.08 -62.35 -3.27
CA PRO B 1090 39.17 -61.38 -3.24
C PRO B 1090 39.14 -60.57 -1.93
N ARG B 1091 40.29 -60.45 -1.28
CA ARG B 1091 40.40 -59.66 -0.04
C ARG B 1091 40.02 -58.21 -0.34
N GLU B 1092 40.63 -57.65 -1.37
CA GLU B 1092 40.10 -56.45 -2.07
C GLU B 1092 40.47 -56.54 -3.54
N GLY B 1093 39.58 -56.04 -4.39
CA GLY B 1093 39.70 -56.20 -5.84
C GLY B 1093 38.77 -57.26 -6.37
N VAL B 1094 38.98 -57.63 -7.63
CA VAL B 1094 38.09 -58.59 -8.34
C VAL B 1094 38.95 -59.58 -9.11
N PHE B 1095 38.40 -60.75 -9.36
CA PHE B 1095 39.02 -61.76 -10.23
C PHE B 1095 38.74 -61.39 -11.68
N VAL B 1096 39.80 -61.26 -12.46
CA VAL B 1096 39.69 -60.90 -13.90
C VAL B 1096 40.49 -61.91 -14.71
N SER B 1097 39.92 -62.30 -15.83
CA SER B 1097 40.55 -63.22 -16.80
C SER B 1097 40.76 -62.46 -18.10
N ASN B 1098 42.00 -62.46 -18.59
CA ASN B 1098 42.33 -61.85 -19.91
C ASN B 1098 41.91 -62.80 -21.02
N GLY B 1099 41.50 -64.02 -20.68
CA GLY B 1099 40.99 -64.99 -21.66
C GLY B 1099 41.51 -66.38 -21.40
N THR B 1100 42.66 -66.52 -20.75
CA THR B 1100 43.25 -67.84 -20.48
C THR B 1100 43.65 -67.97 -19.01
N HIS B 1101 44.01 -66.87 -18.37
CA HIS B 1101 44.58 -66.90 -16.99
C HIS B 1101 43.77 -66.01 -16.08
N TRP B 1102 43.73 -66.36 -14.80
CA TRP B 1102 42.96 -65.62 -13.79
C TRP B 1102 43.91 -64.84 -12.89
N PHE B 1103 43.58 -63.58 -12.68
CA PHE B 1103 44.32 -62.69 -11.76
C PHE B 1103 43.33 -62.05 -10.82
N VAL B 1104 43.86 -61.38 -9.81
CA VAL B 1104 43.06 -60.50 -8.92
C VAL B 1104 43.65 -59.11 -9.03
N THR B 1105 42.80 -58.13 -9.27
CA THR B 1105 43.24 -56.74 -9.50
C THR B 1105 42.47 -55.81 -8.58
N GLN B 1106 43.02 -54.64 -8.34
CA GLN B 1106 42.25 -53.57 -7.67
C GLN B 1106 41.19 -53.06 -8.64
N ARG B 1107 40.09 -52.56 -8.09
CA ARG B 1107 38.86 -52.32 -8.87
C ARG B 1107 39.01 -51.07 -9.75
N ASN B 1108 39.78 -50.08 -9.32
CA ASN B 1108 39.82 -48.77 -10.00
C ASN B 1108 41.04 -48.65 -10.92
N PHE B 1109 41.85 -49.69 -11.03
CA PHE B 1109 43.09 -49.64 -11.85
C PHE B 1109 43.51 -51.06 -12.17
N TYR B 1110 43.79 -51.34 -13.43
CA TYR B 1110 44.15 -52.71 -13.87
C TYR B 1110 45.60 -52.97 -13.47
N GLU B 1111 45.78 -53.69 -12.36
CA GLU B 1111 47.10 -54.16 -11.90
C GLU B 1111 46.96 -55.63 -11.57
N PRO B 1112 46.99 -56.52 -12.59
CA PRO B 1112 46.74 -57.93 -12.34
C PRO B 1112 47.84 -58.55 -11.48
N GLN B 1113 47.43 -59.44 -10.58
CA GLN B 1113 48.36 -60.15 -9.67
C GLN B 1113 47.99 -61.62 -9.62
N ILE B 1114 48.97 -62.45 -9.34
CA ILE B 1114 48.74 -63.91 -9.17
C ILE B 1114 47.82 -64.12 -7.97
N ILE B 1115 46.81 -64.94 -8.17
CA ILE B 1115 45.82 -65.23 -7.10
C ILE B 1115 46.48 -66.14 -6.07
N THR B 1116 46.74 -65.60 -4.89
CA THR B 1116 47.38 -66.36 -3.79
C THR B 1116 46.44 -66.37 -2.59
N THR B 1117 46.81 -67.16 -1.59
CA THR B 1117 46.05 -67.22 -0.32
C THR B 1117 46.21 -65.92 0.45
N ASP B 1118 47.22 -65.11 0.13
CA ASP B 1118 47.38 -63.76 0.72
C ASP B 1118 46.52 -62.73 -0.01
N ASN B 1119 46.09 -63.03 -1.22
CA ASN B 1119 45.23 -62.12 -2.02
C ASN B 1119 43.75 -62.39 -1.75
N THR B 1120 43.41 -63.56 -1.21
CA THR B 1120 42.01 -64.02 -1.10
C THR B 1120 41.72 -64.53 0.31
N PHE B 1121 40.45 -64.76 0.58
CA PHE B 1121 40.01 -65.41 1.84
C PHE B 1121 38.99 -66.50 1.50
N VAL B 1122 38.96 -67.52 2.34
CA VAL B 1122 38.12 -68.73 2.12
C VAL B 1122 36.82 -68.56 2.90
N SER B 1123 35.70 -68.94 2.28
CA SER B 1123 34.38 -68.93 2.95
C SER B 1123 33.50 -70.00 2.34
N GLY B 1124 33.26 -71.07 3.10
CA GLY B 1124 32.37 -72.18 2.70
C GLY B 1124 32.94 -72.97 1.53
N ASN B 1125 32.08 -73.48 0.66
CA ASN B 1125 32.49 -74.40 -0.43
C ASN B 1125 31.92 -73.91 -1.76
N CYS B 1126 32.10 -74.72 -2.79
CA CYS B 1126 31.84 -74.32 -4.19
C CYS B 1126 30.35 -74.30 -4.50
N ASP B 1127 29.52 -74.97 -3.72
CA ASP B 1127 28.12 -75.25 -4.14
C ASP B 1127 27.27 -73.97 -4.07
N VAL B 1128 27.53 -73.14 -3.08
CA VAL B 1128 26.62 -71.99 -2.76
C VAL B 1128 26.76 -70.89 -3.80
N VAL B 1129 27.97 -70.58 -4.24
CA VAL B 1129 28.22 -69.34 -5.01
C VAL B 1129 27.75 -69.52 -6.45
N ILE B 1130 26.98 -68.56 -6.95
CA ILE B 1130 26.53 -68.55 -8.37
C ILE B 1130 27.64 -67.91 -9.20
N GLY B 1131 28.10 -68.61 -10.22
CA GLY B 1131 29.12 -68.10 -11.16
C GLY B 1131 30.54 -68.38 -10.71
N ILE B 1132 30.75 -69.23 -9.72
CA ILE B 1132 32.12 -69.58 -9.26
C ILE B 1132 32.84 -70.30 -10.41
N VAL B 1133 34.14 -70.10 -10.50
CA VAL B 1133 34.96 -70.74 -11.56
C VAL B 1133 36.09 -71.53 -10.91
N ASN B 1134 36.62 -72.48 -11.67
CA ASN B 1134 37.75 -73.32 -11.21
C ASN B 1134 39.07 -72.63 -11.55
N ASN B 1135 39.99 -72.63 -10.60
CA ASN B 1135 41.36 -72.11 -10.81
C ASN B 1135 42.26 -72.63 -9.71
N THR B 1136 43.54 -72.30 -9.79
CA THR B 1136 44.51 -72.62 -8.72
C THR B 1136 44.79 -71.36 -7.91
N VAL B 1137 44.90 -71.54 -6.61
CA VAL B 1137 45.24 -70.44 -5.68
C VAL B 1137 46.63 -70.73 -5.15
N TYR B 1138 47.60 -69.92 -5.57
CA TYR B 1138 49.00 -70.08 -5.15
C TYR B 1138 49.10 -69.99 -3.63
N ASP B 1139 49.88 -70.89 -3.03
CA ASP B 1139 50.21 -70.82 -1.60
C ASP B 1139 51.64 -70.34 -1.47
N PRO B 1140 51.90 -69.10 -1.03
CA PRO B 1140 53.27 -68.59 -0.97
C PRO B 1140 54.21 -69.45 -0.10
N LEU B 1141 53.67 -70.12 0.90
CA LEU B 1141 54.51 -70.95 1.81
C LEU B 1141 55.00 -72.20 1.08
N GLN B 1142 54.15 -72.82 0.27
CA GLN B 1142 54.37 -74.21 -0.19
C GLN B 1142 55.74 -74.39 -0.84
N PRO B 1143 56.22 -73.53 -1.76
CA PRO B 1143 57.58 -73.72 -2.30
C PRO B 1143 58.68 -73.69 -1.23
N GLU B 1144 58.55 -72.83 -0.23
CA GLU B 1144 59.57 -72.73 0.85
C GLU B 1144 59.48 -73.98 1.72
N LEU B 1145 58.28 -74.34 2.14
CA LEU B 1145 58.07 -75.50 3.05
C LEU B 1145 58.51 -76.79 2.35
N ASP B 1146 58.29 -76.88 1.04
CA ASP B 1146 58.62 -78.11 0.27
C ASP B 1146 60.13 -78.35 0.34
N SER B 1147 60.93 -77.29 0.34
CA SER B 1147 62.41 -77.40 0.43
C SER B 1147 62.79 -77.82 1.86
N GLN C 14 3.13 50.77 49.84
CA GLN C 14 4.18 51.82 49.81
C GLN C 14 5.34 51.43 48.92
N CYS C 15 5.22 51.66 47.63
CA CYS C 15 6.24 51.28 46.63
C CYS C 15 7.55 52.01 46.91
N VAL C 16 8.64 51.27 47.06
CA VAL C 16 9.96 51.85 47.42
C VAL C 16 11.02 51.35 46.45
N ASN C 17 12.07 52.15 46.26
CA ASN C 17 13.25 51.76 45.45
C ASN C 17 14.34 51.28 46.40
N LEU C 18 14.90 50.11 46.12
CA LEU C 18 16.04 49.57 46.90
C LEU C 18 17.14 49.15 45.94
N THR C 19 18.37 49.59 46.18
CA THR C 19 19.46 49.47 45.18
C THR C 19 20.77 48.91 45.74
N THR C 20 21.00 48.93 47.05
CA THR C 20 22.30 48.50 47.61
C THR C 20 22.48 47.00 47.41
N ARG C 21 23.27 46.62 46.41
CA ARG C 21 23.42 45.18 46.06
C ARG C 21 24.89 44.83 45.85
N THR C 22 25.75 45.78 45.44
CA THR C 22 27.15 45.51 45.06
C THR C 22 27.17 44.41 44.00
N GLN C 23 26.60 44.72 42.84
CA GLN C 23 26.37 43.70 41.77
C GLN C 23 27.68 43.06 41.34
N LEU C 24 27.56 41.89 40.75
CA LEU C 24 28.71 41.08 40.27
C LEU C 24 28.32 40.40 38.97
N PRO C 25 29.30 40.09 38.09
CA PRO C 25 28.98 39.40 36.84
C PRO C 25 28.32 38.05 37.11
N PRO C 26 27.36 37.62 36.28
CA PRO C 26 26.50 36.49 36.62
C PRO C 26 27.30 35.22 36.95
N ALA C 27 26.96 34.60 38.08
CA ALA C 27 27.51 33.29 38.46
C ALA C 27 26.76 32.19 37.72
N TYR C 28 27.41 31.05 37.55
CA TYR C 28 26.80 29.90 36.83
C TYR C 28 27.14 28.60 37.56
N THR C 29 26.29 27.62 37.37
CA THR C 29 26.38 26.33 38.07
C THR C 29 25.96 25.22 37.11
N ASN C 30 26.36 24.00 37.42
CA ASN C 30 26.04 22.81 36.59
C ASN C 30 24.79 22.15 37.14
N SER C 31 23.88 21.78 36.25
CA SER C 31 22.64 21.05 36.60
C SER C 31 22.86 19.57 36.34
N PHE C 32 23.32 18.85 37.36
CA PHE C 32 23.69 17.42 37.23
C PHE C 32 22.41 16.59 37.14
N THR C 33 21.89 16.42 35.94
CA THR C 33 20.71 15.55 35.66
C THR C 33 19.54 15.95 36.57
N ARG C 34 19.22 17.23 36.58
CA ARG C 34 18.14 17.78 37.43
C ARG C 34 17.20 18.58 36.56
N GLY C 35 15.91 18.53 36.89
CA GLY C 35 14.85 19.31 36.21
C GLY C 35 14.01 18.44 35.30
N VAL C 36 13.75 17.20 35.70
CA VAL C 36 12.87 16.29 34.93
C VAL C 36 11.55 16.19 35.69
N TYR C 37 10.46 16.13 34.93
CA TYR C 37 9.10 16.09 35.49
C TYR C 37 8.31 15.00 34.78
N TYR C 38 7.25 14.54 35.44
CA TYR C 38 6.33 13.56 34.83
C TYR C 38 5.60 14.26 33.69
N PRO C 39 5.93 13.94 32.41
CA PRO C 39 5.39 14.71 31.30
C PRO C 39 3.86 14.64 31.17
N ASP C 40 3.24 13.56 31.64
CA ASP C 40 1.78 13.34 31.49
C ASP C 40 1.22 12.71 32.75
N LYS C 41 -0.09 12.55 32.81
CA LYS C 41 -0.79 12.02 34.01
C LYS C 41 -0.96 10.50 33.87
N VAL C 42 -0.11 9.84 33.10
CA VAL C 42 -0.25 8.38 32.83
C VAL C 42 0.72 7.63 33.74
N PHE C 43 0.19 6.68 34.48
CA PHE C 43 1.01 5.79 35.34
C PHE C 43 1.72 4.78 34.45
N ARG C 44 2.99 4.53 34.74
CA ARG C 44 3.80 3.53 34.01
C ARG C 44 4.73 2.83 34.99
N SER C 45 4.95 1.53 34.81
CA SER C 45 5.76 0.71 35.74
C SER C 45 6.78 -0.10 34.94
N SER C 46 8.04 -0.05 35.36
CA SER C 46 9.14 -0.86 34.78
C SER C 46 9.18 -0.69 33.26
N VAL C 47 9.24 0.55 32.80
CA VAL C 47 9.26 0.82 31.34
C VAL C 47 10.22 1.96 31.05
N LEU C 48 10.93 1.86 29.94
CA LEU C 48 11.76 2.97 29.41
C LEU C 48 10.93 3.70 28.36
N HIS C 49 10.42 4.87 28.72
CA HIS C 49 9.49 5.63 27.86
C HIS C 49 10.21 6.84 27.26
N SER C 50 10.07 7.02 25.96
CA SER C 50 10.72 8.14 25.22
C SER C 50 9.72 9.28 25.06
N THR C 51 10.06 10.45 25.54
CA THR C 51 9.18 11.63 25.50
C THR C 51 9.89 12.79 24.82
N GLN C 52 9.22 13.39 23.85
CA GLN C 52 9.66 14.66 23.22
C GLN C 52 8.92 15.80 23.92
N ASP C 53 9.62 16.53 24.77
CA ASP C 53 8.96 17.59 25.55
C ASP C 53 9.98 18.64 25.98
N LEU C 54 9.50 19.68 26.63
CA LEU C 54 10.37 20.78 27.09
C LEU C 54 11.02 20.39 28.41
N PHE C 55 12.30 20.03 28.36
CA PHE C 55 13.07 19.61 29.55
C PHE C 55 14.26 20.54 29.72
N LEU C 56 14.78 20.60 30.93
CA LEU C 56 16.07 21.29 31.16
C LEU C 56 17.16 20.34 30.71
N PRO C 57 17.97 20.72 29.69
CA PRO C 57 19.02 19.84 29.19
C PRO C 57 20.03 19.44 30.28
N PHE C 58 20.49 18.20 30.23
CA PHE C 58 21.46 17.69 31.23
C PHE C 58 22.76 18.46 31.13
N PHE C 59 23.34 18.73 32.29
CA PHE C 59 24.69 19.33 32.43
C PHE C 59 24.73 20.69 31.70
N SER C 60 23.72 21.51 31.95
CA SER C 60 23.59 22.84 31.31
C SER C 60 23.86 23.94 32.34
N ASN C 61 24.25 25.11 31.83
CA ASN C 61 24.47 26.31 32.68
C ASN C 61 23.13 26.75 33.28
N VAL C 62 23.09 26.84 34.61
CA VAL C 62 21.93 27.42 35.34
C VAL C 62 22.44 28.63 36.09
N THR C 63 21.82 29.78 35.84
CA THR C 63 22.29 31.05 36.43
C THR C 63 22.02 31.05 37.94
N TRP C 64 22.99 31.54 38.70
CA TRP C 64 22.97 31.51 40.17
C TRP C 64 22.71 32.92 40.71
N PHE C 65 21.53 33.14 41.27
CA PHE C 65 21.22 34.43 41.93
C PHE C 65 21.31 34.27 43.43
N HIS C 66 21.93 35.27 44.06
CA HIS C 66 22.26 35.28 45.49
C HIS C 66 21.36 36.27 46.22
N ALA C 67 20.90 35.89 47.39
CA ALA C 67 20.33 36.80 48.40
C ALA C 67 21.10 36.58 49.69
N ILE C 68 22.15 37.36 49.92
CA ILE C 68 23.03 37.19 51.09
C ILE C 68 23.40 38.58 51.60
N HIS C 69 23.48 38.72 52.92
CA HIS C 69 23.95 39.96 53.56
C HIS C 69 25.48 40.00 53.54
N LYS C 77 24.80 43.57 52.35
CA LYS C 77 23.55 43.91 51.63
C LYS C 77 23.66 43.57 50.15
N ARG C 78 23.56 42.28 49.83
CA ARG C 78 23.53 41.80 48.43
C ARG C 78 22.16 41.19 48.17
N PHE C 79 21.45 41.72 47.19
CA PHE C 79 20.14 41.19 46.76
C PHE C 79 20.13 41.12 45.24
N ASP C 80 19.82 39.94 44.72
CA ASP C 80 19.67 39.73 43.26
C ASP C 80 18.23 39.33 42.99
N ASN C 81 17.48 40.20 42.31
CA ASN C 81 16.10 39.88 41.87
C ASN C 81 15.84 40.60 40.57
N PRO C 82 16.64 40.34 39.51
CA PRO C 82 16.41 41.01 38.24
C PRO C 82 15.20 40.39 37.54
N VAL C 83 14.64 41.16 36.61
CA VAL C 83 13.45 40.71 35.83
C VAL C 83 13.97 39.87 34.66
N LEU C 84 13.96 38.56 34.85
CA LEU C 84 14.54 37.59 33.89
C LEU C 84 13.60 37.36 32.73
N PRO C 85 14.14 36.97 31.56
CA PRO C 85 13.30 36.51 30.46
C PRO C 85 12.67 35.14 30.78
N PHE C 86 11.44 34.96 30.33
CA PHE C 86 10.72 33.67 30.45
C PHE C 86 10.61 33.07 29.06
N ASN C 87 11.60 32.27 28.69
CA ASN C 87 11.59 31.53 27.41
C ASN C 87 10.64 30.34 27.52
N ASP C 88 10.70 29.47 26.51
CA ASP C 88 9.84 28.26 26.35
C ASP C 88 9.45 27.66 27.71
N GLY C 89 10.39 27.56 28.65
CA GLY C 89 10.09 27.14 30.02
C GLY C 89 11.12 27.66 30.99
N VAL C 90 10.85 27.49 32.29
CA VAL C 90 11.80 27.90 33.34
C VAL C 90 11.89 26.81 34.39
N TYR C 91 13.10 26.51 34.83
CA TYR C 91 13.36 25.65 36.00
C TYR C 91 13.93 26.53 37.10
N PHE C 92 13.19 26.69 38.18
CA PHE C 92 13.57 27.55 39.32
C PHE C 92 13.87 26.63 40.50
N ALA C 93 15.12 26.55 40.92
CA ALA C 93 15.54 25.70 42.05
C ALA C 93 16.15 26.57 43.14
N SER C 94 15.46 26.69 44.27
CA SER C 94 15.92 27.53 45.41
C SER C 94 16.38 26.61 46.54
N THR C 95 17.65 26.70 46.90
CA THR C 95 18.17 26.06 48.13
C THR C 95 18.13 27.10 49.23
N GLU C 96 17.54 26.75 50.36
CA GLU C 96 17.23 27.76 51.40
C GLU C 96 17.00 27.10 52.74
N LYS C 97 17.10 27.91 53.80
CA LYS C 97 16.79 27.47 55.18
C LYS C 97 15.88 28.47 55.90
N SER C 98 15.92 29.76 55.53
CA SER C 98 15.19 30.83 56.25
C SER C 98 13.87 31.17 55.55
N ASN C 99 13.45 30.41 54.52
CA ASN C 99 12.16 30.63 53.83
C ASN C 99 12.10 32.05 53.26
N ILE C 100 13.10 32.46 52.49
CA ILE C 100 13.11 33.83 51.91
C ILE C 100 12.31 33.83 50.62
N ILE C 101 12.59 32.92 49.70
CA ILE C 101 11.93 32.92 48.37
C ILE C 101 10.43 32.67 48.57
N ARG C 102 9.63 33.71 48.44
CA ARG C 102 8.16 33.61 48.59
C ARG C 102 7.49 34.35 47.42
N GLY C 103 7.31 33.66 46.30
CA GLY C 103 6.49 34.18 45.21
C GLY C 103 7.21 34.26 43.88
N TRP C 104 6.42 34.46 42.84
CA TRP C 104 6.90 34.67 41.45
C TRP C 104 5.93 35.58 40.70
N ILE C 105 6.46 36.25 39.68
CA ILE C 105 5.72 37.22 38.85
C ILE C 105 5.97 36.89 37.38
N PHE C 106 4.90 36.83 36.61
CA PHE C 106 4.96 36.53 35.17
C PHE C 106 4.21 37.62 34.42
N GLY C 107 4.67 37.93 33.21
CA GLY C 107 3.96 38.88 32.36
C GLY C 107 4.74 39.19 31.10
N THR C 108 4.19 40.06 30.28
CA THR C 108 4.90 40.57 29.09
C THR C 108 5.57 41.90 29.44
N THR C 109 4.89 42.77 30.18
CA THR C 109 5.36 44.15 30.44
C THR C 109 5.50 44.43 31.94
N LEU C 110 4.61 43.87 32.77
CA LEU C 110 4.59 44.08 34.25
C LEU C 110 4.31 45.55 34.60
N ASP C 111 3.67 46.31 33.72
CA ASP C 111 3.35 47.74 34.02
C ASP C 111 1.84 47.98 34.02
N SER C 112 1.04 46.93 34.16
CA SER C 112 -0.45 46.96 34.14
C SER C 112 -0.97 47.28 32.74
N LYS C 113 -0.11 47.50 31.75
CA LYS C 113 -0.57 47.69 30.36
C LYS C 113 -1.00 46.34 29.79
N THR C 114 -0.41 45.26 30.27
CA THR C 114 -0.70 43.89 29.79
C THR C 114 -0.99 42.99 30.99
N GLN C 115 -1.79 41.97 30.76
CA GLN C 115 -2.23 41.02 31.80
C GLN C 115 -1.01 40.36 32.45
N SER C 116 -1.02 40.24 33.77
CA SER C 116 0.12 39.71 34.54
C SER C 116 -0.35 38.68 35.56
N LEU C 117 0.55 37.78 35.93
CA LEU C 117 0.25 36.65 36.84
C LEU C 117 1.13 36.75 38.08
N LEU C 118 0.55 36.46 39.24
CA LEU C 118 1.20 36.63 40.55
C LEU C 118 0.96 35.38 41.39
N ILE C 119 2.01 34.85 41.99
CA ILE C 119 1.91 33.65 42.87
C ILE C 119 2.63 33.93 44.18
N VAL C 120 1.88 34.15 45.26
CA VAL C 120 2.51 34.41 46.58
C VAL C 120 2.05 33.37 47.59
N ASN C 121 3.00 32.93 48.42
CA ASN C 121 2.74 31.90 49.46
C ASN C 121 2.56 32.58 50.81
N ASN C 122 1.38 32.44 51.40
CA ASN C 122 1.13 32.81 52.81
C ASN C 122 1.23 31.56 53.67
N ALA C 123 1.41 31.74 54.97
CA ALA C 123 1.39 30.63 55.96
C ALA C 123 0.14 29.79 55.75
N THR C 124 0.30 28.58 55.22
CA THR C 124 -0.81 27.62 54.97
C THR C 124 -1.81 28.21 53.97
N ASN C 125 -1.32 28.90 52.95
CA ASN C 125 -2.19 29.44 51.88
C ASN C 125 -1.37 29.80 50.66
N VAL C 126 -2.00 29.75 49.49
CA VAL C 126 -1.38 30.29 48.26
C VAL C 126 -2.37 31.24 47.59
N VAL C 127 -1.83 32.25 46.94
CA VAL C 127 -2.63 33.25 46.18
C VAL C 127 -2.06 33.31 44.77
N ILE C 128 -2.86 32.92 43.79
CA ILE C 128 -2.44 33.00 42.37
C ILE C 128 -3.44 33.90 41.66
N LYS C 129 -3.08 35.15 41.45
CA LYS C 129 -4.01 36.15 40.87
C LYS C 129 -3.52 36.58 39.50
N VAL C 130 -4.43 36.64 38.55
CA VAL C 130 -4.11 37.14 37.19
C VAL C 130 -4.74 38.51 37.05
N CYS C 131 -3.97 39.55 37.36
CA CYS C 131 -4.48 40.94 37.29
C CYS C 131 -3.53 41.78 36.44
N GLU C 132 -3.97 42.99 36.13
CA GLU C 132 -3.09 44.04 35.60
C GLU C 132 -2.54 44.81 36.80
N PHE C 133 -1.28 44.56 37.13
CA PHE C 133 -0.62 45.13 38.32
C PHE C 133 0.27 46.28 37.89
N GLN C 134 0.17 47.41 38.59
CA GLN C 134 1.16 48.49 38.46
C GLN C 134 2.36 48.09 39.32
N PHE C 135 3.14 47.15 38.83
CA PHE C 135 4.26 46.56 39.59
C PHE C 135 5.31 47.63 39.90
N CYS C 136 6.02 47.43 40.99
CA CYS C 136 7.19 48.25 41.35
C CYS C 136 8.39 47.86 40.50
N ASN C 137 9.38 48.72 40.44
CA ASN C 137 10.69 48.38 39.82
C ASN C 137 11.34 47.24 40.61
N ASP C 138 11.17 47.25 41.93
CA ASP C 138 11.72 46.21 42.83
C ASP C 138 10.61 45.69 43.73
N PRO C 139 9.72 44.82 43.22
CA PRO C 139 8.69 44.23 44.07
C PRO C 139 9.30 43.24 45.07
N PHE C 140 8.72 43.18 46.26
CA PHE C 140 9.20 42.28 47.32
C PHE C 140 8.13 42.16 48.40
N LEU C 141 8.47 41.41 49.44
CA LEU C 141 7.68 41.34 50.69
C LEU C 141 8.59 41.62 51.87
N GLY C 142 8.00 42.08 52.97
CA GLY C 142 8.77 42.48 54.16
C GLY C 142 8.43 41.66 55.38
N VAL C 143 9.44 41.25 56.13
CA VAL C 143 9.27 40.51 57.41
C VAL C 143 10.09 41.24 58.46
N TYR C 144 9.47 41.56 59.57
CA TYR C 144 10.16 42.24 60.69
C TYR C 144 10.67 41.21 61.71
N MET C 153 6.81 40.26 61.98
CA MET C 153 6.68 39.05 61.12
C MET C 153 5.67 39.33 59.99
N GLU C 154 6.07 39.05 58.76
CA GLU C 154 5.20 39.19 57.56
C GLU C 154 4.68 40.64 57.48
N SER C 155 5.58 41.61 57.66
CA SER C 155 5.19 43.02 57.88
C SER C 155 4.63 43.64 56.60
N GLU C 156 5.32 43.49 55.48
CA GLU C 156 5.02 44.28 54.26
C GLU C 156 4.58 43.38 53.12
N PHE C 157 3.72 43.93 52.25
CA PHE C 157 3.24 43.29 51.02
C PHE C 157 3.46 44.25 49.85
N ARG C 158 4.66 44.81 49.77
CA ARG C 158 4.98 45.90 48.82
C ARG C 158 5.39 45.30 47.47
N VAL C 159 4.40 44.89 46.69
CA VAL C 159 4.64 44.35 45.33
C VAL C 159 4.08 45.31 44.29
N TYR C 160 2.78 45.58 44.34
CA TYR C 160 2.07 46.37 43.31
C TYR C 160 1.35 47.53 43.98
N SER C 161 1.39 48.70 43.36
CA SER C 161 0.63 49.88 43.83
C SER C 161 -0.86 49.62 43.59
N SER C 162 -1.22 49.19 42.39
CA SER C 162 -2.62 48.90 42.01
C SER C 162 -2.70 47.51 41.39
N ALA C 163 -3.83 46.85 41.62
CA ALA C 163 -4.10 45.48 41.13
C ALA C 163 -5.38 45.53 40.31
N ASN C 164 -5.43 46.41 39.33
CA ASN C 164 -6.72 46.85 38.76
C ASN C 164 -7.40 45.72 37.97
N ASN C 165 -8.68 45.89 37.72
CA ASN C 165 -9.49 45.20 36.69
C ASN C 165 -9.03 43.74 36.55
N CYS C 166 -9.03 43.00 37.66
CA CYS C 166 -8.50 41.61 37.75
C CYS C 166 -9.32 40.63 36.91
N THR C 167 -8.84 39.40 36.86
CA THR C 167 -9.36 38.29 36.03
C THR C 167 -9.15 37.01 36.83
N PHE C 168 -9.01 35.86 36.16
CA PHE C 168 -8.95 34.50 36.78
C PHE C 168 -8.09 34.50 38.04
N GLU C 169 -8.60 33.87 39.09
CA GLU C 169 -7.98 33.84 40.43
C GLU C 169 -7.98 32.39 40.94
N TYR C 170 -7.04 32.08 41.83
CA TYR C 170 -6.92 30.73 42.43
C TYR C 170 -6.36 30.82 43.84
N VAL C 171 -6.87 29.96 44.71
CA VAL C 171 -6.35 29.77 46.09
C VAL C 171 -6.29 28.27 46.37
N SER C 172 -5.24 27.86 47.08
CA SER C 172 -5.02 26.45 47.45
C SER C 172 -4.01 26.36 48.59
N GLN C 173 -3.57 25.14 48.88
CA GLN C 173 -2.53 24.90 49.90
C GLN C 173 -1.23 25.56 49.44
N PRO C 174 -0.33 25.92 50.38
CA PRO C 174 0.92 26.57 50.00
C PRO C 174 1.79 25.66 49.13
N PHE C 175 2.48 26.25 48.17
CA PHE C 175 3.37 25.51 47.24
C PHE C 175 4.59 24.97 47.99
N LEU C 176 5.23 25.82 48.78
CA LEU C 176 6.48 25.43 49.49
C LEU C 176 6.22 25.48 50.99
N MET C 177 6.69 24.46 51.69
CA MET C 177 6.52 24.36 53.16
C MET C 177 7.73 23.66 53.75
N ASP C 178 7.90 23.77 55.06
CA ASP C 178 9.04 23.14 55.77
C ASP C 178 8.94 21.62 55.67
N LEU C 179 7.73 21.09 55.79
CA LEU C 179 7.49 19.63 55.75
C LEU C 179 6.61 19.21 54.59
N ASN C 185 23.55 25.39 57.37
CA ASN C 185 23.37 24.75 56.04
C ASN C 185 21.93 24.90 55.54
N PHE C 186 21.74 24.65 54.25
CA PHE C 186 20.40 24.66 53.63
C PHE C 186 19.75 23.30 53.87
N LYS C 187 18.69 23.27 54.67
CA LYS C 187 18.00 22.00 54.97
C LYS C 187 17.16 21.56 53.77
N ASN C 188 16.64 22.49 52.99
CA ASN C 188 15.63 22.16 51.95
C ASN C 188 16.00 22.80 50.61
N LEU C 189 15.87 22.01 49.56
CA LEU C 189 15.95 22.48 48.15
C LEU C 189 14.56 22.32 47.53
N ARG C 190 14.11 23.36 46.84
CA ARG C 190 12.76 23.40 46.24
C ARG C 190 12.92 23.58 44.73
N GLU C 191 12.52 22.57 43.97
CA GLU C 191 12.56 22.62 42.50
C GLU C 191 11.16 22.95 41.97
N PHE C 192 11.09 23.82 40.98
CA PHE C 192 9.84 24.15 40.27
C PHE C 192 10.12 24.21 38.78
N VAL C 193 9.14 23.79 37.99
CA VAL C 193 9.18 23.94 36.52
C VAL C 193 7.91 24.66 36.10
N PHE C 194 8.07 25.76 35.38
CA PHE C 194 6.95 26.56 34.85
C PHE C 194 6.98 26.45 33.33
N LYS C 195 5.88 26.00 32.76
CA LYS C 195 5.72 25.93 31.29
C LYS C 195 4.43 26.65 30.91
N ASN C 196 4.52 27.63 30.04
CA ASN C 196 3.34 28.36 29.53
C ASN C 196 3.01 27.81 28.15
N ILE C 197 2.11 26.85 28.09
CA ILE C 197 1.79 26.10 26.85
C ILE C 197 0.35 26.45 26.44
N ASP C 198 -0.05 25.97 25.28
CA ASP C 198 -1.19 26.42 24.44
C ASP C 198 -2.21 27.21 25.27
N GLY C 199 -2.77 26.60 26.31
CA GLY C 199 -3.78 27.25 27.16
C GLY C 199 -3.47 27.21 28.63
N TYR C 200 -2.44 26.48 29.06
CA TYR C 200 -2.21 26.21 30.49
C TYR C 200 -0.83 26.70 30.91
N PHE C 201 -0.80 27.37 32.05
CA PHE C 201 0.45 27.61 32.81
C PHE C 201 0.60 26.44 33.77
N LYS C 202 1.56 25.57 33.49
CA LYS C 202 1.74 24.31 34.25
C LYS C 202 2.92 24.47 35.19
N ILE C 203 2.68 24.19 36.47
CA ILE C 203 3.73 24.21 37.52
C ILE C 203 3.93 22.79 38.02
N TYR C 204 5.17 22.32 37.96
CA TYR C 204 5.59 21.06 38.59
C TYR C 204 6.54 21.43 39.74
N SER C 205 6.51 20.64 40.80
CA SER C 205 7.28 21.00 42.01
C SER C 205 7.84 19.76 42.67
N LYS C 206 8.90 19.96 43.44
CA LYS C 206 9.50 18.89 44.27
C LYS C 206 10.25 19.52 45.43
N HIS C 207 10.22 18.87 46.57
CA HIS C 207 10.92 19.32 47.80
C HIS C 207 11.88 18.21 48.23
N THR C 208 13.13 18.56 48.46
CA THR C 208 14.17 17.55 48.76
C THR C 208 14.98 18.00 49.96
N PRO C 209 15.19 17.13 50.96
CA PRO C 209 16.16 17.40 52.00
C PRO C 209 17.59 17.29 51.46
N ILE C 210 18.39 18.32 51.72
CA ILE C 210 19.79 18.38 51.25
C ILE C 210 20.70 18.65 52.46
N ASN C 211 21.80 17.93 52.54
CA ASN C 211 22.86 18.22 53.54
C ASN C 211 23.81 19.26 52.95
N LEU C 212 24.02 19.22 51.63
CA LEU C 212 24.92 20.17 50.95
C LEU C 212 24.35 21.60 51.05
N VAL C 213 25.24 22.57 51.10
CA VAL C 213 24.85 23.99 51.23
C VAL C 213 25.32 24.80 50.00
N ARG C 214 26.30 24.30 49.24
CA ARG C 214 26.98 25.14 48.23
C ARG C 214 26.13 25.25 46.96
N ASP C 215 25.85 24.13 46.30
CA ASP C 215 25.18 24.18 44.98
C ASP C 215 24.30 22.94 44.82
N LEU C 216 23.82 22.71 43.60
CA LEU C 216 22.81 21.66 43.32
C LEU C 216 23.42 20.28 43.59
N PRO C 217 22.59 19.30 44.00
CA PRO C 217 23.08 17.94 44.18
C PRO C 217 23.43 17.26 42.84
N GLN C 218 24.28 16.25 42.92
CA GLN C 218 24.56 15.34 41.78
C GLN C 218 23.63 14.13 41.89
N GLY C 219 22.34 14.41 42.03
CA GLY C 219 21.31 13.40 42.26
C GLY C 219 20.26 13.42 41.17
N PHE C 220 19.24 12.60 41.36
CA PHE C 220 18.09 12.54 40.43
C PHE C 220 16.80 12.73 41.22
N SER C 221 15.94 13.61 40.74
CA SER C 221 14.61 13.87 41.34
C SER C 221 13.61 14.17 40.23
N ALA C 222 12.44 13.56 40.31
CA ALA C 222 11.35 13.77 39.33
C ALA C 222 10.35 14.76 39.93
N LEU C 223 9.98 15.76 39.15
CA LEU C 223 9.11 16.86 39.64
C LEU C 223 7.66 16.49 39.35
N GLU C 224 6.93 16.12 40.38
CA GLU C 224 5.50 15.75 40.23
C GLU C 224 4.70 17.00 39.88
N PRO C 225 3.70 16.90 38.98
CA PRO C 225 2.88 18.06 38.62
C PRO C 225 2.16 18.64 39.84
N LEU C 226 2.09 19.97 39.89
CA LEU C 226 1.45 20.70 41.01
C LEU C 226 0.13 21.34 40.55
N VAL C 227 0.18 22.20 39.54
CA VAL C 227 -1.05 22.86 39.03
C VAL C 227 -1.00 22.97 37.51
N ASP C 228 -2.17 23.05 36.90
CA ASP C 228 -2.32 23.33 35.45
C ASP C 228 -3.35 24.45 35.30
N LEU C 229 -2.90 25.69 35.40
CA LEU C 229 -3.84 26.83 35.45
C LEU C 229 -4.22 27.25 34.04
N PRO C 230 -5.51 27.21 33.69
CA PRO C 230 -5.96 27.68 32.37
C PRO C 230 -5.94 29.21 32.29
N ILE C 231 -4.75 29.76 32.09
CA ILE C 231 -4.54 31.23 32.20
C ILE C 231 -4.49 31.84 30.81
N GLY C 232 -3.62 31.32 29.95
CA GLY C 232 -3.47 31.79 28.55
C GLY C 232 -2.95 33.22 28.47
N ILE C 233 -1.71 33.43 28.89
CA ILE C 233 -1.05 34.77 28.80
C ILE C 233 0.20 34.67 27.95
N ASN C 234 0.48 35.77 27.26
CA ASN C 234 1.74 35.98 26.51
C ASN C 234 2.86 36.20 27.51
N ILE C 235 3.37 35.12 28.10
CA ILE C 235 4.40 35.22 29.16
C ILE C 235 5.77 35.17 28.52
N THR C 236 6.53 36.26 28.65
CA THR C 236 7.92 36.37 28.16
C THR C 236 8.81 37.12 29.14
N ARG C 237 8.35 37.33 30.37
CA ARG C 237 8.87 38.42 31.23
C ARG C 237 8.72 37.97 32.67
N PHE C 238 9.82 37.61 33.31
CA PHE C 238 9.78 36.86 34.59
C PHE C 238 10.49 37.63 35.69
N GLN C 239 9.96 37.50 36.91
CA GLN C 239 10.51 38.16 38.11
C GLN C 239 10.28 37.28 39.33
N THR C 240 11.16 37.41 40.32
CA THR C 240 11.06 36.66 41.60
C THR C 240 10.70 37.62 42.73
N LEU C 241 9.97 37.10 43.71
CA LEU C 241 9.58 37.87 44.92
C LEU C 241 10.33 37.30 46.13
N LEU C 242 10.92 38.18 46.92
CA LEU C 242 11.67 37.80 48.14
C LEU C 242 11.11 38.56 49.34
N ALA C 243 11.56 38.16 50.53
CA ALA C 243 11.22 38.84 51.79
C ALA C 243 12.48 39.43 52.41
N LEU C 244 12.40 40.69 52.84
CA LEU C 244 13.53 41.41 53.46
C LEU C 244 13.33 41.46 54.96
N HIS C 245 14.38 41.17 55.71
CA HIS C 245 14.37 41.20 57.20
C HIS C 245 14.74 42.59 57.67
N ARG C 246 13.92 43.17 58.53
CA ARG C 246 14.20 44.52 59.09
C ARG C 246 13.93 44.55 60.59
N SER C 256 16.31 51.78 52.74
CA SER C 256 17.45 50.98 53.25
C SER C 256 17.08 50.35 54.61
N GLY C 257 18.09 50.08 55.44
CA GLY C 257 17.91 49.47 56.77
C GLY C 257 17.32 48.08 56.64
N TRP C 258 17.88 47.28 55.74
CA TRP C 258 17.33 45.95 55.38
C TRP C 258 18.44 44.91 55.41
N THR C 259 18.03 43.65 55.46
CA THR C 259 18.93 42.49 55.28
C THR C 259 18.12 41.32 54.73
N ALA C 260 18.75 40.48 53.94
CA ALA C 260 18.06 39.39 53.21
C ALA C 260 18.13 38.10 54.00
N GLY C 261 19.35 37.58 54.23
CA GLY C 261 19.58 36.25 54.81
C GLY C 261 19.74 35.20 53.73
N ALA C 262 20.32 34.08 54.10
CA ALA C 262 20.79 33.04 53.16
C ALA C 262 19.63 32.54 52.29
N ALA C 263 19.75 32.72 50.98
CA ALA C 263 18.78 32.21 49.99
C ALA C 263 19.44 32.14 48.61
N ALA C 264 19.72 30.95 48.11
CA ALA C 264 20.42 30.80 46.81
C ALA C 264 19.48 30.15 45.79
N TYR C 265 19.10 30.89 44.75
CA TYR C 265 18.13 30.35 43.76
C TYR C 265 18.74 30.34 42.36
N TYR C 266 18.48 29.24 41.66
CA TYR C 266 19.02 28.97 40.31
C TYR C 266 17.89 29.06 39.30
N VAL C 267 18.20 29.61 38.13
CA VAL C 267 17.23 29.69 37.01
C VAL C 267 17.86 29.02 35.79
N GLY C 268 17.14 28.09 35.19
CA GLY C 268 17.60 27.36 33.99
C GLY C 268 16.51 27.23 32.95
N TYR C 269 16.73 27.71 31.73
CA TYR C 269 15.66 27.70 30.72
C TYR C 269 15.54 26.31 30.09
N LEU C 270 14.32 25.99 29.69
CA LEU C 270 13.98 24.68 29.08
C LEU C 270 14.29 24.70 27.59
N GLN C 271 14.47 23.50 27.05
CA GLN C 271 14.66 23.27 25.60
C GLN C 271 13.74 22.13 25.18
N PRO C 272 13.28 22.11 23.92
CA PRO C 272 12.61 20.93 23.39
C PRO C 272 13.60 19.78 23.20
N ARG C 273 13.55 18.81 24.11
CA ARG C 273 14.49 17.66 24.11
C ARG C 273 13.72 16.35 24.14
N THR C 274 14.38 15.31 23.67
CA THR C 274 13.88 13.93 23.78
C THR C 274 14.56 13.26 24.97
N PHE C 275 13.76 12.77 25.90
CA PHE C 275 14.29 12.09 27.10
C PHE C 275 13.83 10.63 27.10
N LEU C 276 14.66 9.78 27.68
CA LEU C 276 14.31 8.37 27.96
C LEU C 276 14.16 8.23 29.47
N LEU C 277 12.92 8.08 29.92
CA LEU C 277 12.59 8.08 31.36
C LEU C 277 12.41 6.63 31.82
N LYS C 278 13.03 6.28 32.94
CA LYS C 278 12.99 4.91 33.49
C LYS C 278 11.93 4.87 34.60
N TYR C 279 10.73 4.50 34.24
CA TYR C 279 9.66 4.27 35.24
C TYR C 279 9.93 2.94 35.95
N ASN C 280 10.19 2.99 37.25
CA ASN C 280 10.43 1.77 38.05
C ASN C 280 9.11 1.02 38.22
N GLU C 281 9.14 -0.10 38.92
CA GLU C 281 7.92 -0.95 39.03
C GLU C 281 6.87 -0.28 39.91
N ASN C 282 7.20 0.77 40.66
CA ASN C 282 6.24 1.44 41.57
C ASN C 282 5.97 2.87 41.12
N GLY C 283 6.11 3.16 39.82
CA GLY C 283 5.55 4.36 39.19
C GLY C 283 6.46 5.58 39.20
N THR C 284 7.66 5.49 39.76
CA THR C 284 8.53 6.67 39.94
C THR C 284 9.60 6.70 38.84
N ILE C 285 9.85 7.88 38.30
CA ILE C 285 10.97 8.08 37.34
C ILE C 285 12.26 8.06 38.14
N THR C 286 12.97 6.94 38.12
CA THR C 286 14.20 6.79 38.94
C THR C 286 15.42 7.27 38.16
N ASP C 287 15.31 7.36 36.84
CA ASP C 287 16.47 7.78 36.02
C ASP C 287 15.99 8.32 34.68
N ALA C 288 16.87 9.02 33.99
CA ALA C 288 16.55 9.60 32.67
C ALA C 288 17.82 9.71 31.84
N VAL C 289 17.64 9.71 30.53
CA VAL C 289 18.74 9.88 29.55
C VAL C 289 18.36 11.04 28.64
N ASP C 290 19.26 12.00 28.51
CA ASP C 290 19.10 13.15 27.60
C ASP C 290 19.66 12.74 26.25
N CYS C 291 18.79 12.46 25.30
CA CYS C 291 19.18 11.81 24.01
C CYS C 291 20.16 12.67 23.22
N ALA C 292 20.19 13.99 23.44
CA ALA C 292 21.01 14.91 22.62
C ALA C 292 22.27 15.35 23.37
N LEU C 293 22.60 14.73 24.51
CA LEU C 293 23.75 15.18 25.33
C LEU C 293 25.06 14.74 24.68
N ASP C 294 25.28 13.44 24.55
CA ASP C 294 26.56 12.89 24.02
C ASP C 294 26.23 11.68 23.16
N PRO C 295 27.19 11.16 22.36
CA PRO C 295 26.90 9.99 21.52
C PRO C 295 26.45 8.75 22.29
N LEU C 296 26.93 8.55 23.50
CA LEU C 296 26.50 7.40 24.34
C LEU C 296 25.01 7.52 24.65
N SER C 297 24.51 8.71 24.94
CA SER C 297 23.07 8.95 25.17
C SER C 297 22.26 8.70 23.89
N GLU C 298 22.79 9.11 22.74
CA GLU C 298 22.13 8.81 21.44
C GLU C 298 22.02 7.29 21.28
N THR C 299 23.08 6.56 21.63
CA THR C 299 23.07 5.09 21.54
C THR C 299 22.02 4.53 22.50
N LYS C 300 21.99 5.04 23.72
CA LYS C 300 21.03 4.54 24.74
C LYS C 300 19.59 4.79 24.29
N CYS C 301 19.31 5.95 23.71
CA CYS C 301 17.94 6.29 23.25
C CYS C 301 17.59 5.48 22.00
N THR C 302 18.56 5.24 21.12
CA THR C 302 18.32 4.41 19.92
C THR C 302 17.95 2.98 20.34
N LEU C 303 18.67 2.43 21.31
CA LEU C 303 18.43 1.04 21.79
C LEU C 303 17.26 0.99 22.78
N LYS C 304 16.83 2.14 23.32
CA LYS C 304 15.83 2.19 24.42
C LYS C 304 16.30 1.31 25.57
N SER C 305 17.55 1.51 25.99
CA SER C 305 18.16 0.72 27.07
C SER C 305 19.15 1.61 27.82
N PHE C 306 19.16 1.53 29.13
CA PHE C 306 20.09 2.32 29.98
C PHE C 306 21.47 1.67 29.98
N THR C 307 21.52 0.37 29.71
CA THR C 307 22.79 -0.37 29.61
C THR C 307 23.01 -0.73 28.14
N VAL C 308 24.22 -0.48 27.65
CA VAL C 308 24.56 -0.70 26.22
C VAL C 308 25.65 -1.77 26.18
N GLU C 309 25.40 -2.80 25.39
CA GLU C 309 26.39 -3.90 25.20
C GLU C 309 27.51 -3.41 24.28
N LYS C 310 28.64 -4.10 24.35
CA LYS C 310 29.79 -3.78 23.47
C LYS C 310 29.37 -3.97 22.01
N GLY C 311 29.81 -3.05 21.17
CA GLY C 311 29.58 -3.15 19.72
C GLY C 311 29.53 -1.79 19.08
N ILE C 312 29.06 -1.78 17.84
CA ILE C 312 28.92 -0.54 17.03
C ILE C 312 27.45 -0.39 16.67
N TYR C 313 26.91 0.80 16.89
CA TYR C 313 25.46 1.06 16.69
C TYR C 313 25.31 2.32 15.86
N GLN C 314 24.47 2.26 14.84
CA GLN C 314 24.13 3.45 14.03
C GLN C 314 23.00 4.20 14.73
N THR C 315 23.23 5.47 15.05
CA THR C 315 22.30 6.25 15.92
C THR C 315 21.65 7.41 15.19
N SER C 316 22.29 7.98 14.17
CA SER C 316 21.75 9.15 13.46
C SER C 316 22.39 9.25 12.09
N ASN C 317 22.14 10.34 11.39
CA ASN C 317 22.68 10.56 10.03
C ASN C 317 23.30 11.95 9.99
N PHE C 318 24.63 12.01 9.91
CA PHE C 318 25.36 13.27 9.68
C PHE C 318 24.99 13.80 8.29
N ARG C 319 24.74 15.11 8.24
CA ARG C 319 24.42 15.82 6.99
C ARG C 319 25.10 17.18 7.02
N VAL C 320 25.76 17.54 5.93
CA VAL C 320 26.39 18.88 5.84
C VAL C 320 25.30 19.90 5.51
N GLN C 321 25.25 20.98 6.26
CA GLN C 321 24.15 21.95 6.07
C GLN C 321 24.60 23.07 5.16
N PRO C 322 23.67 23.62 4.36
CA PRO C 322 24.01 24.75 3.47
C PRO C 322 24.41 26.00 4.25
N THR C 323 25.55 26.59 3.88
CA THR C 323 26.03 27.84 4.49
C THR C 323 25.12 29.00 4.10
N GLU C 324 24.67 29.05 2.85
CA GLU C 324 23.84 30.18 2.38
C GLU C 324 23.02 29.74 1.17
N SER C 325 22.04 30.56 0.82
CA SER C 325 21.24 30.39 -0.41
C SER C 325 21.74 31.35 -1.46
N ILE C 326 22.08 30.84 -2.64
CA ILE C 326 22.51 31.68 -3.79
C ILE C 326 21.45 31.61 -4.87
N VAL C 327 21.24 32.71 -5.56
CA VAL C 327 20.20 32.82 -6.62
C VAL C 327 20.88 33.26 -7.91
N ARG C 328 20.58 32.55 -8.99
CA ARG C 328 21.03 32.92 -10.36
C ARG C 328 19.81 32.93 -11.26
N PHE C 329 19.12 34.07 -11.30
CA PHE C 329 18.03 34.35 -12.27
C PHE C 329 18.60 35.16 -13.42
N PRO C 330 17.91 35.22 -14.57
CA PRO C 330 18.40 36.02 -15.69
C PRO C 330 18.05 37.50 -15.48
N ASN C 331 19.06 38.33 -15.67
CA ASN C 331 19.00 39.81 -15.52
C ASN C 331 18.15 40.42 -16.64
N ILE C 332 16.83 40.37 -16.49
CA ILE C 332 15.90 41.00 -17.44
C ILE C 332 15.10 42.06 -16.68
N THR C 333 15.44 43.32 -16.88
CA THR C 333 14.83 44.44 -16.14
C THR C 333 13.44 44.75 -16.68
N ASN C 334 13.15 44.35 -17.93
CA ASN C 334 11.86 44.67 -18.59
C ASN C 334 10.69 44.10 -17.77
N LEU C 335 9.82 44.97 -17.30
CA LEU C 335 8.62 44.56 -16.50
C LEU C 335 7.62 43.88 -17.45
N CYS C 336 6.93 42.88 -16.94
CA CYS C 336 5.83 42.24 -17.69
C CYS C 336 4.67 43.22 -17.81
N PRO C 337 3.95 43.22 -18.97
CA PRO C 337 2.85 44.15 -19.19
C PRO C 337 1.54 43.77 -18.48
N PHE C 338 1.64 43.49 -17.18
CA PHE C 338 0.46 43.24 -16.34
C PHE C 338 -0.41 44.51 -16.26
N GLY C 339 0.26 45.67 -16.27
CA GLY C 339 -0.42 46.98 -16.33
C GLY C 339 -1.35 47.07 -17.53
N GLU C 340 -0.86 46.66 -18.69
CA GLU C 340 -1.64 46.74 -19.94
C GLU C 340 -2.88 45.84 -19.82
N VAL C 341 -2.71 44.65 -19.27
CA VAL C 341 -3.78 43.61 -19.35
C VAL C 341 -4.81 43.85 -18.25
N PHE C 342 -4.42 44.38 -17.10
CA PHE C 342 -5.38 44.46 -15.96
C PHE C 342 -6.28 45.70 -16.07
N ASN C 343 -5.79 46.82 -16.59
CA ASN C 343 -6.65 48.02 -16.76
C ASN C 343 -6.45 48.58 -18.17
N ALA C 344 -6.55 47.72 -19.17
CA ALA C 344 -6.72 48.14 -20.57
C ALA C 344 -8.02 48.95 -20.70
N THR C 345 -8.14 49.70 -21.78
CA THR C 345 -9.34 50.56 -22.02
C THR C 345 -10.58 49.68 -22.15
N ARG C 346 -10.55 48.68 -23.03
CA ARG C 346 -11.72 47.82 -23.31
C ARG C 346 -11.29 46.37 -23.19
N PHE C 347 -12.00 45.58 -22.41
CA PHE C 347 -11.82 44.12 -22.39
C PHE C 347 -12.70 43.50 -23.46
N ALA C 348 -12.37 42.27 -23.83
CA ALA C 348 -13.08 41.54 -24.90
C ALA C 348 -14.31 40.83 -24.31
N SER C 349 -15.16 40.35 -25.21
CA SER C 349 -16.30 39.48 -24.84
C SER C 349 -15.78 38.11 -24.39
N VAL C 350 -16.60 37.39 -23.64
CA VAL C 350 -16.20 36.04 -23.16
C VAL C 350 -16.12 35.08 -24.35
N TYR C 351 -17.03 35.21 -25.31
CA TYR C 351 -17.08 34.28 -26.47
C TYR C 351 -15.79 34.45 -27.28
N ALA C 352 -15.28 35.67 -27.36
CA ALA C 352 -14.00 35.97 -28.02
C ALA C 352 -13.06 36.55 -26.96
N TRP C 353 -12.46 35.67 -26.18
CA TRP C 353 -11.56 36.10 -25.08
C TRP C 353 -10.16 36.44 -25.63
N ASN C 354 -9.64 37.57 -25.17
CA ASN C 354 -8.35 38.11 -25.63
C ASN C 354 -7.23 37.44 -24.84
N ARG C 355 -6.28 36.84 -25.56
CA ARG C 355 -5.11 36.16 -24.96
C ARG C 355 -3.86 36.97 -25.24
N LYS C 356 -3.13 37.32 -24.18
CA LYS C 356 -1.82 37.99 -24.30
C LYS C 356 -0.76 37.01 -23.81
N ARG C 357 0.28 36.82 -24.61
CA ARG C 357 1.40 35.94 -24.22
C ARG C 357 2.44 36.77 -23.46
N ILE C 358 2.80 36.30 -22.28
CA ILE C 358 3.79 36.98 -21.40
C ILE C 358 5.03 36.10 -21.34
N SER C 359 6.15 36.67 -21.76
CA SER C 359 7.46 35.98 -21.77
C SER C 359 8.57 37.02 -21.80
N ASN C 360 9.77 36.60 -21.41
CA ASN C 360 10.99 37.44 -21.47
C ASN C 360 10.77 38.74 -20.71
N CYS C 361 10.22 38.64 -19.50
CA CYS C 361 10.02 39.83 -18.65
C CYS C 361 10.00 39.41 -17.19
N VAL C 362 10.48 40.29 -16.33
CA VAL C 362 10.35 40.12 -14.87
C VAL C 362 8.89 40.36 -14.49
N ALA C 363 8.33 39.44 -13.70
CA ALA C 363 6.89 39.48 -13.32
C ALA C 363 6.77 39.73 -11.83
N ASP C 364 5.95 40.70 -11.45
CA ASP C 364 5.64 40.98 -10.03
C ASP C 364 4.17 40.70 -9.79
N TYR C 365 3.87 39.58 -9.13
CA TYR C 365 2.48 39.23 -8.76
C TYR C 365 2.15 39.79 -7.37
N SER C 366 3.15 40.30 -6.64
CA SER C 366 2.92 40.84 -5.27
C SER C 366 2.07 42.11 -5.36
N VAL C 367 2.33 42.95 -6.37
CA VAL C 367 1.59 44.22 -6.53
C VAL C 367 0.12 43.91 -6.80
N LEU C 368 -0.15 42.84 -7.55
CA LEU C 368 -1.55 42.43 -7.84
C LEU C 368 -2.21 41.93 -6.56
N TYR C 369 -1.54 41.08 -5.81
CA TYR C 369 -2.12 40.47 -4.59
C TYR C 369 -2.36 41.56 -3.54
N ASN C 370 -1.49 42.57 -3.48
CA ASN C 370 -1.61 43.65 -2.47
C ASN C 370 -2.81 44.53 -2.79
N SER C 371 -3.09 44.75 -4.07
CA SER C 371 -4.21 45.63 -4.51
C SER C 371 -5.53 45.03 -4.03
N ALA C 372 -6.34 45.84 -3.36
CA ALA C 372 -7.63 45.43 -2.77
C ALA C 372 -8.76 45.47 -3.81
N SER C 373 -8.49 45.94 -5.04
CA SER C 373 -9.53 46.09 -6.09
C SER C 373 -10.12 44.72 -6.44
N PHE C 374 -9.27 43.69 -6.51
CA PHE C 374 -9.71 42.36 -7.00
C PHE C 374 -10.55 41.67 -5.93
N SER C 375 -11.69 41.12 -6.35
CA SER C 375 -12.62 40.39 -5.46
C SER C 375 -12.30 38.88 -5.45
N THR C 376 -11.83 38.33 -6.57
CA THR C 376 -11.50 36.91 -6.69
C THR C 376 -10.06 36.77 -7.15
N PHE C 377 -9.26 35.99 -6.44
CA PHE C 377 -7.85 35.74 -6.82
C PHE C 377 -7.57 34.25 -6.67
N LYS C 378 -8.42 33.40 -7.25
CA LYS C 378 -8.34 31.95 -7.01
C LYS C 378 -7.20 31.34 -7.81
N CYS C 379 -6.18 30.83 -7.12
CA CYS C 379 -5.00 30.22 -7.75
C CYS C 379 -5.10 28.69 -7.61
N TYR C 380 -4.97 27.99 -8.73
CA TYR C 380 -5.11 26.52 -8.80
C TYR C 380 -3.77 25.93 -9.24
N GLY C 381 -3.28 24.96 -8.48
CA GLY C 381 -1.98 24.31 -8.73
C GLY C 381 -0.80 25.19 -8.33
N VAL C 382 -1.06 26.44 -7.92
CA VAL C 382 0.01 27.35 -7.41
C VAL C 382 -0.52 27.99 -6.14
N SER C 383 0.39 28.52 -5.33
CA SER C 383 0.04 29.23 -4.10
C SER C 383 0.03 30.73 -4.40
N PRO C 384 -1.02 31.47 -3.99
CA PRO C 384 -1.06 32.90 -4.27
C PRO C 384 0.13 33.67 -3.68
N THR C 385 0.62 33.26 -2.52
CA THR C 385 1.78 33.93 -1.88
C THR C 385 3.08 33.51 -2.59
N LYS C 386 3.16 32.27 -3.04
CA LYS C 386 4.42 31.71 -3.59
C LYS C 386 4.63 32.15 -5.05
N LEU C 387 3.67 32.84 -5.67
CA LEU C 387 3.75 33.13 -7.12
C LEU C 387 5.02 33.92 -7.46
N ASN C 388 5.52 34.73 -6.54
CA ASN C 388 6.69 35.60 -6.83
C ASN C 388 7.95 34.76 -6.99
N ASP C 389 8.10 33.69 -6.22
CA ASP C 389 9.35 32.89 -6.25
C ASP C 389 9.41 32.05 -7.52
N LEU C 390 8.27 31.68 -8.08
CA LEU C 390 8.23 30.72 -9.20
C LEU C 390 8.78 31.36 -10.49
N CYS C 391 9.31 30.52 -11.36
CA CYS C 391 9.71 30.92 -12.73
C CYS C 391 8.89 30.09 -13.72
N PHE C 392 8.21 30.76 -14.64
CA PHE C 392 7.30 30.11 -15.60
C PHE C 392 7.90 30.17 -17.00
N THR C 393 7.74 29.11 -17.78
CA THR C 393 8.25 29.07 -19.17
C THR C 393 7.39 29.98 -20.03
N ASN C 394 6.11 30.09 -19.73
CA ASN C 394 5.23 31.04 -20.45
C ASN C 394 4.08 31.46 -19.54
N VAL C 395 3.46 32.59 -19.87
CA VAL C 395 2.22 33.03 -19.20
C VAL C 395 1.20 33.39 -20.27
N TYR C 396 -0.06 33.06 -20.03
CA TYR C 396 -1.17 33.42 -20.94
C TYR C 396 -2.23 34.15 -20.13
N ALA C 397 -2.40 35.45 -20.41
CA ALA C 397 -3.43 36.28 -19.74
C ALA C 397 -4.67 36.35 -20.64
N ASP C 398 -5.79 35.89 -20.13
CA ASP C 398 -7.07 35.87 -20.88
C ASP C 398 -8.00 36.87 -20.22
N SER C 399 -8.32 37.95 -20.91
CA SER C 399 -9.09 39.08 -20.33
C SER C 399 -10.47 39.16 -20.96
N PHE C 400 -11.51 39.17 -20.15
CA PHE C 400 -12.89 39.33 -20.66
C PHE C 400 -13.81 39.91 -19.58
N VAL C 401 -15.08 40.02 -19.93
CA VAL C 401 -16.13 40.57 -19.04
C VAL C 401 -17.28 39.57 -18.97
N ILE C 402 -17.73 39.26 -17.76
CA ILE C 402 -18.82 38.26 -17.53
C ILE C 402 -19.77 38.79 -16.46
N ARG C 403 -20.70 37.94 -16.06
CA ARG C 403 -21.61 38.23 -14.92
C ARG C 403 -21.11 37.53 -13.66
N GLY C 404 -21.74 37.86 -12.53
CA GLY C 404 -21.35 37.33 -11.21
C GLY C 404 -21.72 35.87 -11.07
N ASP C 405 -22.92 35.49 -11.50
CA ASP C 405 -23.44 34.12 -11.27
C ASP C 405 -22.59 33.11 -12.03
N GLU C 406 -21.77 33.56 -12.97
CA GLU C 406 -20.88 32.64 -13.72
C GLU C 406 -19.40 32.92 -13.41
N VAL C 407 -19.09 33.67 -12.37
CA VAL C 407 -17.66 33.89 -12.00
C VAL C 407 -17.06 32.54 -11.58
N ARG C 408 -17.82 31.73 -10.86
CA ARG C 408 -17.32 30.41 -10.42
C ARG C 408 -17.42 29.41 -11.57
N GLN C 409 -18.05 29.78 -12.69
CA GLN C 409 -18.02 28.92 -13.90
C GLN C 409 -16.59 28.83 -14.44
N ILE C 410 -15.79 29.88 -14.29
CA ILE C 410 -14.40 29.85 -14.81
C ILE C 410 -13.50 29.30 -13.71
N ALA C 411 -13.37 27.99 -13.71
CA ALA C 411 -12.52 27.18 -12.82
C ALA C 411 -12.58 25.77 -13.35
N PRO C 412 -11.49 24.98 -13.25
CA PRO C 412 -11.46 23.68 -13.92
C PRO C 412 -12.53 22.73 -13.36
N GLY C 413 -13.12 21.94 -14.26
CA GLY C 413 -14.17 20.96 -13.94
C GLY C 413 -15.52 21.61 -13.65
N GLN C 414 -15.76 22.84 -14.10
CA GLN C 414 -17.06 23.51 -13.87
C GLN C 414 -17.96 23.37 -15.10
N THR C 415 -19.24 23.62 -14.89
CA THR C 415 -20.26 23.59 -15.97
C THR C 415 -21.09 24.86 -15.92
N GLY C 416 -21.81 25.13 -17.01
CA GLY C 416 -22.68 26.32 -17.13
C GLY C 416 -22.50 27.00 -18.46
N LYS C 417 -23.40 27.92 -18.77
CA LYS C 417 -23.50 28.51 -20.13
C LYS C 417 -22.17 29.13 -20.55
N ILE C 418 -21.62 30.02 -19.73
CA ILE C 418 -20.33 30.66 -20.05
C ILE C 418 -19.22 29.61 -19.95
N ALA C 419 -19.29 28.72 -18.98
CA ALA C 419 -18.28 27.66 -18.81
C ALA C 419 -18.31 26.71 -20.02
N ASP C 420 -19.50 26.39 -20.50
CA ASP C 420 -19.65 25.28 -21.48
C ASP C 420 -19.49 25.80 -22.91
N TYR C 421 -20.00 26.98 -23.22
CA TYR C 421 -20.03 27.49 -24.62
C TYR C 421 -19.23 28.78 -24.80
N ASN C 422 -18.62 29.34 -23.76
CA ASN C 422 -17.88 30.62 -23.92
C ASN C 422 -16.40 30.45 -23.54
N TYR C 423 -16.12 29.92 -22.36
CA TYR C 423 -14.71 29.77 -21.89
C TYR C 423 -14.59 28.49 -21.08
N LYS C 424 -13.61 27.65 -21.44
CA LYS C 424 -13.39 26.35 -20.79
C LYS C 424 -11.99 26.31 -20.18
N LEU C 425 -11.88 25.73 -19.00
CA LEU C 425 -10.57 25.52 -18.33
C LEU C 425 -10.32 24.04 -18.20
N PRO C 426 -9.14 23.55 -18.65
CA PRO C 426 -8.83 22.13 -18.53
C PRO C 426 -8.76 21.69 -17.06
N ASP C 427 -9.03 20.43 -16.81
CA ASP C 427 -9.09 19.87 -15.43
C ASP C 427 -7.74 20.05 -14.75
N ASP C 428 -6.65 19.92 -15.49
CA ASP C 428 -5.28 20.05 -14.94
C ASP C 428 -4.77 21.50 -15.10
N PHE C 429 -5.65 22.48 -15.19
CA PHE C 429 -5.25 23.89 -15.41
C PHE C 429 -4.45 24.39 -14.21
N THR C 430 -3.34 25.05 -14.49
CA THR C 430 -2.46 25.65 -13.46
C THR C 430 -2.43 27.16 -13.70
N GLY C 431 -2.90 27.92 -12.72
CA GLY C 431 -2.90 29.38 -12.84
C GLY C 431 -3.93 30.03 -11.97
N CYS C 432 -4.08 31.34 -12.13
CA CYS C 432 -4.88 32.17 -11.21
C CYS C 432 -5.98 32.88 -11.98
N VAL C 433 -7.21 32.76 -11.50
CA VAL C 433 -8.37 33.51 -12.04
C VAL C 433 -8.56 34.74 -11.15
N ILE C 434 -8.47 35.91 -11.76
CA ILE C 434 -8.53 37.20 -11.04
C ILE C 434 -9.72 37.97 -11.56
N ALA C 435 -10.74 38.13 -10.74
CA ALA C 435 -12.00 38.81 -11.12
C ALA C 435 -12.23 40.01 -10.21
N TRP C 436 -12.68 41.10 -10.77
CA TRP C 436 -13.06 42.29 -9.96
C TRP C 436 -14.28 42.97 -10.56
N ASN C 437 -15.06 43.59 -9.70
CA ASN C 437 -16.27 44.33 -10.10
C ASN C 437 -15.84 45.69 -10.64
N SER C 438 -16.27 46.03 -11.85
CA SER C 438 -15.85 47.30 -12.49
C SER C 438 -17.06 48.01 -13.10
N ASN C 439 -18.25 47.85 -12.54
CA ASN C 439 -19.46 48.55 -13.05
C ASN C 439 -19.28 50.07 -12.92
N ASN C 440 -18.21 50.53 -12.25
CA ASN C 440 -17.85 51.96 -12.23
C ASN C 440 -17.61 52.45 -13.67
N LEU C 441 -17.07 51.59 -14.53
CA LEU C 441 -16.78 51.95 -15.94
C LEU C 441 -17.18 50.80 -16.87
N ASP C 442 -18.10 49.94 -16.44
CA ASP C 442 -18.52 48.81 -17.31
C ASP C 442 -19.80 49.15 -18.06
N SER C 443 -20.90 49.38 -17.33
CA SER C 443 -22.24 49.50 -17.93
C SER C 443 -22.59 50.98 -18.11
N LYS C 444 -22.62 51.44 -19.36
CA LYS C 444 -23.19 52.75 -19.71
C LYS C 444 -24.68 52.75 -19.36
N VAL C 445 -25.21 53.91 -19.01
CA VAL C 445 -26.62 54.05 -18.60
C VAL C 445 -27.51 53.66 -19.80
N GLY C 446 -28.61 52.99 -19.49
CA GLY C 446 -29.57 52.50 -20.50
C GLY C 446 -29.19 51.14 -21.07
N GLY C 447 -28.16 50.47 -20.53
CA GLY C 447 -27.81 49.12 -20.99
C GLY C 447 -26.64 49.12 -21.96
N ASN C 448 -25.57 48.44 -21.60
CA ASN C 448 -24.37 48.29 -22.45
C ASN C 448 -24.43 46.93 -23.12
N TYR C 449 -24.64 46.91 -24.43
CA TYR C 449 -24.80 45.65 -25.20
C TYR C 449 -23.51 45.33 -25.97
N ASN C 450 -22.40 45.97 -25.67
CA ASN C 450 -21.14 45.80 -26.44
C ASN C 450 -20.64 44.37 -26.31
N TYR C 451 -20.59 43.85 -25.10
CA TYR C 451 -19.96 42.53 -24.85
C TYR C 451 -20.99 41.43 -25.11
N LEU C 452 -20.56 40.39 -25.80
CA LEU C 452 -21.47 39.28 -26.22
C LEU C 452 -21.07 37.96 -25.55
N TYR C 453 -21.89 36.94 -25.78
CA TYR C 453 -21.68 35.57 -25.29
C TYR C 453 -22.42 34.60 -26.21
N ARG C 454 -21.91 33.38 -26.33
CA ARG C 454 -22.52 32.35 -27.19
C ARG C 454 -23.29 31.38 -26.32
N LEU C 455 -24.60 31.54 -26.25
CA LEU C 455 -25.44 30.70 -25.36
C LEU C 455 -25.76 29.37 -26.04
N PHE C 456 -25.77 29.34 -27.37
CA PHE C 456 -26.05 28.10 -28.13
C PHE C 456 -24.81 27.68 -28.92
N ARG C 457 -24.49 26.41 -28.89
CA ARG C 457 -23.34 25.85 -29.65
C ARG C 457 -23.59 24.37 -29.92
N LYS C 458 -22.96 23.86 -30.97
CA LYS C 458 -23.12 22.45 -31.39
C LYS C 458 -22.59 21.52 -30.29
N SER C 459 -21.44 21.85 -29.70
CA SER C 459 -20.76 20.93 -28.75
C SER C 459 -20.14 21.74 -27.61
N ASN C 460 -19.75 21.03 -26.56
CA ASN C 460 -19.04 21.65 -25.41
C ASN C 460 -17.68 22.16 -25.90
N LEU C 461 -17.31 23.37 -25.50
CA LEU C 461 -15.99 23.94 -25.88
C LEU C 461 -14.87 23.05 -25.36
N LYS C 462 -13.86 22.85 -26.20
CA LYS C 462 -12.64 22.15 -25.78
C LYS C 462 -11.88 23.06 -24.81
N PRO C 463 -11.06 22.50 -23.90
CA PRO C 463 -10.29 23.32 -22.98
C PRO C 463 -9.33 24.26 -23.71
N PHE C 464 -9.28 25.51 -23.25
CA PHE C 464 -8.45 26.59 -23.85
C PHE C 464 -8.70 26.69 -25.35
N GLU C 465 -9.98 26.64 -25.74
CA GLU C 465 -10.37 26.75 -27.16
C GLU C 465 -11.35 27.90 -27.31
N ARG C 466 -11.22 28.63 -28.40
CA ARG C 466 -12.08 29.80 -28.70
C ARG C 466 -12.85 29.51 -29.99
N ASP C 467 -14.16 29.70 -29.93
CA ASP C 467 -15.05 29.49 -31.10
C ASP C 467 -15.86 30.77 -31.31
N ILE C 468 -15.51 31.53 -32.34
CA ILE C 468 -16.19 32.81 -32.66
C ILE C 468 -17.12 32.63 -33.85
N SER C 469 -17.35 31.38 -34.28
CA SER C 469 -18.21 31.10 -35.46
C SER C 469 -19.64 31.57 -35.17
N THR C 470 -20.25 32.23 -36.13
CA THR C 470 -21.67 32.68 -36.05
C THR C 470 -22.52 31.94 -37.08
N GLU C 471 -22.24 30.66 -37.30
CA GLU C 471 -23.08 29.82 -38.19
C GLU C 471 -24.39 29.50 -37.47
N ILE C 472 -25.49 29.61 -38.18
CA ILE C 472 -26.83 29.42 -37.57
C ILE C 472 -26.95 27.96 -37.11
N TYR C 473 -27.39 27.77 -35.88
CA TYR C 473 -27.43 26.43 -35.23
C TYR C 473 -28.79 25.80 -35.48
N GLN C 474 -28.79 24.57 -35.99
CA GLN C 474 -30.04 23.78 -36.18
C GLN C 474 -30.27 22.97 -34.92
N ALA C 475 -31.37 23.22 -34.23
CA ALA C 475 -31.65 22.60 -32.91
C ALA C 475 -32.25 21.21 -33.09
N GLY C 476 -32.74 20.88 -34.28
CA GLY C 476 -33.44 19.59 -34.47
C GLY C 476 -34.21 19.45 -35.77
N SER C 477 -35.51 19.19 -35.69
CA SER C 477 -36.33 18.67 -36.83
C SER C 477 -36.14 19.54 -38.08
N THR C 478 -36.29 20.86 -37.94
CA THR C 478 -36.25 21.77 -39.10
C THR C 478 -34.80 22.07 -39.45
N PRO C 479 -34.31 21.68 -40.64
CA PRO C 479 -32.97 22.08 -41.05
C PRO C 479 -32.90 23.59 -41.33
N CYS C 480 -31.85 24.23 -40.82
CA CYS C 480 -31.62 25.67 -41.07
C CYS C 480 -31.31 25.90 -42.54
N ASN C 481 -30.55 25.01 -43.17
CA ASN C 481 -30.09 25.16 -44.58
C ASN C 481 -29.34 26.49 -44.72
N GLY C 482 -28.60 26.88 -43.68
CA GLY C 482 -27.78 28.10 -43.66
C GLY C 482 -28.60 29.38 -43.54
N VAL C 483 -29.88 29.30 -43.21
CA VAL C 483 -30.73 30.52 -43.02
C VAL C 483 -31.43 30.43 -41.67
N GLU C 484 -31.94 31.56 -41.24
CA GLU C 484 -32.52 31.74 -39.89
C GLU C 484 -33.99 31.31 -39.91
N GLY C 485 -34.57 31.13 -38.73
CA GLY C 485 -35.99 30.78 -38.60
C GLY C 485 -36.33 30.21 -37.25
N PHE C 486 -37.46 29.52 -37.17
CA PHE C 486 -37.95 28.92 -35.91
C PHE C 486 -37.07 27.72 -35.56
N ASN C 487 -36.65 27.66 -34.30
CA ASN C 487 -35.71 26.63 -33.76
C ASN C 487 -34.33 26.75 -34.39
N CYS C 488 -34.10 27.72 -35.27
CA CYS C 488 -32.75 28.01 -35.81
C CYS C 488 -32.10 29.06 -34.90
N TYR C 489 -31.85 28.67 -33.66
CA TYR C 489 -31.29 29.58 -32.64
C TYR C 489 -29.91 30.03 -33.06
N PHE C 490 -29.70 31.34 -33.08
CA PHE C 490 -28.37 31.90 -33.41
C PHE C 490 -27.48 31.75 -32.18
N PRO C 491 -26.20 31.36 -32.35
CA PRO C 491 -25.31 31.23 -31.19
C PRO C 491 -25.13 32.53 -30.40
N LEU C 492 -25.07 33.66 -31.11
CA LEU C 492 -24.65 34.94 -30.50
C LEU C 492 -25.78 35.53 -29.64
N GLN C 493 -25.39 36.07 -28.50
CA GLN C 493 -26.33 36.71 -27.55
C GLN C 493 -25.65 37.97 -26.98
N SER C 494 -26.44 38.86 -26.41
CA SER C 494 -25.95 40.16 -25.90
C SER C 494 -26.24 40.28 -24.41
N TYR C 495 -25.29 40.84 -23.68
CA TYR C 495 -25.43 41.11 -22.23
C TYR C 495 -26.49 42.16 -21.96
N GLY C 496 -26.26 43.40 -22.40
CA GLY C 496 -27.09 44.54 -22.01
C GLY C 496 -27.04 44.82 -20.51
N PHE C 497 -25.84 44.90 -19.93
CA PHE C 497 -25.71 45.27 -18.51
C PHE C 497 -26.37 46.61 -18.25
N GLN C 498 -27.19 46.68 -17.22
CA GLN C 498 -27.70 47.98 -16.74
C GLN C 498 -26.84 48.41 -15.56
N PRO C 499 -26.59 49.72 -15.39
CA PRO C 499 -25.78 50.19 -14.27
C PRO C 499 -26.37 49.89 -12.88
N THR C 500 -27.64 49.48 -12.81
CA THR C 500 -28.35 49.30 -11.52
C THR C 500 -28.82 47.85 -11.33
N ASN C 501 -28.25 46.89 -12.05
CA ASN C 501 -28.64 45.46 -11.88
C ASN C 501 -28.18 44.95 -10.51
N GLY C 502 -28.62 43.73 -10.17
CA GLY C 502 -28.11 42.97 -9.03
C GLY C 502 -26.62 42.73 -9.13
N VAL C 503 -25.96 42.53 -8.00
CA VAL C 503 -24.48 42.33 -7.96
C VAL C 503 -24.10 41.09 -8.78
N GLY C 504 -24.93 40.05 -8.73
CA GLY C 504 -24.75 38.86 -9.58
C GLY C 504 -24.89 39.19 -11.06
N TYR C 505 -25.81 40.10 -11.38
CA TYR C 505 -26.10 40.46 -12.78
C TYR C 505 -25.15 41.55 -13.26
N GLN C 506 -24.34 42.09 -12.35
CA GLN C 506 -23.45 43.22 -12.70
C GLN C 506 -22.27 42.71 -13.53
N PRO C 507 -21.65 43.58 -14.34
CA PRO C 507 -20.43 43.22 -15.04
C PRO C 507 -19.26 42.85 -14.12
N TYR C 508 -18.31 42.10 -14.67
CA TYR C 508 -17.09 41.67 -13.94
C TYR C 508 -15.93 41.51 -14.93
N ARG C 509 -14.83 42.16 -14.62
CA ARG C 509 -13.60 42.05 -15.44
C ARG C 509 -12.76 40.91 -14.89
N VAL C 510 -12.42 39.95 -15.76
CA VAL C 510 -11.71 38.73 -15.33
C VAL C 510 -10.47 38.55 -16.19
N VAL C 511 -9.34 38.33 -15.53
CA VAL C 511 -8.06 37.96 -16.18
C VAL C 511 -7.67 36.58 -15.66
N VAL C 512 -7.52 35.64 -16.58
CA VAL C 512 -7.07 34.26 -16.22
C VAL C 512 -5.62 34.15 -16.64
N LEU C 513 -4.73 34.02 -15.65
CA LEU C 513 -3.29 33.82 -15.90
C LEU C 513 -3.02 32.31 -15.90
N SER C 514 -2.57 31.79 -17.03
CA SER C 514 -2.24 30.37 -17.21
C SER C 514 -0.72 30.24 -17.25
N PHE C 515 -0.16 29.45 -16.35
CA PHE C 515 1.31 29.30 -16.22
C PHE C 515 1.76 28.05 -16.95
N GLU C 516 2.61 28.24 -17.95
CA GLU C 516 3.14 27.14 -18.78
C GLU C 516 4.49 26.75 -18.21
N LEU C 517 4.58 25.53 -17.68
CA LEU C 517 5.77 25.06 -16.92
C LEU C 517 6.36 23.80 -17.56
N LEU C 518 6.56 23.79 -18.87
CA LEU C 518 7.16 22.62 -19.59
C LEU C 518 8.67 22.55 -19.27
N HIS C 519 9.35 21.61 -19.91
CA HIS C 519 10.83 21.50 -19.85
C HIS C 519 11.50 22.63 -20.64
N ALA C 520 10.71 23.54 -21.22
CA ALA C 520 11.23 24.76 -21.88
C ALA C 520 11.98 25.59 -20.85
N PRO C 521 12.88 26.50 -21.29
CA PRO C 521 13.57 27.36 -20.34
C PRO C 521 12.57 28.33 -19.69
N ALA C 522 12.80 28.62 -18.41
CA ALA C 522 11.92 29.51 -17.62
C ALA C 522 12.28 30.96 -17.95
N THR C 523 11.34 31.69 -18.53
CA THR C 523 11.59 33.09 -18.97
C THR C 523 10.78 34.11 -18.16
N VAL C 524 9.62 33.73 -17.64
CA VAL C 524 8.82 34.66 -16.79
C VAL C 524 9.24 34.45 -15.34
N CYS C 525 10.30 35.11 -14.92
CA CYS C 525 10.84 34.94 -13.56
C CYS C 525 10.41 36.09 -12.66
N GLY C 526 10.56 35.89 -11.35
CA GLY C 526 10.22 36.90 -10.34
C GLY C 526 11.27 37.99 -10.25
N PRO C 527 11.06 38.99 -9.37
CA PRO C 527 12.01 40.08 -9.19
C PRO C 527 13.13 39.82 -8.18
N LYS C 528 13.33 38.58 -7.75
CA LYS C 528 14.36 38.25 -6.74
C LYS C 528 15.75 38.63 -7.28
N LYS C 529 16.53 39.30 -6.44
CA LYS C 529 17.92 39.69 -6.79
C LYS C 529 18.78 38.44 -6.95
N SER C 530 19.43 38.30 -8.10
CA SER C 530 20.47 37.27 -8.30
C SER C 530 21.66 37.60 -7.40
N THR C 531 22.21 36.59 -6.75
CA THR C 531 23.36 36.75 -5.83
C THR C 531 24.63 36.28 -6.53
N ASN C 532 25.76 36.61 -5.92
CA ASN C 532 27.08 36.19 -6.45
C ASN C 532 27.21 34.68 -6.33
N LEU C 533 27.81 34.06 -7.33
CA LEU C 533 27.91 32.59 -7.41
C LEU C 533 29.03 32.10 -6.47
N VAL C 534 28.75 31.02 -5.75
CA VAL C 534 29.72 30.45 -4.77
C VAL C 534 30.00 29.01 -5.16
N LYS C 535 31.28 28.67 -5.28
CA LYS C 535 31.71 27.31 -5.67
C LYS C 535 32.34 26.60 -4.48
N ASN C 536 32.44 25.27 -4.60
CA ASN C 536 33.20 24.40 -3.66
C ASN C 536 32.60 24.47 -2.25
N LYS C 537 31.37 24.94 -2.10
CA LYS C 537 30.72 25.05 -0.78
C LYS C 537 29.29 24.53 -0.90
N CYS C 538 28.87 23.74 0.07
CA CYS C 538 27.49 23.21 0.12
C CYS C 538 26.53 24.38 0.31
N VAL C 539 25.82 24.73 -0.75
CA VAL C 539 24.89 25.89 -0.74
C VAL C 539 23.55 25.46 -1.30
N ASN C 540 22.54 26.24 -0.99
CA ASN C 540 21.21 26.17 -1.64
C ASN C 540 21.24 27.08 -2.85
N PHE C 541 20.92 26.55 -4.02
CA PHE C 541 21.02 27.31 -5.29
C PHE C 541 19.67 27.31 -5.98
N ASN C 542 19.46 28.37 -6.74
CA ASN C 542 18.27 28.55 -7.61
C ASN C 542 18.75 29.01 -8.98
N PHE C 543 18.64 28.15 -9.98
CA PHE C 543 19.04 28.45 -11.36
C PHE C 543 17.81 28.41 -12.25
N ASN C 544 17.26 29.58 -12.56
CA ASN C 544 16.09 29.74 -13.46
C ASN C 544 14.95 28.82 -13.00
N GLY C 545 14.71 28.78 -11.70
CA GLY C 545 13.60 28.02 -11.11
C GLY C 545 13.98 26.59 -10.75
N LEU C 546 15.20 26.15 -11.03
CA LEU C 546 15.68 24.85 -10.53
C LEU C 546 16.33 25.08 -9.17
N THR C 547 15.71 24.60 -8.11
CA THR C 547 16.20 24.78 -6.74
C THR C 547 16.81 23.47 -6.25
N GLY C 548 17.98 23.54 -5.64
CA GLY C 548 18.62 22.34 -5.10
C GLY C 548 19.73 22.68 -4.12
N THR C 549 20.06 21.71 -3.29
CA THR C 549 21.14 21.84 -2.29
C THR C 549 22.32 21.01 -2.76
N GLY C 550 23.48 21.63 -2.87
CA GLY C 550 24.68 20.91 -3.33
C GLY C 550 25.92 21.76 -3.34
N VAL C 551 27.01 21.13 -3.73
CA VAL C 551 28.31 21.81 -3.93
C VAL C 551 28.46 22.06 -5.42
N LEU C 552 28.64 23.31 -5.79
CA LEU C 552 28.77 23.70 -7.22
C LEU C 552 30.26 23.77 -7.55
N THR C 553 30.69 22.92 -8.48
CA THR C 553 32.11 22.87 -8.89
C THR C 553 32.21 23.24 -10.36
N GLU C 554 33.40 23.66 -10.77
CA GLU C 554 33.66 24.00 -12.18
C GLU C 554 33.56 22.72 -13.00
N SER C 555 32.71 22.71 -14.01
CA SER C 555 32.37 21.49 -14.77
C SER C 555 33.22 21.43 -16.04
N ASN C 556 33.86 20.30 -16.27
CA ASN C 556 34.53 20.03 -17.57
C ASN C 556 33.49 19.61 -18.62
N LYS C 557 32.25 19.31 -18.23
CA LYS C 557 31.20 18.97 -19.21
C LYS C 557 31.04 20.15 -20.18
N LYS C 558 31.10 19.86 -21.47
CA LYS C 558 30.90 20.92 -22.49
C LYS C 558 29.54 20.73 -23.16
N PHE C 559 28.54 21.36 -22.56
CA PHE C 559 27.14 21.36 -23.05
C PHE C 559 27.10 21.88 -24.48
N LEU C 560 26.21 21.32 -25.28
CA LEU C 560 25.87 21.96 -26.57
C LEU C 560 25.16 23.27 -26.28
N PRO C 561 25.35 24.29 -27.14
CA PRO C 561 24.87 25.65 -26.85
C PRO C 561 23.38 25.75 -26.47
N PHE C 562 22.53 24.86 -26.98
CA PHE C 562 21.09 24.88 -26.66
C PHE C 562 20.84 24.21 -25.30
N GLN C 563 21.80 23.43 -24.79
CA GLN C 563 21.57 22.64 -23.56
C GLN C 563 21.65 23.54 -22.33
N GLN C 564 20.79 23.27 -21.35
CA GLN C 564 20.71 24.08 -20.10
C GLN C 564 21.03 23.25 -18.87
N PHE C 565 20.65 21.97 -18.84
CA PHE C 565 20.87 21.11 -17.65
C PHE C 565 21.58 19.83 -18.07
N GLY C 566 22.00 19.05 -17.09
CA GLY C 566 22.58 17.72 -17.31
C GLY C 566 22.00 16.72 -16.35
N ARG C 567 21.92 15.46 -16.76
CA ARG C 567 21.31 14.41 -15.91
C ARG C 567 22.19 13.16 -15.93
N ASP C 568 22.04 12.37 -14.88
CA ASP C 568 22.78 11.10 -14.68
C ASP C 568 22.03 9.94 -15.33
N ILE C 569 22.50 8.73 -15.10
CA ILE C 569 21.80 7.50 -15.56
C ILE C 569 20.46 7.39 -14.83
N ALA C 570 20.37 7.96 -13.63
CA ALA C 570 19.15 7.89 -12.81
C ALA C 570 18.26 9.13 -13.02
N ASP C 571 18.61 10.02 -13.96
CA ASP C 571 17.85 11.26 -14.27
C ASP C 571 17.83 12.21 -13.07
N THR C 572 18.88 12.23 -12.28
CA THR C 572 19.07 13.28 -11.26
C THR C 572 19.90 14.40 -11.86
N THR C 573 19.65 15.64 -11.43
CA THR C 573 20.38 16.81 -11.96
C THR C 573 21.86 16.70 -11.62
N ASP C 574 22.69 16.62 -12.64
CA ASP C 574 24.16 16.43 -12.49
C ASP C 574 24.90 17.74 -12.77
N ALA C 575 24.52 18.48 -13.79
CA ALA C 575 25.18 19.76 -14.14
C ALA C 575 24.12 20.81 -14.48
N VAL C 576 24.49 22.06 -14.31
CA VAL C 576 23.59 23.22 -14.59
C VAL C 576 24.39 24.25 -15.36
N ARG C 577 23.70 25.18 -16.00
CA ARG C 577 24.33 26.30 -16.72
C ARG C 577 23.97 27.59 -16.01
N ASP C 578 25.00 28.37 -15.68
CA ASP C 578 24.79 29.68 -15.02
C ASP C 578 24.04 30.59 -15.98
N PRO C 579 22.91 31.20 -15.59
CA PRO C 579 22.24 32.16 -16.45
C PRO C 579 23.08 33.40 -16.78
N GLN C 580 23.71 34.00 -15.77
CA GLN C 580 24.52 35.25 -15.94
C GLN C 580 25.65 34.98 -16.94
N THR C 581 26.57 34.09 -16.62
CA THR C 581 27.68 33.74 -17.53
C THR C 581 27.50 32.30 -17.99
N LEU C 582 27.79 32.03 -19.26
CA LEU C 582 27.60 30.69 -19.85
C LEU C 582 28.65 29.75 -19.27
N GLU C 583 28.46 29.37 -18.01
CA GLU C 583 29.37 28.49 -17.27
C GLU C 583 28.63 27.19 -16.93
N ILE C 584 29.30 26.07 -17.14
CA ILE C 584 28.76 24.75 -16.76
C ILE C 584 29.26 24.43 -15.35
N LEU C 585 28.35 24.01 -14.48
CA LEU C 585 28.68 23.73 -13.07
C LEU C 585 28.18 22.34 -12.71
N ASP C 586 29.08 21.50 -12.20
CA ASP C 586 28.70 20.20 -11.63
C ASP C 586 28.05 20.43 -10.27
N ILE C 587 26.99 19.67 -10.00
CA ILE C 587 26.27 19.74 -8.70
C ILE C 587 26.53 18.43 -7.98
N THR C 588 27.32 18.48 -6.92
CA THR C 588 27.61 17.28 -6.10
C THR C 588 26.76 17.35 -4.85
N PRO C 589 25.98 16.30 -4.51
CA PRO C 589 25.15 16.36 -3.31
C PRO C 589 26.00 16.57 -2.05
N CYS C 590 25.47 17.38 -1.15
CA CYS C 590 26.17 17.75 0.10
C CYS C 590 26.47 16.48 0.89
N SER C 591 27.67 16.42 1.47
CA SER C 591 28.19 15.19 2.13
C SER C 591 27.22 14.73 3.21
N PHE C 592 26.85 13.47 3.17
CA PHE C 592 25.93 12.85 4.16
C PHE C 592 26.40 11.43 4.45
N GLY C 593 25.90 10.88 5.54
CA GLY C 593 26.17 9.48 5.89
C GLY C 593 25.80 9.14 7.31
N GLY C 594 25.67 7.84 7.59
CA GLY C 594 25.30 7.36 8.93
C GLY C 594 26.33 7.75 9.97
N VAL C 595 25.88 7.81 11.21
CA VAL C 595 26.77 8.02 12.38
C VAL C 595 26.66 6.80 13.27
N SER C 596 27.78 6.11 13.47
CA SER C 596 27.84 4.89 14.30
C SER C 596 28.61 5.21 15.57
N VAL C 597 28.24 4.59 16.67
CA VAL C 597 28.91 4.79 17.97
C VAL C 597 29.63 3.50 18.34
N ILE C 598 30.94 3.53 18.28
CA ILE C 598 31.78 2.39 18.76
C ILE C 598 31.86 2.50 20.27
N THR C 599 31.28 1.54 20.98
CA THR C 599 31.28 1.57 22.45
C THR C 599 31.65 0.20 22.98
N PRO C 600 32.54 0.12 23.98
CA PRO C 600 32.54 -1.03 24.88
C PRO C 600 31.28 -0.98 25.75
N GLY C 601 30.98 -2.09 26.40
CA GLY C 601 29.80 -2.19 27.28
C GLY C 601 29.81 -1.08 28.31
N THR C 602 28.65 -0.57 28.69
CA THR C 602 28.55 0.42 29.79
C THR C 602 29.07 -0.19 31.09
N ASN C 603 29.05 -1.52 31.19
CA ASN C 603 29.83 -2.26 32.21
C ASN C 603 31.31 -1.84 32.20
N THR C 604 31.90 -1.64 31.04
CA THR C 604 33.36 -1.40 30.93
C THR C 604 33.67 0.09 31.07
N SER C 605 33.07 0.93 30.23
CA SER C 605 33.36 2.38 30.25
C SER C 605 32.23 3.15 29.58
N ASN C 606 32.22 4.46 29.81
CA ASN C 606 31.31 5.40 29.11
C ASN C 606 32.04 6.06 27.94
N GLN C 607 33.31 5.72 27.72
CA GLN C 607 34.06 6.23 26.54
C GLN C 607 33.44 5.65 25.27
N VAL C 608 33.29 6.49 24.26
CA VAL C 608 32.78 6.05 22.93
C VAL C 608 33.61 6.72 21.85
N ALA C 609 33.79 6.02 20.74
CA ALA C 609 34.25 6.59 19.48
C ALA C 609 33.06 6.77 18.55
N VAL C 610 33.21 7.66 17.58
CA VAL C 610 32.11 7.97 16.64
C VAL C 610 32.65 7.83 15.22
N LEU C 611 31.94 7.07 14.40
CA LEU C 611 32.31 6.86 12.98
C LEU C 611 31.28 7.59 12.12
N TYR C 612 31.73 8.58 11.38
CA TYR C 612 30.93 9.24 10.33
C TYR C 612 31.17 8.50 9.04
N GLN C 613 30.20 7.72 8.59
CA GLN C 613 30.42 6.76 7.48
C GLN C 613 30.59 7.50 6.16
N ASP C 614 31.64 7.17 5.42
CA ASP C 614 31.93 7.72 4.08
C ASP C 614 31.95 9.25 4.12
N VAL C 615 32.61 9.81 5.14
CA VAL C 615 32.75 11.28 5.26
C VAL C 615 34.22 11.59 5.50
N ASN C 616 34.76 12.48 4.68
CA ASN C 616 36.14 12.98 4.86
C ASN C 616 36.23 13.75 6.18
N CYS C 617 37.37 13.69 6.83
CA CYS C 617 37.57 14.33 8.16
C CYS C 617 37.77 15.84 8.00
N THR C 618 37.00 16.46 7.13
CA THR C 618 37.02 17.93 6.93
C THR C 618 35.58 18.40 7.04
N GLU C 619 34.65 17.65 6.45
CA GLU C 619 33.20 17.95 6.53
C GLU C 619 32.71 17.83 7.98
N VAL C 620 33.24 16.88 8.75
CA VAL C 620 32.77 16.68 10.15
C VAL C 620 33.07 17.97 10.92
N PRO C 621 32.12 18.55 11.69
CA PRO C 621 32.38 19.81 12.38
C PRO C 621 33.57 19.76 13.36
N SER C 640 41.94 13.79 21.88
CA SER C 640 41.25 14.27 20.64
C SER C 640 41.93 13.66 19.41
N ASN C 641 41.54 12.45 19.04
CA ASN C 641 42.12 11.74 17.87
C ASN C 641 41.09 11.71 16.76
N VAL C 642 41.47 12.16 15.57
CA VAL C 642 40.61 12.08 14.36
C VAL C 642 41.38 11.29 13.30
N PHE C 643 40.84 10.15 12.92
CA PHE C 643 41.54 9.16 12.06
C PHE C 643 40.68 8.88 10.84
N GLN C 644 41.26 9.00 9.66
CA GLN C 644 40.53 8.80 8.40
C GLN C 644 40.68 7.34 7.98
N THR C 645 39.56 6.62 7.95
CA THR C 645 39.51 5.22 7.50
C THR C 645 38.80 5.15 6.15
N ARG C 646 38.80 3.98 5.54
CA ARG C 646 38.01 3.76 4.31
C ARG C 646 36.52 3.66 4.65
N ALA C 647 36.17 3.41 5.92
CA ALA C 647 34.77 3.33 6.36
C ALA C 647 34.24 4.72 6.74
N GLY C 648 35.12 5.71 6.85
CA GLY C 648 34.70 7.08 7.16
C GLY C 648 35.66 7.75 8.12
N CYS C 649 35.15 8.72 8.85
CA CYS C 649 35.95 9.52 9.81
C CYS C 649 35.71 8.98 11.23
N LEU C 650 36.76 8.58 11.92
CA LEU C 650 36.65 7.98 13.27
C LEU C 650 37.21 8.96 14.29
N ILE C 651 36.39 9.34 15.26
CA ILE C 651 36.73 10.39 16.24
C ILE C 651 36.64 9.79 17.64
N GLY C 652 37.70 9.94 18.42
CA GLY C 652 37.78 9.47 19.81
C GLY C 652 38.46 8.10 19.92
N ALA C 653 38.97 7.55 18.83
CA ALA C 653 39.70 6.27 18.84
C ALA C 653 41.15 6.54 18.45
N GLU C 654 42.09 6.03 19.25
CA GLU C 654 43.53 6.21 18.97
C GLU C 654 43.97 5.15 17.96
N HIS C 655 44.59 5.57 16.88
CA HIS C 655 45.15 4.65 15.89
C HIS C 655 46.37 3.95 16.50
N VAL C 656 46.39 2.62 16.43
CA VAL C 656 47.50 1.80 16.99
C VAL C 656 48.09 0.98 15.85
N ASN C 657 49.40 0.99 15.72
CA ASN C 657 50.10 0.26 14.63
C ASN C 657 49.93 -1.25 14.81
N ASN C 658 49.87 -1.71 16.05
CA ASN C 658 49.77 -3.16 16.34
C ASN C 658 48.47 -3.73 15.78
N SER C 659 48.53 -4.98 15.32
CA SER C 659 47.34 -5.71 14.80
C SER C 659 46.87 -6.72 15.85
N TYR C 660 45.58 -6.71 16.14
CA TYR C 660 44.98 -7.66 17.10
C TYR C 660 43.79 -8.35 16.43
N GLU C 661 43.29 -9.38 17.10
CA GLU C 661 42.03 -10.03 16.68
C GLU C 661 40.90 -8.99 16.69
N CYS C 662 40.01 -9.06 15.72
CA CYS C 662 38.91 -8.08 15.60
C CYS C 662 38.01 -8.17 16.83
N ASP C 663 37.68 -7.02 17.42
CA ASP C 663 36.81 -6.95 18.61
C ASP C 663 35.50 -6.27 18.22
N ILE C 664 35.58 -5.05 17.70
CA ILE C 664 34.40 -4.31 17.21
C ILE C 664 34.66 -3.99 15.74
N PRO C 665 33.93 -4.64 14.80
CA PRO C 665 34.20 -4.43 13.38
C PRO C 665 33.76 -3.03 12.93
N ILE C 666 34.72 -2.23 12.50
CA ILE C 666 34.43 -0.84 12.01
C ILE C 666 34.25 -0.86 10.49
N GLY C 667 35.22 -1.39 9.76
CA GLY C 667 35.13 -1.34 8.30
C GLY C 667 36.29 -2.05 7.64
N ALA C 668 36.74 -1.50 6.52
CA ALA C 668 37.56 -2.20 5.51
C ALA C 668 38.89 -2.64 6.13
N GLY C 669 38.84 -3.70 6.94
CA GLY C 669 39.99 -4.24 7.67
C GLY C 669 40.23 -3.54 9.00
N ILE C 670 39.39 -2.59 9.40
CA ILE C 670 39.64 -1.79 10.62
C ILE C 670 38.66 -2.22 11.70
N CYS C 671 39.21 -2.52 12.88
CA CYS C 671 38.43 -2.92 14.06
C CYS C 671 38.85 -2.05 15.25
N ALA C 672 37.95 -1.94 16.24
CA ALA C 672 38.20 -1.13 17.44
C ALA C 672 38.08 -1.99 18.70
N SER C 673 38.77 -1.58 19.74
CA SER C 673 38.73 -2.30 21.04
C SER C 673 39.15 -1.39 22.18
N TYR C 674 38.73 -1.74 23.38
CA TYR C 674 39.07 -1.00 24.62
C TYR C 674 40.26 -1.70 25.26
N GLN C 675 41.35 -0.97 25.46
CA GLN C 675 42.63 -1.60 25.85
C GLN C 675 43.43 -0.69 26.78
N THR C 676 44.66 -1.13 27.06
CA THR C 676 45.60 -0.55 28.05
C THR C 676 44.98 -0.62 29.44
N SER C 689 44.28 5.41 31.68
CA SER C 689 45.08 4.43 30.91
C SER C 689 44.23 3.77 29.83
N GLN C 690 43.08 3.23 30.23
CA GLN C 690 42.15 2.55 29.31
C GLN C 690 41.75 3.52 28.19
N SER C 691 41.68 3.03 26.97
CA SER C 691 41.24 3.86 25.83
C SER C 691 40.70 2.99 24.70
N ILE C 692 39.94 3.61 23.81
CA ILE C 692 39.44 2.93 22.58
C ILE C 692 40.48 3.12 21.49
N ILE C 693 40.87 2.03 20.86
CA ILE C 693 41.87 2.07 19.77
C ILE C 693 41.27 1.45 18.52
N ALA C 694 41.78 1.91 17.38
CA ALA C 694 41.44 1.38 16.05
C ALA C 694 42.69 0.81 15.41
N TYR C 695 42.56 -0.33 14.76
CA TYR C 695 43.72 -1.05 14.21
C TYR C 695 43.27 -1.90 13.03
N THR C 696 44.22 -2.21 12.16
CA THR C 696 44.02 -3.22 11.11
C THR C 696 43.92 -4.59 11.79
N MET C 697 42.81 -5.26 11.61
CA MET C 697 42.57 -6.56 12.30
C MET C 697 43.61 -7.58 11.85
N SER C 698 44.04 -8.41 12.79
CA SER C 698 45.03 -9.49 12.54
C SER C 698 44.27 -10.75 12.12
N LEU C 699 44.71 -11.38 11.05
CA LEU C 699 43.99 -12.57 10.52
C LEU C 699 44.34 -13.81 11.35
N GLY C 700 45.45 -13.77 12.09
CA GLY C 700 45.85 -14.85 13.00
C GLY C 700 47.35 -15.00 13.04
N ALA C 701 47.81 -15.94 13.85
CA ALA C 701 49.25 -16.20 14.07
C ALA C 701 49.90 -16.61 12.75
N GLU C 702 51.01 -15.99 12.41
CA GLU C 702 51.69 -16.20 11.12
C GLU C 702 52.71 -17.33 11.30
N ASN C 703 52.50 -18.44 10.60
CA ASN C 703 53.24 -19.70 10.88
C ASN C 703 53.70 -20.31 9.56
N SER C 704 55.00 -20.50 9.41
CA SER C 704 55.55 -21.29 8.28
C SER C 704 55.63 -22.76 8.69
N VAL C 705 55.09 -23.64 7.84
CA VAL C 705 55.11 -25.09 8.09
C VAL C 705 56.46 -25.63 7.64
N ALA C 706 57.07 -26.47 8.46
CA ALA C 706 58.44 -26.97 8.24
C ALA C 706 58.41 -28.02 7.11
N TYR C 707 57.97 -27.63 5.92
CA TYR C 707 57.82 -28.57 4.79
C TYR C 707 59.21 -28.98 4.28
N SER C 708 59.32 -30.24 3.89
CA SER C 708 60.51 -30.80 3.20
C SER C 708 60.08 -32.04 2.44
N ASN C 709 60.89 -32.48 1.50
CA ASN C 709 60.52 -33.61 0.63
C ASN C 709 60.68 -34.94 1.38
N ASN C 710 61.28 -34.94 2.57
CA ASN C 710 61.45 -36.19 3.34
C ASN C 710 61.20 -35.96 4.83
N SER C 711 60.37 -34.99 5.19
CA SER C 711 60.06 -34.67 6.60
C SER C 711 58.58 -34.91 6.85
N ILE C 712 58.26 -35.71 7.86
CA ILE C 712 56.84 -35.95 8.25
C ILE C 712 56.72 -35.71 9.75
N ALA C 713 55.65 -35.04 10.16
CA ALA C 713 55.35 -34.80 11.58
C ALA C 713 54.21 -35.74 11.99
N ILE C 714 54.48 -36.62 12.94
CA ILE C 714 53.50 -37.64 13.39
C ILE C 714 53.10 -37.28 14.81
N PRO C 715 51.80 -37.32 15.14
CA PRO C 715 51.37 -37.14 16.52
C PRO C 715 51.83 -38.28 17.41
N THR C 716 52.22 -37.95 18.64
CA THR C 716 52.64 -38.93 19.66
C THR C 716 51.63 -38.99 20.80
N ASN C 717 50.61 -38.15 20.77
CA ASN C 717 49.57 -38.14 21.82
C ASN C 717 48.27 -37.64 21.19
N PHE C 718 47.29 -37.35 22.01
CA PHE C 718 46.00 -36.81 21.54
C PHE C 718 45.28 -36.13 22.70
N THR C 719 44.23 -35.42 22.35
CA THR C 719 43.27 -34.85 23.32
C THR C 719 41.86 -35.15 22.83
N ILE C 720 40.96 -35.33 23.78
CA ILE C 720 39.52 -35.54 23.49
C ILE C 720 38.82 -34.23 23.75
N SER C 721 38.31 -33.61 22.69
CA SER C 721 37.69 -32.27 22.78
C SER C 721 36.19 -32.39 22.61
N VAL C 722 35.44 -31.85 23.56
CA VAL C 722 33.97 -31.75 23.48
C VAL C 722 33.64 -30.31 23.21
N THR C 723 33.09 -30.04 22.03
CA THR C 723 32.74 -28.66 21.61
C THR C 723 31.23 -28.56 21.50
N THR C 724 30.72 -27.36 21.76
CA THR C 724 29.26 -27.11 21.74
C THR C 724 28.88 -26.46 20.42
N GLU C 725 27.85 -27.00 19.79
CA GLU C 725 27.20 -26.38 18.62
C GLU C 725 25.76 -26.11 18.98
N ILE C 726 25.29 -24.90 18.71
CA ILE C 726 23.92 -24.49 19.09
C ILE C 726 23.17 -24.13 17.82
N LEU C 727 22.01 -24.74 17.63
CA LEU C 727 21.22 -24.56 16.39
C LEU C 727 19.79 -24.24 16.76
N PRO C 728 19.25 -23.10 16.26
CA PRO C 728 17.81 -22.86 16.35
C PRO C 728 17.03 -23.93 15.58
N VAL C 729 15.93 -24.39 16.16
CA VAL C 729 15.09 -25.45 15.55
C VAL C 729 13.70 -24.90 15.24
N SER C 730 13.10 -24.19 16.17
CA SER C 730 11.74 -23.62 15.99
C SER C 730 11.68 -22.24 16.60
N MET C 731 10.60 -21.53 16.31
CA MET C 731 10.32 -20.24 16.96
C MET C 731 8.89 -20.26 17.50
N THR C 732 8.51 -19.20 18.19
CA THR C 732 7.19 -19.11 18.81
C THR C 732 6.11 -19.13 17.73
N LYS C 733 5.09 -19.95 17.93
CA LYS C 733 3.95 -20.06 17.00
C LYS C 733 2.98 -18.93 17.29
N THR C 734 3.27 -17.76 16.76
CA THR C 734 2.35 -16.62 16.94
C THR C 734 1.29 -16.64 15.85
N SER C 735 0.06 -16.38 16.25
CA SER C 735 -1.08 -16.21 15.32
C SER C 735 -1.66 -14.81 15.55
N VAL C 736 -1.97 -14.12 14.47
CA VAL C 736 -2.57 -12.77 14.55
C VAL C 736 -3.89 -12.80 13.80
N ASP C 737 -4.98 -12.56 14.52
CA ASP C 737 -6.30 -12.39 13.90
C ASP C 737 -6.28 -11.08 13.13
N CYS C 738 -6.37 -11.15 11.81
CA CYS C 738 -6.30 -9.96 10.94
C CYS C 738 -7.44 -9.00 11.29
N THR C 739 -8.65 -9.52 11.47
CA THR C 739 -9.86 -8.68 11.63
C THR C 739 -9.78 -7.88 12.93
N MET C 740 -9.45 -8.51 14.04
CA MET C 740 -9.49 -7.79 15.33
C MET C 740 -8.24 -6.92 15.49
N TYR C 741 -7.11 -7.31 14.90
CA TYR C 741 -5.92 -6.44 14.89
C TYR C 741 -6.25 -5.15 14.14
N ILE C 742 -6.82 -5.28 12.94
CA ILE C 742 -7.13 -4.09 12.12
C ILE C 742 -8.35 -3.38 12.72
N CYS C 743 -9.39 -4.14 13.06
CA CYS C 743 -10.72 -3.56 13.34
C CYS C 743 -11.30 -4.11 14.64
N GLY C 744 -10.54 -4.04 15.74
CA GLY C 744 -10.96 -4.56 17.06
C GLY C 744 -12.38 -4.18 17.43
N ASP C 745 -13.23 -5.19 17.68
CA ASP C 745 -14.62 -5.07 18.21
C ASP C 745 -15.44 -4.02 17.47
N SER C 746 -15.10 -3.68 16.23
CA SER C 746 -15.82 -2.66 15.44
C SER C 746 -16.48 -3.35 14.25
N THR C 747 -17.79 -3.24 14.14
CA THR C 747 -18.54 -3.82 12.99
C THR C 747 -18.39 -2.93 11.75
N GLU C 748 -18.38 -1.61 11.93
CA GLU C 748 -18.23 -0.69 10.77
C GLU C 748 -16.85 -0.92 10.13
N CYS C 749 -15.82 -1.02 10.96
CA CYS C 749 -14.44 -1.22 10.46
C CYS C 749 -14.34 -2.58 9.77
N SER C 750 -14.97 -3.61 10.32
CA SER C 750 -14.96 -4.97 9.73
C SER C 750 -15.66 -4.94 8.36
N ASN C 751 -16.79 -4.24 8.28
CA ASN C 751 -17.54 -4.13 7.01
C ASN C 751 -16.68 -3.40 5.98
N LEU C 752 -15.99 -2.33 6.37
CA LEU C 752 -15.09 -1.61 5.44
C LEU C 752 -13.92 -2.52 5.03
N LEU C 753 -13.38 -3.30 5.96
CA LEU C 753 -12.24 -4.20 5.65
C LEU C 753 -12.70 -5.31 4.70
N LEU C 754 -13.99 -5.65 4.71
CA LEU C 754 -14.51 -6.66 3.76
C LEU C 754 -14.33 -6.20 2.31
N GLN C 755 -14.16 -4.90 2.07
CA GLN C 755 -13.96 -4.38 0.69
C GLN C 755 -12.65 -4.86 0.08
N TYR C 756 -11.72 -5.38 0.87
CA TYR C 756 -10.38 -5.77 0.35
C TYR C 756 -10.37 -7.23 -0.09
N GLY C 757 -11.27 -8.05 0.45
CA GLY C 757 -11.39 -9.46 0.05
C GLY C 757 -10.56 -10.37 0.93
N SER C 758 -9.75 -11.23 0.34
CA SER C 758 -9.09 -12.33 1.09
C SER C 758 -7.75 -11.86 1.68
N PHE C 759 -7.52 -10.56 1.80
CA PHE C 759 -6.29 -10.04 2.45
C PHE C 759 -6.10 -10.72 3.81
N CYS C 760 -7.15 -10.75 4.62
CA CYS C 760 -7.06 -11.24 6.01
C CYS C 760 -6.91 -12.75 6.03
N THR C 761 -7.69 -13.45 5.22
CA THR C 761 -7.69 -14.93 5.21
C THR C 761 -6.32 -15.44 4.77
N GLN C 762 -5.70 -14.79 3.79
CA GLN C 762 -4.40 -15.29 3.30
C GLN C 762 -3.30 -14.97 4.32
N LEU C 763 -3.39 -13.85 5.05
CA LEU C 763 -2.41 -13.58 6.14
C LEU C 763 -2.55 -14.65 7.24
N ASN C 764 -3.79 -14.97 7.61
CA ASN C 764 -4.04 -16.03 8.62
C ASN C 764 -3.48 -17.35 8.11
N ARG C 765 -3.67 -17.66 6.83
CA ARG C 765 -3.19 -18.92 6.23
C ARG C 765 -1.67 -18.97 6.32
N ALA C 766 -1.00 -17.87 6.01
CA ALA C 766 0.49 -17.82 6.04
C ALA C 766 0.97 -18.07 7.48
N LEU C 767 0.37 -17.42 8.46
CA LEU C 767 0.82 -17.59 9.86
C LEU C 767 0.53 -19.03 10.33
N THR C 768 -0.59 -19.60 9.93
CA THR C 768 -0.93 -20.99 10.30
C THR C 768 0.12 -21.94 9.69
N GLY C 769 0.49 -21.70 8.43
CA GLY C 769 1.55 -22.49 7.78
C GLY C 769 2.85 -22.40 8.55
N ILE C 770 3.18 -21.21 9.02
CA ILE C 770 4.44 -21.01 9.79
C ILE C 770 4.37 -21.84 11.08
N ALA C 771 3.25 -21.81 11.78
CA ALA C 771 3.12 -22.55 13.07
C ALA C 771 3.25 -24.06 12.83
N VAL C 772 2.55 -24.56 11.82
CA VAL C 772 2.61 -26.02 11.50
C VAL C 772 4.05 -26.36 11.11
N GLU C 773 4.72 -25.46 10.41
CA GLU C 773 6.14 -25.65 10.00
C GLU C 773 7.02 -25.74 11.25
N GLN C 774 6.76 -24.94 12.27
CA GLN C 774 7.56 -24.99 13.52
C GLN C 774 7.39 -26.36 14.17
N ASP C 775 6.16 -26.86 14.24
CA ASP C 775 5.93 -28.21 14.81
C ASP C 775 6.69 -29.25 13.98
N LYS C 776 6.65 -29.13 12.67
CA LYS C 776 7.35 -30.09 11.78
C LYS C 776 8.86 -30.01 12.01
N ASN C 777 9.39 -28.81 12.20
CA ASN C 777 10.84 -28.61 12.48
C ASN C 777 11.23 -29.39 13.73
N THR C 778 10.49 -29.21 14.81
CA THR C 778 10.80 -29.89 16.08
C THR C 778 10.70 -31.41 15.88
N GLN C 779 9.67 -31.87 15.19
CA GLN C 779 9.47 -33.33 14.96
C GLN C 779 10.65 -33.88 14.17
N GLU C 780 11.07 -33.19 13.12
CA GLU C 780 12.17 -33.70 12.25
C GLU C 780 13.48 -33.73 13.04
N VAL C 781 13.75 -32.73 13.86
CA VAL C 781 15.04 -32.70 14.61
C VAL C 781 15.04 -33.80 15.68
N PHE C 782 13.98 -33.89 16.48
CA PHE C 782 14.05 -34.69 17.72
C PHE C 782 13.41 -36.07 17.57
N ALA C 783 12.28 -36.19 16.88
CA ALA C 783 11.61 -37.50 16.72
C ALA C 783 12.36 -38.34 15.70
N GLN C 784 13.63 -38.60 15.96
CA GLN C 784 14.51 -39.38 15.06
C GLN C 784 14.65 -40.81 15.58
N VAL C 785 13.95 -41.16 16.65
CA VAL C 785 14.12 -42.48 17.31
C VAL C 785 12.74 -43.11 17.45
N LYS C 786 12.65 -44.40 17.16
CA LYS C 786 11.35 -45.12 17.16
C LYS C 786 11.00 -45.58 18.58
N GLN C 787 12.00 -45.81 19.42
CA GLN C 787 11.78 -46.32 20.80
C GLN C 787 12.45 -45.40 21.81
N ILE C 788 11.90 -45.36 23.01
CA ILE C 788 12.48 -44.54 24.10
C ILE C 788 13.44 -45.44 24.87
N TYR C 789 14.72 -45.30 24.57
CA TYR C 789 15.74 -46.19 25.17
C TYR C 789 16.08 -45.73 26.58
N LYS C 790 16.56 -46.68 27.38
CA LYS C 790 17.01 -46.45 28.77
C LYS C 790 18.51 -46.71 28.86
N THR C 791 19.19 -45.89 29.63
CA THR C 791 20.48 -46.28 30.20
C THR C 791 20.24 -47.24 31.34
N PRO C 792 21.07 -48.28 31.48
CA PRO C 792 20.89 -49.25 32.56
C PRO C 792 21.11 -48.59 33.92
N PRO C 793 20.51 -49.13 34.99
CA PRO C 793 20.73 -48.58 36.33
C PRO C 793 22.20 -48.59 36.76
N ILE C 794 22.97 -49.57 36.31
CA ILE C 794 24.43 -49.63 36.58
C ILE C 794 25.14 -48.92 35.44
N LYS C 795 25.74 -47.77 35.73
CA LYS C 795 26.40 -46.94 34.70
C LYS C 795 27.87 -47.35 34.57
N ASP C 796 28.12 -48.54 34.02
CA ASP C 796 29.50 -49.03 33.81
C ASP C 796 29.89 -48.77 32.36
N PHE C 797 30.38 -47.57 32.08
CA PHE C 797 30.71 -47.17 30.70
C PHE C 797 32.22 -47.04 30.51
N GLY C 798 32.99 -47.92 31.16
CA GLY C 798 34.46 -47.98 31.01
C GLY C 798 35.16 -46.74 31.54
N GLY C 799 34.54 -46.02 32.47
CA GLY C 799 35.13 -44.83 33.11
C GLY C 799 34.61 -43.54 32.51
N PHE C 800 33.85 -43.60 31.42
CA PHE C 800 33.23 -42.39 30.84
C PHE C 800 32.03 -42.00 31.68
N ASN C 801 31.97 -40.74 32.08
CA ASN C 801 30.96 -40.24 33.03
C ASN C 801 29.94 -39.42 32.26
N PHE C 802 28.72 -39.93 32.14
CA PHE C 802 27.63 -39.24 31.41
C PHE C 802 26.59 -38.68 32.38
N SER C 803 26.91 -38.60 33.66
CA SER C 803 25.92 -38.20 34.71
C SER C 803 25.38 -36.80 34.43
N GLN C 804 26.17 -35.94 33.81
CA GLN C 804 25.80 -34.51 33.63
C GLN C 804 25.07 -34.27 32.32
N ILE C 805 24.98 -35.28 31.46
CA ILE C 805 24.15 -35.17 30.22
C ILE C 805 22.97 -36.13 30.28
N LEU C 806 23.02 -37.16 31.12
CA LEU C 806 21.87 -38.08 31.30
C LEU C 806 20.82 -37.38 32.15
N PRO C 807 19.54 -37.79 32.04
CA PRO C 807 18.49 -37.15 32.83
C PRO C 807 18.72 -37.29 34.34
N ASP C 808 18.36 -36.24 35.07
CA ASP C 808 18.43 -36.23 36.54
C ASP C 808 17.02 -36.35 37.10
N PRO C 809 16.63 -37.52 37.66
CA PRO C 809 15.26 -37.69 38.15
C PRO C 809 14.87 -36.73 39.29
N SER C 810 15.85 -36.21 40.04
CA SER C 810 15.59 -35.31 41.19
C SER C 810 14.87 -34.05 40.70
N LYS C 811 15.32 -33.50 39.58
CA LYS C 811 14.68 -32.29 39.01
C LYS C 811 13.25 -32.64 38.61
N PRO C 812 12.26 -31.76 38.87
CA PRO C 812 10.88 -32.05 38.50
C PRO C 812 10.71 -32.32 36.99
N SER C 813 11.41 -31.55 36.16
CA SER C 813 11.54 -31.86 34.71
C SER C 813 12.73 -32.79 34.54
N LYS C 814 12.55 -33.89 33.84
CA LYS C 814 13.57 -34.97 33.78
C LYS C 814 14.66 -34.58 32.77
N ARG C 815 15.27 -33.43 33.00
CA ARG C 815 16.32 -32.85 32.14
C ARG C 815 17.69 -33.09 32.77
N SER C 816 18.72 -33.05 31.94
CA SER C 816 20.11 -33.20 32.43
C SER C 816 20.54 -31.93 33.16
N PHE C 817 21.69 -32.00 33.80
CA PHE C 817 22.33 -30.82 34.42
C PHE C 817 22.61 -29.77 33.34
N ILE C 818 23.18 -30.20 32.23
CA ILE C 818 23.55 -29.26 31.12
C ILE C 818 22.28 -28.72 30.49
N GLU C 819 21.26 -29.54 30.31
CA GLU C 819 19.98 -29.05 29.73
C GLU C 819 19.38 -27.97 30.65
N ASP C 820 19.43 -28.18 31.95
CA ASP C 820 18.89 -27.16 32.90
C ASP C 820 19.74 -25.90 32.87
N LEU C 821 21.05 -26.04 32.71
CA LEU C 821 21.91 -24.84 32.52
C LEU C 821 21.47 -24.12 31.25
N LEU C 822 21.11 -24.85 30.20
CA LEU C 822 20.75 -24.23 28.90
C LEU C 822 19.40 -23.52 29.03
N PHE C 823 18.45 -24.10 29.76
CA PHE C 823 17.09 -23.52 29.87
C PHE C 823 17.07 -22.27 30.73
N ASN C 824 18.07 -22.07 31.60
CA ASN C 824 18.12 -20.90 32.50
C ASN C 824 18.95 -19.77 31.89
N LYS C 825 19.49 -19.95 30.68
CA LYS C 825 20.29 -18.90 30.00
C LYS C 825 19.51 -18.20 28.90
N VAL C 826 18.46 -18.81 28.37
CA VAL C 826 17.64 -18.18 27.30
C VAL C 826 16.41 -17.57 27.94
N THR C 827 16.30 -16.25 27.90
CA THR C 827 15.20 -15.50 28.55
C THR C 827 14.24 -14.97 27.48
N LYS C 854 -0.12 -8.78 22.23
CA LYS C 854 -0.47 -9.34 23.57
C LYS C 854 -1.95 -9.71 23.62
N PHE C 855 -2.83 -8.74 23.40
CA PHE C 855 -4.29 -8.93 23.48
C PHE C 855 -4.99 -8.15 22.36
N ASN C 856 -4.33 -8.03 21.21
CA ASN C 856 -4.90 -7.29 20.04
C ASN C 856 -5.11 -8.26 18.88
N GLY C 857 -5.68 -9.43 19.16
CA GLY C 857 -5.78 -10.52 18.18
C GLY C 857 -4.49 -11.31 18.06
N LEU C 858 -3.58 -11.15 19.02
CA LEU C 858 -2.26 -11.81 19.00
C LEU C 858 -2.30 -12.94 20.02
N THR C 859 -2.26 -14.17 19.54
CA THR C 859 -2.22 -15.37 20.40
C THR C 859 -0.92 -16.11 20.18
N VAL C 860 -0.48 -16.83 21.19
CA VAL C 860 0.71 -17.70 21.10
C VAL C 860 0.24 -19.13 21.30
N LEU C 861 0.41 -19.95 20.26
CA LEU C 861 0.00 -21.37 20.30
C LEU C 861 1.10 -22.17 20.97
N PRO C 862 0.74 -23.06 21.91
CA PRO C 862 1.75 -23.90 22.55
C PRO C 862 2.32 -24.89 21.54
N PRO C 863 3.63 -25.17 21.59
CA PRO C 863 4.21 -26.18 20.71
C PRO C 863 3.60 -27.57 20.96
N LEU C 864 3.53 -28.36 19.89
CA LEU C 864 2.93 -29.71 19.96
C LEU C 864 3.69 -30.58 20.97
N LEU C 865 5.02 -30.52 20.96
CA LEU C 865 5.84 -31.31 21.91
C LEU C 865 6.26 -30.41 23.06
N THR C 866 5.86 -30.77 24.26
CA THR C 866 6.30 -30.04 25.48
C THR C 866 7.80 -30.24 25.67
N ASP C 867 8.38 -29.37 26.48
CA ASP C 867 9.83 -29.46 26.80
C ASP C 867 10.15 -30.82 27.43
N GLU C 868 9.20 -31.40 28.14
CA GLU C 868 9.39 -32.74 28.75
C GLU C 868 9.52 -33.79 27.65
N MET C 869 8.73 -33.70 26.59
CA MET C 869 8.78 -34.71 25.51
C MET C 869 10.06 -34.54 24.69
N ILE C 870 10.50 -33.30 24.49
CA ILE C 870 11.78 -33.07 23.76
C ILE C 870 12.92 -33.59 24.64
N ALA C 871 12.82 -33.43 25.95
CA ALA C 871 13.83 -33.99 26.88
C ALA C 871 13.81 -35.51 26.80
N GLN C 872 12.65 -36.13 26.68
CA GLN C 872 12.57 -37.61 26.58
C GLN C 872 13.18 -38.07 25.25
N TYR C 873 12.94 -37.35 24.16
CA TYR C 873 13.62 -37.64 22.87
C TYR C 873 15.13 -37.56 23.03
N THR C 874 15.64 -36.49 23.63
CA THR C 874 17.11 -36.33 23.76
C THR C 874 17.65 -37.43 24.67
N SER C 875 16.91 -37.78 25.72
CA SER C 875 17.31 -38.87 26.64
C SER C 875 17.38 -40.20 25.88
N ALA C 876 16.38 -40.48 25.04
CA ALA C 876 16.32 -41.73 24.27
C ALA C 876 17.50 -41.78 23.29
N LEU C 877 17.76 -40.67 22.59
CA LEU C 877 18.87 -40.62 21.61
C LEU C 877 20.19 -40.82 22.34
N LEU C 878 20.37 -40.16 23.48
CA LEU C 878 21.64 -40.25 24.24
C LEU C 878 21.81 -41.67 24.79
N ALA C 879 20.75 -42.27 25.31
CA ALA C 879 20.81 -43.65 25.86
C ALA C 879 21.13 -44.64 24.73
N GLY C 880 20.51 -44.46 23.57
CA GLY C 880 20.80 -45.33 22.41
C GLY C 880 22.25 -45.20 21.98
N THR C 881 22.76 -43.97 21.92
CA THR C 881 24.17 -43.73 21.55
C THR C 881 25.10 -44.39 22.58
N ILE C 882 24.79 -44.24 23.85
CA ILE C 882 25.70 -44.73 24.93
C ILE C 882 25.66 -46.26 24.97
N THR C 883 24.50 -46.87 24.80
CA THR C 883 24.35 -48.33 25.05
C THR C 883 24.52 -49.14 23.76
N SER C 884 24.32 -48.56 22.59
CA SER C 884 24.29 -49.35 21.32
C SER C 884 25.13 -48.73 20.21
N GLY C 885 25.73 -47.56 20.42
CA GLY C 885 26.52 -46.93 19.35
C GLY C 885 25.64 -46.43 18.23
N TRP C 886 26.04 -46.67 16.99
CA TRP C 886 25.26 -46.22 15.81
C TRP C 886 24.26 -47.29 15.37
N THR C 887 24.21 -48.43 16.02
CA THR C 887 23.37 -49.56 15.55
C THR C 887 21.88 -49.20 15.66
N PHE C 888 21.50 -48.45 16.68
CA PHE C 888 20.07 -48.10 16.88
C PHE C 888 19.59 -47.14 15.79
N GLY C 889 20.49 -46.44 15.11
CA GLY C 889 20.13 -45.53 14.01
C GLY C 889 19.82 -46.29 12.74
N ALA C 890 20.38 -47.48 12.57
CA ALA C 890 20.27 -48.24 11.32
C ALA C 890 19.20 -49.33 11.47
N GLY C 891 18.89 -49.74 12.69
CA GLY C 891 17.91 -50.81 12.93
C GLY C 891 17.63 -51.01 14.41
N ALA C 892 17.58 -52.26 14.84
CA ALA C 892 17.41 -52.60 16.28
C ALA C 892 18.66 -52.14 17.04
N ALA C 893 18.46 -51.70 18.27
CA ALA C 893 19.58 -51.26 19.14
C ALA C 893 20.39 -52.49 19.55
N LEU C 894 21.68 -52.48 19.27
CA LEU C 894 22.59 -53.61 19.60
C LEU C 894 23.51 -53.18 20.73
N GLN C 895 23.31 -53.75 21.91
CA GLN C 895 24.17 -53.39 23.07
C GLN C 895 25.62 -53.75 22.75
N ILE C 896 26.52 -52.89 23.18
CA ILE C 896 27.98 -53.11 22.99
C ILE C 896 28.67 -52.35 24.11
N PRO C 897 29.71 -52.91 24.75
CA PRO C 897 30.43 -52.19 25.78
C PRO C 897 30.96 -50.85 25.25
N PHE C 898 30.84 -49.80 26.05
CA PHE C 898 31.15 -48.43 25.59
C PHE C 898 32.63 -48.33 25.20
N ALA C 899 33.49 -49.09 25.88
CA ALA C 899 34.92 -49.15 25.50
C ALA C 899 35.03 -49.69 24.07
N MET C 900 34.29 -50.73 23.75
CA MET C 900 34.40 -51.34 22.40
C MET C 900 33.76 -50.42 21.36
N GLN C 901 32.73 -49.67 21.72
CA GLN C 901 32.17 -48.66 20.80
C GLN C 901 33.22 -47.57 20.55
N MET C 902 33.92 -47.15 21.59
CA MET C 902 34.99 -46.14 21.46
C MET C 902 36.10 -46.69 20.56
N ALA C 903 36.36 -47.99 20.64
CA ALA C 903 37.38 -48.64 19.78
C ALA C 903 36.88 -48.65 18.33
N TYR C 904 35.60 -48.96 18.12
CA TYR C 904 34.97 -48.85 16.79
C TYR C 904 35.21 -47.46 16.22
N ARG C 905 34.98 -46.42 17.01
CA ARG C 905 35.05 -45.03 16.52
C ARG C 905 36.50 -44.63 16.28
N PHE C 906 37.42 -45.12 17.11
CA PHE C 906 38.87 -44.89 16.87
C PHE C 906 39.27 -45.53 15.53
N ASN C 907 38.81 -46.74 15.28
CA ASN C 907 39.01 -47.39 13.96
C ASN C 907 38.41 -46.52 12.86
N GLY C 908 37.26 -45.91 13.13
CA GLY C 908 36.58 -45.03 12.17
C GLY C 908 37.44 -43.84 11.80
N ILE C 909 38.17 -43.27 12.76
CA ILE C 909 39.00 -42.06 12.49
C ILE C 909 40.43 -42.46 12.11
N GLY C 910 40.68 -43.74 11.82
CA GLY C 910 41.98 -44.18 11.29
C GLY C 910 43.01 -44.45 12.37
N VAL C 911 42.59 -44.66 13.61
CA VAL C 911 43.51 -45.03 14.71
C VAL C 911 43.17 -46.44 15.17
N THR C 912 44.18 -47.27 15.37
CA THR C 912 43.97 -48.67 15.81
C THR C 912 43.34 -48.68 17.20
N GLN C 913 42.56 -49.71 17.46
CA GLN C 913 41.78 -49.80 18.72
C GLN C 913 42.69 -50.08 19.91
N ASN C 914 43.88 -50.61 19.66
CA ASN C 914 44.88 -50.80 20.75
C ASN C 914 45.21 -49.44 21.37
N VAL C 915 45.16 -48.37 20.58
CA VAL C 915 45.45 -47.02 21.11
C VAL C 915 44.39 -46.65 22.13
N LEU C 916 43.13 -46.95 21.85
CA LEU C 916 42.08 -46.76 22.86
C LEU C 916 42.35 -47.65 24.08
N TYR C 917 42.50 -48.95 23.88
CA TYR C 917 42.49 -49.90 25.01
C TYR C 917 43.71 -49.69 25.91
N GLU C 918 44.83 -49.29 25.34
CA GLU C 918 46.07 -49.07 26.12
C GLU C 918 46.01 -47.70 26.80
N ASN C 919 45.20 -46.78 26.27
CA ASN C 919 45.07 -45.41 26.83
C ASN C 919 43.63 -45.16 27.28
N GLN C 920 42.91 -46.19 27.71
CA GLN C 920 41.45 -46.08 27.95
C GLN C 920 41.14 -45.03 29.01
N LYS C 921 41.78 -45.11 30.17
CA LYS C 921 41.39 -44.29 31.33
C LYS C 921 41.88 -42.85 31.15
N LEU C 922 43.01 -42.66 30.48
CA LEU C 922 43.42 -41.29 30.06
C LEU C 922 42.31 -40.69 29.20
N ILE C 923 41.77 -41.46 28.26
CA ILE C 923 40.74 -40.93 27.33
C ILE C 923 39.45 -40.66 28.12
N ALA C 924 39.10 -41.53 29.06
CA ALA C 924 37.91 -41.33 29.91
C ALA C 924 38.08 -40.04 30.71
N ASN C 925 39.25 -39.83 31.28
CA ASN C 925 39.52 -38.61 32.08
C ASN C 925 39.44 -37.37 31.19
N GLN C 926 39.99 -37.43 29.98
CA GLN C 926 39.94 -36.27 29.06
C GLN C 926 38.49 -35.96 28.72
N PHE C 927 37.68 -36.98 28.44
CA PHE C 927 36.25 -36.77 28.12
C PHE C 927 35.54 -36.14 29.31
N ASN C 928 35.79 -36.65 30.51
CA ASN C 928 35.12 -36.15 31.74
C ASN C 928 35.50 -34.67 31.96
N SER C 929 36.78 -34.36 31.81
CA SER C 929 37.28 -32.97 31.98
C SER C 929 36.64 -32.06 30.93
N ALA C 930 36.49 -32.53 29.70
CA ALA C 930 35.89 -31.72 28.62
C ALA C 930 34.41 -31.46 28.95
N ILE C 931 33.71 -32.44 29.49
CA ILE C 931 32.29 -32.23 29.89
C ILE C 931 32.23 -31.21 31.03
N GLY C 932 33.16 -31.31 31.99
CA GLY C 932 33.22 -30.32 33.09
C GLY C 932 33.46 -28.92 32.55
N LYS C 933 34.35 -28.79 31.58
CA LYS C 933 34.63 -27.48 30.95
C LYS C 933 33.39 -26.98 30.21
N ILE C 934 32.62 -27.88 29.59
CA ILE C 934 31.35 -27.49 28.94
C ILE C 934 30.42 -26.89 30.00
N GLN C 935 30.31 -27.54 31.14
CA GLN C 935 29.48 -27.02 32.25
C GLN C 935 29.98 -25.63 32.65
N ASP C 936 31.28 -25.48 32.85
CA ASP C 936 31.86 -24.20 33.33
C ASP C 936 31.60 -23.09 32.29
N SER C 937 31.73 -23.42 31.01
CA SER C 937 31.48 -22.44 29.92
C SER C 937 30.00 -22.03 29.92
N LEU C 938 29.09 -22.98 30.11
CA LEU C 938 27.64 -22.67 30.04
C LEU C 938 27.20 -21.95 31.32
N SER C 939 27.86 -22.18 32.45
CA SER C 939 27.43 -21.62 33.75
C SER C 939 27.89 -20.16 33.90
N SER C 940 28.81 -19.68 33.07
CA SER C 940 29.41 -18.33 33.27
C SER C 940 29.33 -17.43 32.02
N THR C 941 28.94 -17.96 30.86
CA THR C 941 28.88 -17.16 29.62
C THR C 941 27.48 -17.29 29.02
N ALA C 942 26.70 -16.21 29.08
CA ALA C 942 25.35 -16.16 28.50
C ALA C 942 25.45 -16.17 26.96
N SER C 943 26.37 -15.38 26.41
CA SER C 943 26.48 -15.14 24.95
C SER C 943 26.70 -16.46 24.21
N ALA C 944 27.08 -17.52 24.92
CA ALA C 944 27.23 -18.86 24.32
C ALA C 944 25.94 -19.26 23.59
N LEU C 945 24.79 -19.04 24.22
CA LEU C 945 23.49 -19.43 23.62
C LEU C 945 22.91 -18.25 22.85
N GLY C 946 23.76 -17.28 22.52
CA GLY C 946 23.34 -16.05 21.83
C GLY C 946 22.44 -16.35 20.64
N LYS C 947 22.82 -17.31 19.82
CA LYS C 947 22.05 -17.65 18.58
C LYS C 947 20.58 -17.85 18.95
N LEU C 948 20.29 -18.73 19.90
CA LEU C 948 18.88 -19.00 20.26
C LEU C 948 18.26 -17.70 20.74
N GLN C 949 18.97 -16.97 21.59
CA GLN C 949 18.44 -15.70 22.13
C GLN C 949 18.10 -14.77 20.95
N ASP C 950 18.95 -14.72 19.92
CA ASP C 950 18.68 -13.85 18.76
C ASP C 950 17.27 -14.15 18.24
N VAL C 951 16.96 -15.41 18.02
CA VAL C 951 15.62 -15.79 17.50
C VAL C 951 14.57 -15.24 18.45
N VAL C 952 14.72 -15.50 19.75
CA VAL C 952 13.71 -15.06 20.75
C VAL C 952 13.60 -13.54 20.70
N ASN C 953 14.70 -12.85 20.46
CA ASN C 953 14.65 -11.38 20.31
C ASN C 953 13.94 -11.01 19.01
N GLN C 954 14.36 -11.59 17.90
CA GLN C 954 13.93 -11.11 16.56
C GLN C 954 12.42 -11.25 16.41
N ASN C 955 11.85 -12.32 16.95
CA ASN C 955 10.38 -12.46 16.98
C ASN C 955 9.78 -11.36 17.85
N ALA C 956 10.22 -11.23 19.09
CA ALA C 956 9.57 -10.34 20.08
C ALA C 956 9.60 -8.90 19.55
N GLN C 957 10.77 -8.45 19.10
CA GLN C 957 10.91 -7.11 18.50
C GLN C 957 9.81 -6.94 17.45
N ALA C 958 9.72 -7.87 16.50
CA ALA C 958 8.71 -7.79 15.42
C ALA C 958 7.33 -7.61 16.05
N LEU C 959 6.99 -8.48 17.00
CA LEU C 959 5.66 -8.39 17.66
C LEU C 959 5.49 -6.99 18.25
N ASN C 960 6.48 -6.51 18.98
CA ASN C 960 6.42 -5.16 19.56
C ASN C 960 6.09 -4.17 18.45
N THR C 961 6.88 -4.18 17.39
CA THR C 961 6.67 -3.25 16.25
C THR C 961 5.21 -3.33 15.82
N LEU C 962 4.71 -4.55 15.61
CA LEU C 962 3.32 -4.73 15.13
C LEU C 962 2.36 -4.02 16.08
N VAL C 963 2.48 -4.26 17.37
CA VAL C 963 1.53 -3.66 18.34
C VAL C 963 1.72 -2.14 18.34
N LYS C 964 2.95 -1.68 18.17
CA LYS C 964 3.21 -0.22 18.17
C LYS C 964 2.48 0.43 17.01
N GLN C 965 2.31 -0.29 15.91
CA GLN C 965 1.61 0.28 14.74
C GLN C 965 0.14 0.50 15.02
N LEU C 966 -0.41 -0.08 16.09
CA LEU C 966 -1.81 0.22 16.47
C LEU C 966 -1.92 1.63 17.04
N SER C 967 -0.80 2.22 17.45
CA SER C 967 -0.80 3.57 18.07
C SER C 967 -0.55 4.66 17.03
N SER C 968 -0.45 4.32 15.75
CA SER C 968 -0.14 5.28 14.67
C SER C 968 -1.44 5.79 14.03
N ASN C 969 -1.42 7.03 13.58
CA ASN C 969 -2.61 7.66 12.96
C ASN C 969 -2.72 7.24 11.50
N PHE C 970 -1.60 7.11 10.80
CA PHE C 970 -1.55 6.83 9.35
C PHE C 970 -2.29 7.92 8.56
N GLY C 971 -2.40 9.13 9.12
CA GLY C 971 -3.11 10.26 8.50
C GLY C 971 -4.51 10.46 9.04
N ALA C 972 -5.04 9.56 9.86
CA ALA C 972 -6.37 9.75 10.47
C ALA C 972 -6.31 10.81 11.57
N ILE C 973 -7.47 11.22 12.04
CA ILE C 973 -7.57 12.23 13.14
C ILE C 973 -7.10 11.59 14.44
N SER C 974 -7.30 10.29 14.62
CA SER C 974 -6.92 9.60 15.88
C SER C 974 -6.49 8.18 15.56
N SER C 975 -5.52 7.68 16.30
CA SER C 975 -5.08 6.27 16.19
C SER C 975 -6.14 5.35 16.82
N VAL C 976 -6.87 5.84 17.81
CA VAL C 976 -7.89 5.02 18.48
C VAL C 976 -9.11 4.93 17.56
N LEU C 977 -9.48 3.72 17.18
CA LEU C 977 -10.66 3.50 16.32
C LEU C 977 -11.94 3.90 17.06
N ASN C 978 -12.07 3.51 18.33
CA ASN C 978 -13.28 3.78 19.13
C ASN C 978 -13.46 5.27 19.36
N ASP C 979 -12.38 6.05 19.34
CA ASP C 979 -12.48 7.52 19.50
C ASP C 979 -12.89 8.18 18.19
N ILE C 980 -12.88 7.45 17.08
CA ILE C 980 -13.39 8.03 15.80
C ILE C 980 -14.90 7.82 15.73
N LEU C 981 -15.35 6.58 15.90
CA LEU C 981 -16.80 6.24 15.83
C LEU C 981 -17.58 7.09 16.83
N SER C 982 -17.02 7.31 18.02
CA SER C 982 -17.71 8.09 19.08
C SER C 982 -17.80 9.56 18.68
N ARG C 983 -16.91 10.05 17.84
CA ARG C 983 -16.85 11.52 17.55
C ARG C 983 -17.36 11.84 16.15
N LEU C 984 -17.60 10.86 15.28
CA LEU C 984 -17.94 11.17 13.87
C LEU C 984 -19.15 10.37 13.41
N ASP C 985 -19.85 10.95 12.44
CA ASP C 985 -20.96 10.31 11.70
C ASP C 985 -20.39 9.34 10.68
N PRO C 986 -21.10 8.24 10.36
CA PRO C 986 -20.56 7.22 9.46
C PRO C 986 -19.99 7.74 8.15
N PRO C 987 -20.65 8.68 7.42
CA PRO C 987 -20.04 9.22 6.21
C PRO C 987 -18.65 9.85 6.41
N GLU C 988 -18.45 10.54 7.53
CA GLU C 988 -17.14 11.19 7.83
C GLU C 988 -16.20 10.22 8.54
N ALA C 989 -16.71 9.36 9.41
CA ALA C 989 -15.88 8.34 10.10
C ALA C 989 -15.31 7.35 9.09
N GLU C 990 -15.98 7.19 7.95
CA GLU C 990 -15.57 6.17 6.95
C GLU C 990 -14.16 6.49 6.43
N VAL C 991 -13.87 7.75 6.15
CA VAL C 991 -12.56 8.12 5.56
C VAL C 991 -11.45 7.85 6.57
N GLN C 992 -11.64 8.25 7.82
CA GLN C 992 -10.61 8.04 8.86
C GLN C 992 -10.42 6.53 9.10
N ILE C 993 -11.51 5.78 9.11
CA ILE C 993 -11.41 4.30 9.33
C ILE C 993 -10.70 3.68 8.13
N ASP C 994 -10.93 4.19 6.92
CA ASP C 994 -10.22 3.69 5.73
C ASP C 994 -8.72 3.95 5.86
N ARG C 995 -8.35 5.13 6.34
CA ARG C 995 -6.91 5.46 6.55
C ARG C 995 -6.31 4.48 7.56
N LEU C 996 -7.00 4.26 8.68
CA LEU C 996 -6.51 3.34 9.72
C LEU C 996 -6.41 1.92 9.16
N ILE C 997 -7.40 1.51 8.38
CA ILE C 997 -7.42 0.13 7.81
C ILE C 997 -6.22 -0.03 6.88
N THR C 998 -5.98 0.94 6.01
CA THR C 998 -4.86 0.85 5.06
C THR C 998 -3.55 0.73 5.85
N GLY C 999 -3.35 1.59 6.83
CA GLY C 999 -2.11 1.58 7.62
C GLY C 999 -1.91 0.26 8.35
N ARG C 1000 -2.95 -0.22 9.04
CA ARG C 1000 -2.84 -1.44 9.86
C ARG C 1000 -2.70 -2.66 8.96
N LEU C 1001 -3.36 -2.67 7.82
CA LEU C 1001 -3.23 -3.78 6.84
C LEU C 1001 -1.79 -3.82 6.33
N GLN C 1002 -1.21 -2.67 6.01
CA GLN C 1002 0.19 -2.63 5.51
C GLN C 1002 1.14 -3.11 6.63
N SER C 1003 0.88 -2.70 7.86
CA SER C 1003 1.72 -3.13 9.01
C SER C 1003 1.64 -4.66 9.17
N LEU C 1004 0.44 -5.21 9.09
CA LEU C 1004 0.25 -6.68 9.28
C LEU C 1004 0.90 -7.42 8.12
N GLN C 1005 0.78 -6.91 6.90
CA GLN C 1005 1.42 -7.55 5.72
C GLN C 1005 2.94 -7.55 5.91
N THR C 1006 3.50 -6.43 6.36
CA THR C 1006 4.95 -6.35 6.62
C THR C 1006 5.34 -7.42 7.65
N TYR C 1007 4.59 -7.50 8.74
CA TYR C 1007 4.88 -8.49 9.80
C TYR C 1007 4.87 -9.90 9.21
N VAL C 1008 3.84 -10.22 8.44
CA VAL C 1008 3.67 -11.60 7.92
C VAL C 1008 4.80 -11.92 6.93
N THR C 1009 5.19 -10.96 6.09
CA THR C 1009 6.27 -11.20 5.10
C THR C 1009 7.60 -11.44 5.83
N GLN C 1010 7.93 -10.60 6.80
CA GLN C 1010 9.19 -10.77 7.57
C GLN C 1010 9.13 -12.11 8.31
N GLN C 1011 7.97 -12.50 8.83
CA GLN C 1011 7.86 -13.79 9.55
C GLN C 1011 8.02 -14.96 8.58
N LEU C 1012 7.53 -14.85 7.34
CA LEU C 1012 7.72 -15.91 6.34
C LEU C 1012 9.22 -16.07 6.04
N ILE C 1013 9.92 -14.97 5.88
CA ILE C 1013 11.38 -15.02 5.57
C ILE C 1013 12.12 -15.61 6.77
N ARG C 1014 11.76 -15.18 7.97
CA ARG C 1014 12.42 -15.69 9.20
C ARG C 1014 12.10 -17.18 9.38
N ALA C 1015 10.90 -17.60 8.99
CA ALA C 1015 10.49 -19.02 9.07
C ALA C 1015 11.34 -19.83 8.09
N ALA C 1016 11.62 -19.28 6.90
CA ALA C 1016 12.50 -19.96 5.93
C ALA C 1016 13.88 -20.13 6.56
N GLU C 1017 14.40 -19.10 7.21
CA GLU C 1017 15.72 -19.18 7.88
C GLU C 1017 15.69 -20.26 8.95
N ILE C 1018 14.66 -20.28 9.78
CA ILE C 1018 14.56 -21.25 10.90
C ILE C 1018 14.39 -22.66 10.33
N ARG C 1019 13.68 -22.81 9.22
CA ARG C 1019 13.51 -24.14 8.59
C ARG C 1019 14.86 -24.63 8.08
N ALA C 1020 15.66 -23.75 7.48
CA ALA C 1020 17.02 -24.13 7.02
C ALA C 1020 17.84 -24.59 8.22
N SER C 1021 17.78 -23.84 9.32
CA SER C 1021 18.54 -24.17 10.55
C SER C 1021 18.07 -25.52 11.10
N ALA C 1022 16.75 -25.77 11.08
CA ALA C 1022 16.18 -27.01 11.64
C ALA C 1022 16.54 -28.20 10.74
N ASN C 1023 16.60 -27.99 9.43
CA ASN C 1023 17.03 -29.05 8.50
C ASN C 1023 18.50 -29.39 8.78
N LEU C 1024 19.32 -28.38 9.00
CA LEU C 1024 20.74 -28.62 9.35
C LEU C 1024 20.82 -29.38 10.68
N ALA C 1025 20.00 -29.01 11.65
CA ALA C 1025 19.99 -29.68 12.97
C ALA C 1025 19.55 -31.14 12.81
N ALA C 1026 18.55 -31.41 11.98
CA ALA C 1026 18.08 -32.80 11.74
C ALA C 1026 19.18 -33.59 11.05
N THR C 1027 19.86 -33.00 10.09
CA THR C 1027 20.97 -33.69 9.39
C THR C 1027 22.10 -33.97 10.38
N LYS C 1028 22.39 -33.04 11.28
CA LYS C 1028 23.45 -33.26 12.30
C LYS C 1028 23.01 -34.34 13.28
N MET C 1029 21.75 -34.39 13.64
CA MET C 1029 21.23 -35.47 14.51
C MET C 1029 21.40 -36.82 13.81
N SER C 1030 21.06 -36.90 12.52
CA SER C 1030 21.13 -38.17 11.76
C SER C 1030 22.59 -38.59 11.60
N GLU C 1031 23.45 -37.70 11.11
CA GLU C 1031 24.80 -38.07 10.66
C GLU C 1031 25.82 -37.95 11.78
N CYS C 1032 25.44 -37.42 12.93
CA CYS C 1032 26.46 -36.99 13.93
C CYS C 1032 26.17 -37.65 15.27
N VAL C 1033 24.91 -37.79 15.61
CA VAL C 1033 24.50 -38.50 16.85
C VAL C 1033 24.21 -39.97 16.54
N LEU C 1034 23.52 -40.24 15.44
CA LEU C 1034 23.12 -41.62 15.07
C LEU C 1034 24.25 -42.31 14.29
N GLY C 1035 25.38 -41.63 14.07
CA GLY C 1035 26.51 -42.24 13.36
C GLY C 1035 27.79 -41.48 13.60
N GLN C 1036 28.84 -41.89 12.92
CA GLN C 1036 30.14 -41.20 12.95
C GLN C 1036 30.39 -40.56 11.59
N SER C 1037 30.63 -39.27 11.57
CA SER C 1037 30.69 -38.48 10.32
C SER C 1037 32.15 -38.36 9.85
N LYS C 1038 32.41 -38.69 8.60
CA LYS C 1038 33.72 -38.43 7.97
C LYS C 1038 33.79 -37.02 7.40
N ARG C 1039 32.67 -36.31 7.33
CA ARG C 1039 32.64 -34.95 6.77
C ARG C 1039 33.43 -34.02 7.69
N VAL C 1040 34.35 -33.25 7.11
CA VAL C 1040 35.29 -32.42 7.91
C VAL C 1040 34.53 -31.22 8.46
N ASP C 1041 34.69 -30.96 9.75
CA ASP C 1041 34.12 -29.79 10.46
C ASP C 1041 32.60 -29.80 10.45
N PHE C 1042 31.96 -30.83 9.94
CA PHE C 1042 30.49 -30.97 10.06
C PHE C 1042 30.12 -31.20 11.52
N CYS C 1043 30.99 -31.88 12.26
CA CYS C 1043 30.74 -32.23 13.67
C CYS C 1043 31.87 -31.69 14.54
N GLY C 1044 32.32 -30.47 14.24
CA GLY C 1044 33.24 -29.72 15.10
C GLY C 1044 34.70 -29.97 14.82
N LYS C 1045 35.55 -29.26 15.55
CA LYS C 1045 37.02 -29.34 15.43
C LYS C 1045 37.49 -30.78 15.62
N GLY C 1046 38.29 -31.26 14.67
CA GLY C 1046 39.04 -32.52 14.79
C GLY C 1046 38.35 -33.67 14.09
N TYR C 1047 38.75 -34.89 14.44
CA TYR C 1047 38.17 -36.12 13.86
C TYR C 1047 36.99 -36.54 14.72
N HIS C 1048 35.81 -36.52 14.15
CA HIS C 1048 34.57 -36.78 14.90
C HIS C 1048 34.60 -38.20 15.48
N LEU C 1049 34.38 -38.30 16.79
CA LEU C 1049 34.19 -39.60 17.46
C LEU C 1049 32.68 -39.83 17.69
N MET C 1050 32.02 -38.91 18.36
CA MET C 1050 30.57 -39.05 18.60
C MET C 1050 29.98 -37.70 18.93
N SER C 1051 28.67 -37.65 19.06
CA SER C 1051 27.94 -36.41 19.43
C SER C 1051 26.82 -36.77 20.39
N PHE C 1052 26.50 -35.84 21.27
CA PHE C 1052 25.40 -36.01 22.23
C PHE C 1052 24.44 -34.83 22.09
N PRO C 1053 23.14 -35.08 21.87
CA PRO C 1053 22.17 -33.99 21.80
C PRO C 1053 21.66 -33.57 23.17
N GLN C 1054 21.36 -32.29 23.28
CA GLN C 1054 20.70 -31.70 24.47
C GLN C 1054 19.64 -30.73 23.99
N SER C 1055 18.47 -30.78 24.60
CA SER C 1055 17.37 -29.84 24.26
C SER C 1055 17.73 -28.45 24.80
N ALA C 1056 17.34 -27.43 24.07
CA ALA C 1056 17.49 -26.03 24.51
C ALA C 1056 16.23 -25.29 24.11
N PRO C 1057 15.90 -24.16 24.75
CA PRO C 1057 14.71 -23.40 24.39
C PRO C 1057 14.68 -23.08 22.90
N HIS C 1058 13.75 -23.71 22.19
CA HIS C 1058 13.55 -23.56 20.73
C HIS C 1058 14.84 -23.91 19.98
N GLY C 1059 15.54 -24.95 20.39
CA GLY C 1059 16.74 -25.36 19.66
C GLY C 1059 17.42 -26.57 20.23
N VAL C 1060 18.54 -26.91 19.61
CA VAL C 1060 19.30 -28.12 19.99
C VAL C 1060 20.75 -27.72 20.23
N VAL C 1061 21.40 -28.46 21.11
CA VAL C 1061 22.83 -28.26 21.45
C VAL C 1061 23.54 -29.59 21.28
N PHE C 1062 24.51 -29.62 20.38
CA PHE C 1062 25.30 -30.84 20.11
C PHE C 1062 26.63 -30.73 20.84
N LEU C 1063 26.91 -31.68 21.72
CA LEU C 1063 28.26 -31.84 22.31
C LEU C 1063 29.02 -32.80 21.39
N HIS C 1064 29.92 -32.25 20.59
CA HIS C 1064 30.73 -33.04 19.65
C HIS C 1064 32.00 -33.50 20.36
N VAL C 1065 32.13 -34.79 20.56
CA VAL C 1065 33.36 -35.41 21.08
C VAL C 1065 34.22 -35.78 19.88
N THR C 1066 35.39 -35.15 19.79
CA THR C 1066 36.31 -35.33 18.65
C THR C 1066 37.70 -35.61 19.16
N TYR C 1067 38.50 -36.18 18.28
CA TYR C 1067 39.90 -36.58 18.54
C TYR C 1067 40.81 -35.56 17.89
N VAL C 1068 41.65 -34.90 18.69
CA VAL C 1068 42.60 -33.88 18.17
C VAL C 1068 44.00 -34.39 18.46
N PRO C 1069 44.82 -34.67 17.43
CA PRO C 1069 46.22 -35.02 17.68
C PRO C 1069 46.96 -33.91 18.42
N ALA C 1070 47.78 -34.26 19.41
CA ALA C 1070 48.28 -33.28 20.39
C ALA C 1070 49.79 -33.06 20.29
N GLN C 1071 50.60 -34.08 20.50
CA GLN C 1071 52.06 -33.91 20.65
C GLN C 1071 52.75 -34.44 19.40
N GLU C 1072 53.18 -33.52 18.55
CA GLU C 1072 53.73 -33.84 17.22
C GLU C 1072 55.24 -34.06 17.33
N LYS C 1073 55.80 -34.85 16.42
CA LYS C 1073 57.26 -35.09 16.41
C LYS C 1073 57.71 -35.23 14.97
N ASN C 1074 58.86 -34.64 14.66
CA ASN C 1074 59.48 -34.73 13.32
C ASN C 1074 60.09 -36.12 13.14
N PHE C 1075 60.01 -36.63 11.91
CA PHE C 1075 60.70 -37.87 11.49
C PHE C 1075 61.12 -37.72 10.04
N THR C 1076 62.14 -38.46 9.65
CA THR C 1076 62.49 -38.59 8.22
C THR C 1076 61.50 -39.58 7.61
N THR C 1077 61.12 -39.38 6.36
CA THR C 1077 60.12 -40.26 5.73
C THR C 1077 60.57 -40.66 4.34
N ALA C 1078 60.02 -41.76 3.87
CA ALA C 1078 60.32 -42.31 2.52
C ALA C 1078 59.03 -42.87 1.95
N PRO C 1079 58.75 -42.67 0.64
CA PRO C 1079 57.57 -43.27 0.04
C PRO C 1079 57.63 -44.80 -0.02
N ALA C 1080 58.81 -45.38 -0.18
CA ALA C 1080 58.96 -46.84 -0.29
C ALA C 1080 60.34 -47.25 0.22
N ILE C 1081 60.60 -48.54 0.19
CA ILE C 1081 61.87 -49.13 0.72
C ILE C 1081 62.33 -50.23 -0.22
N CYS C 1082 63.63 -50.27 -0.46
CA CYS C 1082 64.26 -51.35 -1.26
C CYS C 1082 64.75 -52.45 -0.33
N HIS C 1083 64.48 -53.70 -0.67
CA HIS C 1083 65.03 -54.84 0.10
C HIS C 1083 65.97 -55.67 -0.78
N ASP C 1084 65.45 -56.21 -1.87
CA ASP C 1084 66.23 -57.08 -2.80
C ASP C 1084 65.92 -56.67 -4.23
N GLY C 1085 65.96 -55.37 -4.50
CA GLY C 1085 65.49 -54.79 -5.76
C GLY C 1085 63.98 -54.64 -5.79
N LYS C 1086 63.27 -55.11 -4.77
CA LYS C 1086 61.81 -54.93 -4.69
C LYS C 1086 61.48 -53.64 -3.94
N ALA C 1087 60.42 -52.97 -4.37
CA ALA C 1087 59.93 -51.75 -3.71
C ALA C 1087 58.82 -52.13 -2.73
N HIS C 1088 59.02 -51.85 -1.46
CA HIS C 1088 58.01 -52.15 -0.41
C HIS C 1088 57.26 -50.88 -0.04
N PHE C 1089 55.94 -50.96 -0.05
CA PHE C 1089 55.07 -49.83 0.34
C PHE C 1089 54.31 -50.22 1.59
N PRO C 1090 54.00 -49.27 2.48
CA PRO C 1090 53.28 -49.60 3.71
C PRO C 1090 51.85 -50.05 3.40
N ARG C 1091 51.44 -51.16 4.00
CA ARG C 1091 50.06 -51.68 3.82
C ARG C 1091 49.07 -50.63 4.32
N GLU C 1092 49.30 -50.15 5.54
CA GLU C 1092 48.73 -48.86 6.02
C GLU C 1092 49.73 -48.23 6.98
N GLY C 1093 49.79 -46.89 6.95
CA GLY C 1093 50.80 -46.13 7.68
C GLY C 1093 51.91 -45.64 6.78
N VAL C 1094 52.98 -45.15 7.38
CA VAL C 1094 54.10 -44.53 6.64
C VAL C 1094 55.41 -45.03 7.23
N PHE C 1095 56.45 -45.00 6.41
CA PHE C 1095 57.82 -45.29 6.86
C PHE C 1095 58.39 -44.05 7.53
N VAL C 1096 58.84 -44.21 8.76
CA VAL C 1096 59.42 -43.09 9.54
C VAL C 1096 60.77 -43.53 10.10
N SER C 1097 61.72 -42.61 10.05
CA SER C 1097 63.09 -42.82 10.59
C SER C 1097 63.28 -41.81 11.73
N ASN C 1098 63.66 -42.33 12.89
CA ASN C 1098 64.01 -41.47 14.05
C ASN C 1098 65.41 -40.89 13.86
N GLY C 1099 66.14 -41.35 12.84
CA GLY C 1099 67.47 -40.81 12.52
C GLY C 1099 68.44 -41.90 12.16
N THR C 1100 68.24 -43.11 12.65
CA THR C 1100 69.16 -44.25 12.37
C THR C 1100 68.40 -45.48 11.88
N HIS C 1101 67.16 -45.66 12.32
CA HIS C 1101 66.40 -46.89 12.07
C HIS C 1101 65.07 -46.56 11.41
N TRP C 1102 64.58 -47.47 10.59
CA TRP C 1102 63.32 -47.28 9.84
C TRP C 1102 62.22 -48.14 10.46
N PHE C 1103 61.07 -47.53 10.67
CA PHE C 1103 59.86 -48.22 11.17
C PHE C 1103 58.71 -47.89 10.25
N VAL C 1104 57.60 -48.59 10.45
CA VAL C 1104 56.32 -48.24 9.80
C VAL C 1104 55.32 -47.98 10.92
N THR C 1105 54.63 -46.85 10.84
CA THR C 1105 53.71 -46.42 11.90
C THR C 1105 52.35 -46.09 11.27
N GLN C 1106 51.32 -46.11 12.09
CA GLN C 1106 50.02 -45.57 11.67
C GLN C 1106 50.13 -44.05 11.57
N ARG C 1107 49.32 -43.46 10.70
CA ARG C 1107 49.51 -42.07 10.26
C ARG C 1107 49.08 -41.09 11.36
N ASN C 1108 48.09 -41.45 12.17
CA ASN C 1108 47.46 -40.49 13.12
C ASN C 1108 48.01 -40.67 14.52
N PHE C 1109 48.97 -41.57 14.74
CA PHE C 1109 49.51 -41.85 16.09
C PHE C 1109 50.85 -42.54 15.94
N TYR C 1110 51.86 -42.05 16.63
CA TYR C 1110 53.23 -42.59 16.51
C TYR C 1110 53.30 -43.90 17.28
N GLU C 1111 53.21 -45.01 16.56
CA GLU C 1111 53.40 -46.37 17.12
C GLU C 1111 54.35 -47.10 16.19
N PRO C 1112 55.67 -46.86 16.32
CA PRO C 1112 56.63 -47.44 15.39
C PRO C 1112 56.66 -48.97 15.50
N GLN C 1113 56.79 -49.63 14.36
CA GLN C 1113 56.87 -51.11 14.30
C GLN C 1113 57.97 -51.52 13.34
N ILE C 1114 58.53 -52.69 13.57
CA ILE C 1114 59.57 -53.25 12.68
C ILE C 1114 58.94 -53.49 11.31
N ILE C 1115 59.64 -53.04 10.27
CA ILE C 1115 59.15 -53.18 8.87
C ILE C 1115 59.29 -54.64 8.48
N THR C 1116 58.17 -55.32 8.32
CA THR C 1116 58.14 -56.75 7.92
C THR C 1116 57.35 -56.89 6.63
N THR C 1117 57.39 -58.09 6.06
CA THR C 1117 56.62 -58.40 4.84
C THR C 1117 55.13 -58.45 5.17
N ASP C 1118 54.76 -58.56 6.43
CA ASP C 1118 53.34 -58.48 6.86
C ASP C 1118 52.91 -57.02 7.03
N ASN C 1119 53.85 -56.11 7.17
CA ASN C 1119 53.55 -54.66 7.32
C ASN C 1119 53.50 -53.96 5.96
N THR C 1120 54.07 -54.57 4.92
CA THR C 1120 54.27 -53.90 3.62
C THR C 1120 53.81 -54.82 2.48
N PHE C 1121 53.73 -54.25 1.30
CA PHE C 1121 53.45 -55.02 0.05
C PHE C 1121 54.45 -54.59 -1.02
N VAL C 1122 54.74 -55.53 -1.91
CA VAL C 1122 55.77 -55.34 -2.97
C VAL C 1122 55.07 -54.90 -4.25
N SER C 1123 55.66 -53.95 -4.96
CA SER C 1123 55.16 -53.48 -6.27
C SER C 1123 56.32 -52.97 -7.11
N GLY C 1124 56.69 -53.74 -8.14
CA GLY C 1124 57.74 -53.38 -9.10
C GLY C 1124 59.11 -53.36 -8.44
N ASN C 1125 59.98 -52.46 -8.90
CA ASN C 1125 61.40 -52.44 -8.45
C ASN C 1125 61.78 -51.02 -8.02
N CYS C 1126 63.06 -50.84 -7.73
CA CYS C 1126 63.58 -49.63 -7.06
C CYS C 1126 63.65 -48.44 -8.02
N ASP C 1127 63.64 -48.66 -9.33
CA ASP C 1127 64.02 -47.59 -10.29
C ASP C 1127 62.91 -46.55 -10.39
N VAL C 1128 61.67 -46.99 -10.31
CA VAL C 1128 60.50 -46.11 -10.65
C VAL C 1128 60.27 -45.07 -9.54
N VAL C 1129 60.39 -45.47 -8.28
CA VAL C 1129 59.88 -44.64 -7.16
C VAL C 1129 60.87 -43.50 -6.90
N ILE C 1130 60.36 -42.28 -6.80
CA ILE C 1130 61.18 -41.10 -6.43
C ILE C 1130 61.26 -41.02 -4.91
N GLY C 1131 62.47 -41.00 -4.37
CA GLY C 1131 62.71 -40.86 -2.92
C GLY C 1131 62.76 -42.19 -2.19
N ILE C 1132 62.83 -43.31 -2.91
CA ILE C 1132 62.94 -44.65 -2.26
C ILE C 1132 64.25 -44.71 -1.48
N VAL C 1133 64.24 -45.43 -0.37
CA VAL C 1133 65.45 -45.57 0.48
C VAL C 1133 65.77 -47.05 0.65
N ASN C 1134 67.01 -47.32 1.02
CA ASN C 1134 67.48 -48.71 1.26
C ASN C 1134 67.22 -49.07 2.71
N ASN C 1135 66.71 -50.27 2.94
CA ASN C 1135 66.53 -50.81 4.30
C ASN C 1135 66.34 -52.33 4.20
N THR C 1136 66.21 -52.98 5.35
CA THR C 1136 65.89 -54.42 5.42
C THR C 1136 64.42 -54.58 5.78
N VAL C 1137 63.78 -55.54 5.15
CA VAL C 1137 62.36 -55.87 5.44
C VAL C 1137 62.36 -57.25 6.08
N TYR C 1138 62.05 -57.28 7.37
CA TYR C 1138 62.02 -58.53 8.15
C TYR C 1138 61.02 -59.52 7.52
N ASP C 1139 61.44 -60.77 7.41
CA ASP C 1139 60.53 -61.86 6.99
C ASP C 1139 60.19 -62.68 8.22
N PRO C 1140 58.95 -62.60 8.73
CA PRO C 1140 58.61 -63.33 9.96
C PRO C 1140 58.82 -64.85 9.87
N LEU C 1141 58.71 -65.41 8.67
CA LEU C 1141 58.87 -66.88 8.49
C LEU C 1141 60.34 -67.27 8.64
N GLN C 1142 61.26 -66.46 8.14
CA GLN C 1142 62.66 -66.90 7.92
C GLN C 1142 63.29 -67.47 9.18
N PRO C 1143 63.21 -66.85 10.38
CA PRO C 1143 63.78 -67.48 11.57
C PRO C 1143 63.18 -68.86 11.88
N GLU C 1144 61.88 -69.04 11.68
CA GLU C 1144 61.21 -70.34 11.96
C GLU C 1144 61.67 -71.36 10.91
N LEU C 1145 61.62 -70.99 9.63
CA LEU C 1145 61.97 -71.91 8.52
C LEU C 1145 63.45 -72.29 8.62
N ASP C 1146 64.30 -71.37 9.06
CA ASP C 1146 65.76 -71.63 9.15
C ASP C 1146 66.03 -72.77 10.13
N SER C 1147 65.23 -72.84 11.21
CA SER C 1147 65.37 -73.91 12.22
C SER C 1147 64.88 -75.24 11.62
N GLN D 3 -6.44 53.02 -6.47
CA GLN D 3 -6.90 54.43 -6.24
C GLN D 3 -8.42 54.46 -6.07
N VAL D 4 -8.94 55.59 -5.59
CA VAL D 4 -10.36 55.67 -5.14
C VAL D 4 -11.19 56.40 -6.20
N GLN D 5 -12.34 55.84 -6.52
CA GLN D 5 -13.34 56.49 -7.40
C GLN D 5 -14.63 56.70 -6.62
N LEU D 6 -15.29 57.83 -6.85
CA LEU D 6 -16.58 58.16 -6.22
C LEU D 6 -17.61 58.29 -7.34
N VAL D 7 -18.25 57.18 -7.70
CA VAL D 7 -19.24 57.17 -8.80
C VAL D 7 -20.58 57.63 -8.26
N GLU D 8 -21.12 58.68 -8.85
CA GLU D 8 -22.41 59.27 -8.41
C GLU D 8 -23.52 58.91 -9.40
N SER D 9 -24.75 59.00 -8.91
CA SER D 9 -25.98 58.76 -9.72
C SER D 9 -27.16 59.44 -9.03
N GLY D 10 -28.21 59.69 -9.81
CA GLY D 10 -29.42 60.36 -9.35
C GLY D 10 -29.33 61.87 -9.46
N GLY D 11 -30.42 62.53 -9.13
CA GLY D 11 -30.58 63.99 -9.28
C GLY D 11 -31.45 64.32 -10.49
N GLY D 12 -31.10 65.40 -11.19
CA GLY D 12 -31.83 65.88 -12.37
C GLY D 12 -32.83 66.97 -12.00
N SER D 13 -33.90 67.09 -12.76
CA SER D 13 -34.91 68.17 -12.58
C SER D 13 -36.06 67.66 -11.71
N VAL D 14 -36.61 68.53 -10.88
CA VAL D 14 -37.67 68.14 -9.92
C VAL D 14 -38.41 69.40 -9.47
N GLN D 15 -39.69 69.24 -9.15
CA GLN D 15 -40.56 70.37 -8.74
C GLN D 15 -40.17 70.82 -7.32
N ALA D 16 -40.45 72.09 -7.03
CA ALA D 16 -40.15 72.70 -5.71
C ALA D 16 -41.07 72.10 -4.66
N GLY D 17 -40.49 71.41 -3.68
CA GLY D 17 -41.26 70.65 -2.68
C GLY D 17 -41.27 69.17 -2.99
N GLY D 18 -40.64 68.74 -4.09
CA GLY D 18 -40.55 67.32 -4.46
C GLY D 18 -39.41 66.61 -3.76
N SER D 19 -39.13 65.40 -4.21
CA SER D 19 -38.11 64.53 -3.60
C SER D 19 -37.18 63.98 -4.67
N LEU D 20 -35.93 63.75 -4.29
CA LEU D 20 -34.93 63.06 -5.16
C LEU D 20 -33.98 62.26 -4.28
N THR D 21 -33.26 61.34 -4.90
CA THR D 21 -32.26 60.50 -4.21
C THR D 21 -30.94 60.56 -4.98
N LEU D 22 -29.87 60.91 -4.29
CA LEU D 22 -28.50 60.84 -4.85
C LEU D 22 -27.80 59.62 -4.24
N SER D 23 -27.18 58.81 -5.10
CA SER D 23 -26.36 57.65 -4.66
C SER D 23 -24.90 57.94 -5.00
N CYS D 24 -24.01 57.63 -4.06
CA CYS D 24 -22.55 57.71 -4.29
C CYS D 24 -21.92 56.40 -3.84
N VAL D 25 -21.25 55.73 -4.74
CA VAL D 25 -20.59 54.42 -4.47
C VAL D 25 -19.09 54.65 -4.57
N ALA D 26 -18.36 54.14 -3.60
CA ALA D 26 -16.89 54.30 -3.52
C ALA D 26 -16.21 53.00 -3.96
N SER D 27 -15.14 53.15 -4.72
CA SER D 27 -14.28 52.01 -5.15
C SER D 27 -12.83 52.35 -4.83
N GLY D 28 -12.04 51.31 -4.57
CA GLY D 28 -10.66 51.46 -4.09
C GLY D 28 -10.60 51.86 -2.63
N VAL D 29 -11.74 52.19 -2.01
CA VAL D 29 -11.83 52.42 -0.55
C VAL D 29 -13.09 51.72 -0.07
N THR D 30 -13.18 51.51 1.23
CA THR D 30 -14.37 50.89 1.87
C THR D 30 -14.94 51.89 2.87
N LEU D 31 -16.25 52.11 2.81
CA LEU D 31 -16.93 52.91 3.85
C LEU D 31 -16.91 52.14 5.17
N GLY D 32 -16.92 52.87 6.27
CA GLY D 32 -16.81 52.25 7.60
C GLY D 32 -16.02 53.11 8.56
N ARG D 33 -15.09 53.93 8.07
CA ARG D 33 -14.51 54.98 8.93
C ARG D 33 -14.51 56.36 8.28
N HIS D 34 -14.25 56.44 6.98
CA HIS D 34 -14.04 57.74 6.30
C HIS D 34 -15.37 58.49 6.19
N ALA D 35 -15.38 59.73 6.68
CA ALA D 35 -16.57 60.59 6.64
C ALA D 35 -16.92 60.92 5.19
N ILE D 36 -18.14 60.59 4.78
CA ILE D 36 -18.59 60.83 3.38
C ILE D 36 -19.81 61.73 3.42
N GLY D 37 -19.88 62.66 2.48
CA GLY D 37 -20.91 63.69 2.52
C GLY D 37 -21.19 64.28 1.17
N TRP D 38 -21.98 65.35 1.18
CA TRP D 38 -22.48 65.99 -0.05
C TRP D 38 -22.23 67.48 0.06
N PHE D 39 -21.64 68.06 -0.99
CA PHE D 39 -21.42 69.50 -1.14
C PHE D 39 -22.20 69.98 -2.35
N ARG D 40 -22.43 71.28 -2.47
CA ARG D 40 -23.15 71.78 -3.67
C ARG D 40 -22.60 73.13 -4.12
N GLN D 41 -22.76 73.40 -5.41
CA GLN D 41 -22.52 74.73 -6.01
C GLN D 41 -23.85 75.24 -6.56
N ALA D 42 -24.38 76.27 -5.92
CA ALA D 42 -25.46 77.14 -6.45
C ALA D 42 -24.82 78.16 -7.39
N PRO D 43 -25.57 78.72 -8.36
CA PRO D 43 -25.00 79.70 -9.27
C PRO D 43 -24.61 80.98 -8.52
N GLY D 44 -23.40 81.46 -8.78
CA GLY D 44 -22.83 82.66 -8.14
C GLY D 44 -22.57 82.44 -6.65
N LYS D 45 -22.34 81.20 -6.25
CA LYS D 45 -22.04 80.86 -4.84
C LYS D 45 -20.81 79.96 -4.79
N GLU D 46 -20.06 80.10 -3.70
CA GLU D 46 -18.79 79.35 -3.47
C GLU D 46 -19.10 77.94 -2.99
N ARG D 47 -18.06 77.23 -2.58
CA ARG D 47 -18.20 75.88 -1.98
C ARG D 47 -18.95 75.99 -0.65
N GLU D 48 -19.91 75.11 -0.45
CA GLU D 48 -20.62 75.02 0.84
C GLU D 48 -20.97 73.57 1.14
N ARG D 49 -20.98 73.23 2.42
CA ARG D 49 -21.38 71.88 2.87
C ARG D 49 -22.90 71.74 2.75
N VAL D 50 -23.34 70.59 2.26
CA VAL D 50 -24.78 70.22 2.30
C VAL D 50 -25.01 69.28 3.48
N SER D 51 -24.28 68.17 3.53
CA SER D 51 -24.42 67.21 4.65
C SER D 51 -23.17 66.35 4.73
N CYS D 52 -23.07 65.59 5.81
CA CYS D 52 -22.03 64.56 5.94
C CYS D 52 -22.48 63.48 6.91
N ILE D 53 -21.94 62.29 6.74
CA ILE D 53 -22.16 61.17 7.67
C ILE D 53 -20.81 60.54 7.99
N ARG D 54 -20.58 60.30 9.27
CA ARG D 54 -19.37 59.61 9.76
C ARG D 54 -19.61 58.11 9.64
N THR D 55 -18.98 57.47 8.67
CA THR D 55 -19.18 56.02 8.43
C THR D 55 -18.57 55.21 9.57
N PHE D 56 -17.77 55.82 10.43
CA PHE D 56 -17.24 55.15 11.65
C PHE D 56 -18.32 55.03 12.73
N ASP D 57 -19.26 55.96 12.81
CA ASP D 57 -20.27 55.94 13.89
C ASP D 57 -21.69 56.14 13.38
N GLY D 58 -21.87 56.57 12.13
CA GLY D 58 -23.22 56.77 11.55
C GLY D 58 -23.83 58.10 11.93
N ILE D 59 -23.13 58.94 12.67
CA ILE D 59 -23.64 60.29 13.06
C ILE D 59 -23.71 61.15 11.79
N THR D 60 -24.74 61.99 11.72
CA THR D 60 -25.01 62.85 10.55
C THR D 60 -24.96 64.31 10.95
N SER D 61 -24.36 65.13 10.09
CA SER D 61 -24.26 66.59 10.29
C SER D 61 -24.85 67.29 9.08
N TYR D 62 -25.60 68.36 9.32
CA TYR D 62 -26.24 69.17 8.27
C TYR D 62 -25.85 70.63 8.46
N VAL D 63 -26.49 71.49 7.68
CA VAL D 63 -26.44 72.95 7.87
C VAL D 63 -27.86 73.48 8.08
N GLU D 64 -27.98 74.78 8.24
CA GLU D 64 -29.30 75.42 8.47
C GLU D 64 -30.19 75.20 7.24
N SER D 65 -29.62 75.32 6.05
CA SER D 65 -30.38 75.30 4.77
C SER D 65 -30.86 73.88 4.42
N THR D 66 -30.29 72.85 5.01
CA THR D 66 -30.56 71.45 4.61
C THR D 66 -31.17 70.62 5.74
N LYS D 67 -31.28 71.16 6.95
CA LYS D 67 -31.82 70.39 8.09
C LYS D 67 -33.27 69.97 7.83
N GLY D 68 -33.58 68.70 8.09
CA GLY D 68 -34.94 68.14 7.96
C GLY D 68 -35.33 67.86 6.52
N ARG D 69 -35.13 68.82 5.62
CA ARG D 69 -35.50 68.67 4.20
C ARG D 69 -34.63 67.58 3.56
N PHE D 70 -33.34 67.57 3.89
CA PHE D 70 -32.38 66.60 3.31
C PHE D 70 -32.03 65.56 4.37
N THR D 71 -31.95 64.31 3.95
CA THR D 71 -31.56 63.19 4.84
C THR D 71 -30.37 62.46 4.23
N ILE D 72 -29.27 62.39 4.95
CA ILE D 72 -28.08 61.62 4.50
C ILE D 72 -28.08 60.28 5.24
N SER D 73 -27.68 59.23 4.54
CA SER D 73 -27.66 57.87 5.12
C SER D 73 -26.58 57.04 4.43
N SER D 74 -25.68 56.47 5.21
CA SER D 74 -24.55 55.67 4.70
C SER D 74 -24.82 54.18 4.99
N ASN D 75 -24.86 53.38 3.94
CA ASN D 75 -24.81 51.92 4.07
C ASN D 75 -23.39 51.50 3.70
N ASN D 76 -22.56 51.31 4.71
CA ASN D 76 -21.11 51.04 4.50
C ASN D 76 -20.93 49.66 3.86
N ALA D 77 -21.92 48.79 4.01
CA ALA D 77 -21.80 47.39 3.54
C ALA D 77 -21.83 47.32 2.01
N MET D 78 -22.65 48.14 1.35
CA MET D 78 -22.67 48.23 -0.13
C MET D 78 -21.72 49.36 -0.59
N ASN D 79 -20.98 49.98 0.33
CA ASN D 79 -20.08 51.12 0.02
C ASN D 79 -20.89 52.27 -0.57
N THR D 80 -22.08 52.51 -0.03
CA THR D 80 -23.05 53.48 -0.61
C THR D 80 -23.37 54.59 0.38
N VAL D 81 -23.56 55.79 -0.14
CA VAL D 81 -24.16 56.92 0.63
C VAL D 81 -25.31 57.49 -0.19
N TYR D 82 -26.40 57.81 0.51
CA TYR D 82 -27.63 58.35 -0.11
C TYR D 82 -27.92 59.72 0.48
N LEU D 83 -28.26 60.65 -0.41
CA LEU D 83 -28.81 61.98 -0.01
C LEU D 83 -30.22 62.10 -0.56
N GLN D 84 -31.21 62.15 0.33
CA GLN D 84 -32.62 62.29 -0.08
C GLN D 84 -33.03 63.74 0.11
N MET D 85 -33.34 64.41 -1.00
CA MET D 85 -33.99 65.74 -0.98
C MET D 85 -35.49 65.54 -0.78
N ASN D 86 -36.04 66.19 0.23
CA ASN D 86 -37.49 66.43 0.34
C ASN D 86 -37.71 67.93 0.52
N SER D 87 -38.91 68.40 0.21
CA SER D 87 -39.30 69.81 0.42
C SER D 87 -38.34 70.76 -0.30
N LEU D 88 -38.07 70.49 -1.59
CA LEU D 88 -37.08 71.29 -2.34
C LEU D 88 -37.60 72.71 -2.63
N LYS D 89 -36.64 73.59 -2.84
CA LYS D 89 -36.88 75.02 -3.15
C LYS D 89 -35.97 75.42 -4.29
N PRO D 90 -36.35 76.44 -5.09
CA PRO D 90 -35.48 76.87 -6.20
C PRO D 90 -34.09 77.34 -5.79
N GLU D 91 -33.87 77.65 -4.51
CA GLU D 91 -32.52 78.01 -3.99
C GLU D 91 -31.63 76.76 -3.98
N ASP D 92 -32.20 75.57 -4.10
CA ASP D 92 -31.43 74.31 -4.04
C ASP D 92 -30.89 73.91 -5.41
N THR D 93 -31.15 74.67 -6.45
CA THR D 93 -30.59 74.39 -7.79
C THR D 93 -29.07 74.46 -7.71
N ALA D 94 -28.40 73.32 -7.76
CA ALA D 94 -26.96 73.24 -7.48
C ALA D 94 -26.39 71.95 -8.04
N VAL D 95 -25.08 71.97 -8.31
CA VAL D 95 -24.35 70.72 -8.65
C VAL D 95 -23.80 70.14 -7.35
N TYR D 96 -24.15 68.90 -7.06
CA TYR D 96 -23.77 68.22 -5.80
C TYR D 96 -22.57 67.31 -6.05
N PHE D 97 -21.56 67.43 -5.20
CA PHE D 97 -20.35 66.60 -5.24
C PHE D 97 -20.36 65.65 -4.07
N CYS D 98 -20.07 64.38 -4.35
CA CYS D 98 -19.78 63.37 -3.29
C CYS D 98 -18.38 63.65 -2.74
N ALA D 99 -18.27 63.81 -1.43
CA ALA D 99 -17.03 64.25 -0.76
C ALA D 99 -16.58 63.18 0.23
N LEU D 100 -15.30 62.84 0.20
CA LEU D 100 -14.73 61.79 1.08
C LEU D 100 -13.45 62.32 1.73
N GLY D 101 -13.16 61.81 2.93
CA GLY D 101 -11.94 62.16 3.68
C GLY D 101 -11.02 60.97 3.90
N VAL D 102 -9.84 61.25 4.45
CA VAL D 102 -8.96 60.22 5.06
C VAL D 102 -8.99 60.38 6.57
N THR D 103 -10.05 60.99 7.11
CA THR D 103 -10.24 61.19 8.56
C THR D 103 -11.64 60.77 8.96
N ALA D 104 -11.81 60.41 10.22
CA ALA D 104 -13.11 59.96 10.75
C ALA D 104 -14.07 61.15 10.91
N ALA D 105 -13.56 62.38 10.96
CA ALA D 105 -14.39 63.57 11.29
C ALA D 105 -15.03 64.14 10.02
N CYS D 106 -16.30 64.50 10.11
CA CYS D 106 -16.99 65.27 9.04
C CYS D 106 -16.47 66.71 9.03
N SER D 107 -16.00 67.20 10.18
CA SER D 107 -15.49 68.59 10.31
C SER D 107 -14.27 68.79 9.40
N ASP D 108 -13.41 67.79 9.31
CA ASP D 108 -12.20 67.87 8.43
C ASP D 108 -12.66 68.05 6.98
N ASN D 109 -11.97 68.92 6.27
CA ASN D 109 -12.30 69.20 4.86
C ASN D 109 -12.06 67.94 4.03
N PRO D 110 -13.03 67.52 3.19
CA PRO D 110 -12.81 66.38 2.31
C PRO D 110 -11.73 66.69 1.27
N TYR D 111 -10.93 65.68 0.96
CA TYR D 111 -9.80 65.71 0.00
C TYR D 111 -10.15 64.89 -1.24
N PHE D 112 -11.30 64.24 -1.22
CA PHE D 112 -11.61 63.08 -2.10
C PHE D 112 -12.95 63.34 -2.77
N TRP D 113 -12.94 63.71 -4.04
CA TRP D 113 -14.14 64.29 -4.68
C TRP D 113 -14.69 63.38 -5.77
N GLY D 114 -16.01 63.34 -5.87
CA GLY D 114 -16.71 62.72 -7.00
C GLY D 114 -16.98 63.73 -8.11
N GLN D 115 -17.46 63.22 -9.24
CA GLN D 115 -17.63 64.04 -10.47
C GLN D 115 -18.65 65.16 -10.25
N GLY D 116 -19.85 64.81 -9.82
CA GLY D 116 -20.90 65.81 -9.60
C GLY D 116 -22.16 65.50 -10.38
N THR D 117 -23.30 65.79 -9.76
CA THR D 117 -24.63 65.58 -10.37
C THR D 117 -25.43 66.86 -10.22
N GLN D 118 -26.09 67.29 -11.28
CA GLN D 118 -26.86 68.55 -11.26
C GLN D 118 -28.26 68.27 -10.71
N VAL D 119 -28.66 69.04 -9.70
CA VAL D 119 -30.04 68.99 -9.16
C VAL D 119 -30.68 70.35 -9.44
N THR D 120 -31.72 70.33 -10.26
CA THR D 120 -32.49 71.54 -10.64
C THR D 120 -33.86 71.47 -9.99
N VAL D 121 -34.23 72.54 -9.30
CA VAL D 121 -35.52 72.63 -8.60
C VAL D 121 -36.36 73.71 -9.28
N SER D 122 -37.53 73.32 -9.77
CA SER D 122 -38.46 74.22 -10.49
C SER D 122 -39.53 74.72 -9.53
N SER D 123 -39.68 76.05 -9.42
CA SER D 123 -40.66 76.71 -8.54
C SER D 123 -42.09 76.28 -8.89
N GLN E 3 -38.49 30.58 21.84
CA GLN E 3 -39.78 31.33 22.00
C GLN E 3 -40.02 32.24 20.79
N VAL E 4 -41.24 32.75 20.66
CA VAL E 4 -41.68 33.45 19.43
C VAL E 4 -41.66 34.96 19.65
N GLN E 5 -41.11 35.68 18.70
CA GLN E 5 -41.15 37.17 18.67
C GLN E 5 -41.89 37.61 17.41
N LEU E 6 -42.67 38.67 17.54
CA LEU E 6 -43.42 39.27 16.40
C LEU E 6 -42.91 40.70 16.23
N VAL E 7 -41.86 40.87 15.44
CA VAL E 7 -41.24 42.21 15.24
C VAL E 7 -42.04 42.96 14.17
N GLU E 8 -42.54 44.13 14.52
CA GLU E 8 -43.37 44.94 13.60
C GLU E 8 -42.56 46.14 13.10
N SER E 9 -43.01 46.69 11.98
CA SER E 9 -42.43 47.89 11.35
C SER E 9 -43.45 48.52 10.42
N GLY E 10 -43.25 49.80 10.13
CA GLY E 10 -44.16 50.60 9.30
C GLY E 10 -45.27 51.25 10.09
N GLY E 11 -46.08 52.04 9.39
CA GLY E 11 -47.14 52.85 10.00
C GLY E 11 -46.74 54.31 10.10
N GLY E 12 -47.13 54.97 11.18
CA GLY E 12 -46.85 56.40 11.42
C GLY E 12 -48.01 57.27 10.98
N SER E 13 -47.72 58.52 10.61
CA SER E 13 -48.76 59.52 10.23
C SER E 13 -48.96 59.52 8.72
N VAL E 14 -50.19 59.73 8.29
CA VAL E 14 -50.53 59.67 6.84
C VAL E 14 -51.85 60.40 6.63
N GLN E 15 -52.02 60.97 5.45
CA GLN E 15 -53.21 61.76 5.09
C GLN E 15 -54.41 60.82 4.88
N ALA E 16 -55.61 61.35 5.09
CA ALA E 16 -56.87 60.59 4.94
C ALA E 16 -57.10 60.28 3.46
N GLY E 17 -57.12 59.01 3.11
CA GLY E 17 -57.16 58.57 1.70
C GLY E 17 -55.80 58.14 1.19
N GLY E 18 -54.76 58.24 2.02
CA GLY E 18 -53.40 57.82 1.63
C GLY E 18 -53.18 56.33 1.84
N SER E 19 -51.92 55.91 1.73
CA SER E 19 -51.55 54.49 1.80
C SER E 19 -50.39 54.31 2.78
N LEU E 20 -50.35 53.16 3.44
CA LEU E 20 -49.22 52.76 4.30
C LEU E 20 -49.05 51.25 4.23
N THR E 21 -47.89 50.76 4.66
CA THR E 21 -47.57 49.33 4.70
C THR E 21 -47.07 48.97 6.09
N LEU E 22 -47.69 47.98 6.71
CA LEU E 22 -47.20 47.39 7.99
C LEU E 22 -46.56 46.04 7.67
N SER E 23 -45.36 45.82 8.19
CA SER E 23 -44.64 44.53 8.08
C SER E 23 -44.56 43.88 9.46
N CYS E 24 -44.82 42.60 9.53
CA CYS E 24 -44.65 41.81 10.77
C CYS E 24 -43.84 40.56 10.44
N VAL E 25 -42.71 40.39 11.09
CA VAL E 25 -41.80 39.25 10.88
C VAL E 25 -41.81 38.41 12.15
N ALA E 26 -41.95 37.09 11.99
CA ALA E 26 -42.02 36.15 13.12
C ALA E 26 -40.68 35.44 13.28
N SER E 27 -40.25 35.27 14.52
CA SER E 27 -39.05 34.50 14.87
C SER E 27 -39.40 33.48 15.95
N GLY E 28 -38.68 32.36 15.95
CA GLY E 28 -39.00 31.22 16.82
C GLY E 28 -40.21 30.43 16.31
N VAL E 29 -40.91 30.94 15.31
CA VAL E 29 -41.99 30.19 14.62
C VAL E 29 -41.82 30.42 13.13
N THR E 30 -42.45 29.58 12.33
CA THR E 30 -42.43 29.71 10.85
C THR E 30 -43.87 29.88 10.38
N LEU E 31 -44.09 30.87 9.53
CA LEU E 31 -45.40 31.01 8.84
C LEU E 31 -45.58 29.85 7.88
N GLY E 32 -46.83 29.48 7.65
CA GLY E 32 -47.14 28.31 6.81
C GLY E 32 -48.35 27.55 7.31
N ARG E 33 -48.64 27.59 8.61
CA ARG E 33 -49.96 27.12 9.09
C ARG E 33 -50.65 28.11 10.02
N HIS E 34 -49.91 28.77 10.89
CA HIS E 34 -50.51 29.61 11.95
C HIS E 34 -51.14 30.86 11.35
N ALA E 35 -52.41 31.09 11.65
CA ALA E 35 -53.15 32.26 11.14
C ALA E 35 -52.56 33.54 11.75
N ILE E 36 -52.13 34.45 10.89
CA ILE E 36 -51.51 35.72 11.35
C ILE E 36 -52.32 36.88 10.82
N GLY E 37 -52.48 37.90 11.64
CA GLY E 37 -53.41 38.99 11.30
C GLY E 37 -53.07 40.27 12.01
N TRP E 38 -53.97 41.22 11.89
CA TRP E 38 -53.78 42.59 12.41
C TRP E 38 -55.01 42.98 13.20
N PHE E 39 -54.78 43.50 14.42
CA PHE E 39 -55.82 44.06 15.30
C PHE E 39 -55.52 45.53 15.52
N ARG E 40 -56.49 46.30 15.98
CA ARG E 40 -56.21 47.72 16.26
C ARG E 40 -56.97 48.21 17.49
N GLN E 41 -56.41 49.24 18.12
CA GLN E 41 -57.08 50.02 19.19
C GLN E 41 -57.24 51.45 18.69
N ALA E 42 -58.49 51.84 18.44
CA ALA E 42 -58.92 53.24 18.28
C ALA E 42 -59.11 53.84 19.66
N PRO E 43 -59.01 55.17 19.83
CA PRO E 43 -59.21 55.77 21.14
C PRO E 43 -60.65 55.59 21.64
N GLY E 44 -60.79 55.16 22.88
CA GLY E 44 -62.09 54.88 23.53
C GLY E 44 -62.79 53.70 22.89
N LYS E 45 -62.03 52.77 22.31
CA LYS E 45 -62.61 51.55 21.70
C LYS E 45 -61.84 50.33 22.18
N GLU E 46 -62.55 49.22 22.28
CA GLU E 46 -62.01 47.93 22.78
C GLU E 46 -61.20 47.24 21.68
N ARG E 47 -60.82 45.99 21.95
CA ARG E 47 -60.13 45.15 20.95
C ARG E 47 -61.07 44.84 19.79
N GLU E 48 -60.57 44.98 18.57
CA GLU E 48 -61.34 44.61 17.36
C GLU E 48 -60.39 44.05 16.32
N ARG E 49 -60.90 43.12 15.53
CA ARG E 49 -60.13 42.53 14.40
C ARG E 49 -60.05 43.54 13.28
N VAL E 50 -58.87 43.66 12.66
CA VAL E 50 -58.71 44.43 11.41
C VAL E 50 -58.69 43.45 10.24
N SER E 51 -57.79 42.47 10.26
CA SER E 51 -57.72 41.46 9.19
C SER E 51 -57.01 40.22 9.70
N CYS E 52 -57.05 39.17 8.91
CA CYS E 52 -56.24 37.96 9.17
C CYS E 52 -56.01 37.21 7.87
N ILE E 53 -54.92 36.45 7.84
CA ILE E 53 -54.61 35.54 6.71
C ILE E 53 -54.22 34.19 7.29
N ARG E 54 -54.79 33.14 6.72
CA ARG E 54 -54.45 31.74 7.09
C ARG E 54 -53.22 31.35 6.30
N THR E 55 -52.08 31.28 6.97
CA THR E 55 -50.80 30.94 6.30
C THR E 55 -50.81 29.48 5.82
N PHE E 56 -51.77 28.67 6.28
CA PHE E 56 -51.93 27.28 5.77
C PHE E 56 -52.56 27.27 4.38
N ASP E 57 -53.41 28.24 4.05
CA ASP E 57 -54.12 28.21 2.75
C ASP E 57 -54.07 29.56 2.03
N GLY E 58 -53.66 30.64 2.69
CA GLY E 58 -53.56 31.97 2.06
C GLY E 58 -54.90 32.70 2.00
N ILE E 59 -55.96 32.13 2.54
CA ILE E 59 -57.30 32.79 2.56
C ILE E 59 -57.22 33.99 3.51
N THR E 60 -57.91 35.05 3.15
CA THR E 60 -57.89 36.32 3.92
C THR E 60 -59.29 36.67 4.40
N SER E 61 -59.38 37.14 5.64
CA SER E 61 -60.65 37.57 6.26
C SER E 61 -60.51 39.02 6.72
N TYR E 62 -61.55 39.80 6.51
CA TYR E 62 -61.60 41.23 6.92
C TYR E 62 -62.84 41.47 7.75
N VAL E 63 -63.10 42.73 8.03
CA VAL E 63 -64.37 43.20 8.64
C VAL E 63 -65.00 44.22 7.70
N GLU E 64 -66.14 44.75 8.11
CA GLU E 64 -66.89 45.74 7.29
C GLU E 64 -66.03 47.01 7.13
N SER E 65 -65.35 47.41 8.20
CA SER E 65 -64.62 48.71 8.25
C SER E 65 -63.32 48.65 7.43
N THR E 66 -62.81 47.48 7.11
CA THR E 66 -61.48 47.32 6.48
C THR E 66 -61.56 46.66 5.11
N LYS E 67 -62.72 46.21 4.66
CA LYS E 67 -62.85 45.52 3.35
C LYS E 67 -62.45 46.46 2.21
N GLY E 68 -61.62 45.97 1.30
CA GLY E 68 -61.20 46.72 0.09
C GLY E 68 -60.13 47.74 0.39
N ARG E 69 -60.34 48.59 1.40
CA ARG E 69 -59.37 49.65 1.75
C ARG E 69 -58.07 49.01 2.24
N PHE E 70 -58.16 47.96 3.04
CA PHE E 70 -56.98 47.27 3.61
C PHE E 70 -56.78 45.95 2.89
N THR E 71 -55.53 45.63 2.60
CA THR E 71 -55.16 44.34 1.96
C THR E 71 -54.12 43.65 2.82
N ILE E 72 -54.43 42.44 3.27
CA ILE E 72 -53.47 41.61 4.04
C ILE E 72 -52.86 40.59 3.09
N SER E 73 -51.56 40.32 3.26
CA SER E 73 -50.83 39.36 2.39
C SER E 73 -49.70 38.74 3.17
N SER E 74 -49.65 37.42 3.21
CA SER E 74 -48.62 36.65 3.94
C SER E 74 -47.65 36.03 2.96
N ASN E 75 -46.37 36.37 3.07
CA ASN E 75 -45.29 35.64 2.40
C ASN E 75 -44.65 34.76 3.47
N ASN E 76 -45.05 33.51 3.51
CA ASN E 76 -44.61 32.57 4.57
C ASN E 76 -43.12 32.26 4.41
N ALA E 77 -42.58 32.45 3.22
CA ALA E 77 -41.18 32.09 2.91
C ALA E 77 -40.19 33.04 3.61
N MET E 78 -40.50 34.33 3.68
CA MET E 78 -39.67 35.29 4.45
C MET E 78 -40.22 35.43 5.87
N ASN E 79 -41.23 34.64 6.25
CA ASN E 79 -41.87 34.71 7.59
C ASN E 79 -42.49 36.11 7.77
N THR E 80 -43.09 36.66 6.72
CA THR E 80 -43.57 38.05 6.72
C THR E 80 -45.07 38.12 6.49
N VAL E 81 -45.72 39.08 7.13
CA VAL E 81 -47.11 39.46 6.80
C VAL E 81 -47.16 40.97 6.60
N TYR E 82 -47.90 41.38 5.58
CA TYR E 82 -48.05 42.80 5.20
C TYR E 82 -49.51 43.21 5.31
N LEU E 83 -49.73 44.39 5.89
CA LEU E 83 -51.06 45.04 5.87
C LEU E 83 -50.92 46.38 5.14
N GLN E 84 -51.56 46.49 3.99
CA GLN E 84 -51.52 47.73 3.19
C GLN E 84 -52.82 48.51 3.43
N MET E 85 -52.69 49.69 4.04
CA MET E 85 -53.81 50.66 4.14
C MET E 85 -53.87 51.43 2.82
N ASN E 86 -55.04 51.44 2.21
CA ASN E 86 -55.40 52.43 1.17
C ASN E 86 -56.72 53.09 1.58
N SER E 87 -56.97 54.27 1.04
CA SER E 87 -58.26 54.99 1.27
C SER E 87 -58.49 55.20 2.77
N LEU E 88 -57.48 55.72 3.48
CA LEU E 88 -57.59 55.88 4.95
C LEU E 88 -58.56 56.99 5.33
N LYS E 89 -59.09 56.86 6.55
CA LYS E 89 -60.04 57.82 7.14
C LYS E 89 -59.59 58.09 8.58
N PRO E 90 -59.93 59.27 9.14
CA PRO E 90 -59.56 59.57 10.52
C PRO E 90 -60.08 58.59 11.58
N GLU E 91 -61.09 57.79 11.24
CA GLU E 91 -61.59 56.73 12.15
C GLU E 91 -60.55 55.61 12.27
N ASP E 92 -59.57 55.55 11.37
CA ASP E 92 -58.55 54.48 11.36
C ASP E 92 -57.37 54.82 12.26
N THR E 93 -57.36 55.96 12.92
CA THR E 93 -56.27 56.30 13.88
C THR E 93 -56.29 55.27 15.01
N ALA E 94 -55.31 54.38 15.01
CA ALA E 94 -55.32 53.23 15.93
C ALA E 94 -53.92 52.66 16.07
N VAL E 95 -53.67 51.98 17.17
CA VAL E 95 -52.43 51.18 17.34
C VAL E 95 -52.72 49.76 16.85
N TYR E 96 -51.93 49.28 15.90
CA TYR E 96 -52.13 47.97 15.27
C TYR E 96 -51.18 46.96 15.88
N PHE E 97 -51.72 45.82 16.27
CA PHE E 97 -50.96 44.68 16.84
C PHE E 97 -50.92 43.56 15.82
N CYS E 98 -49.73 43.01 15.62
CA CYS E 98 -49.54 41.74 14.87
C CYS E 98 -49.99 40.59 15.77
N ALA E 99 -50.92 39.77 15.28
CA ALA E 99 -51.59 38.72 16.08
C ALA E 99 -51.31 37.36 15.45
N LEU E 100 -50.93 36.38 16.27
CA LEU E 100 -50.60 35.02 15.80
C LEU E 100 -51.32 34.00 16.67
N GLY E 101 -51.63 32.84 16.08
CA GLY E 101 -52.28 31.71 16.78
C GLY E 101 -51.41 30.48 16.83
N VAL E 102 -51.88 29.47 17.56
CA VAL E 102 -51.36 28.08 17.47
C VAL E 102 -52.42 27.22 16.77
N THR E 103 -53.29 27.84 15.99
CA THR E 103 -54.35 27.13 15.22
C THR E 103 -54.35 27.64 13.79
N ALA E 104 -54.84 26.82 12.88
CA ALA E 104 -54.90 27.16 11.44
C ALA E 104 -56.01 28.18 11.18
N ALA E 105 -56.99 28.34 12.07
CA ALA E 105 -58.18 29.17 11.82
C ALA E 105 -57.90 30.62 12.22
N CYS E 106 -58.33 31.57 11.38
CA CYS E 106 -58.34 33.00 11.74
C CYS E 106 -59.44 33.28 12.76
N SER E 107 -60.50 32.46 12.77
CA SER E 107 -61.64 32.62 13.70
C SER E 107 -61.16 32.48 15.15
N ASP E 108 -60.26 31.54 15.40
CA ASP E 108 -59.70 31.33 16.77
C ASP E 108 -59.00 32.61 17.22
N ASN E 109 -59.20 32.95 18.48
CA ASN E 109 -58.59 34.18 19.05
C ASN E 109 -57.07 34.01 19.08
N PRO E 110 -56.30 34.99 18.57
CA PRO E 110 -54.85 34.91 18.66
C PRO E 110 -54.39 34.98 20.13
N TYR E 111 -53.34 34.22 20.43
CA TYR E 111 -52.70 34.10 21.77
C TYR E 111 -51.32 34.75 21.75
N PHE E 112 -50.89 35.23 20.59
CA PHE E 112 -49.48 35.49 20.27
C PHE E 112 -49.36 36.91 19.71
N TRP E 113 -48.88 37.84 20.51
CA TRP E 113 -49.04 39.28 20.18
C TRP E 113 -47.70 39.93 19.91
N GLY E 114 -47.70 40.85 18.95
CA GLY E 114 -46.56 41.76 18.71
C GLY E 114 -46.71 43.05 19.49
N GLN E 115 -45.66 43.86 19.47
CA GLN E 115 -45.57 45.08 20.32
C GLN E 115 -46.65 46.08 19.93
N GLY E 116 -46.73 46.46 18.67
CA GLY E 116 -47.72 47.45 18.22
C GLY E 116 -47.09 48.63 17.52
N THR E 117 -47.77 49.11 16.49
CA THR E 117 -47.33 50.28 15.70
C THR E 117 -48.49 51.25 15.60
N GLN E 118 -48.23 52.53 15.81
CA GLN E 118 -49.29 53.55 15.78
C GLN E 118 -49.51 54.01 14.34
N VAL E 119 -50.76 53.98 13.90
CA VAL E 119 -51.15 54.52 12.57
C VAL E 119 -52.09 55.69 12.82
N THR E 120 -51.65 56.89 12.44
CA THR E 120 -52.43 58.12 12.60
C THR E 120 -52.86 58.59 11.21
N VAL E 121 -54.15 58.87 11.07
CA VAL E 121 -54.74 59.32 9.79
C VAL E 121 -55.24 60.75 9.99
N SER E 122 -54.72 61.67 9.18
CA SER E 122 -55.06 63.10 9.23
C SER E 122 -56.12 63.41 8.18
N SER E 123 -57.23 64.00 8.61
CA SER E 123 -58.36 64.37 7.73
C SER E 123 -57.92 65.36 6.64
N GLN F 3 -40.23 24.50 -26.00
CA GLN F 3 -41.01 25.57 -26.71
C GLN F 3 -41.01 26.86 -25.89
N VAL F 4 -41.42 27.95 -26.51
CA VAL F 4 -41.25 29.30 -25.93
C VAL F 4 -42.58 29.79 -25.36
N GLN F 5 -42.54 30.33 -24.14
CA GLN F 5 -43.70 31.00 -23.51
C GLN F 5 -43.34 32.45 -23.25
N LEU F 6 -44.31 33.35 -23.43
CA LEU F 6 -44.14 34.79 -23.17
C LEU F 6 -45.14 35.16 -22.07
N VAL F 7 -44.72 35.05 -20.81
CA VAL F 7 -45.62 35.32 -19.66
C VAL F 7 -45.61 36.83 -19.41
N GLU F 8 -46.79 37.44 -19.44
CA GLU F 8 -46.93 38.89 -19.24
C GLU F 8 -47.52 39.19 -17.86
N SER F 9 -47.30 40.41 -17.40
CA SER F 9 -47.83 40.92 -16.12
C SER F 9 -47.84 42.44 -16.16
N GLY F 10 -48.66 43.03 -15.29
CA GLY F 10 -48.86 44.48 -15.20
C GLY F 10 -49.93 44.99 -16.14
N GLY F 11 -50.19 46.29 -16.05
CA GLY F 11 -51.27 46.96 -16.79
C GLY F 11 -52.46 47.24 -15.88
N GLY F 12 -53.67 47.10 -16.42
CA GLY F 12 -54.92 47.37 -15.69
C GLY F 12 -55.43 48.77 -15.96
N SER F 13 -56.17 49.34 -15.01
CA SER F 13 -56.81 50.66 -15.15
C SER F 13 -55.90 51.74 -14.56
N VAL F 14 -55.90 52.92 -15.18
CA VAL F 14 -55.00 54.02 -14.76
C VAL F 14 -55.54 55.33 -15.32
N GLN F 15 -55.28 56.42 -14.60
CA GLN F 15 -55.77 57.76 -14.98
C GLN F 15 -55.00 58.29 -16.20
N ALA F 16 -55.63 59.16 -16.96
CA ALA F 16 -55.02 59.77 -18.17
C ALA F 16 -53.89 60.72 -17.76
N GLY F 17 -52.67 60.40 -18.15
CA GLY F 17 -51.48 61.13 -17.70
C GLY F 17 -50.73 60.38 -16.61
N GLY F 18 -51.23 59.22 -16.19
CA GLY F 18 -50.56 58.39 -15.17
C GLY F 18 -49.50 57.49 -15.77
N SER F 19 -49.01 56.56 -14.97
CA SER F 19 -47.90 55.66 -15.35
C SER F 19 -48.28 54.22 -15.04
N LEU F 20 -47.76 53.30 -15.84
CA LEU F 20 -47.89 51.84 -15.59
C LEU F 20 -46.63 51.14 -16.10
N THR F 21 -46.44 49.90 -15.66
CA THR F 21 -45.29 49.06 -16.09
C THR F 21 -45.82 47.71 -16.55
N LEU F 22 -45.45 47.32 -17.76
CA LEU F 22 -45.74 45.95 -18.27
C LEU F 22 -44.43 45.16 -18.23
N SER F 23 -44.48 43.96 -17.69
CA SER F 23 -43.34 43.00 -17.67
C SER F 23 -43.68 41.82 -18.57
N CYS F 24 -42.71 41.40 -19.38
CA CYS F 24 -42.83 40.18 -20.20
C CYS F 24 -41.58 39.34 -19.98
N VAL F 25 -41.77 38.12 -19.53
CA VAL F 25 -40.66 37.18 -19.25
C VAL F 25 -40.77 36.03 -20.26
N ALA F 26 -39.65 35.68 -20.86
CA ALA F 26 -39.60 34.61 -21.90
C ALA F 26 -39.02 33.34 -21.28
N SER F 27 -39.62 32.21 -21.64
CA SER F 27 -39.13 30.87 -21.25
C SER F 27 -39.01 30.00 -22.50
N GLY F 28 -38.08 29.05 -22.46
CA GLY F 28 -37.71 28.24 -23.63
C GLY F 28 -36.87 29.01 -24.63
N VAL F 29 -36.72 30.33 -24.45
CA VAL F 29 -35.78 31.15 -25.25
C VAL F 29 -35.04 32.07 -24.28
N THR F 30 -33.93 32.63 -24.74
CA THR F 30 -33.14 33.58 -23.95
C THR F 30 -33.09 34.90 -24.71
N LEU F 31 -33.38 36.01 -24.02
CA LEU F 31 -33.17 37.35 -24.61
C LEU F 31 -31.67 37.58 -24.78
N GLY F 32 -31.33 38.39 -25.78
CA GLY F 32 -29.91 38.63 -26.11
C GLY F 32 -29.71 38.80 -27.60
N ARG F 33 -30.54 38.19 -28.45
CA ARG F 33 -30.55 38.55 -29.88
C ARG F 33 -31.95 38.85 -30.41
N HIS F 34 -32.95 38.10 -29.99
CA HIS F 34 -34.31 38.18 -30.59
C HIS F 34 -34.97 39.49 -30.21
N ALA F 35 -35.43 40.24 -31.21
CA ALA F 35 -36.10 41.54 -31.00
C ALA F 35 -37.43 41.30 -30.28
N ILE F 36 -37.61 41.94 -29.13
CA ILE F 36 -38.85 41.77 -28.32
C ILE F 36 -39.50 43.14 -28.15
N GLY F 37 -40.82 43.16 -28.24
CA GLY F 37 -41.54 44.43 -28.28
C GLY F 37 -42.96 44.30 -27.81
N TRP F 38 -43.71 45.37 -28.00
CA TRP F 38 -45.09 45.50 -27.50
C TRP F 38 -45.98 45.97 -28.64
N PHE F 39 -47.09 45.28 -28.84
CA PHE F 39 -48.15 45.65 -29.81
C PHE F 39 -49.43 45.93 -29.02
N ARG F 40 -50.39 46.60 -29.64
CA ARG F 40 -51.67 46.85 -28.93
C ARG F 40 -52.85 46.78 -29.88
N GLN F 41 -54.01 46.45 -29.32
CA GLN F 41 -55.32 46.55 -30.00
C GLN F 41 -56.17 47.57 -29.25
N ALA F 42 -56.40 48.71 -29.89
CA ALA F 42 -57.44 49.69 -29.51
C ALA F 42 -58.77 49.20 -30.08
N PRO F 43 -59.92 49.59 -29.48
CA PRO F 43 -61.21 49.15 -30.01
C PRO F 43 -61.47 49.72 -31.41
N GLY F 44 -61.90 48.84 -32.32
CA GLY F 44 -62.16 49.18 -33.73
C GLY F 44 -60.89 49.54 -34.48
N LYS F 45 -59.75 49.02 -34.03
CA LYS F 45 -58.45 49.27 -34.70
C LYS F 45 -57.72 47.95 -34.90
N GLU F 46 -56.94 47.89 -35.99
CA GLU F 46 -56.20 46.68 -36.40
C GLU F 46 -54.92 46.54 -35.56
N ARG F 47 -54.07 45.60 -35.96
CA ARG F 47 -52.75 45.41 -35.32
C ARG F 47 -51.88 46.63 -35.60
N GLU F 48 -51.21 47.12 -34.56
CA GLU F 48 -50.24 48.23 -34.71
C GLU F 48 -49.08 48.02 -33.73
N ARG F 49 -47.91 48.46 -34.14
CA ARG F 49 -46.71 48.40 -33.28
C ARG F 49 -46.81 49.48 -32.21
N VAL F 50 -46.45 49.14 -30.98
CA VAL F 50 -46.28 50.14 -29.89
C VAL F 50 -44.79 50.44 -29.74
N SER F 51 -43.98 49.42 -29.51
CA SER F 51 -42.52 49.63 -29.38
C SER F 51 -41.80 48.32 -29.64
N CYS F 52 -40.48 48.40 -29.76
CA CYS F 52 -39.63 47.20 -29.81
C CYS F 52 -38.23 47.54 -29.34
N ILE F 53 -37.54 46.53 -28.85
CA ILE F 53 -36.11 46.64 -28.46
C ILE F 53 -35.36 45.45 -29.05
N ARG F 54 -34.23 45.75 -29.67
CA ARG F 54 -33.32 44.71 -30.23
C ARG F 54 -32.44 44.22 -29.07
N THR F 55 -32.72 43.02 -28.58
CA THR F 55 -31.95 42.46 -27.44
C THR F 55 -30.51 42.15 -27.86
N PHE F 56 -30.20 42.15 -29.16
CA PHE F 56 -28.82 42.00 -29.65
C PHE F 56 -28.00 43.28 -29.45
N ASP F 57 -28.63 44.45 -29.51
CA ASP F 57 -27.87 45.72 -29.39
C ASP F 57 -28.49 46.70 -28.41
N GLY F 58 -29.72 46.47 -27.96
CA GLY F 58 -30.39 47.36 -26.98
C GLY F 58 -31.02 48.58 -27.62
N ILE F 59 -30.96 48.70 -28.95
CA ILE F 59 -31.60 49.84 -29.65
C ILE F 59 -33.12 49.70 -29.54
N THR F 60 -33.80 50.83 -29.40
CA THR F 60 -35.26 50.88 -29.20
C THR F 60 -35.93 51.64 -30.34
N SER F 61 -37.06 51.13 -30.80
CA SER F 61 -37.87 51.75 -31.86
C SER F 61 -39.28 51.98 -31.34
N TYR F 62 -39.85 53.12 -31.68
CA TYR F 62 -41.23 53.50 -31.27
C TYR F 62 -42.02 53.90 -32.52
N VAL F 63 -43.20 54.42 -32.28
CA VAL F 63 -44.03 55.08 -33.32
C VAL F 63 -44.32 56.51 -32.88
N GLU F 64 -45.07 57.23 -33.70
CA GLU F 64 -45.41 58.63 -33.43
C GLU F 64 -46.25 58.70 -32.14
N SER F 65 -47.17 57.77 -31.97
CA SER F 65 -48.18 57.80 -30.87
C SER F 65 -47.55 57.43 -29.52
N THR F 66 -46.37 56.80 -29.52
CA THR F 66 -45.78 56.26 -28.27
C THR F 66 -44.43 56.89 -27.95
N LYS F 67 -43.88 57.75 -28.81
CA LYS F 67 -42.55 58.36 -28.56
C LYS F 67 -42.58 59.20 -27.28
N GLY F 68 -41.58 59.03 -26.44
CA GLY F 68 -41.40 59.81 -25.20
C GLY F 68 -42.33 59.36 -24.09
N ARG F 69 -43.62 59.21 -24.36
CA ARG F 69 -44.60 58.80 -23.34
C ARG F 69 -44.30 57.38 -22.88
N PHE F 70 -43.96 56.49 -23.81
CA PHE F 70 -43.68 55.07 -23.51
C PHE F 70 -42.19 54.83 -23.59
N THR F 71 -41.67 54.06 -22.66
CA THR F 71 -40.23 53.67 -22.63
C THR F 71 -40.13 52.15 -22.59
N ILE F 72 -39.46 51.58 -23.57
CA ILE F 72 -39.21 50.12 -23.60
C ILE F 72 -37.78 49.87 -23.13
N SER F 73 -37.58 48.81 -22.36
CA SER F 73 -36.25 48.47 -21.81
C SER F 73 -36.14 46.97 -21.62
N SER F 74 -35.11 46.36 -22.19
CA SER F 74 -34.88 44.90 -22.12
C SER F 74 -33.72 44.62 -21.18
N ASN F 75 -33.97 43.84 -20.13
CA ASN F 75 -32.90 43.25 -19.31
C ASN F 75 -32.82 41.79 -19.74
N ASN F 76 -31.88 41.50 -20.62
CA ASN F 76 -31.75 40.15 -21.23
C ASN F 76 -31.30 39.14 -20.17
N ALA F 77 -30.69 39.62 -19.09
CA ALA F 77 -30.12 38.73 -18.06
C ALA F 77 -31.22 38.05 -17.25
N MET F 78 -32.30 38.75 -16.93
CA MET F 78 -33.48 38.13 -16.25
C MET F 78 -34.49 37.66 -17.30
N ASN F 79 -34.16 37.75 -18.60
CA ASN F 79 -35.09 37.37 -19.71
C ASN F 79 -36.34 38.24 -19.64
N THR F 80 -36.18 39.52 -19.33
CA THR F 80 -37.33 40.43 -19.07
C THR F 80 -37.33 41.59 -20.06
N VAL F 81 -38.53 42.01 -20.43
CA VAL F 81 -38.73 43.31 -21.15
C VAL F 81 -39.80 44.10 -20.41
N TYR F 82 -39.57 45.40 -20.28
CA TYR F 82 -40.47 46.33 -19.57
C TYR F 82 -40.97 47.39 -20.54
N LEU F 83 -42.26 47.66 -20.48
CA LEU F 83 -42.87 48.83 -21.16
C LEU F 83 -43.47 49.75 -20.12
N GLN F 84 -42.91 50.94 -19.97
CA GLN F 84 -43.40 51.94 -19.00
C GLN F 84 -44.26 52.97 -19.75
N MET F 85 -45.55 53.00 -19.44
CA MET F 85 -46.46 54.08 -19.89
C MET F 85 -46.28 55.26 -18.94
N ASN F 86 -45.99 56.43 -19.51
CA ASN F 86 -46.16 57.72 -18.84
C ASN F 86 -47.03 58.61 -19.73
N SER F 87 -47.67 59.61 -19.14
CA SER F 87 -48.46 60.62 -19.89
C SER F 87 -49.56 59.92 -20.70
N LEU F 88 -50.32 59.04 -20.08
CA LEU F 88 -51.35 58.26 -20.81
C LEU F 88 -52.53 59.13 -21.23
N LYS F 89 -53.20 58.65 -22.27
CA LYS F 89 -54.39 59.30 -22.86
C LYS F 89 -55.44 58.23 -23.11
N PRO F 90 -56.74 58.60 -23.12
CA PRO F 90 -57.79 57.62 -23.37
C PRO F 90 -57.70 56.89 -24.72
N GLU F 91 -56.93 57.43 -25.67
CA GLU F 91 -56.68 56.74 -26.96
C GLU F 91 -55.79 55.51 -26.74
N ASP F 92 -55.13 55.41 -25.58
CA ASP F 92 -54.20 54.29 -25.30
C ASP F 92 -54.92 53.09 -24.69
N THR F 93 -56.24 53.15 -24.51
CA THR F 93 -57.01 51.99 -24.01
C THR F 93 -56.88 50.85 -25.03
N ALA F 94 -56.11 49.83 -24.70
CA ALA F 94 -55.75 48.78 -25.67
C ALA F 94 -55.29 47.53 -24.92
N VAL F 95 -55.40 46.40 -25.59
CA VAL F 95 -54.79 45.14 -25.09
C VAL F 95 -53.39 45.04 -25.71
N TYR F 96 -52.38 44.91 -24.85
CA TYR F 96 -50.97 44.89 -25.28
C TYR F 96 -50.47 43.45 -25.32
N PHE F 97 -49.84 43.09 -26.43
CA PHE F 97 -49.24 41.75 -26.63
C PHE F 97 -47.72 41.89 -26.60
N CYS F 98 -47.08 41.00 -25.85
CA CYS F 98 -45.62 40.82 -25.91
C CYS F 98 -45.28 40.07 -27.20
N ALA F 99 -44.39 40.63 -28.02
CA ALA F 99 -44.09 40.13 -29.38
C ALA F 99 -42.62 39.78 -29.46
N LEU F 100 -42.32 38.61 -30.01
CA LEU F 100 -40.93 38.11 -30.14
C LEU F 100 -40.70 37.61 -31.57
N GLY F 101 -39.45 37.69 -32.02
CA GLY F 101 -39.02 37.21 -33.34
C GLY F 101 -38.01 36.08 -33.27
N VAL F 102 -37.70 35.52 -34.43
CA VAL F 102 -36.51 34.65 -34.62
C VAL F 102 -35.47 35.42 -35.44
N THR F 103 -35.55 36.74 -35.44
CA THR F 103 -34.61 37.62 -36.17
C THR F 103 -34.14 38.73 -35.24
N ALA F 104 -32.97 39.28 -35.53
CA ALA F 104 -32.36 40.36 -34.72
C ALA F 104 -33.09 41.68 -34.97
N ALA F 105 -33.83 41.83 -36.06
CA ALA F 105 -34.42 43.12 -36.46
C ALA F 105 -35.79 43.30 -35.81
N CYS F 106 -36.06 44.50 -35.31
CA CYS F 106 -37.41 44.89 -34.84
C CYS F 106 -38.33 45.09 -36.05
N SER F 107 -37.76 45.43 -37.21
CA SER F 107 -38.55 45.66 -38.45
C SER F 107 -39.27 44.39 -38.87
N ASP F 108 -38.62 43.24 -38.74
CA ASP F 108 -39.24 41.94 -39.08
C ASP F 108 -40.48 41.72 -38.20
N ASN F 109 -41.54 41.22 -38.82
CA ASN F 109 -42.80 40.97 -38.10
C ASN F 109 -42.58 39.88 -37.06
N PRO F 110 -42.99 40.11 -35.79
CA PRO F 110 -42.88 39.06 -34.77
C PRO F 110 -43.80 37.88 -35.12
N TYR F 111 -43.31 36.68 -34.82
CA TYR F 111 -43.97 35.37 -35.06
C TYR F 111 -44.38 34.75 -33.72
N PHE F 112 -44.02 35.39 -32.63
CA PHE F 112 -43.94 34.77 -31.28
C PHE F 112 -44.71 35.64 -30.31
N TRP F 113 -45.90 35.22 -29.91
CA TRP F 113 -46.85 36.13 -29.23
C TRP F 113 -47.11 35.69 -27.80
N GLY F 114 -47.25 36.67 -26.92
CA GLY F 114 -47.75 36.47 -25.56
C GLY F 114 -49.25 36.61 -25.48
N GLN F 115 -49.80 36.28 -24.31
CA GLN F 115 -51.27 36.21 -24.12
C GLN F 115 -51.91 37.58 -24.31
N GLY F 116 -51.45 38.57 -23.57
CA GLY F 116 -52.03 39.92 -23.66
C GLY F 116 -52.49 40.44 -22.32
N THR F 117 -52.30 41.74 -22.11
CA THR F 117 -52.71 42.43 -20.88
C THR F 117 -53.51 43.68 -21.26
N GLN F 118 -54.63 43.89 -20.60
CA GLN F 118 -55.49 45.05 -20.93
C GLN F 118 -55.00 46.29 -20.18
N VAL F 119 -54.79 47.37 -20.91
CA VAL F 119 -54.44 48.69 -20.32
C VAL F 119 -55.58 49.64 -20.62
N THR F 120 -56.26 50.08 -19.58
CA THR F 120 -57.40 51.03 -19.69
C THR F 120 -56.97 52.37 -19.13
N VAL F 121 -57.18 53.41 -19.90
CA VAL F 121 -56.81 54.80 -19.52
C VAL F 121 -58.09 55.61 -19.35
N SER F 122 -58.29 56.15 -18.16
CA SER F 122 -59.48 56.95 -17.80
C SER F 122 -59.18 58.43 -17.94
N SER F 123 -59.97 59.14 -18.73
CA SER F 123 -59.81 60.60 -18.98
C SER F 123 -59.90 61.40 -17.67
#